data_6QH2
#
_entry.id   6QH2
#
_entity_poly.entity_id   1
_entity_poly.type   'polypeptide(L)'
_entity_poly.pdbx_seq_one_letter_code
;GAMGRGDISEFAPRIHTIKINPDKIKDVIGKGGSVIRALTEETGTTIEIEDDGTVKIAATDGEKAKHAIRRIEEITAEIE
VGRVYTGKVTRIVDFGAFVAIGGGKEGLVHISQIADKRVEKVTDYLQMGQEVPVKVLEVDRQGRIRLSIKEATEQSQPAA
APEAPAAEQGE
;
_entity_poly.pdbx_strand_id   A
#
# COMPACT_ATOMS: atom_id res chain seq x y z
N ARG A 14 13.11 1.55 27.23
CA ARG A 14 13.88 2.26 26.19
C ARG A 14 13.05 2.84 25.01
N ILE A 15 13.73 3.57 24.07
CA ILE A 15 13.06 4.09 22.84
C ILE A 15 13.61 3.35 21.62
N HIS A 16 12.66 2.97 20.83
CA HIS A 16 12.89 2.25 19.57
C HIS A 16 12.29 3.09 18.47
N THR A 17 12.53 2.92 17.18
CA THR A 17 11.80 3.73 16.17
C THR A 17 11.62 2.97 14.88
N ILE A 18 10.67 3.47 14.05
CA ILE A 18 10.49 3.01 12.70
C ILE A 18 10.52 4.37 11.97
N LYS A 19 11.06 4.43 10.74
CA LYS A 19 11.02 5.69 9.99
C LYS A 19 10.40 5.39 8.61
N ILE A 20 9.38 6.20 8.21
CA ILE A 20 8.42 5.89 7.17
C ILE A 20 8.24 7.19 6.42
N ASN A 21 7.56 7.22 5.29
CA ASN A 21 7.52 8.50 4.51
C ASN A 21 6.46 9.51 5.04
N PRO A 22 6.67 10.82 5.10
CA PRO A 22 5.72 11.77 5.79
C PRO A 22 4.25 11.66 5.38
N ASP A 23 3.91 11.20 4.19
CA ASP A 23 2.49 10.98 3.86
C ASP A 23 1.88 9.83 4.63
N LYS A 24 2.69 8.89 5.03
CA LYS A 24 2.23 7.65 5.75
C LYS A 24 2.04 7.93 7.26
N ILE A 25 2.49 9.09 7.75
CA ILE A 25 2.18 9.51 9.12
C ILE A 25 0.66 9.72 9.28
N LYS A 26 0.03 10.21 8.20
CA LYS A 26 -1.44 10.34 8.16
C LYS A 26 -2.25 9.03 8.33
N ASP A 27 -1.77 7.89 7.78
CA ASP A 27 -2.27 6.53 8.01
C ASP A 27 -2.12 6.11 9.46
N VAL A 28 -0.94 6.38 9.99
CA VAL A 28 -0.71 6.20 11.47
C VAL A 28 -1.55 7.17 12.39
N ILE A 29 -1.65 8.52 12.16
CA ILE A 29 -2.55 9.34 13.02
C ILE A 29 -4.01 8.87 12.98
N GLY A 30 -4.45 8.47 11.79
CA GLY A 30 -5.88 8.14 11.52
C GLY A 30 -6.71 9.39 11.13
N LYS A 31 -7.87 9.62 11.86
CA LYS A 31 -8.64 10.82 11.93
C LYS A 31 -8.31 11.48 13.32
N GLY A 32 -7.37 12.44 13.39
CA GLY A 32 -7.14 13.16 14.61
C GLY A 32 -6.82 12.36 15.81
N GLY A 33 -5.98 11.32 15.66
CA GLY A 33 -5.46 10.48 16.70
C GLY A 33 -6.27 9.20 16.96
N SER A 34 -7.18 8.92 16.05
CA SER A 34 -8.08 7.73 16.18
C SER A 34 -7.36 6.38 16.20
N VAL A 35 -6.54 6.20 15.20
CA VAL A 35 -5.56 5.06 15.13
C VAL A 35 -4.54 5.05 16.31
N ILE A 36 -3.97 6.21 16.63
CA ILE A 36 -2.98 6.30 17.71
C ILE A 36 -3.48 5.67 19.01
N ARG A 37 -4.73 5.95 19.43
CA ARG A 37 -5.37 5.36 20.57
C ARG A 37 -5.41 3.82 20.44
N ALA A 38 -5.78 3.36 19.28
CA ALA A 38 -5.89 1.92 19.09
C ALA A 38 -4.53 1.18 19.07
N LEU A 39 -3.54 1.80 18.41
CA LEU A 39 -2.16 1.33 18.37
C LEU A 39 -1.48 1.39 19.74
N THR A 40 -1.84 2.38 20.56
CA THR A 40 -1.49 2.42 21.99
C THR A 40 -2.15 1.27 22.84
N GLU A 41 -3.47 1.03 22.61
CA GLU A 41 -4.20 -0.04 23.24
C GLU A 41 -3.67 -1.44 22.83
N GLU A 42 -3.42 -1.65 21.52
CA GLU A 42 -2.95 -2.97 21.02
C GLU A 42 -1.58 -3.29 21.59
N THR A 43 -0.65 -2.41 21.33
CA THR A 43 0.75 -2.72 21.58
C THR A 43 1.08 -2.58 23.04
N GLY A 44 0.50 -1.54 23.70
CA GLY A 44 0.85 -1.12 25.05
C GLY A 44 2.06 -0.20 25.15
N THR A 45 2.31 0.42 24.07
CA THR A 45 3.48 1.29 23.99
C THR A 45 3.05 2.73 23.92
N THR A 46 4.02 3.65 24.16
CA THR A 46 3.73 5.09 24.04
C THR A 46 4.38 5.62 22.75
N ILE A 47 3.63 6.38 21.98
CA ILE A 47 4.01 6.61 20.57
C ILE A 47 4.22 8.06 20.53
N GLU A 48 5.43 8.46 20.10
CA GLU A 48 5.80 9.85 19.92
C GLU A 48 6.24 9.88 18.48
N ILE A 49 5.93 10.99 17.86
CA ILE A 49 6.23 11.13 16.44
C ILE A 49 7.21 12.31 16.28
N GLU A 50 8.13 12.19 15.37
CA GLU A 50 9.13 13.31 15.17
C GLU A 50 9.40 13.44 13.71
N ASP A 51 9.82 14.64 13.29
CA ASP A 51 9.94 15.05 11.85
C ASP A 51 10.67 14.05 10.88
N ASP A 52 10.50 14.37 9.58
CA ASP A 52 11.01 13.61 8.41
C ASP A 52 10.41 12.20 8.42
N GLY A 53 9.19 12.01 9.03
CA GLY A 53 8.41 10.77 9.00
C GLY A 53 8.80 9.67 9.94
N THR A 54 9.47 10.09 11.00
CA THR A 54 10.00 9.23 12.10
C THR A 54 8.93 8.94 13.19
N VAL A 55 8.72 7.68 13.60
CA VAL A 55 7.86 7.33 14.74
C VAL A 55 8.77 6.57 15.78
N LYS A 56 8.87 7.17 16.99
CA LYS A 56 9.64 6.73 18.17
C LYS A 56 8.59 6.06 19.07
N ILE A 57 8.96 4.84 19.55
CA ILE A 57 8.08 3.98 20.25
C ILE A 57 8.78 3.61 21.57
N ALA A 58 8.10 4.06 22.61
CA ALA A 58 8.63 3.93 23.96
C ALA A 58 7.92 2.78 24.67
N ALA A 59 8.73 1.92 25.28
CA ALA A 59 8.32 0.69 26.00
C ALA A 59 9.37 0.47 27.09
N THR A 60 9.09 -0.48 27.98
CA THR A 60 10.09 -0.95 28.96
C THR A 60 10.58 -2.40 28.62
N ASP A 61 9.95 -3.16 27.68
CA ASP A 61 10.49 -4.42 27.14
C ASP A 61 10.59 -4.22 25.60
N GLY A 62 11.74 -4.57 25.02
CA GLY A 62 12.07 -4.67 23.56
C GLY A 62 10.98 -5.38 22.77
N GLU A 63 10.48 -6.52 23.31
CA GLU A 63 9.46 -7.29 22.55
C GLU A 63 8.15 -6.51 22.18
N LYS A 64 7.70 -5.69 23.08
CA LYS A 64 6.55 -4.77 22.79
C LYS A 64 6.84 -3.70 21.75
N ALA A 65 7.98 -2.99 21.85
CA ALA A 65 8.30 -2.08 20.79
C ALA A 65 8.56 -2.77 19.47
N LYS A 66 9.18 -3.91 19.50
CA LYS A 66 9.32 -4.81 18.33
C LYS A 66 8.00 -5.15 17.61
N HIS A 67 7.00 -5.53 18.38
CA HIS A 67 5.67 -5.71 17.85
C HIS A 67 5.02 -4.45 17.34
N ALA A 68 5.12 -3.38 18.10
CA ALA A 68 4.65 -2.10 17.59
C ALA A 68 5.30 -1.67 16.27
N ILE A 69 6.63 -1.91 16.12
CA ILE A 69 7.30 -1.67 14.86
C ILE A 69 6.69 -2.53 13.70
N ARG A 70 6.39 -3.83 13.91
CA ARG A 70 5.70 -4.68 12.90
C ARG A 70 4.29 -4.18 12.58
N ARG A 71 3.58 -3.82 13.62
CA ARG A 71 2.19 -3.40 13.47
C ARG A 71 2.05 -2.10 12.70
N ILE A 72 2.92 -1.06 12.92
CA ILE A 72 3.04 0.05 11.98
C ILE A 72 3.40 -0.30 10.54
N GLU A 73 4.36 -1.16 10.32
CA GLU A 73 4.67 -1.75 8.97
C GLU A 73 3.50 -2.44 8.31
N GLU A 74 2.71 -3.17 9.10
CA GLU A 74 1.49 -3.78 8.62
C GLU A 74 0.37 -2.75 8.35
N ILE A 75 0.23 -1.68 9.18
CA ILE A 75 -0.81 -0.65 8.95
C ILE A 75 -0.62 0.18 7.65
N THR A 76 0.59 0.25 7.17
CA THR A 76 0.92 0.93 5.86
C THR A 76 1.17 -0.10 4.77
N ALA A 77 0.92 -1.37 5.10
CA ALA A 77 0.88 -2.42 4.09
C ALA A 77 -0.54 -2.88 3.79
N GLU A 78 -1.49 -2.26 4.46
CA GLU A 78 -2.93 -2.42 4.15
C GLU A 78 -3.20 -1.86 2.77
N ILE A 79 -3.89 -2.58 1.90
CA ILE A 79 -4.35 -2.02 0.60
C ILE A 79 -5.64 -1.25 0.84
N GLU A 80 -5.63 0.04 0.42
CA GLU A 80 -6.77 0.92 0.59
C GLU A 80 -7.06 1.51 -0.78
N VAL A 81 -8.37 1.93 -1.00
CA VAL A 81 -8.86 2.46 -2.28
C VAL A 81 -8.41 3.90 -2.62
N GLY A 82 -8.24 4.17 -3.90
CA GLY A 82 -7.76 5.48 -4.36
C GLY A 82 -6.25 5.61 -4.22
N ARG A 83 -5.55 4.54 -3.77
CA ARG A 83 -4.15 4.64 -3.48
C ARG A 83 -3.27 4.23 -4.69
N VAL A 84 -2.21 5.03 -4.94
CA VAL A 84 -1.33 4.85 -6.09
C VAL A 84 -0.02 4.24 -5.56
N TYR A 85 0.42 3.24 -6.31
CA TYR A 85 1.52 2.40 -5.97
C TYR A 85 2.37 2.05 -7.16
N THR A 86 3.49 1.35 -6.94
CA THR A 86 4.40 0.92 -8.03
C THR A 86 4.38 -0.57 -8.02
N GLY A 87 4.06 -1.08 -9.23
CA GLY A 87 3.73 -2.44 -9.43
C GLY A 87 4.40 -3.00 -10.64
N LYS A 88 4.21 -4.28 -10.87
CA LYS A 88 5.00 -5.05 -11.89
C LYS A 88 4.15 -6.19 -12.52
N VAL A 89 4.13 -6.13 -13.85
CA VAL A 89 3.24 -6.96 -14.74
C VAL A 89 3.67 -8.40 -14.75
N THR A 90 2.79 -9.34 -14.27
CA THR A 90 3.14 -10.74 -14.29
C THR A 90 2.43 -11.52 -15.42
N ARG A 91 1.16 -11.20 -15.73
CA ARG A 91 0.36 -12.09 -16.62
C ARG A 91 -0.73 -11.29 -17.35
N ILE A 92 -0.72 -11.42 -18.69
CA ILE A 92 -1.53 -10.63 -19.62
C ILE A 92 -2.51 -11.57 -20.35
N VAL A 93 -3.82 -11.30 -20.07
CA VAL A 93 -4.91 -12.09 -20.54
C VAL A 93 -5.72 -11.18 -21.51
N ASP A 94 -6.60 -11.82 -22.28
CA ASP A 94 -7.55 -11.19 -23.21
C ASP A 94 -8.27 -9.93 -22.68
N PHE A 95 -8.63 -9.88 -21.39
CA PHE A 95 -9.38 -8.77 -20.81
C PHE A 95 -8.57 -7.94 -19.75
N GLY A 96 -7.26 -8.08 -19.65
CA GLY A 96 -6.59 -7.34 -18.62
C GLY A 96 -5.19 -7.80 -18.44
N ALA A 97 -4.47 -7.17 -17.49
CA ALA A 97 -3.18 -7.70 -17.12
C ALA A 97 -3.10 -7.72 -15.58
N PHE A 98 -2.43 -8.75 -15.09
CA PHE A 98 -2.10 -8.96 -13.65
C PHE A 98 -0.83 -8.24 -13.24
N VAL A 99 -0.99 -7.37 -12.21
CA VAL A 99 0.04 -6.46 -11.71
C VAL A 99 0.16 -6.72 -10.22
N ALA A 100 1.39 -7.10 -9.85
CA ALA A 100 1.80 -7.49 -8.50
C ALA A 100 2.26 -6.25 -7.78
N ILE A 101 1.85 -6.24 -6.56
CA ILE A 101 2.31 -5.27 -5.56
C ILE A 101 2.70 -5.95 -4.31
N GLY A 102 3.36 -5.24 -3.38
CA GLY A 102 4.01 -5.83 -2.21
C GLY A 102 3.30 -6.96 -1.42
N GLY A 103 4.09 -8.03 -1.13
CA GLY A 103 3.65 -9.24 -0.35
C GLY A 103 2.99 -10.23 -1.28
N GLY A 104 3.13 -10.00 -2.56
CA GLY A 104 2.65 -10.99 -3.51
C GLY A 104 1.19 -10.75 -3.81
N LYS A 105 0.76 -9.46 -3.94
CA LYS A 105 -0.63 -9.16 -4.20
C LYS A 105 -0.93 -8.90 -5.69
N GLU A 106 -1.43 -9.87 -6.44
CA GLU A 106 -1.62 -9.65 -7.90
C GLU A 106 -3.01 -9.07 -8.21
N GLY A 107 -3.21 -7.75 -8.22
CA GLY A 107 -4.42 -7.09 -8.76
C GLY A 107 -4.55 -7.16 -10.30
N LEU A 108 -5.76 -6.99 -10.77
CA LEU A 108 -6.12 -7.12 -12.19
C LEU A 108 -6.33 -5.73 -12.76
N VAL A 109 -5.42 -5.27 -13.68
CA VAL A 109 -5.67 -4.04 -14.45
C VAL A 109 -6.51 -4.46 -15.66
N HIS A 110 -7.74 -3.95 -15.74
CA HIS A 110 -8.62 -4.24 -16.90
C HIS A 110 -8.09 -3.63 -18.20
N ILE A 111 -8.56 -4.17 -19.36
CA ILE A 111 -8.18 -3.71 -20.70
C ILE A 111 -8.54 -2.28 -21.02
N SER A 112 -9.49 -1.72 -20.26
CA SER A 112 -9.92 -0.36 -20.47
C SER A 112 -9.22 0.60 -19.49
N GLN A 113 -8.14 0.13 -18.81
CA GLN A 113 -7.45 0.87 -17.73
C GLN A 113 -5.95 0.82 -17.95
N ILE A 114 -5.58 0.65 -19.24
CA ILE A 114 -4.27 0.69 -19.76
C ILE A 114 -4.01 2.14 -20.28
N ALA A 115 -4.84 2.72 -21.21
CA ALA A 115 -4.47 3.99 -21.89
C ALA A 115 -5.68 4.82 -22.32
N ASP A 116 -5.48 6.03 -22.89
CA ASP A 116 -6.65 6.83 -23.29
C ASP A 116 -7.25 6.29 -24.58
N LYS A 117 -6.36 5.81 -25.43
CA LYS A 117 -6.70 5.04 -26.61
C LYS A 117 -7.43 3.74 -26.25
N ARG A 118 -8.28 3.31 -27.21
CA ARG A 118 -8.96 2.02 -27.25
C ARG A 118 -7.96 0.89 -27.40
N VAL A 119 -8.25 -0.24 -26.72
CA VAL A 119 -7.33 -1.40 -26.69
C VAL A 119 -8.06 -2.61 -27.22
N GLU A 120 -7.39 -3.27 -28.18
CA GLU A 120 -7.82 -4.52 -28.82
C GLU A 120 -7.17 -5.69 -28.11
N LYS A 121 -5.91 -5.54 -27.64
CA LYS A 121 -5.20 -6.54 -26.86
C LYS A 121 -4.19 -5.78 -25.93
N VAL A 122 -4.04 -6.32 -24.75
CA VAL A 122 -3.22 -5.68 -23.70
C VAL A 122 -1.76 -6.01 -23.93
N THR A 123 -1.52 -7.20 -24.60
CA THR A 123 -0.27 -7.75 -25.05
C THR A 123 0.55 -6.83 -25.99
N ASP A 124 -0.09 -5.83 -26.63
CA ASP A 124 0.52 -4.75 -27.48
C ASP A 124 1.09 -3.61 -26.64
N TYR A 125 0.52 -3.48 -25.40
CA TYR A 125 0.86 -2.40 -24.49
C TYR A 125 1.71 -2.86 -23.30
N LEU A 126 1.60 -4.14 -22.91
CA LEU A 126 2.33 -4.72 -21.74
C LEU A 126 3.00 -6.11 -22.04
N GLN A 127 4.19 -6.30 -21.53
CA GLN A 127 4.98 -7.55 -21.58
C GLN A 127 5.22 -7.85 -20.10
N MET A 128 5.53 -9.11 -19.76
CA MET A 128 5.94 -9.48 -18.43
C MET A 128 7.32 -8.97 -18.04
N GLY A 129 7.40 -8.65 -16.73
CA GLY A 129 8.63 -8.21 -16.08
C GLY A 129 8.77 -6.71 -15.92
N GLN A 130 7.80 -5.97 -16.48
CA GLN A 130 7.91 -4.53 -16.61
C GLN A 130 7.23 -3.79 -15.43
N GLU A 131 7.86 -2.67 -15.00
CA GLU A 131 7.37 -1.94 -13.82
C GLU A 131 6.32 -0.98 -14.29
N VAL A 132 5.19 -0.90 -13.60
CA VAL A 132 4.11 0.01 -14.03
C VAL A 132 3.63 0.75 -12.76
N PRO A 133 3.19 1.94 -12.88
CA PRO A 133 2.55 2.68 -11.74
C PRO A 133 1.05 2.34 -11.62
N VAL A 134 0.45 2.10 -10.42
CA VAL A 134 -0.96 1.56 -10.40
C VAL A 134 -1.73 2.21 -9.32
N LYS A 135 -3.01 2.49 -9.54
CA LYS A 135 -3.90 3.01 -8.55
C LYS A 135 -4.96 1.96 -8.20
N VAL A 136 -5.26 1.74 -6.93
CA VAL A 136 -6.38 0.87 -6.59
C VAL A 136 -7.76 1.44 -6.96
N LEU A 137 -8.64 0.55 -7.44
CA LEU A 137 -10.06 0.86 -7.67
C LEU A 137 -10.92 0.19 -6.59
N GLU A 138 -10.96 -1.13 -6.63
CA GLU A 138 -11.81 -1.92 -5.75
C GLU A 138 -10.97 -2.98 -5.05
N VAL A 139 -11.39 -3.29 -3.82
CA VAL A 139 -10.85 -4.45 -3.12
C VAL A 139 -12.03 -5.27 -2.59
N ASP A 140 -12.03 -6.61 -2.89
CA ASP A 140 -13.07 -7.52 -2.49
C ASP A 140 -12.82 -8.10 -1.07
N ARG A 141 -13.90 -8.53 -0.38
CA ARG A 141 -13.77 -9.19 0.93
C ARG A 141 -12.98 -10.48 0.92
N GLN A 142 -13.11 -11.34 -0.11
CA GLN A 142 -12.20 -12.45 -0.34
C GLN A 142 -10.74 -12.09 -0.52
N GLY A 143 -10.35 -10.90 -1.06
CA GLY A 143 -8.91 -10.50 -1.26
C GLY A 143 -8.46 -10.15 -2.73
N ARG A 144 -9.34 -10.36 -3.72
CA ARG A 144 -9.21 -9.88 -5.12
C ARG A 144 -9.18 -8.36 -5.30
N ILE A 145 -8.42 -7.94 -6.29
CA ILE A 145 -8.14 -6.50 -6.55
C ILE A 145 -8.30 -6.09 -8.03
N ARG A 146 -8.95 -4.93 -8.23
CA ARG A 146 -8.91 -4.34 -9.57
C ARG A 146 -8.12 -3.06 -9.49
N LEU A 147 -7.15 -2.99 -10.39
CA LEU A 147 -6.20 -1.89 -10.44
C LEU A 147 -6.40 -1.08 -11.71
N SER A 148 -5.72 0.08 -11.69
CA SER A 148 -5.66 0.98 -12.89
C SER A 148 -4.26 1.57 -13.12
N ILE A 149 -3.75 1.40 -14.36
CA ILE A 149 -2.52 2.05 -14.72
C ILE A 149 -2.82 3.49 -15.26
N LYS A 150 -3.96 3.61 -15.92
CA LYS A 150 -4.18 4.81 -16.75
C LYS A 150 -4.38 6.08 -15.93
N GLU A 151 -4.96 6.01 -14.68
CA GLU A 151 -5.07 7.16 -13.80
C GLU A 151 -3.80 7.30 -12.93
N ALA A 152 -2.86 6.33 -13.01
CA ALA A 152 -1.66 6.45 -12.24
C ALA A 152 -0.47 6.93 -13.09
N THR A 153 -0.69 7.13 -14.41
CA THR A 153 0.35 7.42 -15.39
C THR A 153 0.91 8.88 -15.32
N GLU A 154 0.01 9.77 -14.95
CA GLU A 154 0.25 11.20 -14.59
C GLU A 154 1.10 12.02 -15.64
N GLN A 155 0.75 11.87 -16.88
CA GLN A 155 1.36 12.67 -17.94
C GLN A 155 0.76 14.09 -18.01
N ARG A 14 14.87 0.87 25.06
CA ARG A 14 15.66 1.08 23.81
C ARG A 14 14.83 1.65 22.66
N ILE A 15 15.41 2.54 21.83
CA ILE A 15 14.64 3.15 20.71
C ILE A 15 14.89 2.32 19.46
N HIS A 16 13.77 2.10 18.77
CA HIS A 16 13.73 1.61 17.37
C HIS A 16 13.10 2.60 16.37
N THR A 17 13.60 2.60 15.10
CA THR A 17 13.18 3.52 14.06
C THR A 17 12.80 2.66 12.86
N ILE A 18 11.60 2.93 12.30
CA ILE A 18 10.92 2.09 11.37
C ILE A 18 10.46 3.02 10.25
N LYS A 19 10.70 2.60 9.03
CA LYS A 19 10.28 3.37 7.88
C LYS A 19 8.97 2.76 7.32
N ILE A 20 7.98 3.59 6.93
CA ILE A 20 6.62 3.14 6.59
C ILE A 20 6.11 4.03 5.44
N ASN A 21 5.05 3.59 4.74
CA ASN A 21 4.50 4.31 3.55
C ASN A 21 3.90 5.72 3.96
N PRO A 22 4.16 6.86 3.36
CA PRO A 22 3.72 8.23 3.82
C PRO A 22 2.24 8.49 3.46
N ASP A 23 1.58 7.62 2.68
CA ASP A 23 0.11 7.76 2.39
C ASP A 23 -0.67 7.14 3.52
N LYS A 24 0.03 6.71 4.58
CA LYS A 24 -0.58 5.91 5.64
C LYS A 24 -0.24 6.45 7.01
N ILE A 25 0.47 7.61 7.11
CA ILE A 25 0.80 8.22 8.42
C ILE A 25 -0.46 8.58 9.15
N LYS A 26 -1.43 9.20 8.45
CA LYS A 26 -2.74 9.55 9.05
C LYS A 26 -3.46 8.38 9.74
N ASP A 27 -3.13 7.21 9.27
CA ASP A 27 -3.88 5.99 9.61
C ASP A 27 -3.39 5.23 10.83
N VAL A 28 -2.15 5.45 11.23
CA VAL A 28 -1.60 4.92 12.50
C VAL A 28 -2.04 5.79 13.65
N ILE A 29 -2.30 7.08 13.37
CA ILE A 29 -2.72 8.12 14.32
C ILE A 29 -4.21 7.94 14.50
N GLY A 30 -5.13 8.13 13.51
CA GLY A 30 -6.55 7.89 13.74
C GLY A 30 -7.26 9.09 14.35
N LYS A 31 -8.65 9.08 14.35
CA LYS A 31 -9.49 10.18 14.78
C LYS A 31 -9.10 10.74 16.14
N GLY A 32 -8.63 11.99 16.19
CA GLY A 32 -8.29 12.66 17.49
C GLY A 32 -6.99 12.13 18.14
N GLY A 33 -6.20 11.39 17.34
CA GLY A 33 -5.12 10.47 17.78
C GLY A 33 -5.62 9.27 18.58
N SER A 34 -6.90 8.82 18.30
CA SER A 34 -7.45 7.67 18.96
C SER A 34 -6.75 6.32 18.77
N VAL A 35 -6.35 5.94 17.56
CA VAL A 35 -5.57 4.72 17.40
C VAL A 35 -4.19 4.72 17.99
N ILE A 36 -3.42 5.80 17.91
CA ILE A 36 -2.08 5.87 18.57
C ILE A 36 -2.19 5.72 20.09
N ARG A 37 -3.16 6.43 20.69
CA ARG A 37 -3.46 6.20 22.11
C ARG A 37 -3.96 4.77 22.41
N ALA A 38 -4.84 4.12 21.61
CA ALA A 38 -5.12 2.66 21.77
C ALA A 38 -3.86 1.79 21.65
N LEU A 39 -3.00 2.07 20.64
CA LEU A 39 -1.78 1.30 20.41
C LEU A 39 -0.82 1.42 21.54
N THR A 40 -0.78 2.63 22.13
CA THR A 40 -0.05 2.81 23.37
C THR A 40 -0.56 1.89 24.55
N GLU A 41 -1.89 1.90 24.86
CA GLU A 41 -2.52 1.19 25.96
C GLU A 41 -2.29 -0.33 25.78
N GLU A 42 -2.39 -0.83 24.54
CA GLU A 42 -2.28 -2.29 24.22
C GLU A 42 -0.87 -2.86 24.39
N THR A 43 0.15 -2.12 23.96
CA THR A 43 1.50 -2.69 23.81
C THR A 43 2.47 -2.27 24.88
N GLY A 44 2.33 -1.07 25.48
CA GLY A 44 3.25 -0.65 26.53
C GLY A 44 4.44 0.09 25.99
N THR A 45 4.27 0.71 24.81
CA THR A 45 5.37 1.27 24.04
C THR A 45 5.15 2.74 23.82
N THR A 46 6.18 3.41 23.37
CA THR A 46 6.10 4.88 23.21
C THR A 46 6.46 5.28 21.81
N ILE A 47 5.47 5.90 21.17
CA ILE A 47 5.42 6.04 19.68
C ILE A 47 5.49 7.50 19.35
N GLU A 48 6.52 7.81 18.60
CA GLU A 48 6.68 9.15 17.99
C GLU A 48 6.77 9.03 16.46
N ILE A 49 5.95 9.82 15.74
CA ILE A 49 5.87 9.63 14.28
C ILE A 49 6.19 10.94 13.58
N GLU A 50 6.76 10.90 12.35
CA GLU A 50 6.97 12.11 11.57
C GLU A 50 6.38 11.93 10.14
N ASP A 51 6.07 13.11 9.48
CA ASP A 51 5.11 13.23 8.38
C ASP A 51 5.72 12.83 7.01
N ASP A 52 7.01 12.40 6.99
CA ASP A 52 7.71 11.91 5.81
C ASP A 52 7.63 10.37 5.72
N GLY A 53 6.83 9.84 6.66
CA GLY A 53 6.50 8.47 6.83
C GLY A 53 7.51 7.74 7.66
N THR A 54 7.86 8.32 8.82
CA THR A 54 8.84 7.67 9.68
C THR A 54 8.25 7.59 11.05
N VAL A 55 8.40 6.42 11.67
CA VAL A 55 7.99 6.34 13.03
C VAL A 55 9.14 5.90 13.96
N LYS A 56 9.15 6.38 15.19
CA LYS A 56 10.14 5.96 16.18
C LYS A 56 9.43 5.19 17.32
N ILE A 57 9.87 3.97 17.73
CA ILE A 57 9.17 3.20 18.83
C ILE A 57 10.11 2.91 19.99
N ALA A 58 9.78 3.32 21.24
CA ALA A 58 10.64 3.18 22.36
C ALA A 58 9.92 2.15 23.23
N ALA A 59 10.72 1.21 23.71
CA ALA A 59 10.20 0.09 24.44
C ALA A 59 11.34 -0.52 25.35
N THR A 60 10.98 -1.27 26.40
CA THR A 60 11.96 -1.78 27.40
C THR A 60 12.25 -3.27 27.31
N ASP A 61 11.55 -3.90 26.38
CA ASP A 61 11.81 -5.26 26.04
C ASP A 61 11.55 -5.34 24.51
N GLY A 62 12.00 -6.36 23.84
CA GLY A 62 11.79 -6.46 22.37
C GLY A 62 10.38 -6.94 21.98
N GLU A 63 9.81 -7.92 22.71
CA GLU A 63 8.47 -8.39 22.30
C GLU A 63 7.40 -7.29 22.36
N LYS A 64 7.43 -6.39 23.38
CA LYS A 64 6.45 -5.30 23.46
C LYS A 64 6.56 -4.45 22.21
N ALA A 65 7.77 -4.15 21.77
CA ALA A 65 8.05 -3.33 20.54
C ALA A 65 7.64 -4.01 19.23
N LYS A 66 7.82 -5.33 19.17
CA LYS A 66 7.39 -6.16 18.04
C LYS A 66 5.89 -6.18 17.88
N HIS A 67 5.22 -6.24 19.01
CA HIS A 67 3.75 -6.12 19.03
C HIS A 67 3.14 -4.83 18.48
N ALA A 68 3.80 -3.69 18.71
CA ALA A 68 3.60 -2.41 18.02
C ALA A 68 3.98 -2.46 16.53
N ILE A 69 5.16 -2.97 16.18
CA ILE A 69 5.60 -3.08 14.75
C ILE A 69 4.60 -3.89 13.85
N ARG A 70 4.05 -4.99 14.36
CA ARG A 70 3.03 -5.82 13.70
C ARG A 70 1.72 -5.02 13.40
N ARG A 71 1.23 -4.18 14.33
CA ARG A 71 0.11 -3.28 14.03
C ARG A 71 0.52 -2.21 13.00
N ILE A 72 1.70 -1.60 13.13
CA ILE A 72 2.17 -0.56 12.16
C ILE A 72 2.34 -1.20 10.76
N GLU A 73 3.03 -2.32 10.65
CA GLU A 73 3.16 -3.00 9.35
C GLU A 73 1.80 -3.42 8.78
N GLU A 74 0.91 -3.87 9.67
CA GLU A 74 -0.45 -4.23 9.26
C GLU A 74 -1.23 -3.10 8.67
N ILE A 75 -1.37 -2.03 9.44
CA ILE A 75 -2.10 -0.87 9.00
C ILE A 75 -1.50 -0.32 7.73
N THR A 76 -0.17 -0.20 7.68
CA THR A 76 0.41 0.58 6.53
C THR A 76 0.46 -0.27 5.31
N ALA A 77 0.21 -1.59 5.46
CA ALA A 77 -0.01 -2.50 4.30
C ALA A 77 -1.34 -2.18 3.47
N GLU A 78 -2.32 -1.69 4.19
CA GLU A 78 -3.71 -1.54 3.70
C GLU A 78 -3.73 -0.50 2.59
N ILE A 79 -4.16 -0.93 1.36
CA ILE A 79 -4.14 -0.09 0.17
C ILE A 79 -5.21 1.02 0.10
N GLU A 80 -4.79 2.29 -0.22
CA GLU A 80 -5.71 3.41 -0.36
C GLU A 80 -6.39 3.56 -1.75
N VAL A 81 -7.63 4.03 -1.70
CA VAL A 81 -8.38 4.30 -2.92
C VAL A 81 -8.22 5.79 -3.45
N GLY A 82 -7.95 5.81 -4.75
CA GLY A 82 -7.68 7.03 -5.52
C GLY A 82 -6.23 7.38 -5.38
N ARG A 83 -5.32 6.44 -4.93
CA ARG A 83 -3.93 6.81 -4.80
C ARG A 83 -3.15 6.23 -5.95
N VAL A 84 -2.28 7.04 -6.52
CA VAL A 84 -1.48 6.47 -7.61
C VAL A 84 -0.40 5.62 -6.99
N TYR A 85 -0.39 4.25 -7.20
CA TYR A 85 0.75 3.43 -6.78
C TYR A 85 1.69 3.12 -7.97
N THR A 86 2.92 2.67 -7.71
CA THR A 86 3.71 2.22 -8.87
C THR A 86 4.18 0.86 -8.49
N GLY A 87 4.08 -0.06 -9.40
CA GLY A 87 4.48 -1.44 -9.11
C GLY A 87 5.02 -2.15 -10.30
N LYS A 88 5.81 -3.24 -10.15
CA LYS A 88 6.08 -4.11 -11.33
C LYS A 88 4.81 -4.91 -11.74
N VAL A 89 4.47 -4.92 -13.09
CA VAL A 89 3.61 -5.91 -13.77
C VAL A 89 4.14 -7.35 -13.53
N THR A 90 3.25 -8.27 -13.11
CA THR A 90 3.58 -9.66 -12.79
C THR A 90 3.04 -10.59 -13.84
N ARG A 91 1.82 -10.33 -14.36
CA ARG A 91 1.23 -11.36 -15.18
C ARG A 91 0.31 -10.69 -16.19
N ILE A 92 0.00 -11.40 -17.28
CA ILE A 92 -0.89 -10.80 -18.30
C ILE A 92 -1.90 -11.85 -18.67
N VAL A 93 -3.21 -11.61 -18.52
CA VAL A 93 -4.17 -12.65 -18.80
C VAL A 93 -5.16 -12.13 -19.86
N ASP A 94 -6.10 -12.98 -20.29
CA ASP A 94 -7.08 -12.59 -21.31
C ASP A 94 -7.96 -11.47 -20.78
N PHE A 95 -8.36 -11.53 -19.49
CA PHE A 95 -9.30 -10.51 -18.92
C PHE A 95 -8.58 -9.33 -18.26
N GLY A 96 -7.25 -9.22 -18.34
CA GLY A 96 -6.58 -8.11 -17.65
C GLY A 96 -5.15 -8.39 -17.37
N ALA A 97 -4.42 -7.45 -16.69
CA ALA A 97 -3.01 -7.67 -16.28
C ALA A 97 -2.83 -7.41 -14.79
N PHE A 98 -2.01 -8.24 -14.15
CA PHE A 98 -1.73 -8.07 -12.71
C PHE A 98 -0.59 -7.15 -12.46
N VAL A 99 -0.81 -6.16 -11.53
CA VAL A 99 0.34 -5.32 -11.09
C VAL A 99 0.65 -5.58 -9.61
N ALA A 100 1.91 -5.69 -9.25
CA ALA A 100 2.26 -6.02 -7.87
C ALA A 100 2.70 -4.73 -7.14
N ILE A 101 2.13 -4.38 -5.97
CA ILE A 101 2.45 -3.18 -5.21
C ILE A 101 3.25 -3.70 -4.01
N GLY A 102 4.28 -2.97 -3.55
CA GLY A 102 4.95 -3.36 -2.31
C GLY A 102 4.05 -3.68 -1.09
N GLY A 103 4.55 -4.47 -0.18
CA GLY A 103 3.77 -4.91 1.03
C GLY A 103 2.79 -6.12 0.80
N GLY A 104 3.05 -6.85 -0.26
CA GLY A 104 2.23 -7.98 -0.78
C GLY A 104 0.84 -7.80 -1.39
N LYS A 105 0.59 -6.74 -2.09
CA LYS A 105 -0.81 -6.48 -2.55
C LYS A 105 -0.71 -6.56 -4.06
N GLU A 106 -1.39 -7.54 -4.71
CA GLU A 106 -1.44 -7.62 -6.22
C GLU A 106 -2.79 -7.25 -6.75
N GLY A 107 -2.84 -6.27 -7.65
CA GLY A 107 -4.15 -5.78 -8.22
C GLY A 107 -4.39 -5.95 -9.71
N LEU A 108 -5.68 -5.98 -10.03
CA LEU A 108 -6.07 -6.29 -11.40
C LEU A 108 -6.31 -5.00 -12.15
N VAL A 109 -5.55 -4.76 -13.27
CA VAL A 109 -6.00 -3.82 -14.32
C VAL A 109 -6.75 -4.60 -15.39
N HIS A 110 -8.10 -4.36 -15.50
CA HIS A 110 -8.98 -5.10 -16.47
C HIS A 110 -8.54 -4.67 -17.84
N ILE A 111 -8.82 -5.51 -18.85
CA ILE A 111 -8.28 -5.37 -20.23
C ILE A 111 -8.61 -4.02 -20.84
N SER A 112 -9.76 -3.44 -20.45
CA SER A 112 -10.18 -2.12 -20.92
C SER A 112 -9.53 -0.94 -20.21
N GLN A 113 -8.87 -1.17 -19.10
CA GLN A 113 -8.34 -0.06 -18.30
C GLN A 113 -6.80 0.14 -18.35
N ILE A 114 -5.97 -0.60 -19.19
CA ILE A 114 -4.55 -0.48 -19.30
C ILE A 114 -4.24 0.83 -20.10
N ALA A 115 -4.90 0.97 -21.27
CA ALA A 115 -4.66 2.10 -22.21
C ALA A 115 -5.93 2.85 -22.59
N ASP A 116 -5.89 4.16 -23.07
CA ASP A 116 -7.01 4.74 -23.80
C ASP A 116 -7.31 4.04 -25.18
N LYS A 117 -6.31 3.61 -25.96
CA LYS A 117 -6.58 2.93 -27.17
C LYS A 117 -6.78 1.42 -26.98
N ARG A 118 -7.75 0.94 -27.75
CA ARG A 118 -8.03 -0.54 -27.91
C ARG A 118 -6.77 -1.47 -28.05
N VAL A 119 -6.66 -2.58 -27.30
CA VAL A 119 -5.36 -3.27 -27.15
C VAL A 119 -5.49 -4.64 -27.82
N GLU A 120 -4.77 -4.82 -28.92
CA GLU A 120 -4.66 -6.06 -29.65
C GLU A 120 -3.88 -7.03 -28.81
N LYS A 121 -2.75 -6.51 -28.26
CA LYS A 121 -1.78 -7.32 -27.45
C LYS A 121 -1.13 -6.46 -26.43
N VAL A 122 -1.08 -6.93 -25.20
CA VAL A 122 -0.51 -6.21 -24.05
C VAL A 122 1.05 -6.37 -24.02
N THR A 123 1.63 -7.40 -24.71
CA THR A 123 3.09 -7.68 -24.77
C THR A 123 3.85 -6.46 -25.29
N ASP A 124 3.18 -5.65 -26.15
CA ASP A 124 3.64 -4.39 -26.76
C ASP A 124 3.83 -3.33 -25.74
N TYR A 125 3.01 -3.34 -24.68
CA TYR A 125 2.97 -2.23 -23.78
C TYR A 125 3.47 -2.47 -22.41
N LEU A 126 3.35 -3.69 -21.89
CA LEU A 126 3.83 -3.97 -20.55
C LEU A 126 4.87 -5.07 -20.43
N GLN A 127 6.01 -4.72 -19.86
CA GLN A 127 7.13 -5.64 -19.74
C GLN A 127 7.11 -6.42 -18.39
N MET A 128 7.24 -7.75 -18.44
CA MET A 128 7.23 -8.63 -17.24
C MET A 128 8.33 -8.39 -16.21
N GLY A 129 7.86 -7.88 -15.05
CA GLY A 129 8.70 -7.49 -13.90
C GLY A 129 9.28 -6.06 -13.97
N GLN A 130 8.70 -5.24 -14.85
CA GLN A 130 9.03 -3.78 -14.98
C GLN A 130 7.85 -2.87 -14.59
N GLU A 131 8.23 -1.73 -13.95
CA GLU A 131 7.28 -0.80 -13.33
C GLU A 131 6.24 -0.14 -14.27
N VAL A 132 5.03 0.10 -13.73
CA VAL A 132 4.03 0.94 -14.34
C VAL A 132 3.34 1.64 -13.18
N PRO A 133 2.98 2.86 -13.33
CA PRO A 133 1.94 3.48 -12.45
C PRO A 133 0.56 2.82 -12.52
N VAL A 134 -0.05 2.64 -11.34
CA VAL A 134 -1.40 2.11 -11.23
C VAL A 134 -2.10 2.90 -10.18
N LYS A 135 -3.20 3.54 -10.56
CA LYS A 135 -4.11 4.18 -9.63
C LYS A 135 -5.18 3.21 -9.12
N VAL A 136 -5.39 3.34 -7.81
CA VAL A 136 -6.34 2.41 -7.14
C VAL A 136 -7.74 2.93 -7.10
N LEU A 137 -8.44 2.52 -8.15
CA LEU A 137 -9.85 2.71 -8.33
C LEU A 137 -10.68 2.18 -7.14
N GLU A 138 -10.35 1.00 -6.65
CA GLU A 138 -11.20 0.36 -5.64
C GLU A 138 -10.53 -0.83 -4.89
N VAL A 139 -11.07 -1.08 -3.64
CA VAL A 139 -10.59 -2.20 -2.76
C VAL A 139 -11.85 -2.98 -2.40
N ASP A 140 -12.27 -3.84 -3.38
CA ASP A 140 -13.47 -4.61 -3.20
C ASP A 140 -13.33 -5.59 -1.95
N ARG A 141 -14.43 -5.76 -1.17
CA ARG A 141 -14.39 -6.40 0.15
C ARG A 141 -14.50 -7.94 -0.05
N GLN A 142 -14.59 -8.49 -1.32
CA GLN A 142 -14.57 -9.91 -1.60
C GLN A 142 -13.10 -10.31 -1.84
N GLY A 143 -12.12 -9.45 -1.49
CA GLY A 143 -10.71 -9.68 -1.82
C GLY A 143 -10.27 -9.19 -3.17
N ARG A 144 -10.90 -8.21 -3.81
CA ARG A 144 -10.55 -7.89 -5.22
C ARG A 144 -10.04 -6.40 -5.35
N ILE A 145 -8.75 -6.18 -5.70
CA ILE A 145 -8.15 -4.86 -5.85
C ILE A 145 -8.01 -4.49 -7.32
N ARG A 146 -8.59 -3.30 -7.66
CA ARG A 146 -8.75 -2.83 -9.03
C ARG A 146 -8.05 -1.50 -9.31
N LEU A 147 -7.40 -1.51 -10.46
CA LEU A 147 -6.38 -0.52 -10.82
C LEU A 147 -6.67 0.05 -12.22
N SER A 148 -6.31 1.31 -12.43
CA SER A 148 -6.26 1.86 -13.83
C SER A 148 -4.79 2.17 -14.16
N ILE A 149 -4.17 1.63 -15.25
CA ILE A 149 -2.95 2.26 -15.75
C ILE A 149 -3.35 3.56 -16.50
N LYS A 150 -4.40 3.47 -17.31
CA LYS A 150 -4.90 4.63 -18.13
C LYS A 150 -5.00 5.93 -17.31
N GLU A 151 -5.81 6.05 -16.19
CA GLU A 151 -5.90 7.22 -15.32
C GLU A 151 -4.63 7.48 -14.54
N ALA A 152 -3.83 6.49 -14.23
CA ALA A 152 -2.56 6.71 -13.51
C ALA A 152 -1.44 7.18 -14.41
N THR A 153 -1.68 7.16 -15.73
CA THR A 153 -0.74 7.78 -16.72
C THR A 153 -1.28 9.03 -17.36
N GLU A 154 -2.46 9.48 -16.89
CA GLU A 154 -3.01 10.81 -17.17
C GLU A 154 -3.49 10.92 -18.60
N GLN A 155 -4.05 9.78 -19.03
CA GLN A 155 -4.58 9.71 -20.36
C GLN A 155 -5.94 10.41 -20.44
N ARG A 14 16.24 1.84 24.36
CA ARG A 14 16.71 2.04 22.99
C ARG A 14 15.66 2.65 22.07
N ILE A 15 16.15 3.48 21.10
CA ILE A 15 15.34 4.26 20.13
C ILE A 15 15.49 3.66 18.75
N HIS A 16 14.32 3.37 18.14
CA HIS A 16 14.18 2.83 16.79
C HIS A 16 13.32 3.81 15.97
N THR A 17 13.29 3.72 14.60
CA THR A 17 12.57 4.67 13.76
C THR A 17 12.22 3.90 12.46
N ILE A 18 11.20 4.35 11.67
CA ILE A 18 10.69 3.80 10.38
C ILE A 18 9.91 4.96 9.78
N LYS A 19 9.79 4.92 8.47
CA LYS A 19 9.36 6.06 7.68
C LYS A 19 8.09 5.69 6.87
N ILE A 20 6.95 6.46 7.05
CA ILE A 20 5.59 6.13 6.54
C ILE A 20 5.00 7.28 5.75
N ASN A 21 4.28 6.92 4.66
CA ASN A 21 3.50 7.75 3.73
C ASN A 21 2.66 8.85 4.41
N PRO A 22 2.75 10.09 4.05
CA PRO A 22 2.08 11.16 4.94
C PRO A 22 0.58 11.06 5.12
N ASP A 23 -0.04 10.45 4.10
CA ASP A 23 -1.44 10.04 3.96
C ASP A 23 -1.89 9.05 5.05
N LYS A 24 -1.03 8.12 5.46
CA LYS A 24 -1.44 6.96 6.31
C LYS A 24 -1.25 7.23 7.85
N ILE A 25 -0.84 8.46 8.21
CA ILE A 25 -0.75 8.89 9.61
C ILE A 25 -2.16 8.99 10.23
N LYS A 26 -3.20 9.38 9.52
CA LYS A 26 -4.60 9.41 10.02
C LYS A 26 -5.16 8.04 10.46
N ASP A 27 -4.71 6.96 9.73
CA ASP A 27 -5.13 5.57 9.98
C ASP A 27 -4.27 4.89 11.04
N VAL A 28 -2.91 5.14 11.16
CA VAL A 28 -2.06 4.64 12.34
C VAL A 28 -2.53 5.19 13.71
N ILE A 29 -2.95 6.45 13.67
CA ILE A 29 -3.58 7.18 14.76
C ILE A 29 -5.01 6.77 14.97
N GLY A 30 -5.78 6.70 13.89
CA GLY A 30 -7.08 6.09 13.99
C GLY A 30 -8.09 6.96 14.64
N LYS A 31 -9.30 6.37 14.81
CA LYS A 31 -10.43 7.12 15.34
C LYS A 31 -10.13 7.69 16.70
N GLY A 32 -10.03 9.05 16.75
CA GLY A 32 -9.73 9.88 17.96
C GLY A 32 -8.46 9.48 18.70
N GLY A 33 -7.51 8.86 17.99
CA GLY A 33 -6.29 8.41 18.60
C GLY A 33 -6.36 7.05 19.31
N SER A 34 -7.44 6.30 19.16
CA SER A 34 -7.59 5.07 19.95
C SER A 34 -6.55 4.05 19.61
N VAL A 35 -6.24 3.93 18.30
CA VAL A 35 -5.39 2.86 17.76
C VAL A 35 -3.96 3.04 18.29
N ILE A 36 -3.44 4.28 18.24
CA ILE A 36 -2.12 4.59 18.79
C ILE A 36 -2.09 4.42 20.35
N ARG A 37 -3.21 4.63 21.09
CA ARG A 37 -3.32 4.11 22.51
C ARG A 37 -3.21 2.60 22.61
N ALA A 38 -3.93 1.85 21.75
CA ALA A 38 -4.09 0.39 21.73
C ALA A 38 -2.75 -0.30 21.57
N LEU A 39 -1.96 0.10 20.52
CA LEU A 39 -0.65 -0.43 20.26
C LEU A 39 0.32 -0.16 21.42
N THR A 40 0.31 1.06 22.02
CA THR A 40 1.12 1.28 23.25
C THR A 40 0.63 0.51 24.47
N GLU A 41 -0.70 0.43 24.78
CA GLU A 41 -1.21 -0.36 25.91
C GLU A 41 -0.85 -1.84 25.75
N GLU A 42 -0.98 -2.38 24.52
CA GLU A 42 -0.70 -3.82 24.28
C GLU A 42 0.81 -4.16 24.30
N THR A 43 1.66 -3.32 23.70
CA THR A 43 3.08 -3.64 23.67
C THR A 43 3.72 -3.26 25.03
N GLY A 44 3.34 -2.08 25.50
CA GLY A 44 3.89 -1.48 26.72
C GLY A 44 5.17 -0.78 26.32
N THR A 45 5.17 -0.13 25.09
CA THR A 45 6.33 0.62 24.53
C THR A 45 5.82 1.87 23.81
N THR A 46 6.55 2.99 23.85
CA THR A 46 6.05 4.28 23.31
C THR A 46 6.45 4.55 21.88
N ILE A 47 5.45 4.91 21.08
CA ILE A 47 5.53 5.07 19.67
C ILE A 47 5.09 6.48 19.37
N GLU A 48 5.92 7.24 18.60
CA GLU A 48 5.59 8.59 18.21
C GLU A 48 5.83 8.92 16.74
N ILE A 49 4.83 9.57 16.04
CA ILE A 49 4.95 9.93 14.65
C ILE A 49 4.92 11.46 14.44
N GLU A 50 5.92 11.98 13.72
CA GLU A 50 5.88 13.34 13.27
C GLU A 50 5.05 13.58 12.05
N ASP A 51 4.50 14.82 11.88
CA ASP A 51 3.47 15.08 10.83
C ASP A 51 4.01 15.14 9.40
N ASP A 52 5.22 14.58 9.10
CA ASP A 52 5.76 14.29 7.81
C ASP A 52 6.05 12.80 7.67
N GLY A 53 5.61 11.90 8.59
CA GLY A 53 5.62 10.48 8.37
C GLY A 53 6.78 9.81 9.05
N THR A 54 7.51 10.57 9.89
CA THR A 54 8.63 9.96 10.58
C THR A 54 8.12 9.40 11.89
N VAL A 55 8.45 8.10 12.16
CA VAL A 55 8.01 7.40 13.36
C VAL A 55 9.30 7.12 14.17
N LYS A 56 9.27 7.49 15.44
CA LYS A 56 10.24 7.19 16.47
C LYS A 56 9.62 6.19 17.50
N ILE A 57 10.36 5.16 17.85
CA ILE A 57 9.83 4.10 18.74
C ILE A 57 10.76 4.00 19.92
N ALA A 58 10.22 4.01 21.16
CA ALA A 58 11.07 3.83 22.31
C ALA A 58 10.86 2.47 22.94
N ALA A 59 11.93 1.75 23.40
CA ALA A 59 11.79 0.36 23.72
C ALA A 59 12.93 -0.11 24.63
N THR A 60 12.56 -1.10 25.42
CA THR A 60 13.57 -1.97 26.05
C THR A 60 13.47 -3.41 25.52
N ASP A 61 12.30 -4.07 25.39
CA ASP A 61 12.21 -5.38 24.71
C ASP A 61 12.26 -5.29 23.18
N GLY A 62 12.97 -6.28 22.61
CA GLY A 62 13.15 -6.32 21.18
C GLY A 62 12.05 -7.03 20.43
N GLU A 63 11.37 -8.02 21.01
CA GLU A 63 10.10 -8.51 20.40
C GLU A 63 8.95 -7.48 20.41
N LYS A 64 8.79 -6.71 21.46
CA LYS A 64 7.85 -5.57 21.47
C LYS A 64 8.22 -4.48 20.47
N ALA A 65 9.51 -4.30 20.19
CA ALA A 65 9.91 -3.34 19.14
C ALA A 65 9.43 -3.75 17.69
N LYS A 66 9.65 -5.04 17.37
CA LYS A 66 9.15 -5.76 16.22
C LYS A 66 7.61 -5.79 16.22
N HIS A 67 6.96 -6.00 17.35
CA HIS A 67 5.47 -5.97 17.42
C HIS A 67 4.92 -4.67 16.90
N ALA A 68 5.46 -3.59 17.41
CA ALA A 68 5.02 -2.25 16.98
C ALA A 68 5.38 -2.00 15.53
N ILE A 69 6.58 -2.41 15.04
CA ILE A 69 7.01 -2.14 13.66
C ILE A 69 6.15 -2.89 12.68
N ARG A 70 5.86 -4.17 12.96
CA ARG A 70 5.00 -4.91 12.06
C ARG A 70 3.48 -4.56 12.12
N ARG A 71 3.03 -4.09 13.29
CA ARG A 71 1.68 -3.54 13.49
C ARG A 71 1.48 -2.18 12.82
N ILE A 72 2.46 -1.27 12.78
CA ILE A 72 2.42 -0.09 11.91
C ILE A 72 2.42 -0.51 10.41
N GLU A 73 3.20 -1.58 10.05
CA GLU A 73 3.38 -2.00 8.69
C GLU A 73 2.10 -2.52 8.03
N GLU A 74 1.38 -3.37 8.79
CA GLU A 74 -0.01 -3.73 8.40
C GLU A 74 -0.94 -2.52 8.10
N ILE A 75 -1.02 -1.58 9.01
CA ILE A 75 -1.90 -0.41 8.75
C ILE A 75 -1.44 0.55 7.63
N THR A 76 -0.15 0.76 7.49
CA THR A 76 0.33 1.75 6.45
C THR A 76 0.34 1.12 5.01
N ALA A 77 0.27 -0.24 4.97
CA ALA A 77 0.06 -0.97 3.72
C ALA A 77 -1.35 -0.91 3.11
N GLU A 78 -2.40 -0.60 3.87
CA GLU A 78 -3.80 -0.58 3.36
C GLU A 78 -4.09 0.56 2.37
N ILE A 79 -4.38 0.16 1.11
CA ILE A 79 -4.62 1.07 -0.01
C ILE A 79 -5.95 1.80 0.10
N GLU A 80 -6.01 3.05 -0.46
CA GLU A 80 -7.21 3.85 -0.53
C GLU A 80 -7.39 4.43 -1.94
N VAL A 81 -8.65 4.61 -2.33
CA VAL A 81 -8.96 5.06 -3.71
C VAL A 81 -8.40 6.41 -4.01
N GLY A 82 -7.95 6.68 -5.27
CA GLY A 82 -7.44 8.02 -5.61
C GLY A 82 -5.94 8.31 -5.42
N ARG A 83 -5.07 7.29 -5.24
CA ARG A 83 -3.63 7.46 -5.08
C ARG A 83 -2.92 6.41 -5.94
N VAL A 84 -1.65 6.64 -6.31
CA VAL A 84 -0.90 5.74 -7.18
C VAL A 84 0.09 5.09 -6.29
N TYR A 85 0.40 3.82 -6.58
CA TYR A 85 1.41 3.06 -5.81
C TYR A 85 2.27 2.31 -6.86
N THR A 86 3.45 1.71 -6.50
CA THR A 86 4.19 0.91 -7.41
C THR A 86 4.03 -0.56 -7.04
N GLY A 87 3.54 -1.29 -8.07
CA GLY A 87 3.29 -2.75 -8.06
C GLY A 87 4.27 -3.52 -8.93
N LYS A 88 3.93 -4.78 -9.23
CA LYS A 88 4.60 -5.51 -10.31
C LYS A 88 3.55 -6.44 -10.95
N VAL A 89 3.69 -6.75 -12.26
CA VAL A 89 2.75 -7.59 -12.99
C VAL A 89 3.03 -9.05 -12.61
N THR A 90 2.10 -9.73 -11.91
CA THR A 90 2.24 -11.13 -11.49
C THR A 90 1.79 -12.12 -12.53
N ARG A 91 1.02 -11.68 -13.50
CA ARG A 91 0.30 -12.57 -14.47
C ARG A 91 -0.65 -11.83 -15.46
N ILE A 92 -0.65 -12.33 -16.68
CA ILE A 92 -1.32 -11.61 -17.78
C ILE A 92 -2.27 -12.54 -18.46
N VAL A 93 -3.55 -12.07 -18.53
CA VAL A 93 -4.64 -12.77 -19.20
C VAL A 93 -5.17 -11.93 -20.40
N ASP A 94 -6.16 -12.51 -21.11
CA ASP A 94 -6.56 -12.09 -22.45
C ASP A 94 -7.01 -10.63 -22.50
N PHE A 95 -7.81 -10.17 -21.55
CA PHE A 95 -8.36 -8.82 -21.50
C PHE A 95 -7.74 -7.98 -20.34
N GLY A 96 -6.55 -8.33 -19.83
CA GLY A 96 -6.02 -7.60 -18.69
C GLY A 96 -4.77 -8.19 -18.08
N ALA A 97 -4.17 -7.43 -17.16
CA ALA A 97 -2.97 -7.88 -16.40
C ALA A 97 -3.10 -7.69 -14.92
N PHE A 98 -2.92 -8.74 -14.11
CA PHE A 98 -2.94 -8.61 -12.66
C PHE A 98 -1.60 -8.10 -12.00
N VAL A 99 -1.69 -7.09 -11.10
CA VAL A 99 -0.51 -6.32 -10.58
C VAL A 99 -0.67 -6.29 -9.09
N ALA A 100 0.41 -6.70 -8.39
CA ALA A 100 0.36 -6.84 -6.97
C ALA A 100 1.02 -5.66 -6.27
N ILE A 101 0.28 -5.02 -5.36
CA ILE A 101 0.80 -3.85 -4.60
C ILE A 101 0.96 -4.36 -3.19
N GLY A 102 2.10 -3.97 -2.52
CA GLY A 102 2.57 -4.59 -1.30
C GLY A 102 1.58 -5.06 -0.29
N GLY A 103 2.02 -6.09 0.44
CA GLY A 103 1.21 -6.76 1.38
C GLY A 103 0.20 -7.67 0.70
N GLY A 104 0.44 -8.20 -0.54
CA GLY A 104 -0.37 -9.14 -1.30
C GLY A 104 -1.68 -8.60 -1.92
N LYS A 105 -1.76 -7.29 -2.22
CA LYS A 105 -3.02 -6.71 -2.73
C LYS A 105 -2.95 -6.76 -4.24
N GLU A 106 -3.48 -7.84 -4.92
CA GLU A 106 -3.26 -8.00 -6.38
C GLU A 106 -4.51 -7.56 -7.03
N GLY A 107 -4.34 -6.50 -7.83
CA GLY A 107 -5.46 -5.98 -8.61
C GLY A 107 -5.26 -6.16 -10.08
N LEU A 108 -6.26 -5.71 -10.82
CA LEU A 108 -6.29 -6.04 -12.27
C LEU A 108 -6.29 -4.76 -13.09
N VAL A 109 -5.33 -4.60 -14.05
CA VAL A 109 -5.42 -3.50 -14.98
C VAL A 109 -6.12 -3.99 -16.29
N HIS A 110 -7.32 -3.51 -16.56
CA HIS A 110 -8.08 -3.92 -17.75
C HIS A 110 -7.34 -3.47 -18.99
N ILE A 111 -7.48 -4.23 -20.12
CA ILE A 111 -6.85 -3.94 -21.42
C ILE A 111 -7.15 -2.57 -22.00
N SER A 112 -8.10 -1.88 -21.36
CA SER A 112 -8.51 -0.54 -21.69
C SER A 112 -7.92 0.52 -20.77
N GLN A 113 -7.06 0.16 -19.81
CA GLN A 113 -6.50 1.08 -18.81
C GLN A 113 -4.99 0.96 -18.70
N ILE A 114 -4.35 0.36 -19.73
CA ILE A 114 -2.85 0.37 -19.85
C ILE A 114 -2.40 1.58 -20.66
N ALA A 115 -3.11 1.84 -21.74
CA ALA A 115 -2.73 2.88 -22.68
C ALA A 115 -3.99 3.55 -23.24
N ASP A 116 -3.79 4.75 -23.85
CA ASP A 116 -4.77 5.41 -24.64
C ASP A 116 -5.01 4.72 -26.01
N LYS A 117 -3.89 4.24 -26.59
CA LYS A 117 -3.83 3.54 -27.85
C LYS A 117 -4.21 2.09 -27.74
N ARG A 118 -4.85 1.59 -28.81
CA ARG A 118 -5.46 0.25 -28.78
C ARG A 118 -4.44 -0.93 -28.76
N VAL A 119 -4.71 -1.83 -27.80
CA VAL A 119 -3.89 -2.96 -27.43
C VAL A 119 -4.81 -4.16 -27.65
N GLU A 120 -4.37 -5.20 -28.37
CA GLU A 120 -5.31 -6.37 -28.62
C GLU A 120 -4.95 -7.57 -27.72
N LYS A 121 -3.66 -7.60 -27.31
CA LYS A 121 -3.19 -8.59 -26.34
C LYS A 121 -2.17 -7.89 -25.42
N VAL A 122 -2.25 -8.20 -24.14
CA VAL A 122 -1.62 -7.43 -23.18
C VAL A 122 -0.17 -7.83 -23.12
N THR A 123 0.21 -9.07 -23.58
CA THR A 123 1.58 -9.52 -23.62
C THR A 123 2.52 -8.71 -24.56
N ASP A 124 1.97 -7.95 -25.53
CA ASP A 124 2.69 -7.05 -26.41
C ASP A 124 3.45 -5.91 -25.63
N TYR A 125 2.82 -5.35 -24.61
CA TYR A 125 3.29 -4.16 -23.89
C TYR A 125 3.69 -4.52 -22.41
N LEU A 126 3.59 -5.81 -21.98
CA LEU A 126 3.76 -6.16 -20.56
C LEU A 126 4.25 -7.64 -20.42
N GLN A 127 5.03 -7.92 -19.33
CA GLN A 127 5.60 -9.25 -19.07
C GLN A 127 5.66 -9.36 -17.53
N MET A 128 5.56 -10.56 -16.98
CA MET A 128 5.57 -10.73 -15.50
C MET A 128 6.89 -10.27 -14.83
N GLY A 129 6.65 -9.65 -13.63
CA GLY A 129 7.60 -9.09 -12.68
C GLY A 129 8.03 -7.71 -12.92
N GLN A 130 7.57 -7.11 -14.03
CA GLN A 130 7.84 -5.74 -14.39
C GLN A 130 7.18 -4.79 -13.37
N GLU A 131 7.99 -3.88 -12.84
CA GLU A 131 7.57 -2.89 -11.78
C GLU A 131 6.78 -1.71 -12.35
N VAL A 132 5.59 -1.43 -11.84
CA VAL A 132 4.72 -0.48 -12.53
C VAL A 132 4.13 0.50 -11.51
N PRO A 133 4.03 1.78 -11.84
CA PRO A 133 3.12 2.73 -11.21
C PRO A 133 1.75 2.39 -11.71
N VAL A 134 0.89 2.15 -10.72
CA VAL A 134 -0.49 1.74 -10.94
C VAL A 134 -1.34 2.57 -10.03
N LYS A 135 -2.39 3.12 -10.60
CA LYS A 135 -3.32 4.03 -9.85
C LYS A 135 -4.41 3.18 -9.25
N VAL A 136 -4.72 3.43 -7.97
CA VAL A 136 -5.93 2.78 -7.40
C VAL A 136 -7.20 3.49 -7.88
N LEU A 137 -7.96 2.76 -8.73
CA LEU A 137 -9.27 3.17 -9.19
C LEU A 137 -10.38 2.79 -8.31
N GLU A 138 -10.48 1.49 -8.02
CA GLU A 138 -11.56 1.02 -7.18
C GLU A 138 -11.06 -0.15 -6.35
N VAL A 139 -11.76 -0.36 -5.27
CA VAL A 139 -11.61 -1.60 -4.53
C VAL A 139 -13.03 -1.90 -4.14
N ASP A 140 -13.67 -2.98 -4.60
CA ASP A 140 -15.12 -3.25 -4.28
C ASP A 140 -15.23 -3.78 -2.82
N ARG A 141 -16.48 -4.04 -2.33
CA ARG A 141 -16.85 -4.42 -0.94
C ARG A 141 -16.30 -5.81 -0.59
N GLN A 142 -16.22 -6.72 -1.58
CA GLN A 142 -15.60 -8.04 -1.49
C GLN A 142 -14.08 -7.94 -1.46
N GLY A 143 -13.51 -6.93 -2.14
CA GLY A 143 -12.11 -6.62 -2.04
C GLY A 143 -11.40 -6.75 -3.39
N ARG A 144 -12.12 -6.74 -4.53
CA ARG A 144 -11.50 -6.85 -5.86
C ARG A 144 -10.94 -5.44 -6.25
N ILE A 145 -9.63 -5.42 -6.62
CA ILE A 145 -8.83 -4.23 -6.68
C ILE A 145 -8.67 -3.85 -8.15
N ARG A 146 -9.18 -2.67 -8.54
CA ARG A 146 -9.23 -2.29 -9.92
C ARG A 146 -8.23 -1.15 -10.10
N LEU A 147 -7.42 -1.33 -11.13
CA LEU A 147 -6.16 -0.55 -11.28
C LEU A 147 -6.05 0.06 -12.65
N SER A 148 -4.99 0.83 -12.85
CA SER A 148 -4.72 1.43 -14.14
C SER A 148 -3.21 1.64 -14.24
N ILE A 149 -2.60 1.57 -15.43
CA ILE A 149 -1.22 2.12 -15.57
C ILE A 149 -1.34 3.46 -16.29
N LYS A 150 -2.34 3.60 -17.18
CA LYS A 150 -2.57 4.81 -17.99
C LYS A 150 -2.66 6.05 -17.10
N GLU A 151 -3.56 6.02 -16.08
CA GLU A 151 -3.90 7.17 -15.22
C GLU A 151 -2.83 7.45 -14.19
N ALA A 152 -1.95 6.46 -13.96
CA ALA A 152 -0.88 6.53 -12.96
C ALA A 152 0.10 7.67 -13.30
N THR A 153 0.46 7.79 -14.60
CA THR A 153 1.32 8.89 -15.10
C THR A 153 0.50 10.05 -15.70
N GLU A 154 -0.80 9.94 -15.65
CA GLU A 154 -1.71 11.01 -16.11
C GLU A 154 -1.56 11.28 -17.69
N GLN A 155 -1.58 10.23 -18.54
CA GLN A 155 -1.71 10.36 -20.01
C GLN A 155 -3.04 9.70 -20.44
N ARG A 14 9.36 0.13 29.29
CA ARG A 14 10.39 -0.23 28.32
C ARG A 14 10.15 0.33 26.92
N ILE A 15 11.25 0.62 26.17
CA ILE A 15 11.11 1.30 24.87
C ILE A 15 11.31 0.39 23.69
N HIS A 16 10.27 0.26 22.82
CA HIS A 16 10.33 -0.56 21.64
C HIS A 16 10.39 0.29 20.42
N THR A 17 11.47 0.11 19.63
CA THR A 17 11.72 0.92 18.53
C THR A 17 11.57 0.07 17.30
N ILE A 18 11.23 0.75 16.26
CA ILE A 18 11.33 0.14 14.92
C ILE A 18 11.82 1.29 14.02
N LYS A 19 12.42 0.94 12.93
CA LYS A 19 13.03 1.90 11.99
C LYS A 19 12.28 1.71 10.69
N ILE A 20 11.55 2.77 10.32
CA ILE A 20 10.98 2.88 8.96
C ILE A 20 11.74 3.88 8.08
N ASN A 21 11.52 3.77 6.78
CA ASN A 21 11.92 4.76 5.83
C ASN A 21 11.38 6.19 6.15
N PRO A 22 12.19 7.22 5.98
CA PRO A 22 11.76 8.62 6.20
C PRO A 22 10.79 9.10 5.14
N ASP A 23 10.77 8.46 3.97
CA ASP A 23 9.85 8.75 2.85
C ASP A 23 8.56 7.87 3.01
N LYS A 24 8.44 7.03 4.09
CA LYS A 24 7.24 6.25 4.33
C LYS A 24 6.56 6.61 5.67
N ILE A 25 6.99 7.64 6.40
CA ILE A 25 6.36 8.07 7.70
C ILE A 25 4.90 8.49 7.51
N LYS A 26 4.64 9.30 6.52
CA LYS A 26 3.21 9.71 6.32
C LYS A 26 2.35 8.51 5.89
N ASP A 27 2.93 7.51 5.18
CA ASP A 27 2.25 6.26 4.83
C ASP A 27 1.78 5.40 6.03
N VAL A 28 2.58 5.43 7.17
CA VAL A 28 2.26 4.82 8.43
C VAL A 28 1.29 5.57 9.28
N ILE A 29 1.57 6.83 9.48
CA ILE A 29 0.78 7.66 10.39
C ILE A 29 -0.62 8.04 9.88
N GLY A 30 -0.81 7.91 8.52
CA GLY A 30 -1.99 8.28 7.73
C GLY A 30 -2.20 9.72 7.84
N LYS A 31 -3.33 10.06 7.25
CA LYS A 31 -3.62 11.47 7.14
C LYS A 31 -4.02 12.17 8.49
N GLY A 32 -3.38 13.29 8.81
CA GLY A 32 -3.51 13.97 10.13
C GLY A 32 -2.96 13.15 11.31
N GLY A 33 -2.11 12.20 11.05
CA GLY A 33 -1.56 11.27 12.08
C GLY A 33 -2.65 10.46 12.77
N SER A 34 -3.74 10.24 12.00
CA SER A 34 -4.96 9.71 12.52
C SER A 34 -4.86 8.26 13.04
N VAL A 35 -4.16 7.36 12.34
CA VAL A 35 -3.95 5.96 12.68
C VAL A 35 -3.22 5.84 13.97
N ILE A 36 -2.21 6.68 14.18
CA ILE A 36 -1.46 6.62 15.45
C ILE A 36 -2.42 6.89 16.66
N ARG A 37 -3.36 7.80 16.45
CA ARG A 37 -4.41 8.15 17.44
C ARG A 37 -5.26 6.94 17.91
N ALA A 38 -5.75 6.12 17.00
CA ALA A 38 -6.37 4.85 17.47
C ALA A 38 -5.44 3.82 18.11
N LEU A 39 -4.22 3.72 17.57
CA LEU A 39 -3.13 2.93 18.14
C LEU A 39 -2.77 3.34 19.56
N THR A 40 -2.52 4.62 19.82
CA THR A 40 -2.27 5.12 21.20
C THR A 40 -3.50 4.96 22.06
N GLU A 41 -4.69 5.39 21.57
CA GLU A 41 -5.85 5.39 22.47
C GLU A 41 -6.32 4.02 22.87
N GLU A 42 -6.34 3.15 21.91
CA GLU A 42 -6.79 1.78 22.10
C GLU A 42 -5.89 0.95 23.02
N THR A 43 -4.56 1.18 23.00
CA THR A 43 -3.60 0.45 23.85
C THR A 43 -3.28 1.20 25.12
N GLY A 44 -3.00 2.52 25.07
CA GLY A 44 -2.50 3.28 26.20
C GLY A 44 -1.00 3.45 26.11
N THR A 45 -0.31 2.89 25.02
CA THR A 45 1.12 3.05 24.70
C THR A 45 1.40 4.44 24.11
N THR A 46 2.63 4.91 24.37
CA THR A 46 3.03 6.23 23.84
C THR A 46 3.87 6.05 22.55
N ILE A 47 3.50 6.77 21.47
CA ILE A 47 4.34 6.73 20.23
C ILE A 47 4.93 8.11 19.86
N GLU A 48 6.28 8.24 19.66
CA GLU A 48 6.88 9.46 19.19
C GLU A 48 7.81 9.13 17.97
N ILE A 49 7.82 10.00 16.97
CA ILE A 49 8.23 9.66 15.57
C ILE A 49 9.25 10.72 15.15
N GLU A 50 10.51 10.26 15.03
CA GLU A 50 11.59 11.06 14.51
C GLU A 50 11.60 11.23 12.96
N ASP A 51 12.25 12.36 12.51
CA ASP A 51 12.40 12.75 11.06
C ASP A 51 13.35 11.75 10.34
N ASP A 52 13.88 10.73 11.05
CA ASP A 52 14.74 9.72 10.43
C ASP A 52 13.92 8.45 10.26
N GLY A 53 12.71 8.34 10.89
CA GLY A 53 11.89 7.17 10.78
C GLY A 53 12.00 6.28 12.02
N THR A 54 12.81 6.61 13.04
CA THR A 54 12.76 5.86 14.29
C THR A 54 11.45 6.12 14.99
N VAL A 55 10.68 5.02 15.11
CA VAL A 55 9.41 5.05 15.83
C VAL A 55 9.77 4.46 17.20
N LYS A 56 9.57 5.30 18.22
CA LYS A 56 9.69 4.87 19.62
C LYS A 56 8.30 4.72 20.15
N ILE A 57 7.96 3.44 20.43
CA ILE A 57 6.76 3.09 21.19
C ILE A 57 7.17 2.80 22.63
N ALA A 58 6.86 3.72 23.55
CA ALA A 58 7.17 3.50 24.94
C ALA A 58 5.97 2.88 25.63
N ALA A 59 6.17 1.88 26.43
CA ALA A 59 5.06 1.10 26.89
C ALA A 59 5.58 0.55 28.19
N THR A 60 4.70 0.28 29.11
CA THR A 60 4.98 -0.28 30.44
C THR A 60 4.14 -1.57 30.61
N ASP A 61 3.48 -1.96 29.47
CA ASP A 61 2.84 -3.21 29.22
C ASP A 61 3.49 -3.77 27.98
N GLY A 62 4.28 -4.79 28.19
CA GLY A 62 4.92 -5.44 27.08
C GLY A 62 3.99 -6.01 26.06
N GLU A 63 2.89 -6.61 26.47
CA GLU A 63 2.07 -7.31 25.48
C GLU A 63 1.29 -6.34 24.58
N LYS A 64 0.81 -5.26 25.22
CA LYS A 64 0.38 -4.06 24.50
C LYS A 64 1.47 -3.37 23.62
N ALA A 65 2.74 -3.23 24.07
CA ALA A 65 3.85 -2.82 23.20
C ALA A 65 4.14 -3.84 22.03
N LYS A 66 4.18 -5.13 22.31
CA LYS A 66 4.37 -6.23 21.26
C LYS A 66 3.31 -6.26 20.20
N HIS A 67 2.10 -5.90 20.53
CA HIS A 67 1.07 -5.64 19.54
C HIS A 67 1.26 -4.24 18.87
N ALA A 68 1.55 -3.20 19.65
CA ALA A 68 1.72 -1.86 19.04
C ALA A 68 2.91 -1.83 18.07
N ILE A 69 4.03 -2.47 18.35
CA ILE A 69 5.22 -2.41 17.50
C ILE A 69 5.05 -3.39 16.33
N ARG A 70 4.22 -4.48 16.46
CA ARG A 70 3.76 -5.31 15.35
C ARG A 70 2.84 -4.51 14.41
N ARG A 71 1.97 -3.71 15.01
CA ARG A 71 1.01 -2.90 14.22
C ARG A 71 1.65 -1.97 13.15
N ILE A 72 2.83 -1.45 13.48
CA ILE A 72 3.68 -0.69 12.47
C ILE A 72 4.12 -1.59 11.23
N GLU A 73 4.49 -2.85 11.48
CA GLU A 73 4.84 -3.79 10.37
C GLU A 73 3.62 -4.15 9.50
N GLU A 74 2.52 -4.32 10.19
CA GLU A 74 1.22 -4.47 9.52
C GLU A 74 0.81 -3.29 8.61
N ILE A 75 0.92 -2.07 9.10
CA ILE A 75 0.78 -0.82 8.35
C ILE A 75 1.79 -0.61 7.26
N THR A 76 3.03 -0.86 7.53
CA THR A 76 4.02 -0.85 6.45
C THR A 76 3.65 -1.87 5.30
N ALA A 77 3.33 -3.15 5.57
CA ALA A 77 2.97 -4.07 4.45
C ALA A 77 1.52 -3.88 3.97
N GLU A 78 0.70 -2.95 4.55
CA GLU A 78 -0.61 -2.61 3.94
C GLU A 78 -0.60 -1.89 2.54
N ILE A 79 -1.55 -2.29 1.65
CA ILE A 79 -1.78 -1.62 0.40
C ILE A 79 -3.22 -1.11 0.55
N GLU A 80 -3.36 0.18 0.42
CA GLU A 80 -4.65 0.86 0.78
C GLU A 80 -5.60 0.88 -0.39
N VAL A 81 -6.87 0.51 -0.08
CA VAL A 81 -8.01 0.57 -0.95
C VAL A 81 -8.41 2.05 -1.34
N GLY A 82 -8.74 2.28 -2.61
CA GLY A 82 -9.03 3.58 -3.20
C GLY A 82 -7.93 4.63 -3.34
N ARG A 83 -6.76 4.33 -2.74
CA ARG A 83 -5.53 5.07 -2.92
C ARG A 83 -4.81 4.69 -4.25
N VAL A 84 -4.15 5.69 -4.85
CA VAL A 84 -3.41 5.45 -6.09
C VAL A 84 -1.98 5.05 -5.76
N TYR A 85 -1.40 4.20 -6.58
CA TYR A 85 0.00 3.77 -6.41
C TYR A 85 0.59 3.74 -7.82
N THR A 86 1.93 3.88 -7.98
CA THR A 86 2.53 3.59 -9.29
C THR A 86 2.98 2.16 -9.23
N GLY A 87 2.86 1.48 -10.36
CA GLY A 87 3.42 0.13 -10.47
C GLY A 87 3.88 -0.05 -11.92
N LYS A 88 4.46 -1.24 -12.27
CA LYS A 88 5.01 -1.51 -13.61
C LYS A 88 4.47 -2.84 -14.13
N VAL A 89 3.97 -2.89 -15.41
CA VAL A 89 3.37 -4.12 -15.96
C VAL A 89 4.41 -5.20 -15.99
N THR A 90 4.16 -6.33 -15.30
CA THR A 90 5.17 -7.41 -15.23
C THR A 90 4.96 -8.47 -16.30
N ARG A 91 3.81 -8.42 -17.03
CA ARG A 91 3.39 -9.47 -17.94
C ARG A 91 1.91 -9.24 -18.29
N ILE A 92 1.60 -9.65 -19.52
CA ILE A 92 0.23 -9.65 -20.06
C ILE A 92 -0.34 -11.11 -19.99
N VAL A 93 -1.66 -11.29 -19.72
CA VAL A 93 -2.32 -12.60 -19.56
C VAL A 93 -3.71 -12.58 -20.27
N ASP A 94 -4.41 -13.74 -20.43
CA ASP A 94 -5.73 -13.82 -21.13
C ASP A 94 -6.78 -12.88 -20.58
N PHE A 95 -6.90 -12.75 -19.29
CA PHE A 95 -8.01 -11.97 -18.69
C PHE A 95 -7.54 -10.63 -18.13
N GLY A 96 -6.25 -10.27 -18.19
CA GLY A 96 -5.78 -9.01 -17.60
C GLY A 96 -4.31 -8.82 -17.94
N ALA A 97 -3.61 -8.05 -17.09
CA ALA A 97 -2.19 -7.77 -17.06
C ALA A 97 -1.86 -7.63 -15.55
N PHE A 98 -0.73 -8.22 -15.09
CA PHE A 98 -0.17 -8.06 -13.70
C PHE A 98 0.70 -6.83 -13.65
N VAL A 99 0.54 -6.13 -12.53
CA VAL A 99 1.31 -4.92 -12.23
C VAL A 99 2.15 -5.21 -10.95
N ALA A 100 3.50 -5.10 -11.02
CA ALA A 100 4.32 -5.04 -9.74
C ALA A 100 4.13 -3.68 -9.05
N ILE A 101 3.74 -3.63 -7.76
CA ILE A 101 3.55 -2.32 -7.07
C ILE A 101 4.94 -1.87 -6.52
N GLY A 102 5.62 -1.02 -7.37
CA GLY A 102 6.96 -0.37 -7.10
C GLY A 102 8.04 -1.39 -7.00
N GLY A 103 7.90 -2.36 -7.84
CA GLY A 103 8.73 -3.55 -7.82
C GLY A 103 8.35 -4.57 -6.75
N GLY A 104 7.41 -4.25 -5.81
CA GLY A 104 6.83 -5.27 -4.92
C GLY A 104 5.92 -6.29 -5.63
N LYS A 105 5.21 -7.05 -4.75
CA LYS A 105 4.11 -7.91 -5.07
C LYS A 105 3.18 -7.48 -6.19
N GLU A 106 2.80 -8.49 -6.95
CA GLU A 106 2.09 -8.30 -8.21
C GLU A 106 0.55 -8.32 -8.10
N GLY A 107 -0.07 -7.15 -8.43
CA GLY A 107 -1.55 -7.02 -8.46
C GLY A 107 -2.06 -7.12 -9.87
N LEU A 108 -3.38 -7.21 -9.96
CA LEU A 108 -4.10 -7.51 -11.23
C LEU A 108 -4.90 -6.27 -11.58
N VAL A 109 -4.86 -5.94 -12.91
CA VAL A 109 -5.86 -5.14 -13.57
C VAL A 109 -6.56 -5.99 -14.66
N HIS A 110 -7.92 -6.13 -14.52
CA HIS A 110 -8.81 -6.88 -15.47
C HIS A 110 -9.06 -6.09 -16.78
N ILE A 111 -9.34 -6.82 -17.88
CA ILE A 111 -9.22 -6.22 -19.18
C ILE A 111 -10.23 -5.11 -19.52
N SER A 112 -11.34 -4.95 -18.78
CA SER A 112 -12.19 -3.75 -18.96
C SER A 112 -11.85 -2.64 -17.94
N GLN A 113 -10.69 -2.73 -17.21
CA GLN A 113 -10.25 -1.61 -16.33
C GLN A 113 -8.95 -0.95 -16.88
N ILE A 114 -8.64 -1.07 -18.16
CA ILE A 114 -7.34 -0.54 -18.71
C ILE A 114 -7.68 0.80 -19.41
N ALA A 115 -8.73 0.71 -20.22
CA ALA A 115 -9.28 1.79 -21.04
C ALA A 115 -10.77 2.01 -20.77
N ASP A 116 -11.22 3.26 -21.06
CA ASP A 116 -12.62 3.57 -21.21
C ASP A 116 -13.05 3.20 -22.66
N LYS A 117 -12.06 2.97 -23.59
CA LYS A 117 -12.26 2.64 -25.01
C LYS A 117 -12.26 1.11 -25.30
N ARG A 118 -12.29 0.68 -26.61
CA ARG A 118 -12.43 -0.72 -26.86
C ARG A 118 -11.10 -1.50 -26.82
N VAL A 119 -11.08 -2.40 -25.82
CA VAL A 119 -9.96 -3.36 -25.72
C VAL A 119 -10.11 -4.60 -26.60
N GLU A 120 -9.40 -4.59 -27.74
CA GLU A 120 -9.35 -5.75 -28.61
C GLU A 120 -8.07 -6.50 -28.25
N LYS A 121 -7.01 -5.79 -27.88
CA LYS A 121 -5.81 -6.42 -27.33
C LYS A 121 -5.21 -5.54 -26.20
N VAL A 122 -4.58 -6.19 -25.22
CA VAL A 122 -3.90 -5.46 -24.15
C VAL A 122 -2.65 -4.80 -24.73
N THR A 123 -2.02 -5.52 -25.71
CA THR A 123 -0.86 -4.94 -26.41
C THR A 123 -1.09 -3.60 -27.14
N ASP A 124 -2.36 -3.24 -27.48
CA ASP A 124 -2.63 -1.86 -27.92
C ASP A 124 -2.45 -0.78 -26.83
N TYR A 125 -2.93 -1.04 -25.59
CA TYR A 125 -2.90 -0.07 -24.51
C TYR A 125 -1.65 -0.17 -23.67
N LEU A 126 -0.98 -1.32 -23.61
CA LEU A 126 0.08 -1.50 -22.65
C LEU A 126 1.23 -2.21 -23.31
N GLN A 127 2.41 -1.91 -22.78
CA GLN A 127 3.67 -2.53 -23.19
C GLN A 127 4.27 -3.21 -21.96
N MET A 128 5.25 -4.02 -22.28
CA MET A 128 5.94 -4.83 -21.28
C MET A 128 7.01 -4.03 -20.50
N GLY A 129 6.91 -3.89 -19.15
CA GLY A 129 7.96 -3.36 -18.32
C GLY A 129 7.68 -1.91 -17.92
N GLN A 130 6.65 -1.27 -18.52
CA GLN A 130 6.53 0.18 -18.46
C GLN A 130 5.68 0.59 -17.16
N GLU A 131 5.86 1.79 -16.59
CA GLU A 131 5.18 2.15 -15.36
C GLU A 131 3.83 2.77 -15.73
N VAL A 132 2.84 2.66 -14.88
CA VAL A 132 1.61 3.37 -15.02
C VAL A 132 1.09 3.53 -13.58
N PRO A 133 0.61 4.68 -13.18
CA PRO A 133 -0.31 4.78 -11.99
C PRO A 133 -1.56 3.86 -12.08
N VAL A 134 -1.74 3.01 -11.07
CA VAL A 134 -2.82 2.09 -10.90
C VAL A 134 -3.55 2.45 -9.61
N LYS A 135 -4.87 2.39 -9.66
CA LYS A 135 -5.69 2.73 -8.51
C LYS A 135 -6.29 1.48 -7.87
N VAL A 136 -5.93 1.20 -6.58
CA VAL A 136 -6.47 -0.02 -5.91
C VAL A 136 -8.02 0.01 -5.74
N LEU A 137 -8.67 -0.94 -6.33
CA LEU A 137 -10.15 -1.08 -6.12
C LEU A 137 -10.46 -1.96 -4.94
N GLU A 138 -9.72 -3.07 -4.71
CA GLU A 138 -10.08 -4.00 -3.70
C GLU A 138 -8.88 -4.87 -3.43
N VAL A 139 -8.74 -5.52 -2.27
CA VAL A 139 -7.77 -6.58 -2.05
C VAL A 139 -8.72 -7.68 -1.67
N ASP A 140 -8.51 -8.86 -2.31
CA ASP A 140 -9.48 -9.89 -2.24
C ASP A 140 -9.25 -10.80 -1.01
N ARG A 141 -10.13 -11.82 -0.80
CA ARG A 141 -10.21 -12.64 0.45
C ARG A 141 -9.10 -13.68 0.50
N GLN A 142 -8.48 -13.95 -0.68
CA GLN A 142 -7.44 -14.95 -0.87
C GLN A 142 -6.13 -14.23 -1.18
N GLY A 143 -6.12 -12.87 -1.18
CA GLY A 143 -4.87 -12.08 -1.08
C GLY A 143 -4.50 -11.34 -2.34
N ARG A 144 -5.38 -11.40 -3.37
CA ARG A 144 -5.14 -10.75 -4.60
C ARG A 144 -5.54 -9.29 -4.63
N ILE A 145 -4.74 -8.50 -5.42
CA ILE A 145 -4.91 -7.07 -5.53
C ILE A 145 -5.55 -6.80 -6.86
N ARG A 146 -6.64 -6.00 -6.75
CA ARG A 146 -7.39 -5.57 -7.92
C ARG A 146 -7.35 -4.05 -8.14
N LEU A 147 -6.87 -3.67 -9.35
CA LEU A 147 -6.49 -2.29 -9.73
C LEU A 147 -7.32 -1.77 -10.95
N SER A 148 -7.20 -0.47 -11.11
CA SER A 148 -7.77 0.30 -12.27
C SER A 148 -6.64 1.19 -12.88
N ILE A 149 -6.46 1.15 -14.16
CA ILE A 149 -5.58 2.13 -14.87
C ILE A 149 -6.52 3.25 -15.34
N LYS A 150 -7.77 2.94 -15.83
CA LYS A 150 -8.57 3.93 -16.54
C LYS A 150 -8.91 5.14 -15.71
N GLU A 151 -9.25 4.81 -14.48
CA GLU A 151 -9.65 5.80 -13.49
C GLU A 151 -8.43 6.57 -13.00
N ALA A 152 -7.25 5.87 -12.92
CA ALA A 152 -5.98 6.36 -12.35
C ALA A 152 -5.21 7.36 -13.17
N THR A 153 -5.37 7.24 -14.48
CA THR A 153 -4.72 8.13 -15.47
C THR A 153 -5.63 9.15 -16.14
N GLU A 154 -6.91 9.15 -15.75
CA GLU A 154 -7.94 9.99 -16.31
C GLU A 154 -8.46 9.67 -17.75
N GLN A 155 -8.95 8.42 -17.98
CA GLN A 155 -9.47 7.97 -19.30
C GLN A 155 -10.92 8.35 -19.39
N ARG A 14 11.85 -1.28 25.61
CA ARG A 14 12.81 -0.54 24.82
C ARG A 14 12.21 0.33 23.71
N ILE A 15 12.98 1.45 23.44
CA ILE A 15 12.63 2.34 22.37
C ILE A 15 13.15 1.89 21.01
N HIS A 16 12.20 1.33 20.19
CA HIS A 16 12.42 0.90 18.86
C HIS A 16 12.19 2.04 17.86
N THR A 17 13.22 2.44 17.15
CA THR A 17 13.06 3.48 16.13
C THR A 17 12.82 2.88 14.76
N ILE A 18 11.88 3.54 14.08
CA ILE A 18 11.54 3.30 12.69
C ILE A 18 11.37 4.66 11.96
N LYS A 19 12.15 4.81 10.89
CA LYS A 19 12.09 6.02 10.07
C LYS A 19 10.91 5.96 9.10
N ILE A 20 10.03 7.02 9.18
CA ILE A 20 8.83 7.11 8.25
C ILE A 20 8.70 8.46 7.46
N ASN A 21 8.51 8.40 6.08
CA ASN A 21 8.51 9.63 5.21
C ASN A 21 7.30 10.58 5.49
N PRO A 22 7.37 11.91 5.45
CA PRO A 22 6.26 12.78 6.07
C PRO A 22 4.89 12.75 5.42
N ASP A 23 4.63 12.24 4.15
CA ASP A 23 3.28 12.07 3.70
C ASP A 23 2.76 10.72 4.17
N LYS A 24 3.73 9.85 4.52
CA LYS A 24 3.44 8.57 5.18
C LYS A 24 3.27 8.63 6.70
N ILE A 25 3.78 9.64 7.43
CA ILE A 25 3.41 9.89 8.84
C ILE A 25 1.95 10.29 9.00
N LYS A 26 1.40 11.07 8.04
CA LYS A 26 -0.01 11.42 7.96
C LYS A 26 -0.85 10.17 7.78
N ASP A 27 -0.42 9.18 6.93
CA ASP A 27 -1.09 7.85 6.74
C ASP A 27 -1.10 7.04 8.07
N VAL A 28 0.01 7.03 8.85
CA VAL A 28 0.15 6.42 10.19
C VAL A 28 -0.73 7.16 11.21
N ILE A 29 -0.85 8.49 11.11
CA ILE A 29 -1.76 9.29 11.96
C ILE A 29 -3.22 8.93 11.63
N GLY A 30 -3.54 8.88 10.36
CA GLY A 30 -4.91 8.71 9.99
C GLY A 30 -5.81 9.93 10.29
N LYS A 31 -7.06 9.80 9.84
CA LYS A 31 -8.01 10.85 10.03
C LYS A 31 -8.36 11.00 11.53
N GLY A 32 -8.05 12.20 11.99
CA GLY A 32 -8.27 12.75 13.37
C GLY A 32 -7.62 12.01 14.49
N GLY A 33 -6.50 11.32 14.12
CA GLY A 33 -5.69 10.53 15.01
C GLY A 33 -6.29 9.14 15.29
N SER A 34 -7.30 8.65 14.50
CA SER A 34 -7.84 7.28 14.67
C SER A 34 -6.81 6.12 14.45
N VAL A 35 -6.04 6.14 13.38
CA VAL A 35 -5.16 4.98 13.05
C VAL A 35 -4.08 4.71 14.14
N ILE A 36 -3.45 5.80 14.56
CA ILE A 36 -2.44 5.77 15.63
C ILE A 36 -3.00 5.52 17.02
N ARG A 37 -4.22 6.02 17.22
CA ARG A 37 -4.98 5.69 18.46
C ARG A 37 -5.33 4.21 18.53
N ALA A 38 -5.87 3.73 17.42
CA ALA A 38 -6.27 2.33 17.22
C ALA A 38 -5.14 1.35 17.43
N LEU A 39 -3.95 1.85 17.04
CA LEU A 39 -2.62 1.20 17.05
C LEU A 39 -1.99 1.17 18.43
N THR A 40 -2.00 2.30 19.16
CA THR A 40 -1.37 2.28 20.50
C THR A 40 -2.05 1.31 21.47
N GLU A 41 -3.39 1.34 21.44
CA GLU A 41 -4.17 0.39 22.18
C GLU A 41 -4.10 -1.02 21.66
N GLU A 42 -4.22 -1.26 20.33
CA GLU A 42 -4.24 -2.63 19.78
C GLU A 42 -2.97 -3.42 20.11
N THR A 43 -1.85 -2.77 19.90
CA THR A 43 -0.53 -3.45 20.13
C THR A 43 -0.16 -3.45 21.62
N GLY A 44 -0.76 -2.51 22.38
CA GLY A 44 -0.43 -2.20 23.77
C GLY A 44 0.98 -1.63 23.93
N THR A 45 1.29 -0.68 23.10
CA THR A 45 2.67 -0.09 23.05
C THR A 45 2.64 1.43 22.98
N THR A 46 3.68 2.11 23.48
CA THR A 46 3.70 3.58 23.49
C THR A 46 4.45 4.12 22.26
N ILE A 47 3.96 5.28 21.79
CA ILE A 47 4.40 5.85 20.55
C ILE A 47 4.83 7.27 20.88
N GLU A 48 6.04 7.65 20.47
CA GLU A 48 6.37 9.04 20.22
C GLU A 48 6.89 9.29 18.78
N ILE A 49 6.79 10.53 18.30
CA ILE A 49 7.27 10.86 16.94
C ILE A 49 8.08 12.15 16.87
N GLU A 50 9.33 11.99 16.31
CA GLU A 50 10.31 13.04 16.06
C GLU A 50 9.97 13.79 14.71
N ASP A 51 10.43 15.02 14.64
CA ASP A 51 10.10 15.94 13.52
C ASP A 51 10.92 15.72 12.27
N ASP A 52 12.02 14.93 12.42
CA ASP A 52 12.90 14.41 11.36
C ASP A 52 12.28 13.18 10.65
N GLY A 53 11.25 12.59 11.21
CA GLY A 53 10.62 11.37 10.64
C GLY A 53 10.78 10.11 11.49
N THR A 54 11.52 10.27 12.58
CA THR A 54 11.84 9.13 13.43
C THR A 54 10.71 8.80 14.42
N VAL A 55 10.02 7.67 14.14
CA VAL A 55 9.02 7.16 15.06
C VAL A 55 9.61 6.18 16.06
N LYS A 56 9.37 6.44 17.36
CA LYS A 56 10.05 5.75 18.43
C LYS A 56 9.00 4.91 19.24
N ILE A 57 9.01 3.62 19.04
CA ILE A 57 8.05 2.78 19.75
C ILE A 57 8.59 2.34 21.12
N ALA A 58 7.78 2.56 22.18
CA ALA A 58 8.25 2.16 23.47
C ALA A 58 7.39 1.03 24.03
N ALA A 59 8.03 -0.05 24.32
CA ALA A 59 7.31 -1.25 24.84
C ALA A 59 8.08 -1.93 25.95
N THR A 60 7.42 -2.71 26.85
CA THR A 60 8.16 -3.42 27.95
C THR A 60 8.94 -4.62 27.42
N ASP A 61 8.41 -5.24 26.37
CA ASP A 61 8.84 -6.54 25.89
C ASP A 61 9.28 -6.40 24.42
N GLY A 62 10.24 -7.25 24.07
CA GLY A 62 10.69 -7.42 22.71
C GLY A 62 9.62 -7.97 21.78
N GLU A 63 8.92 -8.99 22.16
CA GLU A 63 7.81 -9.52 21.32
C GLU A 63 6.67 -8.44 21.14
N LYS A 64 6.29 -7.69 22.19
CA LYS A 64 5.33 -6.56 22.06
C LYS A 64 5.82 -5.44 21.09
N ALA A 65 7.09 -5.03 21.16
CA ALA A 65 7.63 -4.02 20.23
C ALA A 65 7.72 -4.54 18.79
N LYS A 66 8.04 -5.80 18.67
CA LYS A 66 8.12 -6.43 17.31
C LYS A 66 6.66 -6.65 16.78
N HIS A 67 5.65 -6.77 17.63
CA HIS A 67 4.18 -6.69 17.25
C HIS A 67 3.75 -5.25 16.90
N ALA A 68 4.22 -4.22 17.64
CA ALA A 68 4.02 -2.81 17.15
C ALA A 68 4.76 -2.50 15.81
N ILE A 69 5.96 -3.05 15.63
CA ILE A 69 6.65 -2.89 14.37
C ILE A 69 5.92 -3.56 13.21
N ARG A 70 5.53 -4.86 13.35
CA ARG A 70 4.76 -5.56 12.37
C ARG A 70 3.49 -4.80 12.02
N ARG A 71 2.82 -4.25 13.01
CA ARG A 71 1.63 -3.39 12.75
C ARG A 71 2.07 -2.20 11.93
N ILE A 72 3.22 -1.55 12.25
CA ILE A 72 3.58 -0.39 11.48
C ILE A 72 4.00 -0.72 10.01
N GLU A 73 4.73 -1.81 9.80
CA GLU A 73 4.93 -2.44 8.46
C GLU A 73 3.62 -2.84 7.74
N GLU A 74 2.60 -3.39 8.46
CA GLU A 74 1.24 -3.60 7.92
C GLU A 74 0.61 -2.29 7.51
N ILE A 75 0.77 -1.30 8.37
CA ILE A 75 0.18 0.03 8.16
C ILE A 75 0.80 0.70 6.91
N THR A 76 2.07 0.43 6.67
CA THR A 76 2.74 0.91 5.49
C THR A 76 2.58 -0.10 4.37
N ALA A 77 1.81 -1.22 4.59
CA ALA A 77 1.35 -1.99 3.49
C ALA A 77 -0.13 -1.68 3.25
N GLU A 78 -0.69 -0.67 3.91
CA GLU A 78 -2.13 -0.39 3.79
C GLU A 78 -2.48 0.30 2.47
N ILE A 79 -3.53 -0.24 1.84
CA ILE A 79 -4.00 0.20 0.53
C ILE A 79 -5.28 1.08 0.71
N GLU A 80 -5.24 2.26 0.04
CA GLU A 80 -6.29 3.27 0.12
C GLU A 80 -7.07 3.22 -1.18
N VAL A 81 -8.40 3.47 -1.10
CA VAL A 81 -9.26 3.58 -2.25
C VAL A 81 -8.94 4.84 -3.04
N GLY A 82 -8.64 4.74 -4.34
CA GLY A 82 -8.50 5.96 -5.12
C GLY A 82 -7.20 6.69 -4.95
N ARG A 83 -6.20 6.00 -4.46
CA ARG A 83 -4.79 6.47 -4.47
C ARG A 83 -4.05 5.78 -5.61
N VAL A 84 -3.04 6.46 -6.22
CA VAL A 84 -2.20 5.89 -7.30
C VAL A 84 -0.97 5.28 -6.64
N TYR A 85 -0.66 4.01 -7.03
CA TYR A 85 0.52 3.32 -6.52
C TYR A 85 1.32 2.90 -7.72
N THR A 86 2.70 3.05 -7.69
CA THR A 86 3.49 2.59 -8.84
C THR A 86 3.83 1.10 -8.69
N GLY A 87 3.18 0.20 -9.44
CA GLY A 87 3.33 -1.23 -9.35
C GLY A 87 3.92 -1.86 -10.60
N LYS A 88 4.09 -3.17 -10.49
CA LYS A 88 4.81 -4.02 -11.47
C LYS A 88 3.89 -5.21 -11.92
N VAL A 89 3.85 -5.48 -13.24
CA VAL A 89 3.00 -6.51 -13.91
C VAL A 89 3.39 -7.92 -13.57
N THR A 90 2.47 -8.76 -13.07
CA THR A 90 2.86 -10.12 -12.67
C THR A 90 2.52 -11.13 -13.71
N ARG A 91 1.34 -11.04 -14.31
CA ARG A 91 0.98 -11.97 -15.36
C ARG A 91 -0.23 -11.40 -16.08
N ILE A 92 -0.37 -11.77 -17.37
CA ILE A 92 -1.40 -11.25 -18.23
C ILE A 92 -2.26 -12.44 -18.66
N VAL A 93 -3.56 -12.31 -18.41
CA VAL A 93 -4.58 -13.39 -18.62
C VAL A 93 -5.71 -12.87 -19.55
N ASP A 94 -6.72 -13.73 -19.97
CA ASP A 94 -7.90 -13.32 -20.80
C ASP A 94 -8.55 -12.04 -20.24
N PHE A 95 -8.71 -11.92 -18.94
CA PHE A 95 -9.51 -10.80 -18.34
C PHE A 95 -8.66 -9.61 -17.94
N GLY A 96 -7.37 -9.59 -18.31
CA GLY A 96 -6.45 -8.48 -17.96
C GLY A 96 -5.15 -8.86 -17.24
N ALA A 97 -4.54 -7.78 -16.67
CA ALA A 97 -3.20 -7.79 -16.18
C ALA A 97 -3.19 -7.69 -14.63
N PHE A 98 -2.51 -8.67 -13.99
CA PHE A 98 -2.31 -8.68 -12.52
C PHE A 98 -1.10 -7.73 -12.22
N VAL A 99 -1.08 -7.10 -11.07
CA VAL A 99 -0.03 -6.11 -10.78
C VAL A 99 0.38 -6.11 -9.27
N ALA A 100 1.66 -6.35 -8.91
CA ALA A 100 2.10 -6.39 -7.50
C ALA A 100 2.34 -4.99 -6.91
N ILE A 101 1.77 -4.84 -5.71
CA ILE A 101 1.74 -3.59 -5.02
C ILE A 101 2.63 -3.75 -3.78
N GLY A 102 3.12 -2.62 -3.21
CA GLY A 102 4.03 -2.67 -2.06
C GLY A 102 3.33 -3.19 -0.82
N GLY A 103 4.17 -3.67 0.13
CA GLY A 103 3.66 -4.40 1.30
C GLY A 103 3.10 -5.79 0.98
N GLY A 104 3.55 -6.42 -0.14
CA GLY A 104 3.19 -7.76 -0.63
C GLY A 104 1.76 -7.85 -1.14
N LYS A 105 1.08 -6.74 -1.48
CA LYS A 105 -0.32 -6.76 -1.88
C LYS A 105 -0.23 -6.98 -3.37
N GLU A 106 -1.32 -7.38 -4.01
CA GLU A 106 -1.34 -7.67 -5.46
C GLU A 106 -2.74 -7.32 -5.96
N GLY A 107 -2.78 -6.58 -7.08
CA GLY A 107 -4.02 -6.13 -7.68
C GLY A 107 -4.29 -6.68 -9.10
N LEU A 108 -5.46 -6.31 -9.66
CA LEU A 108 -5.89 -6.71 -11.01
C LEU A 108 -6.35 -5.43 -11.79
N VAL A 109 -5.74 -5.15 -12.99
CA VAL A 109 -6.39 -4.28 -13.95
C VAL A 109 -7.11 -5.22 -14.96
N HIS A 110 -8.43 -5.10 -14.97
CA HIS A 110 -9.35 -5.79 -15.90
C HIS A 110 -9.06 -5.29 -17.31
N ILE A 111 -9.25 -6.23 -18.25
CA ILE A 111 -9.18 -6.06 -19.72
C ILE A 111 -9.61 -4.71 -20.35
N SER A 112 -10.73 -4.17 -19.84
CA SER A 112 -11.21 -2.88 -20.30
C SER A 112 -10.50 -1.68 -19.76
N GLN A 113 -9.91 -1.81 -18.58
CA GLN A 113 -9.27 -0.68 -17.90
C GLN A 113 -7.73 -0.67 -18.14
N ILE A 114 -7.23 -1.58 -19.03
CA ILE A 114 -5.87 -1.58 -19.52
C ILE A 114 -5.55 -0.28 -20.25
N ALA A 115 -6.51 0.24 -21.04
CA ALA A 115 -6.45 1.54 -21.66
C ALA A 115 -7.87 2.05 -22.03
N ASP A 116 -7.93 3.39 -22.16
CA ASP A 116 -9.08 4.25 -22.57
C ASP A 116 -9.38 4.00 -24.09
N LYS A 117 -8.31 3.82 -24.85
CA LYS A 117 -8.36 3.29 -26.28
C LYS A 117 -7.71 1.87 -26.39
N ARG A 118 -8.53 0.84 -26.76
CA ARG A 118 -8.26 -0.61 -26.57
C ARG A 118 -7.08 -1.14 -27.36
N VAL A 119 -6.36 -2.15 -26.75
CA VAL A 119 -5.13 -2.67 -27.27
C VAL A 119 -5.33 -3.95 -28.06
N GLU A 120 -4.60 -4.07 -29.21
CA GLU A 120 -4.66 -5.25 -29.99
C GLU A 120 -4.22 -6.50 -29.23
N LYS A 121 -3.18 -6.40 -28.40
CA LYS A 121 -3.01 -7.41 -27.35
C LYS A 121 -2.56 -6.74 -26.04
N VAL A 122 -2.99 -7.32 -24.87
CA VAL A 122 -2.40 -6.85 -23.57
C VAL A 122 -0.89 -7.14 -23.48
N THR A 123 -0.41 -8.30 -24.00
CA THR A 123 1.01 -8.63 -23.98
C THR A 123 1.82 -7.74 -24.83
N ASP A 124 1.35 -7.02 -25.82
CA ASP A 124 2.20 -6.06 -26.46
C ASP A 124 2.27 -4.67 -25.77
N TYR A 125 1.37 -4.44 -24.85
CA TYR A 125 1.23 -3.09 -24.24
C TYR A 125 1.91 -2.99 -22.90
N LEU A 126 2.11 -4.10 -22.20
CA LEU A 126 2.69 -4.05 -20.89
C LEU A 126 3.72 -5.17 -20.87
N GLN A 127 4.77 -4.92 -20.17
CA GLN A 127 5.81 -6.00 -19.99
C GLN A 127 5.99 -6.38 -18.51
N MET A 128 6.63 -7.54 -18.16
CA MET A 128 6.98 -7.92 -16.82
C MET A 128 8.16 -7.11 -16.26
N GLY A 129 8.11 -6.99 -14.93
CA GLY A 129 9.18 -6.39 -14.12
C GLY A 129 9.09 -4.88 -13.98
N GLN A 130 8.38 -4.21 -14.92
CA GLN A 130 8.49 -2.79 -15.17
C GLN A 130 7.27 -2.04 -14.70
N GLU A 131 7.68 -0.90 -14.02
CA GLU A 131 6.88 0.05 -13.28
C GLU A 131 5.72 0.78 -14.04
N VAL A 132 4.50 0.43 -13.60
CA VAL A 132 3.21 0.97 -14.05
C VAL A 132 2.52 1.69 -12.87
N PRO A 133 2.31 2.98 -12.94
CA PRO A 133 1.24 3.65 -12.11
C PRO A 133 -0.21 3.10 -12.30
N VAL A 134 -0.85 2.70 -11.19
CA VAL A 134 -2.08 1.98 -11.25
C VAL A 134 -2.90 2.58 -10.09
N LYS A 135 -4.12 3.12 -10.34
CA LYS A 135 -4.87 3.76 -9.28
C LYS A 135 -5.86 2.77 -8.74
N VAL A 136 -6.16 2.83 -7.40
CA VAL A 136 -7.02 1.85 -6.75
C VAL A 136 -8.52 2.10 -6.91
N LEU A 137 -9.23 1.09 -7.37
CA LEU A 137 -10.69 1.24 -7.52
C LEU A 137 -11.48 0.81 -6.27
N GLU A 138 -10.97 -0.21 -5.58
CA GLU A 138 -11.70 -0.85 -4.41
C GLU A 138 -10.79 -1.93 -3.73
N VAL A 139 -10.82 -2.01 -2.38
CA VAL A 139 -9.88 -2.83 -1.59
C VAL A 139 -10.58 -4.04 -1.07
N ASP A 140 -9.85 -5.17 -1.05
CA ASP A 140 -10.42 -6.40 -0.68
C ASP A 140 -9.38 -7.21 0.14
N ARG A 141 -9.79 -7.90 1.25
CA ARG A 141 -8.92 -8.67 2.13
C ARG A 141 -9.08 -10.13 1.78
N GLN A 142 -9.84 -10.51 0.73
CA GLN A 142 -9.96 -11.93 0.41
C GLN A 142 -9.36 -12.06 -0.96
N GLY A 143 -9.92 -11.28 -1.89
CA GLY A 143 -9.43 -11.19 -3.26
C GLY A 143 -8.35 -10.18 -3.61
N ARG A 144 -7.66 -10.31 -4.82
CA ARG A 144 -6.70 -9.30 -5.31
C ARG A 144 -7.32 -7.89 -5.55
N ILE A 145 -6.72 -6.83 -4.97
CA ILE A 145 -7.05 -5.39 -5.27
C ILE A 145 -7.51 -5.12 -6.72
N ARG A 146 -8.55 -4.28 -6.83
CA ARG A 146 -9.02 -3.80 -8.15
C ARG A 146 -8.35 -2.44 -8.47
N LEU A 147 -7.84 -2.39 -9.72
CA LEU A 147 -6.95 -1.32 -10.24
C LEU A 147 -7.32 -0.87 -11.65
N SER A 148 -7.10 0.42 -11.90
CA SER A 148 -7.13 0.97 -13.27
C SER A 148 -5.88 1.80 -13.55
N ILE A 149 -5.26 1.40 -14.72
CA ILE A 149 -4.06 1.98 -15.34
C ILE A 149 -4.48 3.38 -15.94
N LYS A 150 -5.63 3.42 -16.62
CA LYS A 150 -6.00 4.59 -17.38
C LYS A 150 -6.40 5.76 -16.47
N GLU A 151 -6.96 5.45 -15.30
CA GLU A 151 -7.29 6.47 -14.29
C GLU A 151 -6.06 7.09 -13.62
N ALA A 152 -4.91 6.47 -13.79
CA ALA A 152 -3.74 6.82 -13.02
C ALA A 152 -2.75 7.55 -13.91
N THR A 153 -3.16 8.05 -15.11
CA THR A 153 -2.22 8.78 -15.97
C THR A 153 -2.09 10.22 -15.55
N GLU A 154 -0.89 10.83 -15.83
CA GLU A 154 -0.65 12.23 -15.67
C GLU A 154 -0.93 12.84 -14.33
N GLN A 155 -0.27 12.32 -13.28
CA GLN A 155 -0.32 12.92 -11.96
C GLN A 155 0.88 13.86 -11.95
N ARG A 14 13.42 4.05 27.31
CA ARG A 14 13.91 5.15 26.46
C ARG A 14 13.13 5.24 25.16
N ILE A 15 13.40 6.30 24.42
CA ILE A 15 12.64 6.53 23.21
C ILE A 15 13.34 5.94 21.98
N HIS A 16 12.59 5.01 21.30
CA HIS A 16 13.02 4.46 19.99
C HIS A 16 12.37 5.32 18.90
N THR A 17 13.12 6.00 18.02
CA THR A 17 12.54 7.07 17.22
C THR A 17 12.72 6.55 15.85
N ILE A 18 11.58 6.22 15.23
CA ILE A 18 11.60 5.61 13.92
C ILE A 18 10.91 6.53 12.88
N LYS A 19 11.51 6.72 11.64
CA LYS A 19 10.92 7.50 10.56
C LYS A 19 10.13 6.60 9.54
N ILE A 20 8.83 6.87 9.30
CA ILE A 20 7.98 6.00 8.49
C ILE A 20 7.31 6.92 7.54
N ASN A 21 6.77 6.36 6.45
CA ASN A 21 6.19 7.14 5.38
C ASN A 21 5.19 8.23 5.78
N PRO A 22 5.40 9.47 5.47
CA PRO A 22 4.31 10.50 5.70
C PRO A 22 2.90 10.19 5.19
N ASP A 23 2.66 9.34 4.18
CA ASP A 23 1.28 9.05 3.72
C ASP A 23 0.51 8.17 4.72
N LYS A 24 1.27 7.33 5.44
CA LYS A 24 0.70 6.25 6.24
C LYS A 24 0.40 6.61 7.72
N ILE A 25 0.69 7.87 8.12
CA ILE A 25 0.63 8.38 9.49
C ILE A 25 -0.80 8.31 10.00
N LYS A 26 -1.71 8.73 9.13
CA LYS A 26 -3.18 8.68 9.27
C LYS A 26 -3.69 7.24 9.41
N ASP A 27 -3.11 6.29 8.69
CA ASP A 27 -3.62 4.90 8.71
C ASP A 27 -3.27 4.17 10.01
N VAL A 28 -2.04 4.42 10.44
CA VAL A 28 -1.53 4.02 11.75
C VAL A 28 -2.26 4.70 12.91
N ILE A 29 -2.64 5.99 12.74
CA ILE A 29 -3.45 6.75 13.70
C ILE A 29 -4.86 6.15 13.79
N GLY A 30 -5.48 5.81 12.67
CA GLY A 30 -6.86 5.41 12.69
C GLY A 30 -7.94 6.59 12.73
N LYS A 31 -9.13 6.26 12.28
CA LYS A 31 -10.25 7.19 12.28
C LYS A 31 -10.72 7.38 13.74
N GLY A 32 -10.92 8.61 14.16
CA GLY A 32 -11.13 8.95 15.60
C GLY A 32 -10.05 8.52 16.65
N GLY A 33 -8.86 8.25 16.13
CA GLY A 33 -7.68 7.86 16.91
C GLY A 33 -7.71 6.36 17.26
N SER A 34 -8.55 5.60 16.56
CA SER A 34 -8.90 4.19 16.90
C SER A 34 -7.82 3.11 16.70
N VAL A 35 -7.04 3.13 15.60
CA VAL A 35 -5.93 2.14 15.34
C VAL A 35 -4.73 2.24 16.36
N ILE A 36 -4.28 3.45 16.65
CA ILE A 36 -3.12 3.65 17.57
C ILE A 36 -3.41 3.10 18.98
N ARG A 37 -4.63 3.27 19.54
CA ARG A 37 -5.03 2.68 20.86
C ARG A 37 -5.06 1.17 20.93
N ALA A 38 -5.63 0.52 19.91
CA ALA A 38 -5.56 -0.94 19.79
C ALA A 38 -4.17 -1.61 19.63
N LEU A 39 -3.31 -1.00 18.85
CA LEU A 39 -1.87 -1.35 18.76
C LEU A 39 -1.12 -1.06 20.07
N THR A 40 -1.44 0.09 20.72
CA THR A 40 -1.03 0.44 22.14
C THR A 40 -1.29 -0.71 23.13
N GLU A 41 -2.54 -1.18 23.18
CA GLU A 41 -2.97 -2.26 24.05
C GLU A 41 -2.44 -3.70 23.71
N GLU A 42 -2.25 -3.98 22.41
CA GLU A 42 -1.51 -5.11 21.87
C GLU A 42 -0.07 -5.15 22.36
N THR A 43 0.60 -4.04 22.32
CA THR A 43 2.07 -4.12 22.46
C THR A 43 2.51 -3.85 23.89
N GLY A 44 1.61 -3.20 24.67
CA GLY A 44 1.87 -2.82 26.05
C GLY A 44 2.88 -1.73 26.17
N THR A 45 2.85 -0.84 25.25
CA THR A 45 3.85 0.23 25.31
C THR A 45 3.23 1.46 24.65
N THR A 46 3.74 2.64 25.12
CA THR A 46 3.34 3.95 24.56
C THR A 46 3.82 4.15 23.12
N ILE A 47 2.86 4.58 22.29
CA ILE A 47 3.14 4.96 20.91
C ILE A 47 2.49 6.30 20.65
N GLU A 48 3.37 7.25 20.23
CA GLU A 48 3.06 8.60 19.95
C GLU A 48 3.69 8.85 18.61
N ILE A 49 3.00 9.62 17.75
CA ILE A 49 3.52 9.84 16.42
C ILE A 49 3.55 11.35 16.18
N GLU A 50 4.43 11.88 15.26
CA GLU A 50 4.59 13.29 14.96
C GLU A 50 4.16 13.38 13.47
N ASP A 51 3.51 14.46 13.14
CA ASP A 51 2.91 14.66 11.80
C ASP A 51 3.84 14.72 10.59
N ASP A 52 5.18 14.83 10.80
CA ASP A 52 6.16 14.78 9.73
C ASP A 52 6.62 13.35 9.40
N GLY A 53 6.06 12.39 10.13
CA GLY A 53 6.18 10.99 9.81
C GLY A 53 7.20 10.35 10.68
N THR A 54 7.39 10.91 11.89
CA THR A 54 8.28 10.31 12.81
C THR A 54 7.47 9.66 13.92
N VAL A 55 7.42 8.31 13.99
CA VAL A 55 6.76 7.63 15.08
C VAL A 55 7.73 7.34 16.17
N LYS A 56 7.29 7.45 17.38
CA LYS A 56 8.20 7.16 18.48
C LYS A 56 7.68 6.15 19.45
N ILE A 57 8.54 5.19 19.90
CA ILE A 57 8.08 4.18 20.88
C ILE A 57 8.87 4.17 22.19
N ALA A 58 8.23 4.41 23.37
CA ALA A 58 8.85 4.39 24.62
C ALA A 58 8.84 2.96 25.22
N ALA A 59 10.03 2.36 25.47
CA ALA A 59 10.10 1.06 26.02
C ALA A 59 11.49 0.90 26.58
N THR A 60 11.56 0.06 27.59
CA THR A 60 12.83 -0.44 28.17
C THR A 60 13.10 -1.79 27.62
N ASP A 61 12.02 -2.54 27.51
CA ASP A 61 12.03 -3.78 26.81
C ASP A 61 12.17 -3.51 25.28
N GLY A 62 13.18 -4.10 24.59
CA GLY A 62 13.29 -3.93 23.14
C GLY A 62 12.35 -4.75 22.29
N GLU A 63 11.89 -5.87 22.84
CA GLU A 63 10.88 -6.70 22.20
C GLU A 63 9.52 -6.03 22.09
N LYS A 64 9.12 -5.21 23.06
CA LYS A 64 7.96 -4.31 22.94
C LYS A 64 8.10 -3.21 21.85
N ALA A 65 9.28 -2.56 21.80
CA ALA A 65 9.58 -1.65 20.73
C ALA A 65 9.75 -2.26 19.33
N LYS A 66 10.31 -3.46 19.29
CA LYS A 66 10.28 -4.37 18.10
C LYS A 66 8.86 -4.87 17.67
N HIS A 67 8.11 -5.41 18.63
CA HIS A 67 6.68 -5.89 18.37
C HIS A 67 5.85 -4.69 17.83
N ALA A 68 6.04 -3.47 18.40
CA ALA A 68 5.50 -2.22 17.82
C ALA A 68 5.95 -1.90 16.39
N ILE A 69 7.24 -2.05 16.08
CA ILE A 69 7.69 -1.81 14.69
C ILE A 69 7.14 -2.84 13.68
N ARG A 70 7.04 -4.14 14.00
CA ARG A 70 6.40 -5.07 13.06
C ARG A 70 4.88 -4.72 12.89
N ARG A 71 4.10 -4.38 13.92
CA ARG A 71 2.73 -3.92 13.62
C ARG A 71 2.63 -2.61 12.73
N ILE A 72 3.53 -1.63 12.95
CA ILE A 72 3.65 -0.43 12.08
C ILE A 72 4.09 -0.83 10.66
N GLU A 73 5.08 -1.72 10.57
CA GLU A 73 5.38 -2.33 9.26
C GLU A 73 4.16 -3.02 8.57
N GLU A 74 3.25 -3.79 9.28
CA GLU A 74 2.05 -4.29 8.64
C GLU A 74 1.06 -3.21 8.15
N ILE A 75 0.77 -2.11 8.88
CA ILE A 75 -0.02 -0.96 8.33
C ILE A 75 0.72 -0.11 7.24
N THR A 76 2.01 0.11 7.41
CA THR A 76 2.80 0.89 6.40
C THR A 76 3.20 0.15 5.14
N ALA A 77 3.08 -1.15 5.04
CA ALA A 77 3.06 -1.79 3.74
C ALA A 77 1.84 -1.42 2.89
N GLU A 78 0.67 -1.14 3.49
CA GLU A 78 -0.65 -1.10 2.84
C GLU A 78 -0.88 0.06 1.87
N ILE A 79 -1.88 -0.14 1.00
CA ILE A 79 -1.86 0.56 -0.26
C ILE A 79 -2.82 1.75 -0.32
N GLU A 80 -2.20 2.86 -0.77
CA GLU A 80 -2.82 4.18 -1.00
C GLU A 80 -3.54 4.41 -2.36
N VAL A 81 -4.86 4.82 -2.33
CA VAL A 81 -5.70 5.22 -3.52
C VAL A 81 -5.11 6.52 -4.06
N GLY A 82 -4.74 6.43 -5.32
CA GLY A 82 -4.33 7.62 -6.07
C GLY A 82 -2.82 7.80 -6.09
N ARG A 83 -2.06 6.81 -5.59
CA ARG A 83 -0.62 6.83 -5.79
C ARG A 83 -0.34 5.93 -7.00
N VAL A 84 0.87 6.04 -7.59
CA VAL A 84 1.34 5.07 -8.60
C VAL A 84 2.34 4.15 -7.91
N TYR A 85 2.27 2.83 -8.16
CA TYR A 85 3.18 1.86 -7.63
C TYR A 85 3.92 1.29 -8.82
N THR A 86 5.09 0.71 -8.58
CA THR A 86 5.76 -0.10 -9.59
C THR A 86 5.46 -1.57 -9.30
N GLY A 87 4.91 -2.28 -10.30
CA GLY A 87 4.65 -3.71 -10.15
C GLY A 87 5.14 -4.52 -11.37
N LYS A 88 4.81 -5.79 -11.31
CA LYS A 88 5.21 -6.77 -12.34
C LYS A 88 3.91 -7.51 -12.68
N VAL A 89 3.63 -7.73 -14.01
CA VAL A 89 2.36 -8.35 -14.50
C VAL A 89 2.36 -9.85 -14.12
N THR A 90 1.37 -10.36 -13.31
CA THR A 90 1.37 -11.80 -12.85
C THR A 90 0.74 -12.80 -13.85
N ARG A 91 -0.09 -12.24 -14.70
CA ARG A 91 -0.96 -13.04 -15.56
C ARG A 91 -1.89 -12.11 -16.33
N ILE A 92 -2.02 -12.30 -17.64
CA ILE A 92 -2.87 -11.43 -18.52
C ILE A 92 -4.07 -12.29 -18.90
N VAL A 93 -5.28 -11.77 -18.70
CA VAL A 93 -6.49 -12.51 -19.06
C VAL A 93 -7.17 -11.74 -20.18
N ASP A 94 -8.25 -12.28 -20.79
CA ASP A 94 -8.96 -11.61 -21.88
C ASP A 94 -9.39 -10.17 -21.54
N PHE A 95 -10.01 -9.94 -20.37
CA PHE A 95 -10.56 -8.63 -20.04
C PHE A 95 -9.69 -7.81 -19.03
N GLY A 96 -8.44 -8.20 -18.88
CA GLY A 96 -7.56 -7.40 -17.96
C GLY A 96 -6.15 -7.89 -17.83
N ALA A 97 -5.31 -7.23 -16.95
CA ALA A 97 -3.99 -7.75 -16.62
C ALA A 97 -3.76 -7.45 -15.17
N PHE A 98 -3.59 -8.57 -14.38
CA PHE A 98 -3.28 -8.52 -12.97
C PHE A 98 -1.82 -8.15 -12.74
N VAL A 99 -1.56 -7.26 -11.76
CA VAL A 99 -0.22 -6.73 -11.57
C VAL A 99 0.08 -6.80 -10.08
N ALA A 100 1.29 -7.31 -9.70
CA ALA A 100 1.62 -7.51 -8.30
C ALA A 100 2.45 -6.31 -7.81
N ILE A 101 2.10 -5.84 -6.62
CA ILE A 101 2.59 -4.54 -6.04
C ILE A 101 2.90 -4.68 -4.59
N GLY A 102 3.72 -3.77 -4.01
CA GLY A 102 4.32 -3.90 -2.72
C GLY A 102 3.57 -4.54 -1.51
N GLY A 103 4.32 -5.37 -0.73
CA GLY A 103 3.81 -5.99 0.47
C GLY A 103 3.05 -7.25 0.31
N GLY A 104 3.13 -7.95 -0.82
CA GLY A 104 2.31 -9.10 -1.06
C GLY A 104 0.85 -8.85 -1.48
N LYS A 105 0.65 -7.76 -2.24
CA LYS A 105 -0.68 -7.38 -2.88
C LYS A 105 -0.63 -7.44 -4.39
N GLU A 106 -1.83 -7.71 -4.94
CA GLU A 106 -1.99 -7.95 -6.37
C GLU A 106 -3.36 -7.32 -6.75
N GLY A 107 -3.30 -6.38 -7.73
CA GLY A 107 -4.45 -5.66 -8.35
C GLY A 107 -4.54 -5.88 -9.83
N LEU A 108 -5.66 -5.31 -10.36
CA LEU A 108 -6.07 -5.65 -11.71
C LEU A 108 -6.32 -4.42 -12.54
N VAL A 109 -5.67 -4.39 -13.68
CA VAL A 109 -5.96 -3.31 -14.62
C VAL A 109 -7.02 -3.96 -15.56
N HIS A 110 -8.24 -3.46 -15.60
CA HIS A 110 -9.25 -3.86 -16.57
C HIS A 110 -8.87 -3.44 -17.99
N ILE A 111 -9.31 -4.16 -19.08
CA ILE A 111 -9.12 -3.75 -20.44
C ILE A 111 -9.26 -2.27 -20.84
N SER A 112 -10.14 -1.53 -20.21
CA SER A 112 -10.35 -0.04 -20.50
C SER A 112 -9.19 0.83 -20.06
N GLN A 113 -8.37 0.31 -19.16
CA GLN A 113 -7.45 1.10 -18.31
C GLN A 113 -5.99 0.68 -18.55
N ILE A 114 -5.75 -0.20 -19.56
CA ILE A 114 -4.38 -0.53 -20.04
C ILE A 114 -3.66 0.57 -20.90
N ALA A 115 -4.35 1.24 -21.84
CA ALA A 115 -3.68 2.24 -22.66
C ALA A 115 -4.58 3.47 -22.97
N ASP A 116 -3.88 4.51 -23.50
CA ASP A 116 -4.36 5.78 -24.06
C ASP A 116 -5.62 5.77 -24.94
N LYS A 117 -5.47 5.15 -26.10
CA LYS A 117 -6.49 4.88 -27.14
C LYS A 117 -6.94 3.37 -26.93
N ARG A 118 -8.05 2.92 -27.52
CA ARG A 118 -8.59 1.55 -27.27
C ARG A 118 -7.68 0.37 -27.61
N VAL A 119 -7.73 -0.64 -26.73
CA VAL A 119 -6.97 -1.92 -26.84
C VAL A 119 -7.87 -3.04 -27.32
N GLU A 120 -7.32 -3.82 -28.25
CA GLU A 120 -8.04 -4.95 -28.83
C GLU A 120 -7.75 -6.21 -28.04
N LYS A 121 -6.47 -6.43 -27.82
CA LYS A 121 -5.96 -7.60 -27.09
C LYS A 121 -4.78 -7.14 -26.29
N VAL A 122 -4.83 -7.44 -25.00
CA VAL A 122 -3.95 -6.81 -24.01
C VAL A 122 -2.51 -7.27 -24.11
N THR A 123 -2.38 -8.46 -24.66
CA THR A 123 -1.14 -9.12 -25.02
C THR A 123 -0.34 -8.35 -26.10
N ASP A 124 -0.95 -7.56 -26.99
CA ASP A 124 -0.11 -6.68 -27.81
C ASP A 124 0.68 -5.60 -27.04
N TYR A 125 0.15 -5.21 -25.84
CA TYR A 125 0.72 -4.17 -24.97
C TYR A 125 1.62 -4.70 -23.86
N LEU A 126 1.12 -5.76 -23.16
CA LEU A 126 1.71 -6.18 -21.93
C LEU A 126 2.31 -7.57 -22.13
N GLN A 127 3.54 -7.72 -21.60
CA GLN A 127 4.26 -9.00 -21.60
C GLN A 127 4.18 -9.48 -20.14
N MET A 128 4.00 -10.80 -19.95
CA MET A 128 3.96 -11.40 -18.62
C MET A 128 5.27 -11.28 -17.83
N GLY A 129 5.13 -10.96 -16.54
CA GLY A 129 6.28 -10.78 -15.72
C GLY A 129 6.89 -9.42 -15.75
N GLN A 130 6.70 -8.65 -16.83
CA GLN A 130 7.36 -7.37 -16.98
C GLN A 130 6.84 -6.29 -16.08
N GLU A 131 7.66 -5.27 -15.99
CA GLU A 131 7.45 -4.14 -15.05
C GLU A 131 6.35 -3.14 -15.58
N VAL A 132 5.38 -2.67 -14.74
CA VAL A 132 4.42 -1.63 -15.18
C VAL A 132 4.15 -0.61 -14.08
N PRO A 133 4.02 0.62 -14.42
CA PRO A 133 3.44 1.60 -13.48
C PRO A 133 1.94 1.45 -13.37
N VAL A 134 1.43 1.35 -12.13
CA VAL A 134 -0.01 1.20 -11.90
C VAL A 134 -0.40 2.27 -10.86
N LYS A 135 -1.46 3.06 -11.21
CA LYS A 135 -2.16 3.91 -10.25
C LYS A 135 -3.33 3.20 -9.64
N VAL A 136 -3.44 3.27 -8.31
CA VAL A 136 -4.56 2.65 -7.63
C VAL A 136 -5.87 3.47 -7.80
N LEU A 137 -6.82 2.99 -8.69
CA LEU A 137 -8.23 3.46 -8.84
C LEU A 137 -9.05 3.29 -7.59
N GLU A 138 -8.92 2.17 -6.90
CA GLU A 138 -9.76 1.85 -5.69
C GLU A 138 -9.20 0.71 -4.91
N VAL A 139 -9.30 0.88 -3.56
CA VAL A 139 -9.29 -0.29 -2.71
C VAL A 139 -10.74 -0.42 -2.23
N ASP A 140 -11.41 -1.51 -2.60
CA ASP A 140 -12.80 -1.72 -2.17
C ASP A 140 -12.94 -2.27 -0.72
N ARG A 141 -14.21 -2.33 -0.20
CA ARG A 141 -14.44 -2.73 1.18
C ARG A 141 -14.03 -4.19 1.45
N GLN A 142 -14.20 -5.08 0.45
CA GLN A 142 -13.74 -6.43 0.58
C GLN A 142 -12.20 -6.49 0.55
N GLY A 143 -11.47 -5.67 -0.27
CA GLY A 143 -10.01 -5.65 -0.29
C GLY A 143 -9.40 -5.66 -1.67
N ARG A 144 -10.19 -5.49 -2.68
CA ARG A 144 -9.75 -5.83 -4.05
C ARG A 144 -9.25 -4.53 -4.67
N ILE A 145 -8.07 -4.60 -5.32
CA ILE A 145 -7.36 -3.38 -5.73
C ILE A 145 -7.49 -3.17 -7.22
N ARG A 146 -8.28 -2.15 -7.59
CA ARG A 146 -8.50 -1.83 -9.00
C ARG A 146 -7.36 -0.92 -9.46
N LEU A 147 -6.81 -1.20 -10.66
CA LEU A 147 -5.56 -0.52 -11.13
C LEU A 147 -5.73 0.09 -12.51
N SER A 148 -4.83 1.01 -12.90
CA SER A 148 -4.90 1.79 -14.17
C SER A 148 -3.46 2.05 -14.58
N ILE A 149 -3.18 1.84 -15.87
CA ILE A 149 -1.91 2.29 -16.44
C ILE A 149 -2.18 3.55 -17.31
N LYS A 150 -3.36 3.69 -17.93
CA LYS A 150 -3.66 4.94 -18.69
C LYS A 150 -3.62 6.17 -17.73
N GLU A 151 -4.16 6.03 -16.52
CA GLU A 151 -4.19 7.21 -15.64
C GLU A 151 -2.76 7.49 -15.07
N ALA A 152 -1.82 6.51 -15.20
CA ALA A 152 -0.46 6.62 -14.66
C ALA A 152 0.60 7.06 -15.63
N THR A 153 0.23 7.01 -16.89
CA THR A 153 0.85 7.71 -18.02
C THR A 153 0.04 8.89 -18.44
N GLU A 154 -1.08 9.11 -17.72
CA GLU A 154 -1.85 10.37 -17.69
C GLU A 154 -2.55 10.72 -19.05
N GLN A 155 -3.06 9.67 -19.74
CA GLN A 155 -3.79 9.91 -20.95
C GLN A 155 -5.28 9.92 -20.74
N ARG A 14 14.38 6.44 28.43
CA ARG A 14 13.54 5.31 28.83
C ARG A 14 12.26 5.15 27.95
N ILE A 15 11.40 6.17 27.83
CA ILE A 15 10.14 6.00 27.03
C ILE A 15 10.45 5.75 25.53
N HIS A 16 9.96 4.62 24.97
CA HIS A 16 10.17 4.32 23.53
C HIS A 16 9.26 5.13 22.59
N THR A 17 9.94 5.61 21.52
CA THR A 17 9.30 6.46 20.51
C THR A 17 9.80 6.15 19.11
N ILE A 18 8.95 6.47 18.09
CA ILE A 18 9.30 6.38 16.67
C ILE A 18 8.91 7.73 16.00
N LYS A 19 9.82 8.40 15.26
CA LYS A 19 9.48 9.52 14.36
C LYS A 19 8.87 9.09 13.01
N ILE A 20 7.68 9.68 12.71
CA ILE A 20 6.91 9.37 11.54
C ILE A 20 7.06 10.52 10.56
N ASN A 21 7.31 10.22 9.27
CA ASN A 21 7.49 11.28 8.24
C ASN A 21 6.18 12.08 8.06
N PRO A 22 6.22 13.39 7.89
CA PRO A 22 5.00 14.25 7.71
C PRO A 22 3.96 13.72 6.75
N ASP A 23 4.38 13.24 5.56
CA ASP A 23 3.50 12.77 4.46
C ASP A 23 2.93 11.40 4.90
N LYS A 24 3.62 10.68 5.87
CA LYS A 24 3.33 9.29 6.25
C LYS A 24 2.53 9.15 7.56
N ILE A 25 2.26 10.26 8.25
CA ILE A 25 1.33 10.33 9.34
C ILE A 25 -0.10 9.93 9.00
N LYS A 26 -0.63 10.33 7.87
CA LYS A 26 -1.94 9.74 7.45
C LYS A 26 -1.98 8.18 7.30
N ASP A 27 -0.90 7.61 6.71
CA ASP A 27 -0.73 6.12 6.60
C ASP A 27 -0.57 5.45 7.97
N VAL A 28 0.10 6.09 8.93
CA VAL A 28 0.19 5.56 10.33
C VAL A 28 -1.19 5.64 11.07
N ILE A 29 -1.95 6.72 11.02
CA ILE A 29 -3.16 6.85 11.83
C ILE A 29 -4.39 6.25 11.16
N GLY A 30 -4.57 6.35 9.84
CA GLY A 30 -5.80 5.78 9.24
C GLY A 30 -6.99 6.64 9.29
N LYS A 31 -7.97 6.49 8.36
CA LYS A 31 -9.15 7.29 8.39
C LYS A 31 -10.05 6.89 9.59
N GLY A 32 -10.47 7.87 10.36
CA GLY A 32 -11.21 7.60 11.61
C GLY A 32 -10.35 6.97 12.69
N GLY A 33 -9.02 6.92 12.49
CA GLY A 33 -8.12 6.31 13.44
C GLY A 33 -8.12 4.74 13.33
N SER A 34 -8.54 4.24 12.14
CA SER A 34 -8.62 2.78 11.84
C SER A 34 -7.32 2.01 12.05
N VAL A 35 -6.23 2.54 11.49
CA VAL A 35 -4.89 1.91 11.59
C VAL A 35 -4.29 2.01 12.99
N ILE A 36 -4.38 3.15 13.65
CA ILE A 36 -3.80 3.22 15.01
C ILE A 36 -4.56 2.37 16.05
N ARG A 37 -5.88 2.19 15.90
CA ARG A 37 -6.61 1.21 16.69
C ARG A 37 -6.12 -0.19 16.41
N ALA A 38 -5.80 -0.50 15.13
CA ALA A 38 -5.06 -1.72 14.80
C ALA A 38 -3.62 -1.76 15.36
N LEU A 39 -2.79 -0.68 15.40
CA LEU A 39 -1.41 -0.75 15.87
C LEU A 39 -1.40 -1.03 17.38
N THR A 40 -2.28 -0.47 18.21
CA THR A 40 -2.37 -1.05 19.56
C THR A 40 -2.76 -2.57 19.59
N GLU A 41 -3.68 -3.11 18.75
CA GLU A 41 -4.00 -4.56 18.75
C GLU A 41 -2.88 -5.50 18.19
N GLU A 42 -2.28 -5.00 17.17
CA GLU A 42 -1.14 -5.65 16.46
C GLU A 42 0.10 -5.66 17.34
N THR A 43 0.40 -4.52 18.01
CA THR A 43 1.62 -4.45 18.83
C THR A 43 1.47 -5.04 20.22
N GLY A 44 0.25 -5.07 20.73
CA GLY A 44 -0.06 -5.74 21.99
C GLY A 44 0.41 -4.89 23.16
N THR A 45 0.40 -3.50 23.04
CA THR A 45 0.71 -2.50 24.02
C THR A 45 -0.08 -1.25 23.63
N THR A 46 -0.26 -0.28 24.58
CA THR A 46 -0.85 1.06 24.36
C THR A 46 0.08 2.04 23.62
N ILE A 47 -0.47 2.55 22.49
CA ILE A 47 0.20 3.47 21.60
C ILE A 47 -0.50 4.84 21.69
N GLU A 48 0.29 5.88 21.78
CA GLU A 48 -0.22 7.32 21.73
C GLU A 48 0.54 8.26 20.82
N ILE A 49 -0.10 9.39 20.39
CA ILE A 49 0.53 10.37 19.53
C ILE A 49 0.79 11.64 20.36
N GLU A 50 2.02 12.13 20.22
CA GLU A 50 2.48 13.35 20.82
C GLU A 50 2.80 14.30 19.60
N ASP A 51 3.04 15.55 19.96
CA ASP A 51 3.36 16.66 19.04
C ASP A 51 4.31 16.25 17.89
N ASP A 52 3.97 16.79 16.72
CA ASP A 52 4.82 16.66 15.54
C ASP A 52 4.90 15.22 15.01
N GLY A 53 3.76 14.47 15.05
CA GLY A 53 3.67 13.13 14.57
C GLY A 53 4.40 12.06 15.35
N THR A 54 4.39 12.07 16.68
CA THR A 54 5.29 11.19 17.47
C THR A 54 4.52 10.00 18.07
N VAL A 55 4.75 8.75 17.54
CA VAL A 55 4.25 7.54 18.13
C VAL A 55 5.00 7.18 19.40
N LYS A 56 4.24 6.96 20.51
CA LYS A 56 4.95 6.45 21.72
C LYS A 56 4.39 5.07 22.16
N ILE A 57 5.35 4.21 22.52
CA ILE A 57 5.13 2.77 22.82
C ILE A 57 5.19 2.55 24.37
N ALA A 58 4.06 2.21 24.98
CA ALA A 58 4.01 2.12 26.48
C ALA A 58 4.90 1.03 27.05
N ALA A 59 4.87 -0.23 26.48
CA ALA A 59 5.69 -1.32 27.02
C ALA A 59 7.18 -1.08 27.08
N THR A 60 7.81 -1.51 28.21
CA THR A 60 9.27 -1.48 28.34
C THR A 60 9.95 -2.82 27.99
N ASP A 61 9.08 -3.78 27.64
CA ASP A 61 9.44 -5.07 27.03
C ASP A 61 10.28 -4.95 25.73
N GLY A 62 11.09 -5.97 25.48
CA GLY A 62 12.06 -5.93 24.35
C GLY A 62 11.43 -6.28 23.05
N GLU A 63 10.70 -7.36 23.06
CA GLU A 63 10.03 -7.82 21.81
C GLU A 63 8.87 -6.87 21.41
N LYS A 64 8.26 -6.15 22.41
CA LYS A 64 7.24 -5.15 22.17
C LYS A 64 7.80 -3.95 21.40
N ALA A 65 9.05 -3.52 21.79
CA ALA A 65 9.72 -2.36 21.18
C ALA A 65 10.12 -2.68 19.75
N LYS A 66 10.72 -3.84 19.57
CA LYS A 66 11.01 -4.35 18.21
C LYS A 66 9.70 -4.59 17.40
N HIS A 67 8.63 -5.14 17.98
CA HIS A 67 7.44 -5.40 17.14
C HIS A 67 6.79 -4.09 16.70
N ALA A 68 6.65 -3.16 17.66
CA ALA A 68 5.98 -1.89 17.42
C ALA A 68 6.68 -1.06 16.32
N ILE A 69 8.02 -0.93 16.35
CA ILE A 69 8.76 -0.26 15.25
C ILE A 69 8.77 -1.11 13.97
N ARG A 70 8.75 -2.46 14.05
CA ARG A 70 8.55 -3.22 12.77
C ARG A 70 7.18 -2.93 12.04
N ARG A 71 6.07 -2.87 12.78
CA ARG A 71 4.79 -2.53 12.18
C ARG A 71 4.73 -1.11 11.51
N ILE A 72 5.22 -0.05 12.17
CA ILE A 72 5.36 1.23 11.49
C ILE A 72 6.24 1.15 10.24
N GLU A 73 7.31 0.33 10.32
CA GLU A 73 8.22 0.08 9.17
C GLU A 73 7.49 -0.56 7.96
N GLU A 74 6.80 -1.67 8.20
CA GLU A 74 5.94 -2.37 7.23
C GLU A 74 4.80 -1.52 6.67
N ILE A 75 4.16 -0.66 7.48
CA ILE A 75 3.11 0.28 7.00
C ILE A 75 3.80 1.32 6.11
N THR A 76 5.02 1.72 6.49
CA THR A 76 5.77 2.70 5.70
C THR A 76 6.08 2.12 4.33
N ALA A 77 6.44 0.83 4.29
CA ALA A 77 6.73 0.15 2.98
C ALA A 77 5.41 -0.35 2.24
N GLU A 78 4.21 -0.09 2.80
CA GLU A 78 2.93 -0.45 2.07
C GLU A 78 2.76 0.43 0.77
N ILE A 79 2.12 -0.11 -0.23
CA ILE A 79 2.09 0.53 -1.58
C ILE A 79 1.42 1.93 -1.55
N GLU A 80 2.06 2.98 -2.16
CA GLU A 80 1.48 4.33 -2.11
C GLU A 80 0.56 4.63 -3.31
N VAL A 81 -0.56 5.20 -2.96
CA VAL A 81 -1.53 5.77 -3.94
C VAL A 81 -1.04 7.10 -4.61
N GLY A 82 -1.33 7.21 -5.96
CA GLY A 82 -0.84 8.28 -6.89
C GLY A 82 0.57 8.07 -7.42
N ARG A 83 1.30 7.06 -6.87
CA ARG A 83 2.64 6.76 -7.31
C ARG A 83 2.59 5.75 -8.46
N VAL A 84 3.60 5.87 -9.36
CA VAL A 84 3.77 4.97 -10.50
C VAL A 84 4.95 3.99 -10.27
N TYR A 85 4.60 2.71 -10.33
CA TYR A 85 5.48 1.54 -10.18
C TYR A 85 5.50 0.93 -11.55
N THR A 86 6.42 0.00 -11.83
CA THR A 86 6.35 -0.82 -13.08
C THR A 86 6.06 -2.18 -12.59
N GLY A 87 5.13 -2.85 -13.21
CA GLY A 87 4.82 -4.17 -12.69
C GLY A 87 4.71 -5.11 -13.83
N LYS A 88 4.68 -6.39 -13.46
CA LYS A 88 4.65 -7.48 -14.41
C LYS A 88 3.39 -8.34 -14.34
N VAL A 89 2.80 -8.69 -15.49
CA VAL A 89 1.52 -9.50 -15.49
C VAL A 89 1.74 -10.93 -15.01
N THR A 90 0.87 -11.48 -14.13
CA THR A 90 1.05 -12.82 -13.60
C THR A 90 -0.26 -13.61 -13.80
N ARG A 91 -1.37 -12.91 -14.04
CA ARG A 91 -2.66 -13.59 -14.36
C ARG A 91 -3.52 -12.62 -15.19
N ILE A 92 -4.46 -13.22 -15.93
CA ILE A 92 -5.52 -12.52 -16.74
C ILE A 92 -6.96 -13.00 -16.33
N VAL A 93 -7.84 -12.03 -16.18
CA VAL A 93 -9.26 -12.28 -15.79
C VAL A 93 -10.23 -11.62 -16.79
N ASP A 94 -11.52 -11.98 -16.70
CA ASP A 94 -12.60 -11.37 -17.49
C ASP A 94 -12.55 -9.84 -17.45
N PHE A 95 -12.39 -9.26 -16.29
CA PHE A 95 -12.56 -7.78 -16.00
C PHE A 95 -11.22 -7.02 -15.75
N GLY A 96 -10.03 -7.56 -16.14
CA GLY A 96 -8.76 -6.90 -15.80
C GLY A 96 -7.61 -7.93 -15.89
N ALA A 97 -6.52 -7.63 -15.32
CA ALA A 97 -5.42 -8.66 -15.17
C ALA A 97 -4.72 -8.33 -13.90
N PHE A 98 -3.92 -9.28 -13.44
CA PHE A 98 -3.16 -9.08 -12.16
C PHE A 98 -1.71 -8.89 -12.41
N VAL A 99 -1.21 -7.74 -11.81
CA VAL A 99 0.05 -7.18 -12.11
C VAL A 99 0.88 -7.09 -10.80
N ALA A 100 2.10 -7.68 -10.89
CA ALA A 100 3.01 -7.91 -9.77
C ALA A 100 4.12 -6.86 -9.77
N ILE A 101 4.08 -5.94 -8.77
CA ILE A 101 5.07 -4.87 -8.53
C ILE A 101 5.97 -5.17 -7.34
N GLY A 102 7.13 -4.48 -7.27
CA GLY A 102 8.09 -4.62 -6.20
C GLY A 102 7.72 -4.67 -4.71
N GLY A 103 8.32 -5.57 -3.97
CA GLY A 103 7.97 -5.75 -2.56
C GLY A 103 7.17 -7.01 -2.43
N GLY A 104 7.00 -7.72 -3.52
CA GLY A 104 6.27 -8.94 -3.51
C GLY A 104 4.78 -8.64 -3.60
N LYS A 105 4.37 -7.48 -4.14
CA LYS A 105 2.93 -7.10 -4.09
C LYS A 105 2.25 -7.22 -5.47
N GLU A 106 0.93 -7.56 -5.45
CA GLU A 106 0.15 -7.82 -6.66
C GLU A 106 -1.11 -6.98 -6.68
N GLY A 107 -1.33 -6.25 -7.77
CA GLY A 107 -2.50 -5.37 -7.90
C GLY A 107 -3.50 -5.67 -9.06
N LEU A 108 -4.75 -5.22 -8.87
CA LEU A 108 -5.74 -5.35 -10.02
C LEU A 108 -5.79 -4.13 -10.96
N VAL A 109 -5.45 -4.32 -12.31
CA VAL A 109 -5.56 -3.26 -13.29
C VAL A 109 -6.92 -3.53 -13.96
N HIS A 110 -8.01 -2.73 -13.72
CA HIS A 110 -9.25 -2.93 -14.52
C HIS A 110 -9.19 -2.54 -16.00
N ILE A 111 -10.18 -3.07 -16.75
CA ILE A 111 -10.24 -2.85 -18.20
C ILE A 111 -10.38 -1.42 -18.74
N SER A 112 -11.18 -0.63 -17.99
CA SER A 112 -11.29 0.86 -18.13
C SER A 112 -10.00 1.66 -17.91
N GLN A 113 -9.08 1.02 -17.25
CA GLN A 113 -7.76 1.59 -16.87
C GLN A 113 -6.59 1.04 -17.73
N ILE A 114 -6.88 0.29 -18.82
CA ILE A 114 -5.84 -0.24 -19.75
C ILE A 114 -5.55 0.79 -20.83
N ALA A 115 -6.56 1.38 -21.53
CA ALA A 115 -6.23 2.20 -22.64
C ALA A 115 -7.27 3.30 -22.70
N ASP A 116 -6.99 4.47 -23.32
CA ASP A 116 -8.02 5.46 -23.53
C ASP A 116 -9.09 5.09 -24.58
N LYS A 117 -8.76 4.13 -25.45
CA LYS A 117 -9.62 3.55 -26.50
C LYS A 117 -10.24 2.30 -25.89
N ARG A 118 -11.55 2.05 -26.04
CA ARG A 118 -12.20 0.82 -25.51
C ARG A 118 -11.53 -0.52 -25.86
N VAL A 119 -11.04 -1.24 -24.80
CA VAL A 119 -10.40 -2.56 -24.98
C VAL A 119 -11.50 -3.64 -24.98
N GLU A 120 -11.57 -4.35 -26.11
CA GLU A 120 -12.56 -5.45 -26.21
C GLU A 120 -12.25 -6.58 -25.26
N LYS A 121 -10.96 -6.93 -25.13
CA LYS A 121 -10.58 -7.96 -24.19
C LYS A 121 -9.15 -7.77 -23.84
N VAL A 122 -8.78 -8.20 -22.65
CA VAL A 122 -7.45 -7.88 -22.10
C VAL A 122 -6.30 -8.49 -22.93
N THR A 123 -6.47 -9.71 -23.48
CA THR A 123 -5.46 -10.48 -24.30
C THR A 123 -4.86 -9.75 -25.48
N ASP A 124 -5.53 -8.77 -26.05
CA ASP A 124 -5.03 -7.90 -27.13
C ASP A 124 -3.90 -6.91 -26.65
N TYR A 125 -3.78 -6.64 -25.33
CA TYR A 125 -2.82 -5.65 -24.76
C TYR A 125 -1.88 -6.27 -23.71
N LEU A 126 -2.39 -7.21 -22.91
CA LEU A 126 -1.61 -7.78 -21.81
C LEU A 126 -1.60 -9.36 -21.75
N GLN A 127 -0.50 -9.94 -21.21
CA GLN A 127 -0.26 -11.35 -21.24
C GLN A 127 0.77 -11.59 -20.09
N MET A 128 0.85 -12.81 -19.52
CA MET A 128 1.97 -13.24 -18.66
C MET A 128 3.36 -12.87 -19.23
N GLY A 129 4.12 -12.18 -18.38
CA GLY A 129 5.46 -11.64 -18.76
C GLY A 129 5.48 -10.21 -19.33
N GLN A 130 4.32 -9.59 -19.50
CA GLN A 130 4.32 -8.15 -19.87
C GLN A 130 4.70 -7.27 -18.66
N GLU A 131 5.68 -6.38 -18.86
CA GLU A 131 6.01 -5.30 -17.90
C GLU A 131 5.52 -3.94 -18.45
N VAL A 132 4.67 -3.24 -17.63
CA VAL A 132 3.92 -2.01 -17.92
C VAL A 132 3.92 -1.06 -16.72
N PRO A 133 3.82 0.23 -16.97
CA PRO A 133 3.91 1.15 -15.85
C PRO A 133 2.51 1.33 -15.39
N VAL A 134 2.43 1.33 -14.07
CA VAL A 134 1.12 1.25 -13.44
C VAL A 134 1.06 2.25 -12.29
N LYS A 135 0.02 3.13 -12.28
CA LYS A 135 -0.24 4.12 -11.26
C LYS A 135 -1.32 3.66 -10.30
N VAL A 136 -0.92 3.62 -9.02
CA VAL A 136 -1.77 3.19 -7.95
C VAL A 136 -2.96 4.12 -7.81
N LEU A 137 -4.12 3.50 -8.00
CA LEU A 137 -5.36 4.22 -7.86
C LEU A 137 -5.95 4.18 -6.43
N GLU A 138 -6.07 2.98 -5.81
CA GLU A 138 -6.70 2.84 -4.49
C GLU A 138 -6.21 1.53 -3.89
N VAL A 139 -6.09 1.45 -2.51
CA VAL A 139 -5.66 0.27 -1.77
C VAL A 139 -6.64 0.16 -0.63
N ASP A 140 -7.33 -0.97 -0.59
CA ASP A 140 -8.27 -1.30 0.47
C ASP A 140 -7.54 -1.53 1.82
N ARG A 141 -8.18 -1.17 2.98
CA ARG A 141 -7.66 -1.62 4.30
C ARG A 141 -7.25 -3.13 4.49
N GLN A 142 -7.94 -4.09 3.83
CA GLN A 142 -7.58 -5.53 3.81
C GLN A 142 -6.69 -5.82 2.60
N GLY A 143 -5.90 -4.84 2.13
CA GLY A 143 -4.84 -5.08 1.18
C GLY A 143 -5.16 -5.55 -0.23
N ARG A 144 -5.94 -4.78 -0.99
CA ARG A 144 -6.16 -5.07 -2.41
C ARG A 144 -6.07 -3.69 -3.11
N ILE A 145 -5.35 -3.73 -4.24
CA ILE A 145 -4.73 -2.55 -4.85
C ILE A 145 -5.27 -2.39 -6.27
N ARG A 146 -5.89 -1.22 -6.62
CA ARG A 146 -6.26 -0.94 -8.00
C ARG A 146 -5.12 -0.12 -8.69
N LEU A 147 -4.85 -0.59 -9.95
CA LEU A 147 -3.77 -0.15 -10.81
C LEU A 147 -4.28 0.31 -12.16
N SER A 148 -3.54 1.25 -12.81
CA SER A 148 -3.91 1.74 -14.14
C SER A 148 -2.71 1.90 -14.98
N ILE A 149 -2.88 1.51 -16.20
CA ILE A 149 -1.78 1.67 -17.18
C ILE A 149 -1.85 3.05 -17.84
N LYS A 150 -3.09 3.55 -18.05
CA LYS A 150 -3.32 4.70 -18.87
C LYS A 150 -2.95 5.94 -18.07
N GLU A 151 -3.16 5.89 -16.75
CA GLU A 151 -2.77 7.02 -15.91
C GLU A 151 -1.24 7.07 -15.83
N ALA A 152 -0.54 5.93 -15.89
CA ALA A 152 0.98 5.95 -15.83
C ALA A 152 1.53 6.26 -17.21
N THR A 153 0.79 6.04 -18.32
CA THR A 153 1.29 6.53 -19.66
C THR A 153 0.77 7.93 -20.03
N GLU A 154 0.07 8.66 -19.14
CA GLU A 154 -0.25 10.07 -19.35
C GLU A 154 -1.37 10.29 -20.37
N GLN A 155 -2.53 9.57 -20.18
CA GLN A 155 -3.76 9.90 -20.82
C GLN A 155 -4.72 10.64 -19.88
N ARG A 14 14.27 2.77 26.36
CA ARG A 14 14.75 2.83 25.00
C ARG A 14 13.70 3.50 24.09
N ILE A 15 14.17 4.38 23.26
CA ILE A 15 13.33 5.03 22.20
C ILE A 15 13.82 4.48 20.80
N HIS A 16 12.88 4.12 19.87
CA HIS A 16 13.11 3.94 18.41
C HIS A 16 12.23 5.02 17.74
N THR A 17 12.91 5.98 17.10
CA THR A 17 12.30 7.09 16.42
C THR A 17 12.31 6.76 14.94
N ILE A 18 11.13 6.42 14.37
CA ILE A 18 11.09 5.94 13.01
C ILE A 18 10.46 6.98 12.09
N LYS A 19 10.70 6.97 10.75
CA LYS A 19 9.90 7.75 9.82
C LYS A 19 9.02 6.80 9.00
N ILE A 20 7.82 7.25 8.79
CA ILE A 20 6.83 6.50 8.06
C ILE A 20 6.30 7.44 7.00
N ASN A 21 5.64 6.89 5.96
CA ASN A 21 5.03 7.72 4.89
C ASN A 21 3.87 8.61 5.40
N PRO A 22 3.83 9.93 5.06
CA PRO A 22 2.81 10.89 5.62
C PRO A 22 1.31 10.51 5.63
N ASP A 23 0.83 9.69 4.68
CA ASP A 23 -0.53 9.25 4.51
C ASP A 23 -0.85 8.09 5.44
N LYS A 24 0.14 7.53 6.15
CA LYS A 24 -0.13 6.50 7.15
C LYS A 24 -0.18 7.03 8.60
N ILE A 25 -0.12 8.33 8.87
CA ILE A 25 -0.37 8.94 10.18
C ILE A 25 -1.81 8.74 10.58
N LYS A 26 -2.75 8.82 9.62
CA LYS A 26 -4.06 8.45 9.86
C LYS A 26 -4.28 7.01 10.36
N ASP A 27 -3.59 6.06 9.71
CA ASP A 27 -3.65 4.64 9.98
C ASP A 27 -2.97 4.26 11.24
N VAL A 28 -1.84 4.88 11.54
CA VAL A 28 -1.24 4.63 12.88
C VAL A 28 -2.09 5.18 14.05
N ILE A 29 -2.67 6.39 13.96
CA ILE A 29 -3.56 6.89 14.98
C ILE A 29 -4.92 6.20 15.02
N GLY A 30 -5.52 5.97 13.84
CA GLY A 30 -6.80 5.29 13.77
C GLY A 30 -8.01 6.22 14.10
N LYS A 31 -9.22 5.70 13.87
CA LYS A 31 -10.56 6.40 14.17
C LYS A 31 -10.88 6.65 15.67
N GLY A 32 -10.86 7.90 16.08
CA GLY A 32 -11.12 8.28 17.48
C GLY A 32 -10.01 7.74 18.41
N GLY A 33 -8.79 7.66 17.84
CA GLY A 33 -7.53 7.09 18.44
C GLY A 33 -7.54 5.60 18.68
N SER A 34 -8.33 4.88 17.96
CA SER A 34 -8.42 3.41 18.11
C SER A 34 -7.11 2.68 17.81
N VAL A 35 -6.42 2.97 16.71
CA VAL A 35 -5.19 2.19 16.41
C VAL A 35 -4.10 2.60 17.40
N ILE A 36 -3.80 3.92 17.62
CA ILE A 36 -2.71 4.30 18.60
C ILE A 36 -2.92 3.69 20.01
N ARG A 37 -4.19 3.64 20.40
CA ARG A 37 -4.49 3.11 21.73
C ARG A 37 -4.44 1.56 21.79
N ALA A 38 -4.86 0.80 20.74
CA ALA A 38 -4.71 -0.65 20.76
C ALA A 38 -3.20 -0.97 20.70
N LEU A 39 -2.41 -0.24 19.87
CA LEU A 39 -1.01 -0.53 19.67
C LEU A 39 -0.22 -0.38 20.96
N THR A 40 -0.56 0.70 21.74
CA THR A 40 -0.06 0.87 23.09
C THR A 40 -0.61 -0.18 24.05
N GLU A 41 -1.94 -0.52 24.14
CA GLU A 41 -2.44 -1.56 25.05
C GLU A 41 -1.92 -3.00 24.76
N GLU A 42 -1.87 -3.50 23.46
CA GLU A 42 -1.37 -4.82 23.03
C GLU A 42 0.08 -5.14 23.35
N THR A 43 0.95 -4.15 23.17
CA THR A 43 2.36 -4.41 23.08
C THR A 43 3.22 -4.01 24.26
N GLY A 44 2.71 -3.40 25.30
CA GLY A 44 3.58 -2.88 26.39
C GLY A 44 4.53 -1.70 26.09
N THR A 45 4.19 -0.85 25.09
CA THR A 45 5.00 0.31 24.65
C THR A 45 4.23 1.64 24.69
N THR A 46 4.93 2.85 24.74
CA THR A 46 4.29 4.17 24.69
C THR A 46 4.62 4.88 23.34
N ILE A 47 3.56 5.43 22.67
CA ILE A 47 3.67 5.91 21.29
C ILE A 47 3.45 7.43 21.22
N GLU A 48 4.23 8.14 20.42
CA GLU A 48 3.96 9.58 20.10
C GLU A 48 4.10 9.63 18.59
N ILE A 49 3.48 10.64 17.90
CA ILE A 49 3.53 10.70 16.48
C ILE A 49 3.46 12.18 16.01
N GLU A 50 4.44 12.56 15.23
CA GLU A 50 4.44 13.91 14.62
C GLU A 50 3.67 13.95 13.26
N ASP A 51 3.14 15.19 12.90
CA ASP A 51 2.54 15.54 11.64
C ASP A 51 3.46 15.24 10.43
N ASP A 52 4.80 15.32 10.57
CA ASP A 52 5.76 15.04 9.51
C ASP A 52 6.09 13.55 9.46
N GLY A 53 5.34 12.66 10.16
CA GLY A 53 5.57 11.20 10.03
C GLY A 53 6.82 10.70 10.75
N THR A 54 7.21 11.42 11.78
CA THR A 54 8.21 10.95 12.75
C THR A 54 7.41 10.27 13.84
N VAL A 55 7.50 8.91 13.90
CA VAL A 55 6.73 8.11 14.91
C VAL A 55 7.77 7.80 15.95
N LYS A 56 7.38 7.77 17.22
CA LYS A 56 8.35 7.58 18.36
C LYS A 56 7.78 6.49 19.27
N ILE A 57 8.53 5.33 19.35
CA ILE A 57 8.17 4.15 20.12
C ILE A 57 9.10 4.01 21.32
N ALA A 58 8.51 4.26 22.51
CA ALA A 58 9.19 4.16 23.79
C ALA A 58 8.88 2.84 24.51
N ALA A 59 9.93 2.13 24.94
CA ALA A 59 9.71 0.93 25.75
C ALA A 59 10.95 0.83 26.61
N THR A 60 10.77 0.28 27.79
CA THR A 60 11.93 -0.07 28.69
C THR A 60 12.59 -1.38 28.22
N ASP A 61 11.74 -2.19 27.58
CA ASP A 61 11.98 -3.56 27.12
C ASP A 61 12.26 -3.62 25.56
N GLY A 62 13.27 -4.42 25.12
CA GLY A 62 13.61 -4.63 23.69
C GLY A 62 12.51 -5.46 22.94
N GLU A 63 12.03 -6.61 23.44
CA GLU A 63 11.02 -7.40 22.71
C GLU A 63 9.72 -6.69 22.51
N LYS A 64 9.40 -5.87 23.48
CA LYS A 64 8.17 -5.08 23.47
C LYS A 64 8.21 -4.01 22.39
N ALA A 65 9.31 -3.25 22.22
CA ALA A 65 9.37 -2.22 21.20
C ALA A 65 9.32 -2.79 19.76
N LYS A 66 10.11 -3.87 19.53
CA LYS A 66 10.06 -4.68 18.31
C LYS A 66 8.64 -5.22 17.99
N HIS A 67 7.92 -5.68 19.00
CA HIS A 67 6.55 -6.15 18.80
C HIS A 67 5.70 -4.95 18.30
N ALA A 68 5.93 -3.71 18.81
CA ALA A 68 5.26 -2.56 18.19
C ALA A 68 5.74 -2.18 16.79
N ILE A 69 7.06 -2.32 16.58
CA ILE A 69 7.71 -2.07 15.29
C ILE A 69 7.21 -3.04 14.26
N ARG A 70 6.97 -4.28 14.59
CA ARG A 70 6.35 -5.21 13.60
C ARG A 70 4.89 -4.83 13.25
N ARG A 71 4.04 -4.41 14.21
CA ARG A 71 2.69 -3.99 13.90
C ARG A 71 2.69 -2.67 13.07
N ILE A 72 3.57 -1.72 13.44
CA ILE A 72 3.78 -0.48 12.64
C ILE A 72 4.25 -0.80 11.15
N GLU A 73 5.18 -1.78 10.86
CA GLU A 73 5.45 -2.33 9.49
C GLU A 73 4.21 -2.75 8.69
N GLU A 74 3.35 -3.58 9.30
CA GLU A 74 2.10 -4.06 8.66
C GLU A 74 1.15 -2.87 8.30
N ILE A 75 0.99 -1.94 9.26
CA ILE A 75 0.17 -0.71 9.11
C ILE A 75 0.72 0.15 8.01
N THR A 76 2.04 0.29 7.90
CA THR A 76 2.56 1.28 6.93
C THR A 76 2.68 0.68 5.54
N ALA A 77 2.50 -0.65 5.46
CA ALA A 77 2.59 -1.33 4.23
C ALA A 77 1.37 -1.04 3.29
N GLU A 78 0.18 -0.92 3.91
CA GLU A 78 -1.14 -0.95 3.21
C GLU A 78 -1.20 0.14 2.14
N ILE A 79 -1.64 -0.23 0.93
CA ILE A 79 -1.79 0.69 -0.23
C ILE A 79 -2.74 1.88 -0.03
N GLU A 80 -2.22 3.09 -0.32
CA GLU A 80 -3.05 4.29 -0.49
C GLU A 80 -3.83 4.28 -1.87
N VAL A 81 -5.01 4.89 -1.87
CA VAL A 81 -5.88 5.07 -3.05
C VAL A 81 -5.55 6.46 -3.57
N GLY A 82 -5.43 6.59 -4.94
CA GLY A 82 -5.01 7.78 -5.69
C GLY A 82 -3.50 7.86 -5.90
N ARG A 83 -2.73 7.01 -5.23
CA ARG A 83 -1.25 7.13 -5.26
C ARG A 83 -0.76 6.14 -6.32
N VAL A 84 0.53 6.29 -6.82
CA VAL A 84 1.08 5.50 -7.88
C VAL A 84 2.10 4.54 -7.34
N TYR A 85 2.05 3.32 -7.90
CA TYR A 85 3.04 2.28 -7.58
C TYR A 85 3.57 1.69 -8.90
N THR A 86 4.59 0.83 -8.84
CA THR A 86 5.08 0.22 -10.09
C THR A 86 5.19 -1.25 -9.72
N GLY A 87 4.51 -2.11 -10.48
CA GLY A 87 4.53 -3.59 -10.30
C GLY A 87 4.72 -4.27 -11.64
N LYS A 88 4.58 -5.57 -11.62
CA LYS A 88 4.81 -6.42 -12.82
C LYS A 88 3.62 -7.21 -13.24
N VAL A 89 3.53 -7.60 -14.56
CA VAL A 89 2.37 -8.27 -14.99
C VAL A 89 2.50 -9.76 -14.71
N THR A 90 1.42 -10.24 -14.02
CA THR A 90 1.37 -11.55 -13.49
C THR A 90 0.45 -12.43 -14.25
N ARG A 91 -0.68 -11.91 -14.74
CA ARG A 91 -1.73 -12.76 -15.32
C ARG A 91 -2.51 -11.99 -16.42
N ILE A 92 -2.96 -12.71 -17.49
CA ILE A 92 -3.86 -12.16 -18.45
C ILE A 92 -5.12 -13.04 -18.57
N VAL A 93 -6.24 -12.30 -18.58
CA VAL A 93 -7.53 -12.87 -18.98
C VAL A 93 -8.08 -12.03 -20.15
N ASP A 94 -9.08 -12.53 -20.86
CA ASP A 94 -9.50 -12.05 -22.18
C ASP A 94 -9.80 -10.57 -22.39
N PHE A 95 -10.34 -9.97 -21.37
CA PHE A 95 -10.69 -8.52 -21.34
C PHE A 95 -9.93 -7.77 -20.24
N GLY A 96 -8.81 -8.33 -19.73
CA GLY A 96 -8.04 -7.66 -18.65
C GLY A 96 -6.74 -8.32 -18.21
N ALA A 97 -5.90 -7.62 -17.39
CA ALA A 97 -4.63 -8.18 -16.89
C ALA A 97 -4.59 -7.97 -15.38
N PHE A 98 -3.63 -8.65 -14.77
CA PHE A 98 -3.36 -8.46 -13.32
C PHE A 98 -1.92 -8.08 -13.05
N VAL A 99 -1.68 -7.09 -12.16
CA VAL A 99 -0.36 -6.60 -11.82
C VAL A 99 -0.09 -6.72 -10.31
N ALA A 100 1.06 -7.26 -9.95
CA ALA A 100 1.47 -7.47 -8.55
C ALA A 100 2.39 -6.37 -8.03
N ILE A 101 1.90 -5.77 -6.97
CA ILE A 101 2.51 -4.58 -6.29
C ILE A 101 2.98 -4.84 -4.85
N GLY A 102 3.76 -3.92 -4.35
CA GLY A 102 4.23 -3.84 -2.93
C GLY A 102 3.37 -4.38 -1.74
N GLY A 103 4.09 -4.97 -0.76
CA GLY A 103 3.52 -5.60 0.47
C GLY A 103 2.63 -6.81 0.21
N GLY A 104 2.88 -7.48 -0.91
CA GLY A 104 2.13 -8.66 -1.33
C GLY A 104 0.79 -8.48 -1.95
N LYS A 105 0.54 -7.28 -2.51
CA LYS A 105 -0.72 -7.00 -3.16
C LYS A 105 -0.70 -7.25 -4.69
N GLU A 106 -1.87 -7.57 -5.23
CA GLU A 106 -2.09 -7.60 -6.66
C GLU A 106 -3.35 -6.82 -6.89
N GLY A 107 -3.45 -6.22 -8.07
CA GLY A 107 -4.70 -5.61 -8.45
C GLY A 107 -4.97 -5.85 -9.94
N LEU A 108 -6.16 -5.42 -10.38
CA LEU A 108 -6.71 -5.65 -11.75
C LEU A 108 -6.51 -4.42 -12.67
N VAL A 109 -6.15 -4.71 -13.92
CA VAL A 109 -6.01 -3.69 -14.98
C VAL A 109 -6.92 -4.14 -16.17
N HIS A 110 -8.04 -3.43 -16.33
CA HIS A 110 -9.01 -3.74 -17.40
C HIS A 110 -8.57 -3.22 -18.78
N ILE A 111 -9.01 -3.94 -19.89
CA ILE A 111 -8.42 -3.78 -21.24
C ILE A 111 -8.46 -2.38 -21.77
N SER A 112 -9.42 -1.48 -21.52
CA SER A 112 -9.22 -0.05 -21.79
C SER A 112 -8.05 0.65 -21.14
N GLN A 113 -7.61 0.27 -19.92
CA GLN A 113 -6.78 1.17 -19.15
C GLN A 113 -5.28 0.87 -19.26
N ILE A 114 -4.94 -0.09 -20.10
CA ILE A 114 -3.58 -0.53 -20.35
C ILE A 114 -2.85 0.60 -21.02
N ALA A 115 -3.49 1.27 -21.91
CA ALA A 115 -2.78 2.26 -22.72
C ALA A 115 -3.85 3.16 -23.35
N ASP A 116 -3.40 4.35 -23.81
CA ASP A 116 -4.21 5.43 -24.52
C ASP A 116 -4.62 4.92 -25.94
N LYS A 117 -3.66 4.18 -26.55
CA LYS A 117 -3.86 3.43 -27.81
C LYS A 117 -4.82 2.22 -27.51
N ARG A 118 -5.70 1.92 -28.47
CA ARG A 118 -6.84 0.95 -28.31
C ARG A 118 -6.50 -0.56 -28.52
N VAL A 119 -6.65 -1.36 -27.40
CA VAL A 119 -6.05 -2.69 -27.30
C VAL A 119 -7.13 -3.73 -27.59
N GLU A 120 -6.92 -4.62 -28.60
CA GLU A 120 -7.91 -5.61 -29.05
C GLU A 120 -7.57 -7.06 -28.67
N LYS A 121 -6.33 -7.29 -28.24
CA LYS A 121 -5.98 -8.45 -27.45
C LYS A 121 -4.83 -8.05 -26.58
N VAL A 122 -4.80 -8.49 -25.30
CA VAL A 122 -4.01 -7.81 -24.30
C VAL A 122 -2.50 -8.03 -24.50
N THR A 123 -2.27 -9.26 -24.99
CA THR A 123 -1.00 -9.83 -25.40
C THR A 123 -0.20 -9.06 -26.39
N ASP A 124 -0.82 -8.37 -27.37
CA ASP A 124 -0.17 -7.42 -28.22
C ASP A 124 0.51 -6.28 -27.43
N TYR A 125 -0.05 -5.75 -26.31
CA TYR A 125 0.63 -4.67 -25.56
C TYR A 125 1.50 -5.17 -24.41
N LEU A 126 0.99 -6.14 -23.64
CA LEU A 126 1.52 -6.50 -22.29
C LEU A 126 2.21 -7.85 -22.35
N GLN A 127 3.51 -7.86 -21.94
CA GLN A 127 4.40 -9.02 -21.93
C GLN A 127 4.64 -9.44 -20.48
N MET A 128 4.69 -10.79 -20.30
CA MET A 128 4.70 -11.42 -19.03
C MET A 128 5.94 -11.14 -18.23
N GLY A 129 5.76 -11.01 -16.91
CA GLY A 129 6.82 -10.65 -16.01
C GLY A 129 7.71 -9.45 -16.39
N GLN A 130 7.07 -8.40 -16.97
CA GLN A 130 7.63 -7.04 -17.14
C GLN A 130 6.77 -5.96 -16.40
N GLU A 131 7.53 -5.09 -15.74
CA GLU A 131 7.02 -3.93 -15.00
C GLU A 131 6.19 -2.88 -15.75
N VAL A 132 5.04 -2.64 -15.13
CA VAL A 132 4.15 -1.54 -15.51
C VAL A 132 3.99 -0.67 -14.23
N PRO A 133 4.15 0.70 -14.36
CA PRO A 133 3.59 1.64 -13.36
C PRO A 133 2.04 1.54 -13.37
N VAL A 134 1.40 1.76 -12.17
CA VAL A 134 -0.02 1.66 -11.96
C VAL A 134 -0.46 2.88 -11.07
N LYS A 135 -1.60 3.55 -11.47
CA LYS A 135 -2.36 4.51 -10.57
C LYS A 135 -3.53 3.79 -9.88
N VAL A 136 -3.71 3.96 -8.52
CA VAL A 136 -4.75 3.18 -7.83
C VAL A 136 -6.08 3.89 -7.99
N LEU A 137 -7.03 3.29 -8.77
CA LEU A 137 -8.32 3.92 -9.00
C LEU A 137 -9.25 3.81 -7.83
N GLU A 138 -9.16 2.71 -7.10
CA GLU A 138 -10.15 2.33 -6.10
C GLU A 138 -9.71 1.04 -5.45
N VAL A 139 -9.99 0.96 -4.14
CA VAL A 139 -10.01 -0.32 -3.47
C VAL A 139 -11.41 -0.55 -2.93
N ASP A 140 -11.98 -1.73 -3.32
CA ASP A 140 -13.40 -2.07 -3.09
C ASP A 140 -13.68 -2.66 -1.70
N ARG A 141 -14.99 -2.82 -1.51
CA ARG A 141 -15.64 -3.35 -0.29
C ARG A 141 -15.02 -4.77 0.11
N GLN A 142 -14.74 -5.54 -0.91
CA GLN A 142 -14.23 -6.92 -0.75
C GLN A 142 -12.71 -6.90 -0.59
N GLY A 143 -12.06 -5.87 -1.15
CA GLY A 143 -10.67 -5.55 -0.94
C GLY A 143 -9.86 -5.69 -2.24
N ARG A 144 -10.55 -5.54 -3.41
CA ARG A 144 -10.00 -5.60 -4.78
C ARG A 144 -9.35 -4.27 -5.14
N ILE A 145 -8.21 -4.37 -5.84
CA ILE A 145 -7.48 -3.19 -6.19
C ILE A 145 -7.70 -2.93 -7.64
N ARG A 146 -8.01 -1.69 -7.97
CA ARG A 146 -8.50 -1.45 -9.32
C ARG A 146 -7.59 -0.39 -9.85
N LEU A 147 -6.86 -0.67 -10.96
CA LEU A 147 -5.69 0.12 -11.37
C LEU A 147 -5.82 0.58 -12.79
N SER A 148 -5.04 1.57 -13.16
CA SER A 148 -4.96 1.98 -14.54
C SER A 148 -3.48 2.28 -14.81
N ILE A 149 -2.97 1.79 -15.97
CA ILE A 149 -1.57 2.00 -16.39
C ILE A 149 -1.49 3.37 -17.05
N LYS A 150 -2.54 3.74 -17.85
CA LYS A 150 -2.50 4.93 -18.66
C LYS A 150 -2.71 6.15 -17.76
N GLU A 151 -3.28 5.97 -16.55
CA GLU A 151 -3.24 7.02 -15.54
C GLU A 151 -1.91 7.06 -14.79
N ALA A 152 -1.11 5.98 -14.75
CA ALA A 152 0.16 6.04 -14.01
C ALA A 152 1.21 6.89 -14.77
N THR A 153 1.17 6.76 -16.10
CA THR A 153 2.16 7.42 -16.98
C THR A 153 1.57 8.71 -17.48
N GLU A 154 0.59 9.13 -16.73
CA GLU A 154 -0.30 10.30 -16.99
C GLU A 154 -0.64 10.54 -18.48
N GLN A 155 -1.34 9.63 -19.15
CA GLN A 155 -1.86 9.83 -20.51
C GLN A 155 -3.22 10.53 -20.35
N ARG A 14 14.93 0.54 25.31
CA ARG A 14 15.69 1.29 24.31
C ARG A 14 14.66 2.00 23.40
N ILE A 15 14.98 3.15 22.77
CA ILE A 15 14.00 3.95 22.07
C ILE A 15 14.45 4.00 20.59
N HIS A 16 13.56 3.61 19.68
CA HIS A 16 13.93 3.44 18.25
C HIS A 16 13.12 4.38 17.36
N THR A 17 13.85 5.09 16.44
CA THR A 17 13.23 6.24 15.77
C THR A 17 13.00 6.02 14.29
N ILE A 18 11.76 6.32 13.88
CA ILE A 18 11.36 6.25 12.48
C ILE A 18 10.66 7.52 12.10
N LYS A 19 10.42 7.69 10.83
CA LYS A 19 9.69 8.94 10.41
C LYS A 19 8.57 8.62 9.46
N ILE A 20 7.42 9.31 9.56
CA ILE A 20 6.30 8.95 8.70
C ILE A 20 6.18 10.11 7.72
N ASN A 21 6.04 9.78 6.44
CA ASN A 21 5.81 10.75 5.34
C ASN A 21 4.52 11.60 5.53
N PRO A 22 4.42 12.77 4.89
CA PRO A 22 3.39 13.79 5.22
C PRO A 22 2.00 13.32 4.78
N ASP A 23 1.91 12.62 3.61
CA ASP A 23 0.64 11.94 3.31
C ASP A 23 0.24 10.84 4.33
N LYS A 24 1.18 9.95 4.70
CA LYS A 24 0.91 8.75 5.49
C LYS A 24 0.72 8.98 6.96
N ILE A 25 1.21 10.07 7.42
CA ILE A 25 0.98 10.39 8.85
C ILE A 25 -0.51 10.50 9.25
N LYS A 26 -1.34 10.99 8.34
CA LYS A 26 -2.79 10.98 8.48
C LYS A 26 -3.39 9.55 8.60
N ASP A 27 -2.77 8.56 7.92
CA ASP A 27 -3.10 7.15 8.07
C ASP A 27 -2.71 6.54 9.45
N VAL A 28 -1.52 6.91 9.90
CA VAL A 28 -1.01 6.48 11.20
C VAL A 28 -1.83 7.02 12.36
N ILE A 29 -2.28 8.27 12.31
CA ILE A 29 -3.04 8.86 13.41
C ILE A 29 -4.57 8.82 13.14
N GLY A 30 -4.96 7.80 12.34
CA GLY A 30 -6.31 7.64 11.76
C GLY A 30 -7.51 7.82 12.66
N LYS A 31 -8.40 8.70 12.24
CA LYS A 31 -9.62 8.98 12.96
C LYS A 31 -9.47 9.51 14.39
N GLY A 32 -8.64 10.57 14.52
CA GLY A 32 -8.28 11.19 15.82
C GLY A 32 -7.52 10.27 16.80
N GLY A 33 -6.50 9.51 16.31
CA GLY A 33 -5.64 8.69 17.19
C GLY A 33 -6.16 7.27 17.30
N SER A 34 -7.27 6.92 16.61
CA SER A 34 -8.01 5.67 16.78
C SER A 34 -7.16 4.48 16.32
N VAL A 35 -6.35 4.71 15.28
CA VAL A 35 -5.47 3.77 14.71
C VAL A 35 -4.31 3.50 15.66
N ILE A 36 -3.73 4.57 16.23
CA ILE A 36 -2.49 4.46 17.03
C ILE A 36 -2.78 3.98 18.46
N ARG A 37 -3.94 4.36 18.94
CA ARG A 37 -4.55 3.76 20.18
C ARG A 37 -4.77 2.25 20.11
N ALA A 38 -5.36 1.75 19.00
CA ALA A 38 -5.56 0.37 18.73
C ALA A 38 -4.17 -0.36 18.51
N LEU A 39 -3.26 0.28 17.71
CA LEU A 39 -1.88 -0.22 17.57
C LEU A 39 -1.07 -0.27 18.91
N THR A 40 -1.21 0.69 19.85
CA THR A 40 -0.58 0.55 21.20
C THR A 40 -1.08 -0.57 22.12
N GLU A 41 -2.38 -0.79 22.06
CA GLU A 41 -3.02 -1.96 22.67
C GLU A 41 -2.56 -3.25 22.02
N GLU A 42 -2.54 -3.32 20.66
CA GLU A 42 -2.13 -4.50 19.90
C GLU A 42 -0.72 -4.78 20.05
N THR A 43 0.07 -3.74 19.91
CA THR A 43 1.54 -4.00 19.91
C THR A 43 2.16 -4.05 21.28
N GLY A 44 1.35 -3.68 22.34
CA GLY A 44 1.77 -3.82 23.73
C GLY A 44 2.82 -2.82 24.14
N THR A 45 2.91 -1.72 23.37
CA THR A 45 4.14 -0.96 23.29
C THR A 45 3.83 0.55 23.42
N THR A 46 4.65 1.35 24.15
CA THR A 46 4.59 2.85 24.08
C THR A 46 5.30 3.33 22.81
N ILE A 47 4.65 4.26 22.13
CA ILE A 47 5.14 4.91 20.90
C ILE A 47 4.94 6.43 21.03
N GLU A 48 6.05 7.22 21.00
CA GLU A 48 5.99 8.68 21.04
C GLU A 48 5.75 9.34 19.66
N ILE A 49 4.79 10.32 19.52
CA ILE A 49 4.55 10.96 18.22
C ILE A 49 4.96 12.40 18.34
N GLU A 50 6.02 12.80 17.63
CA GLU A 50 6.47 14.20 17.65
C GLU A 50 6.47 14.70 16.20
N ASP A 51 6.67 16.01 16.01
CA ASP A 51 6.75 16.82 14.79
C ASP A 51 7.42 16.24 13.57
N ASP A 52 6.97 16.65 12.37
CA ASP A 52 7.53 16.23 11.04
C ASP A 52 7.38 14.71 10.85
N GLY A 53 6.24 14.25 11.37
CA GLY A 53 5.89 12.87 11.53
C GLY A 53 6.97 11.99 12.16
N THR A 54 7.80 12.56 12.99
CA THR A 54 8.77 11.78 13.76
C THR A 54 8.05 10.84 14.74
N VAL A 55 8.39 9.54 14.65
CA VAL A 55 7.79 8.53 15.54
C VAL A 55 8.93 7.81 16.21
N LYS A 56 8.76 7.55 17.54
CA LYS A 56 9.77 6.89 18.39
C LYS A 56 9.10 5.73 19.13
N ILE A 57 9.63 4.47 18.95
CA ILE A 57 9.09 3.27 19.51
C ILE A 57 9.86 2.97 20.80
N ALA A 58 9.17 2.72 21.89
CA ALA A 58 9.92 2.48 23.15
C ALA A 58 9.69 1.00 23.54
N ALA A 59 10.75 0.17 23.60
CA ALA A 59 10.58 -1.25 24.00
C ALA A 59 11.83 -1.76 24.69
N THR A 60 11.67 -2.72 25.64
CA THR A 60 12.85 -3.47 26.08
C THR A 60 13.33 -4.37 24.93
N ASP A 61 12.46 -5.29 24.41
CA ASP A 61 12.97 -6.37 23.60
C ASP A 61 12.84 -6.12 22.06
N GLY A 62 13.88 -6.42 21.32
CA GLY A 62 13.97 -5.98 19.93
C GLY A 62 12.98 -6.59 18.97
N GLU A 63 12.54 -7.82 19.27
CA GLU A 63 11.44 -8.45 18.49
C GLU A 63 10.18 -7.64 18.52
N LYS A 64 9.89 -7.09 19.66
CA LYS A 64 8.70 -6.21 19.80
C LYS A 64 8.85 -4.83 19.14
N ALA A 65 10.04 -4.24 19.22
CA ALA A 65 10.32 -3.00 18.46
C ALA A 65 10.32 -3.13 16.91
N LYS A 66 10.88 -4.23 16.41
CA LYS A 66 10.79 -4.65 15.01
C LYS A 66 9.32 -4.94 14.60
N HIS A 67 8.47 -5.62 15.41
CA HIS A 67 6.99 -5.80 15.11
C HIS A 67 6.17 -4.51 15.06
N ALA A 68 6.40 -3.54 15.92
CA ALA A 68 5.61 -2.27 15.88
C ALA A 68 5.92 -1.47 14.64
N ILE A 69 7.22 -1.33 14.33
CA ILE A 69 7.70 -0.62 13.10
C ILE A 69 7.22 -1.32 11.82
N ARG A 70 7.34 -2.62 11.80
CA ARG A 70 6.70 -3.40 10.76
C ARG A 70 5.19 -3.30 10.68
N ARG A 71 4.45 -3.32 11.81
CA ARG A 71 3.01 -3.17 11.86
C ARG A 71 2.56 -1.79 11.40
N ILE A 72 3.31 -0.78 11.79
CA ILE A 72 3.17 0.56 11.23
C ILE A 72 3.37 0.56 9.71
N GLU A 73 4.35 -0.19 9.16
CA GLU A 73 4.39 -0.41 7.70
C GLU A 73 3.22 -1.24 7.24
N GLU A 74 2.84 -2.28 7.97
CA GLU A 74 1.69 -3.05 7.55
C GLU A 74 0.37 -2.26 7.43
N ILE A 75 0.10 -1.40 8.40
CA ILE A 75 -1.09 -0.52 8.31
C ILE A 75 -1.08 0.43 7.06
N THR A 76 0.10 1.04 6.81
CA THR A 76 0.29 2.00 5.72
C THR A 76 0.44 1.37 4.34
N ALA A 77 0.62 0.08 4.34
CA ALA A 77 0.51 -0.75 3.12
C ALA A 77 -0.91 -1.30 2.78
N GLU A 78 -1.92 -0.97 3.57
CA GLU A 78 -3.33 -1.43 3.31
C GLU A 78 -3.89 -0.60 2.11
N ILE A 79 -4.94 -1.14 1.46
CA ILE A 79 -5.49 -0.57 0.19
C ILE A 79 -6.56 0.49 0.45
N GLU A 80 -6.39 1.80 0.03
CA GLU A 80 -7.52 2.76 0.05
C GLU A 80 -7.70 3.37 -1.36
N VAL A 81 -8.95 3.43 -1.81
CA VAL A 81 -9.38 3.85 -3.15
C VAL A 81 -8.91 5.29 -3.46
N GLY A 82 -8.40 5.50 -4.68
CA GLY A 82 -7.68 6.73 -5.06
C GLY A 82 -6.14 6.61 -4.94
N ARG A 83 -5.60 5.86 -3.95
CA ARG A 83 -4.17 5.90 -3.74
C ARG A 83 -3.37 5.25 -4.88
N VAL A 84 -2.19 5.82 -5.09
CA VAL A 84 -1.14 5.21 -5.99
C VAL A 84 -0.20 4.23 -5.22
N TYR A 85 0.02 3.06 -5.81
CA TYR A 85 0.83 1.95 -5.27
C TYR A 85 1.72 1.50 -6.38
N THR A 86 2.70 0.63 -6.03
CA THR A 86 3.43 -0.08 -7.05
C THR A 86 3.26 -1.56 -6.90
N GLY A 87 3.37 -2.25 -8.01
CA GLY A 87 3.27 -3.75 -7.98
C GLY A 87 3.48 -4.44 -9.24
N LYS A 88 3.66 -5.76 -9.04
CA LYS A 88 4.25 -6.60 -10.03
C LYS A 88 3.27 -7.54 -10.79
N VAL A 89 3.29 -7.49 -12.13
CA VAL A 89 2.49 -8.34 -13.01
C VAL A 89 2.64 -9.88 -12.82
N THR A 90 1.55 -10.46 -12.32
CA THR A 90 1.57 -11.94 -11.93
C THR A 90 0.74 -12.82 -12.79
N ARG A 91 -0.13 -12.27 -13.61
CA ARG A 91 -0.77 -13.10 -14.62
C ARG A 91 -1.14 -12.13 -15.69
N ILE A 92 -1.22 -12.66 -16.92
CA ILE A 92 -1.64 -11.90 -18.06
C ILE A 92 -2.70 -12.71 -18.82
N VAL A 93 -3.86 -12.07 -19.02
CA VAL A 93 -5.16 -12.72 -19.26
C VAL A 93 -5.88 -11.95 -20.35
N ASP A 94 -6.95 -12.64 -20.83
CA ASP A 94 -7.67 -12.32 -22.09
C ASP A 94 -8.19 -10.91 -22.06
N PHE A 95 -8.60 -10.44 -20.86
CA PHE A 95 -9.23 -9.17 -20.65
C PHE A 95 -8.38 -8.16 -19.86
N GLY A 96 -7.07 -8.41 -19.59
CA GLY A 96 -6.25 -7.55 -18.72
C GLY A 96 -5.03 -8.21 -18.07
N ALA A 97 -4.66 -7.75 -16.88
CA ALA A 97 -3.48 -8.24 -16.14
C ALA A 97 -3.79 -8.21 -14.66
N PHE A 98 -3.07 -9.01 -13.87
CA PHE A 98 -3.21 -9.05 -12.43
C PHE A 98 -1.85 -8.68 -11.89
N VAL A 99 -1.93 -7.97 -10.79
CA VAL A 99 -0.80 -7.25 -10.26
C VAL A 99 -0.68 -7.57 -8.81
N ALA A 100 0.52 -8.03 -8.39
CA ALA A 100 0.73 -8.44 -6.99
C ALA A 100 1.08 -7.21 -6.21
N ILE A 101 0.25 -6.99 -5.17
CA ILE A 101 0.31 -5.85 -4.37
C ILE A 101 0.74 -6.31 -2.96
N GLY A 102 1.59 -5.46 -2.27
CA GLY A 102 2.07 -5.60 -0.91
C GLY A 102 1.09 -6.18 0.03
N GLY A 103 1.58 -7.07 0.90
CA GLY A 103 0.77 -7.74 1.91
C GLY A 103 -0.17 -8.78 1.29
N GLY A 104 0.24 -9.35 0.18
CA GLY A 104 -0.42 -10.55 -0.39
C GLY A 104 -1.68 -10.30 -1.11
N LYS A 105 -1.77 -9.11 -1.70
CA LYS A 105 -3.00 -8.59 -2.27
C LYS A 105 -2.91 -8.66 -3.79
N GLU A 106 -4.03 -8.57 -4.54
CA GLU A 106 -3.97 -8.81 -6.00
C GLU A 106 -5.04 -7.98 -6.68
N GLY A 107 -4.57 -7.12 -7.61
CA GLY A 107 -5.47 -6.26 -8.34
C GLY A 107 -5.42 -6.43 -9.81
N LEU A 108 -6.49 -5.91 -10.46
CA LEU A 108 -6.83 -6.17 -11.87
C LEU A 108 -6.73 -4.94 -12.69
N VAL A 109 -5.94 -4.99 -13.81
CA VAL A 109 -5.84 -3.89 -14.78
C VAL A 109 -6.58 -4.51 -15.97
N HIS A 110 -7.67 -3.89 -16.38
CA HIS A 110 -8.40 -4.30 -17.58
C HIS A 110 -7.72 -3.68 -18.82
N ILE A 111 -8.15 -4.15 -20.02
CA ILE A 111 -7.27 -4.03 -21.22
C ILE A 111 -7.22 -2.62 -21.85
N SER A 112 -8.28 -1.80 -21.66
CA SER A 112 -8.36 -0.41 -22.20
C SER A 112 -7.82 0.64 -21.17
N GLN A 113 -7.26 0.15 -20.04
CA GLN A 113 -6.90 0.97 -18.90
C GLN A 113 -5.39 0.87 -18.63
N ILE A 114 -4.59 0.58 -19.70
CA ILE A 114 -3.10 0.47 -19.64
C ILE A 114 -2.47 1.72 -20.28
N ALA A 115 -2.94 2.07 -21.45
CA ALA A 115 -2.24 3.00 -22.36
C ALA A 115 -3.31 3.95 -23.02
N ASP A 116 -2.81 4.94 -23.77
CA ASP A 116 -3.58 5.91 -24.53
C ASP A 116 -3.98 5.20 -25.85
N LYS A 117 -2.95 4.67 -26.54
CA LYS A 117 -3.13 3.91 -27.78
C LYS A 117 -3.89 2.60 -27.52
N ARG A 118 -4.82 2.30 -28.47
CA ARG A 118 -5.68 1.09 -28.40
C ARG A 118 -4.93 -0.18 -28.25
N VAL A 119 -5.39 -1.08 -27.31
CA VAL A 119 -4.78 -2.36 -27.08
C VAL A 119 -5.73 -3.50 -27.32
N GLU A 120 -5.30 -4.41 -28.21
CA GLU A 120 -6.04 -5.61 -28.46
C GLU A 120 -5.29 -6.85 -27.87
N LYS A 121 -3.95 -6.78 -27.57
CA LYS A 121 -3.16 -7.86 -26.92
C LYS A 121 -2.40 -7.26 -25.73
N VAL A 122 -2.56 -7.90 -24.56
CA VAL A 122 -1.98 -7.37 -23.33
C VAL A 122 -0.48 -7.44 -23.32
N THR A 123 0.04 -8.57 -23.82
CA THR A 123 1.46 -8.90 -24.00
C THR A 123 2.20 -7.85 -24.83
N ASP A 124 1.50 -6.85 -25.45
CA ASP A 124 2.21 -5.75 -26.17
C ASP A 124 2.95 -4.79 -25.23
N TYR A 125 2.32 -4.56 -24.06
CA TYR A 125 2.69 -3.62 -22.96
C TYR A 125 3.08 -4.31 -21.63
N LEU A 126 2.23 -5.20 -21.09
CA LEU A 126 2.49 -5.87 -19.80
C LEU A 126 3.21 -7.24 -20.03
N GLN A 127 4.14 -7.62 -19.12
CA GLN A 127 5.00 -8.80 -19.25
C GLN A 127 5.24 -9.22 -17.78
N MET A 128 5.51 -10.52 -17.58
CA MET A 128 5.50 -11.26 -16.31
C MET A 128 6.58 -10.83 -15.33
N GLY A 129 6.23 -10.38 -14.09
CA GLY A 129 7.19 -9.75 -13.10
C GLY A 129 7.58 -8.30 -13.30
N GLN A 130 7.04 -7.68 -14.36
CA GLN A 130 7.15 -6.23 -14.45
C GLN A 130 6.53 -5.41 -13.25
N GLU A 131 7.25 -4.31 -12.87
CA GLU A 131 6.68 -3.37 -11.90
C GLU A 131 5.86 -2.32 -12.61
N VAL A 132 4.59 -2.29 -12.19
CA VAL A 132 3.71 -1.28 -12.75
C VAL A 132 3.35 -0.34 -11.61
N PRO A 133 3.48 0.91 -11.76
CA PRO A 133 2.79 1.83 -10.83
C PRO A 133 1.30 1.91 -11.23
N VAL A 134 0.38 1.91 -10.22
CA VAL A 134 -1.07 1.95 -10.46
C VAL A 134 -1.84 2.78 -9.42
N LYS A 135 -2.91 3.35 -9.93
CA LYS A 135 -3.92 4.05 -9.15
C LYS A 135 -5.18 3.24 -8.98
N VAL A 136 -5.59 3.13 -7.73
CA VAL A 136 -6.66 2.24 -7.28
C VAL A 136 -8.04 2.86 -7.50
N LEU A 137 -8.90 2.16 -8.25
CA LEU A 137 -10.24 2.58 -8.56
C LEU A 137 -11.30 1.86 -7.68
N GLU A 138 -11.07 0.56 -7.28
CA GLU A 138 -12.05 -0.13 -6.45
C GLU A 138 -11.25 -1.02 -5.55
N VAL A 139 -11.76 -1.21 -4.31
CA VAL A 139 -11.45 -2.37 -3.51
C VAL A 139 -12.76 -2.93 -2.90
N ASP A 140 -13.04 -4.20 -3.27
CA ASP A 140 -14.10 -4.96 -2.63
C ASP A 140 -13.79 -5.15 -1.13
N ARG A 141 -14.89 -5.38 -0.30
CA ARG A 141 -14.87 -5.72 1.09
C ARG A 141 -13.99 -6.89 1.52
N GLN A 142 -13.78 -7.92 0.71
CA GLN A 142 -12.74 -8.96 0.99
C GLN A 142 -11.39 -8.76 0.20
N GLY A 143 -11.16 -7.58 -0.43
CA GLY A 143 -9.88 -7.20 -1.00
C GLY A 143 -9.66 -7.43 -2.50
N ARG A 144 -10.70 -7.72 -3.31
CA ARG A 144 -10.47 -7.77 -4.74
C ARG A 144 -10.42 -6.35 -5.29
N ILE A 145 -9.46 -6.08 -6.18
CA ILE A 145 -9.01 -4.68 -6.44
C ILE A 145 -9.07 -4.33 -7.95
N ARG A 146 -9.70 -3.19 -8.32
CA ARG A 146 -9.65 -2.69 -9.74
C ARG A 146 -8.68 -1.51 -9.89
N LEU A 147 -7.75 -1.60 -10.86
CA LEU A 147 -6.59 -0.63 -11.04
C LEU A 147 -6.59 0.12 -12.39
N SER A 148 -5.82 1.24 -12.44
CA SER A 148 -5.48 1.97 -13.68
C SER A 148 -3.98 2.19 -13.74
N ILE A 149 -3.41 2.01 -14.95
CA ILE A 149 -2.06 2.44 -15.25
C ILE A 149 -2.12 3.77 -16.01
N LYS A 150 -3.19 4.09 -16.80
CA LYS A 150 -3.27 5.35 -17.55
C LYS A 150 -3.15 6.55 -16.63
N GLU A 151 -3.81 6.54 -15.45
CA GLU A 151 -3.70 7.56 -14.42
C GLU A 151 -2.27 7.68 -13.72
N ALA A 152 -1.61 6.59 -13.39
CA ALA A 152 -0.22 6.60 -12.94
C ALA A 152 0.71 7.15 -14.04
N THR A 153 0.50 6.69 -15.26
CA THR A 153 1.42 7.09 -16.35
C THR A 153 0.98 8.37 -17.05
N GLU A 154 0.01 9.06 -16.45
CA GLU A 154 -0.63 10.34 -16.83
C GLU A 154 -1.09 10.47 -18.29
N GLN A 155 -1.91 9.56 -18.84
CA GLN A 155 -2.15 9.57 -20.28
C GLN A 155 -3.13 10.66 -20.61
N ARG A 14 15.09 -1.02 23.24
CA ARG A 14 15.90 0.09 22.71
C ARG A 14 15.06 0.99 21.81
N ILE A 15 15.45 2.26 21.62
CA ILE A 15 14.77 3.03 20.56
C ILE A 15 14.98 2.42 19.15
N HIS A 16 13.91 2.49 18.33
CA HIS A 16 14.03 2.29 16.86
C HIS A 16 13.24 3.32 16.06
N THR A 17 13.91 3.97 15.06
CA THR A 17 13.30 5.10 14.34
C THR A 17 13.00 4.75 12.88
N ILE A 18 11.82 5.20 12.46
CA ILE A 18 11.31 4.97 11.09
C ILE A 18 10.75 6.29 10.57
N LYS A 19 11.16 6.65 9.37
CA LYS A 19 10.43 7.69 8.59
C LYS A 19 9.19 7.09 7.85
N ILE A 20 7.97 7.75 8.00
CA ILE A 20 6.74 7.35 7.39
C ILE A 20 6.18 8.52 6.47
N ASN A 21 5.84 8.27 5.18
CA ASN A 21 5.49 9.34 4.24
C ASN A 21 4.33 10.21 4.74
N PRO A 22 4.25 11.43 4.25
CA PRO A 22 3.33 12.43 4.86
C PRO A 22 1.82 12.15 4.76
N ASP A 23 1.41 11.39 3.76
CA ASP A 23 0.03 10.92 3.64
C ASP A 23 -0.17 9.67 4.46
N LYS A 24 0.85 8.80 4.71
CA LYS A 24 0.62 7.51 5.30
C LYS A 24 0.60 7.61 6.82
N ILE A 25 1.30 8.64 7.32
CA ILE A 25 1.25 8.94 8.75
C ILE A 25 -0.11 9.63 9.05
N LYS A 26 -0.77 10.16 8.03
CA LYS A 26 -2.19 10.61 8.21
C LYS A 26 -3.16 9.45 8.50
N ASP A 27 -2.94 8.33 7.81
CA ASP A 27 -3.63 7.08 8.02
C ASP A 27 -3.39 6.47 9.39
N VAL A 28 -2.14 6.58 9.94
CA VAL A 28 -1.75 6.13 11.26
C VAL A 28 -2.43 6.95 12.34
N ILE A 29 -2.65 8.23 12.07
CA ILE A 29 -3.37 9.09 13.04
C ILE A 29 -4.86 9.22 12.69
N GLY A 30 -5.21 8.38 11.77
CA GLY A 30 -6.54 8.22 11.23
C GLY A 30 -7.62 7.79 12.23
N LYS A 31 -8.86 7.91 11.76
CA LYS A 31 -10.07 7.52 12.47
C LYS A 31 -10.24 8.26 13.83
N GLY A 32 -9.99 9.61 13.88
CA GLY A 32 -10.07 10.38 15.13
C GLY A 32 -8.89 10.18 16.12
N GLY A 33 -7.80 9.53 15.65
CA GLY A 33 -6.65 9.07 16.44
C GLY A 33 -6.98 7.68 16.94
N SER A 34 -8.12 7.10 16.52
CA SER A 34 -8.47 5.75 16.90
C SER A 34 -7.48 4.68 16.38
N VAL A 35 -6.99 4.82 15.13
CA VAL A 35 -6.00 3.89 14.50
C VAL A 35 -4.74 3.90 15.35
N ILE A 36 -4.21 5.10 15.73
CA ILE A 36 -2.98 5.18 16.59
C ILE A 36 -3.21 4.55 17.95
N ARG A 37 -4.41 4.78 18.51
CA ARG A 37 -4.78 4.22 19.81
C ARG A 37 -4.83 2.70 19.77
N ALA A 38 -5.58 2.23 18.80
CA ALA A 38 -5.75 0.79 18.45
C ALA A 38 -4.45 0.04 18.13
N LEU A 39 -3.58 0.64 17.37
CA LEU A 39 -2.27 0.06 17.14
C LEU A 39 -1.45 -0.13 18.40
N THR A 40 -1.29 0.92 19.22
CA THR A 40 -0.49 0.79 20.45
C THR A 40 -1.09 -0.17 21.43
N GLU A 41 -2.41 -0.15 21.44
CA GLU A 41 -3.21 -1.09 22.29
C GLU A 41 -3.14 -2.51 21.72
N GLU A 42 -3.19 -2.65 20.38
CA GLU A 42 -2.99 -3.99 19.77
C GLU A 42 -1.59 -4.60 20.08
N THR A 43 -0.53 -3.73 20.07
CA THR A 43 0.87 -4.15 20.19
C THR A 43 1.43 -4.20 21.59
N GLY A 44 0.72 -3.54 22.51
CA GLY A 44 0.98 -3.50 23.97
C GLY A 44 2.26 -2.85 24.30
N THR A 45 2.71 -1.90 23.44
CA THR A 45 4.06 -1.37 23.48
C THR A 45 4.00 0.08 23.02
N THR A 46 5.02 0.75 23.41
CA THR A 46 5.05 2.21 23.22
C THR A 46 5.51 2.51 21.81
N ILE A 47 4.64 3.14 21.04
CA ILE A 47 5.03 3.56 19.70
C ILE A 47 4.76 5.04 19.71
N GLU A 48 5.78 5.87 19.45
CA GLU A 48 5.57 7.36 19.52
C GLU A 48 5.73 7.92 18.09
N ILE A 49 4.95 8.97 17.88
CA ILE A 49 4.86 9.68 16.61
C ILE A 49 5.46 11.08 16.76
N GLU A 50 6.42 11.38 15.95
CA GLU A 50 7.27 12.57 16.22
C GLU A 50 7.18 13.43 14.95
N ASP A 51 7.64 14.72 15.03
CA ASP A 51 7.47 15.70 13.93
C ASP A 51 7.86 15.16 12.51
N ASP A 52 7.07 15.58 11.49
CA ASP A 52 7.39 15.31 10.09
C ASP A 52 7.62 13.84 9.79
N GLY A 53 6.55 13.10 9.89
CA GLY A 53 6.52 11.65 9.58
C GLY A 53 7.54 10.76 10.25
N THR A 54 8.06 11.11 11.44
CA THR A 54 9.17 10.37 12.03
C THR A 54 8.57 9.56 13.18
N VAL A 55 8.58 8.22 13.09
CA VAL A 55 7.94 7.34 14.04
C VAL A 55 9.01 6.73 14.91
N LYS A 56 8.76 6.55 16.24
CA LYS A 56 9.76 5.96 17.09
C LYS A 56 9.12 4.83 17.90
N ILE A 57 9.71 3.64 17.75
CA ILE A 57 9.40 2.53 18.63
C ILE A 57 10.28 2.56 19.91
N ALA A 58 9.63 2.44 21.06
CA ALA A 58 10.33 2.48 22.35
C ALA A 58 9.89 1.20 23.11
N ALA A 59 10.00 0.05 22.46
CA ALA A 59 9.79 -1.30 23.08
C ALA A 59 11.02 -1.91 23.74
N THR A 60 10.83 -2.80 24.77
CA THR A 60 11.95 -3.32 25.48
C THR A 60 12.31 -4.72 25.00
N ASP A 61 11.89 -5.08 23.74
CA ASP A 61 12.20 -6.38 23.12
C ASP A 61 12.24 -6.25 21.63
N GLY A 62 13.14 -7.04 21.04
CA GLY A 62 13.28 -7.12 19.61
C GLY A 62 12.17 -7.85 18.92
N GLU A 63 11.63 -8.85 19.59
CA GLU A 63 10.48 -9.58 19.10
C GLU A 63 9.28 -8.62 19.03
N LYS A 64 9.02 -7.77 20.09
CA LYS A 64 8.03 -6.68 20.05
C LYS A 64 8.30 -5.62 18.95
N ALA A 65 9.56 -5.18 18.72
CA ALA A 65 9.94 -4.21 17.68
C ALA A 65 9.65 -4.59 16.20
N LYS A 66 9.98 -5.84 15.85
CA LYS A 66 9.72 -6.29 14.44
C LYS A 66 8.21 -6.38 14.22
N HIS A 67 7.47 -6.82 15.26
CA HIS A 67 6.01 -6.75 15.21
C HIS A 67 5.45 -5.30 15.24
N ALA A 68 5.95 -4.38 16.07
CA ALA A 68 5.53 -3.01 15.97
C ALA A 68 5.67 -2.48 14.49
N ILE A 69 6.85 -2.59 13.93
CA ILE A 69 7.17 -2.13 12.54
C ILE A 69 6.31 -2.87 11.54
N ARG A 70 6.16 -4.19 11.68
CA ARG A 70 5.14 -4.86 10.83
C ARG A 70 3.70 -4.32 10.94
N ARG A 71 3.16 -4.05 12.14
CA ARG A 71 1.80 -3.58 12.31
C ARG A 71 1.69 -2.21 11.62
N ILE A 72 2.73 -1.32 11.77
CA ILE A 72 2.86 -0.08 11.02
C ILE A 72 2.92 -0.38 9.48
N GLU A 73 3.64 -1.40 8.99
CA GLU A 73 3.71 -1.74 7.50
C GLU A 73 2.33 -2.05 6.93
N GLU A 74 1.57 -2.81 7.73
CA GLU A 74 0.13 -3.19 7.46
C GLU A 74 -0.86 -2.01 7.55
N ILE A 75 -0.66 -1.15 8.52
CA ILE A 75 -1.39 0.17 8.57
C ILE A 75 -0.92 1.16 7.50
N THR A 76 0.32 1.17 7.10
CA THR A 76 0.79 2.10 6.03
C THR A 76 0.85 1.36 4.71
N ALA A 77 0.04 0.28 4.58
CA ALA A 77 -0.32 -0.31 3.32
C ALA A 77 -1.83 -0.24 3.07
N GLU A 78 -2.60 0.35 3.96
CA GLU A 78 -4.09 0.44 3.70
C GLU A 78 -4.31 1.22 2.42
N ILE A 79 -5.10 0.64 1.52
CA ILE A 79 -5.40 1.26 0.27
C ILE A 79 -6.55 2.27 0.30
N GLU A 80 -6.22 3.48 -0.26
CA GLU A 80 -7.17 4.53 -0.47
C GLU A 80 -7.27 4.72 -1.95
N VAL A 81 -8.56 4.82 -2.33
CA VAL A 81 -9.01 5.04 -3.73
C VAL A 81 -8.55 6.40 -4.21
N GLY A 82 -8.09 6.51 -5.49
CA GLY A 82 -7.63 7.78 -6.05
C GLY A 82 -6.18 8.16 -5.65
N ARG A 83 -5.54 7.44 -4.69
CA ARG A 83 -4.06 7.59 -4.47
C ARG A 83 -3.25 6.75 -5.48
N VAL A 84 -1.97 7.09 -5.70
CA VAL A 84 -1.14 6.34 -6.61
C VAL A 84 -0.11 5.66 -5.71
N TYR A 85 0.20 4.44 -6.04
CA TYR A 85 1.14 3.59 -5.35
C TYR A 85 2.02 3.03 -6.45
N THR A 86 3.21 2.52 -6.11
CA THR A 86 4.13 2.03 -7.15
C THR A 86 4.30 0.55 -6.92
N GLY A 87 4.06 -0.27 -7.95
CA GLY A 87 4.07 -1.69 -7.76
C GLY A 87 4.89 -2.46 -8.79
N LYS A 88 4.71 -3.81 -8.73
CA LYS A 88 5.32 -4.71 -9.71
C LYS A 88 4.33 -5.72 -10.37
N VAL A 89 4.47 -6.04 -11.71
CA VAL A 89 3.55 -6.99 -12.38
C VAL A 89 3.73 -8.47 -12.01
N THR A 90 2.64 -9.09 -11.51
CA THR A 90 2.74 -10.43 -10.93
C THR A 90 1.96 -11.48 -11.68
N ARG A 91 0.89 -11.15 -12.42
CA ARG A 91 0.33 -12.12 -13.32
C ARG A 91 -0.16 -11.28 -14.49
N ILE A 92 -0.17 -11.90 -15.66
CA ILE A 92 -0.76 -11.30 -16.84
C ILE A 92 -1.80 -12.30 -17.33
N VAL A 93 -3.04 -11.83 -17.61
CA VAL A 93 -4.13 -12.71 -17.87
C VAL A 93 -4.99 -12.23 -19.04
N ASP A 94 -5.99 -13.08 -19.41
CA ASP A 94 -6.89 -12.64 -20.49
C ASP A 94 -7.66 -11.31 -20.21
N PHE A 95 -8.11 -11.01 -18.95
CA PHE A 95 -8.89 -9.80 -18.70
C PHE A 95 -8.04 -8.69 -18.14
N GLY A 96 -6.67 -8.78 -18.30
CA GLY A 96 -5.79 -7.72 -17.84
C GLY A 96 -4.41 -8.19 -17.31
N ALA A 97 -4.04 -7.58 -16.16
CA ALA A 97 -2.92 -8.02 -15.32
C ALA A 97 -3.13 -7.83 -13.79
N PHE A 98 -2.33 -8.58 -12.96
CA PHE A 98 -2.28 -8.40 -11.50
C PHE A 98 -0.97 -7.75 -11.08
N VAL A 99 -1.12 -6.71 -10.24
CA VAL A 99 0.00 -5.95 -9.75
C VAL A 99 0.19 -6.22 -8.23
N ALA A 100 1.47 -6.45 -7.79
CA ALA A 100 1.76 -6.63 -6.35
C ALA A 100 2.29 -5.31 -5.76
N ILE A 101 1.62 -4.93 -4.67
CA ILE A 101 1.94 -3.75 -3.90
C ILE A 101 2.36 -4.11 -2.44
N GLY A 102 3.21 -3.25 -1.85
CA GLY A 102 3.58 -3.36 -0.45
C GLY A 102 2.47 -3.60 0.62
N GLY A 103 2.98 -4.22 1.73
CA GLY A 103 2.22 -4.83 2.85
C GLY A 103 1.34 -6.02 2.53
N GLY A 104 1.51 -6.46 1.27
CA GLY A 104 0.90 -7.63 0.66
C GLY A 104 -0.32 -7.41 -0.16
N LYS A 105 -0.52 -6.15 -0.68
CA LYS A 105 -1.69 -5.85 -1.41
C LYS A 105 -1.55 -6.27 -2.84
N GLU A 106 -2.54 -7.04 -3.32
CA GLU A 106 -2.64 -7.33 -4.74
C GLU A 106 -3.85 -6.62 -5.30
N GLY A 107 -3.67 -6.23 -6.55
CA GLY A 107 -4.72 -5.56 -7.26
C GLY A 107 -4.71 -5.93 -8.68
N LEU A 108 -5.83 -5.65 -9.36
CA LEU A 108 -6.02 -5.96 -10.81
C LEU A 108 -6.03 -4.70 -11.63
N VAL A 109 -5.32 -4.73 -12.77
CA VAL A 109 -5.54 -3.79 -13.88
C VAL A 109 -6.18 -4.55 -15.05
N HIS A 110 -7.43 -4.17 -15.33
CA HIS A 110 -8.12 -4.70 -16.51
C HIS A 110 -7.48 -4.34 -17.88
N ILE A 111 -7.65 -5.22 -18.88
CA ILE A 111 -7.09 -4.97 -20.23
C ILE A 111 -7.45 -3.60 -20.88
N SER A 112 -8.58 -3.01 -20.47
CA SER A 112 -9.07 -1.66 -20.90
C SER A 112 -8.55 -0.51 -19.96
N GLN A 113 -7.65 -0.86 -19.01
CA GLN A 113 -7.08 0.08 -18.04
C GLN A 113 -5.52 0.21 -18.10
N ILE A 114 -4.88 -0.47 -19.09
CA ILE A 114 -3.45 -0.47 -19.31
C ILE A 114 -2.96 0.75 -20.09
N ALA A 115 -3.61 1.11 -21.24
CA ALA A 115 -3.10 2.14 -22.04
C ALA A 115 -4.29 2.80 -22.73
N ASP A 116 -3.98 3.88 -23.43
CA ASP A 116 -4.95 4.61 -24.26
C ASP A 116 -5.41 3.74 -25.44
N LYS A 117 -4.49 2.89 -25.97
CA LYS A 117 -4.70 2.11 -27.16
C LYS A 117 -5.68 0.93 -26.97
N ARG A 118 -6.16 0.46 -28.12
CA ARG A 118 -6.89 -0.78 -28.24
C ARG A 118 -5.91 -1.95 -28.04
N VAL A 119 -6.27 -2.75 -27.04
CA VAL A 119 -5.50 -3.90 -26.67
C VAL A 119 -6.26 -5.15 -27.01
N GLU A 120 -5.60 -6.28 -27.42
CA GLU A 120 -6.24 -7.61 -27.35
C GLU A 120 -5.48 -8.60 -26.46
N LYS A 121 -4.14 -8.51 -26.48
CA LYS A 121 -3.30 -9.32 -25.62
C LYS A 121 -2.42 -8.40 -24.77
N VAL A 122 -2.48 -8.72 -23.45
CA VAL A 122 -1.96 -7.81 -22.46
C VAL A 122 -0.47 -8.10 -22.33
N THR A 123 -0.02 -9.34 -22.77
CA THR A 123 1.37 -9.75 -22.84
C THR A 123 2.29 -8.91 -23.73
N ASP A 124 1.66 -8.21 -24.72
CA ASP A 124 2.27 -7.20 -25.55
C ASP A 124 2.68 -5.95 -24.78
N TYR A 125 1.80 -5.45 -23.91
CA TYR A 125 1.98 -4.11 -23.25
C TYR A 125 2.65 -4.17 -21.85
N LEU A 126 2.63 -5.37 -21.27
CA LEU A 126 3.11 -5.63 -19.89
C LEU A 126 4.12 -6.77 -19.96
N GLN A 127 5.32 -6.60 -19.35
CA GLN A 127 6.23 -7.76 -19.19
C GLN A 127 6.11 -8.35 -17.77
N MET A 128 6.43 -9.63 -17.50
CA MET A 128 6.39 -10.12 -16.16
C MET A 128 7.51 -9.44 -15.34
N GLY A 129 7.09 -8.99 -14.14
CA GLY A 129 7.94 -8.37 -13.10
C GLY A 129 8.26 -6.89 -13.41
N GLN A 130 7.49 -6.32 -14.33
CA GLN A 130 7.59 -4.92 -14.65
C GLN A 130 7.20 -3.99 -13.48
N GLU A 131 8.03 -2.95 -13.16
CA GLU A 131 7.64 -1.97 -12.11
C GLU A 131 6.74 -0.83 -12.66
N VAL A 132 5.51 -0.75 -12.11
CA VAL A 132 4.42 -0.06 -12.79
C VAL A 132 3.76 0.91 -11.73
N PRO A 133 3.62 2.19 -11.97
CA PRO A 133 2.70 3.03 -11.11
C PRO A 133 1.24 2.66 -11.32
N VAL A 134 0.51 2.46 -10.19
CA VAL A 134 -0.93 2.16 -10.31
C VAL A 134 -1.74 3.07 -9.39
N LYS A 135 -2.85 3.56 -9.94
CA LYS A 135 -3.82 4.34 -9.15
C LYS A 135 -5.06 3.48 -8.86
N VAL A 136 -5.59 3.67 -7.69
CA VAL A 136 -6.65 2.80 -7.16
C VAL A 136 -8.04 3.32 -7.66
N LEU A 137 -8.94 2.44 -8.08
CA LEU A 137 -10.29 2.83 -8.60
C LEU A 137 -11.34 2.34 -7.63
N GLU A 138 -11.14 1.10 -7.17
CA GLU A 138 -12.15 0.39 -6.47
C GLU A 138 -11.46 -0.63 -5.54
N VAL A 139 -12.11 -0.86 -4.39
CA VAL A 139 -11.68 -1.93 -3.51
C VAL A 139 -12.90 -2.57 -2.82
N ASP A 140 -13.04 -3.88 -2.99
CA ASP A 140 -14.22 -4.55 -2.48
C ASP A 140 -14.29 -4.69 -0.91
N ARG A 141 -15.41 -5.22 -0.41
CA ARG A 141 -15.65 -5.45 1.04
C ARG A 141 -14.75 -6.58 1.69
N GLN A 142 -14.11 -7.46 0.86
CA GLN A 142 -13.09 -8.35 1.32
C GLN A 142 -11.70 -7.90 0.86
N GLY A 143 -11.58 -6.60 0.48
CA GLY A 143 -10.31 -5.97 0.25
C GLY A 143 -9.62 -6.40 -1.03
N ARG A 144 -10.36 -6.98 -1.95
CA ARG A 144 -9.89 -7.11 -3.32
C ARG A 144 -9.82 -5.80 -4.17
N ILE A 145 -8.66 -5.53 -4.82
CA ILE A 145 -8.41 -4.15 -5.37
C ILE A 145 -8.51 -4.15 -6.90
N ARG A 146 -9.10 -3.06 -7.41
CA ARG A 146 -8.87 -2.74 -8.87
C ARG A 146 -8.05 -1.41 -9.04
N LEU A 147 -7.29 -1.37 -10.15
CA LEU A 147 -6.24 -0.39 -10.37
C LEU A 147 -6.23 0.07 -11.82
N SER A 148 -5.39 1.12 -12.07
CA SER A 148 -5.22 1.55 -13.43
C SER A 148 -3.89 2.26 -13.71
N ILE A 149 -3.17 1.91 -14.84
CA ILE A 149 -1.96 2.61 -15.21
C ILE A 149 -2.34 3.82 -16.08
N LYS A 150 -3.56 3.83 -16.63
CA LYS A 150 -3.99 5.04 -17.33
C LYS A 150 -4.10 6.30 -16.48
N GLU A 151 -4.78 6.25 -15.34
CA GLU A 151 -4.92 7.41 -14.47
C GLU A 151 -3.58 7.71 -13.80
N ALA A 152 -2.70 6.70 -13.65
CA ALA A 152 -1.30 6.87 -13.21
C ALA A 152 -0.39 7.65 -14.17
N THR A 153 -0.48 7.19 -15.41
CA THR A 153 0.39 7.69 -16.51
C THR A 153 -0.26 8.83 -17.25
N GLU A 154 -1.40 9.39 -16.71
CA GLU A 154 -1.93 10.66 -17.18
C GLU A 154 -2.59 10.64 -18.56
N GLN A 155 -3.56 9.71 -18.75
CA GLN A 155 -4.34 9.57 -19.98
C GLN A 155 -5.75 10.16 -19.90
N ARG A 14 14.25 0.83 25.05
CA ARG A 14 15.13 1.72 24.28
C ARG A 14 14.41 2.46 23.11
N ILE A 15 15.06 3.48 22.47
CA ILE A 15 14.60 3.89 21.14
C ILE A 15 14.93 2.84 20.04
N HIS A 16 13.81 2.50 19.38
CA HIS A 16 13.65 1.69 18.13
C HIS A 16 13.02 2.70 17.07
N THR A 17 13.50 2.64 15.81
CA THR A 17 13.07 3.57 14.67
C THR A 17 12.83 2.83 13.37
N ILE A 18 12.14 3.51 12.42
CA ILE A 18 11.84 3.01 11.09
C ILE A 18 11.23 4.20 10.33
N LYS A 19 11.47 4.34 9.00
CA LYS A 19 10.99 5.42 8.19
C LYS A 19 10.28 4.86 6.95
N ILE A 20 9.08 5.41 6.73
CA ILE A 20 8.02 4.91 5.78
C ILE A 20 7.49 6.12 4.95
N ASN A 21 6.80 5.90 3.81
CA ASN A 21 6.13 7.00 3.01
C ASN A 21 5.37 8.01 3.89
N PRO A 22 5.42 9.30 3.56
CA PRO A 22 4.75 10.35 4.34
C PRO A 22 3.29 10.15 4.41
N ASP A 23 2.58 9.61 3.40
CA ASP A 23 1.10 9.48 3.53
C ASP A 23 0.66 8.52 4.64
N LYS A 24 1.51 7.56 4.90
CA LYS A 24 1.25 6.48 5.88
C LYS A 24 1.21 6.96 7.34
N ILE A 25 1.83 8.12 7.65
CA ILE A 25 1.74 8.80 8.95
C ILE A 25 0.26 9.18 9.27
N LYS A 26 -0.54 9.72 8.30
CA LYS A 26 -2.01 9.91 8.49
C LYS A 26 -2.83 8.70 8.95
N ASP A 27 -2.59 7.54 8.41
CA ASP A 27 -3.34 6.33 8.80
C ASP A 27 -2.81 5.72 10.09
N VAL A 28 -1.55 6.01 10.47
CA VAL A 28 -1.01 5.64 11.75
C VAL A 28 -1.64 6.49 12.87
N ILE A 29 -1.63 7.84 12.79
CA ILE A 29 -2.32 8.74 13.71
C ILE A 29 -3.86 8.42 13.67
N GLY A 30 -4.43 8.20 12.45
CA GLY A 30 -5.78 7.75 12.31
C GLY A 30 -6.81 8.87 12.43
N LYS A 31 -8.15 8.59 12.24
CA LYS A 31 -9.08 9.70 12.17
C LYS A 31 -9.28 10.22 13.62
N GLY A 32 -8.92 11.51 13.86
CA GLY A 32 -8.96 12.15 15.18
C GLY A 32 -7.81 11.82 16.13
N GLY A 33 -6.86 11.08 15.67
CA GLY A 33 -5.78 10.66 16.60
C GLY A 33 -6.08 9.46 17.48
N SER A 34 -7.14 8.70 17.08
CA SER A 34 -7.50 7.42 17.68
C SER A 34 -6.59 6.17 17.49
N VAL A 35 -5.97 6.02 16.27
CA VAL A 35 -5.21 4.78 15.85
C VAL A 35 -3.87 4.67 16.53
N ILE A 36 -3.28 5.83 16.64
CA ILE A 36 -2.01 6.00 17.40
C ILE A 36 -2.18 5.70 18.90
N ARG A 37 -3.32 6.15 19.53
CA ARG A 37 -3.65 5.70 20.92
C ARG A 37 -3.93 4.22 20.98
N ALA A 38 -4.56 3.69 19.95
CA ALA A 38 -4.90 2.24 19.88
C ALA A 38 -3.69 1.32 19.72
N LEU A 39 -2.68 1.69 18.88
CA LEU A 39 -1.40 1.01 18.81
C LEU A 39 -0.71 1.11 20.20
N THR A 40 -0.78 2.31 20.83
CA THR A 40 -0.19 2.57 22.17
C THR A 40 -0.79 1.64 23.22
N GLU A 41 -2.10 1.55 23.24
CA GLU A 41 -2.67 0.67 24.24
C GLU A 41 -2.46 -0.78 23.84
N GLU A 42 -2.50 -1.19 22.53
CA GLU A 42 -2.39 -2.61 22.21
C GLU A 42 -0.93 -3.13 22.39
N THR A 43 0.13 -2.37 21.99
CA THR A 43 1.52 -2.79 22.14
C THR A 43 2.09 -2.55 23.53
N GLY A 44 1.58 -1.56 24.38
CA GLY A 44 2.18 -1.14 25.59
C GLY A 44 3.47 -0.28 25.47
N THR A 45 3.54 0.54 24.45
CA THR A 45 4.78 1.25 23.95
C THR A 45 4.46 2.71 23.85
N THR A 46 5.47 3.51 23.47
CA THR A 46 5.34 4.92 23.30
C THR A 46 5.72 5.24 21.86
N ILE A 47 4.69 5.71 21.15
CA ILE A 47 4.87 6.10 19.75
C ILE A 47 4.99 7.60 19.58
N GLU A 48 6.06 8.05 18.85
CA GLU A 48 6.22 9.45 18.53
C GLU A 48 6.64 9.60 17.05
N ILE A 49 6.21 10.76 16.50
CA ILE A 49 6.35 11.04 15.06
C ILE A 49 7.33 12.23 14.80
N GLU A 50 8.34 12.00 13.94
CA GLU A 50 9.42 12.96 13.57
C GLU A 50 9.26 13.17 12.08
N ASP A 51 9.58 14.41 11.58
CA ASP A 51 9.37 14.82 10.24
C ASP A 51 9.82 13.85 9.16
N ASP A 52 9.29 14.11 7.94
CA ASP A 52 9.58 13.39 6.66
C ASP A 52 9.45 11.84 6.71
N GLY A 53 8.45 11.36 7.49
CA GLY A 53 8.03 9.95 7.56
C GLY A 53 8.71 9.14 8.57
N THR A 54 9.48 9.79 9.43
CA THR A 54 10.10 9.07 10.54
C THR A 54 9.13 8.75 11.69
N VAL A 55 9.21 7.47 12.18
CA VAL A 55 8.63 7.03 13.44
C VAL A 55 9.64 6.62 14.49
N LYS A 56 9.42 7.07 15.74
CA LYS A 56 10.39 6.74 16.77
C LYS A 56 9.65 6.05 17.96
N ILE A 57 9.95 4.79 18.27
CA ILE A 57 9.18 4.05 19.27
C ILE A 57 10.08 3.78 20.42
N ALA A 58 9.62 4.31 21.56
CA ALA A 58 10.28 4.05 22.83
C ALA A 58 9.56 2.94 23.60
N ALA A 59 10.33 2.06 24.29
CA ALA A 59 9.69 0.98 24.95
C ALA A 59 10.62 0.57 26.08
N THR A 60 10.12 -0.34 26.81
CA THR A 60 11.01 -1.01 27.87
C THR A 60 11.19 -2.52 27.60
N ASP A 61 10.37 -3.16 26.76
CA ASP A 61 10.47 -4.58 26.35
C ASP A 61 10.64 -4.46 24.80
N GLY A 62 11.81 -4.87 24.32
CA GLY A 62 12.15 -4.81 22.86
C GLY A 62 11.29 -5.61 21.88
N GLU A 63 10.81 -6.85 22.20
CA GLU A 63 9.80 -7.51 21.40
C GLU A 63 8.48 -6.74 21.33
N LYS A 64 8.04 -5.97 22.37
CA LYS A 64 6.89 -5.09 22.21
C LYS A 64 7.13 -3.90 21.26
N ALA A 65 8.33 -3.34 21.22
CA ALA A 65 8.69 -2.31 20.21
C ALA A 65 8.76 -2.80 18.77
N LYS A 66 9.42 -3.97 18.60
CA LYS A 66 9.33 -4.69 17.32
C LYS A 66 7.90 -5.02 17.01
N HIS A 67 7.00 -5.39 17.95
CA HIS A 67 5.58 -5.56 17.65
C HIS A 67 4.94 -4.23 17.17
N ALA A 68 5.33 -3.07 17.72
CA ALA A 68 4.77 -1.80 17.27
C ALA A 68 5.23 -1.41 15.87
N ILE A 69 6.49 -1.69 15.55
CA ILE A 69 6.94 -1.59 14.14
C ILE A 69 6.11 -2.58 13.24
N ARG A 70 5.87 -3.84 13.67
CA ARG A 70 4.96 -4.74 12.94
C ARG A 70 3.53 -4.20 12.82
N ARG A 71 2.88 -3.74 13.90
CA ARG A 71 1.48 -3.36 13.77
C ARG A 71 1.28 -2.11 12.90
N ILE A 72 2.28 -1.20 12.87
CA ILE A 72 2.30 -0.15 11.86
C ILE A 72 2.28 -0.74 10.46
N GLU A 73 3.12 -1.76 10.15
CA GLU A 73 3.11 -2.42 8.84
C GLU A 73 1.81 -3.02 8.41
N GLU A 74 1.08 -3.63 9.30
CA GLU A 74 -0.31 -4.09 9.05
C GLU A 74 -1.30 -2.96 8.77
N ILE A 75 -1.47 -1.93 9.63
CA ILE A 75 -2.41 -0.75 9.39
C ILE A 75 -2.06 -0.11 8.07
N THR A 76 -0.79 0.05 7.84
CA THR A 76 -0.34 0.57 6.54
C THR A 76 -0.56 -0.35 5.28
N ALA A 77 -0.75 -1.64 5.50
CA ALA A 77 -0.97 -2.59 4.40
C ALA A 77 -2.40 -2.64 3.92
N GLU A 78 -3.31 -2.18 4.78
CA GLU A 78 -4.71 -2.46 4.58
C GLU A 78 -5.27 -1.77 3.35
N ILE A 79 -5.84 -2.56 2.42
CA ILE A 79 -6.37 -2.00 1.17
C ILE A 79 -7.63 -1.13 1.36
N GLU A 80 -7.62 0.15 0.88
CA GLU A 80 -8.83 0.98 0.77
C GLU A 80 -8.99 1.37 -0.72
N VAL A 81 -10.21 1.36 -1.24
CA VAL A 81 -10.47 1.92 -2.62
C VAL A 81 -10.13 3.43 -2.81
N GLY A 82 -9.37 3.69 -3.87
CA GLY A 82 -9.01 5.01 -4.37
C GLY A 82 -7.59 5.37 -4.07
N ARG A 83 -6.88 4.52 -3.27
CA ARG A 83 -5.45 4.57 -3.12
C ARG A 83 -4.72 4.41 -4.47
N VAL A 84 -3.57 5.11 -4.45
CA VAL A 84 -2.55 5.10 -5.52
C VAL A 84 -1.36 4.30 -4.98
N TYR A 85 -0.88 3.32 -5.77
CA TYR A 85 0.25 2.44 -5.36
C TYR A 85 1.24 2.28 -6.52
N THR A 86 2.41 1.70 -6.18
CA THR A 86 3.45 1.27 -7.17
C THR A 86 3.44 -0.23 -7.06
N GLY A 87 3.18 -0.96 -8.16
CA GLY A 87 3.23 -2.40 -8.18
C GLY A 87 4.15 -2.80 -9.30
N LYS A 88 4.17 -4.12 -9.54
CA LYS A 88 4.89 -4.69 -10.70
C LYS A 88 4.01 -5.80 -11.27
N VAL A 89 4.01 -5.96 -12.60
CA VAL A 89 3.38 -7.07 -13.32
C VAL A 89 3.92 -8.49 -13.00
N THR A 90 3.02 -9.51 -12.87
CA THR A 90 3.35 -10.91 -12.64
C THR A 90 2.90 -11.74 -13.83
N ARG A 91 1.71 -11.46 -14.42
CA ARG A 91 1.15 -12.23 -15.58
C ARG A 91 0.34 -11.30 -16.48
N ILE A 92 0.40 -11.47 -17.85
CA ILE A 92 -0.37 -10.69 -18.81
C ILE A 92 -1.27 -11.61 -19.63
N VAL A 93 -2.54 -11.17 -19.99
CA VAL A 93 -3.58 -11.95 -20.59
C VAL A 93 -4.29 -10.97 -21.55
N ASP A 94 -5.17 -11.46 -22.43
CA ASP A 94 -5.89 -10.59 -23.38
C ASP A 94 -6.68 -9.47 -22.64
N PHE A 95 -7.31 -9.76 -21.47
CA PHE A 95 -8.25 -8.84 -20.87
C PHE A 95 -7.59 -7.94 -19.80
N GLY A 96 -6.24 -7.92 -19.71
CA GLY A 96 -5.61 -7.06 -18.70
C GLY A 96 -4.28 -7.59 -18.29
N ALA A 97 -3.66 -6.90 -17.36
CA ALA A 97 -2.38 -7.35 -16.74
C ALA A 97 -2.57 -7.56 -15.23
N PHE A 98 -2.19 -8.74 -14.75
CA PHE A 98 -2.05 -8.97 -13.32
C PHE A 98 -0.76 -8.36 -12.78
N VAL A 99 -0.98 -7.63 -11.66
CA VAL A 99 0.06 -6.93 -10.95
C VAL A 99 0.05 -7.25 -9.45
N ALA A 100 1.26 -7.49 -8.97
CA ALA A 100 1.62 -7.57 -7.55
C ALA A 100 1.48 -6.25 -6.85
N ILE A 101 0.76 -6.34 -5.70
CA ILE A 101 0.46 -5.27 -4.79
C ILE A 101 1.11 -5.67 -3.42
N GLY A 102 1.83 -4.76 -2.68
CA GLY A 102 2.37 -5.01 -1.37
C GLY A 102 1.50 -5.79 -0.40
N GLY A 103 2.21 -6.58 0.41
CA GLY A 103 1.55 -7.42 1.47
C GLY A 103 0.92 -8.67 0.87
N GLY A 104 1.59 -9.26 -0.10
CA GLY A 104 1.12 -10.54 -0.71
C GLY A 104 -0.03 -10.54 -1.69
N LYS A 105 -0.50 -9.35 -2.09
CA LYS A 105 -1.63 -9.15 -2.97
C LYS A 105 -1.37 -9.14 -4.50
N GLU A 106 -2.43 -9.37 -5.27
CA GLU A 106 -2.34 -9.22 -6.75
C GLU A 106 -3.64 -8.67 -7.30
N GLY A 107 -3.57 -7.64 -8.16
CA GLY A 107 -4.74 -7.04 -8.81
C GLY A 107 -4.62 -7.06 -10.31
N LEU A 108 -5.82 -6.85 -10.92
CA LEU A 108 -6.03 -6.82 -12.37
C LEU A 108 -6.08 -5.39 -12.87
N VAL A 109 -5.24 -5.06 -13.84
CA VAL A 109 -5.35 -3.80 -14.58
C VAL A 109 -6.10 -4.20 -15.82
N HIS A 110 -7.43 -3.92 -15.83
CA HIS A 110 -8.28 -4.40 -16.94
C HIS A 110 -7.92 -3.70 -18.28
N ILE A 111 -8.20 -4.33 -19.45
CA ILE A 111 -7.70 -3.79 -20.74
C ILE A 111 -8.01 -2.30 -21.07
N SER A 112 -9.18 -1.84 -20.72
CA SER A 112 -9.56 -0.42 -20.88
C SER A 112 -8.91 0.52 -19.89
N GLN A 113 -8.11 0.00 -18.97
CA GLN A 113 -7.49 0.82 -17.88
C GLN A 113 -5.92 0.81 -17.95
N ILE A 114 -5.40 0.21 -18.98
CA ILE A 114 -3.93 0.12 -19.18
C ILE A 114 -3.38 1.46 -19.70
N ALA A 115 -4.17 2.19 -20.51
CA ALA A 115 -3.62 3.33 -21.17
C ALA A 115 -4.70 4.30 -21.57
N ASP A 116 -4.31 5.35 -22.25
CA ASP A 116 -5.29 6.17 -22.96
C ASP A 116 -5.12 5.83 -24.48
N LYS A 117 -3.91 5.33 -24.86
CA LYS A 117 -3.63 4.82 -26.20
C LYS A 117 -4.50 3.61 -26.59
N ARG A 118 -4.63 3.39 -27.89
CA ARG A 118 -5.43 2.22 -28.34
C ARG A 118 -4.73 0.85 -28.14
N VAL A 119 -5.48 -0.10 -27.55
CA VAL A 119 -5.01 -1.47 -27.13
C VAL A 119 -5.79 -2.64 -27.78
N GLU A 120 -5.01 -3.60 -28.40
CA GLU A 120 -5.49 -4.88 -28.85
C GLU A 120 -4.92 -6.01 -27.97
N LYS A 121 -3.62 -5.96 -27.71
CA LYS A 121 -2.97 -6.83 -26.73
C LYS A 121 -2.34 -5.96 -25.68
N VAL A 122 -2.27 -6.53 -24.46
CA VAL A 122 -1.58 -5.91 -23.33
C VAL A 122 -0.04 -6.05 -23.41
N THR A 123 0.47 -7.07 -24.16
CA THR A 123 1.86 -7.28 -24.43
C THR A 123 2.54 -6.13 -25.27
N ASP A 124 1.77 -5.30 -26.00
CA ASP A 124 2.24 -4.03 -26.74
C ASP A 124 2.47 -2.87 -25.75
N TYR A 125 1.71 -2.92 -24.66
CA TYR A 125 1.81 -1.84 -23.67
C TYR A 125 2.63 -2.14 -22.43
N LEU A 126 2.91 -3.42 -22.21
CA LEU A 126 3.54 -3.90 -20.98
C LEU A 126 4.33 -5.17 -21.28
N GLN A 127 5.25 -5.52 -20.34
CA GLN A 127 5.85 -6.86 -20.24
C GLN A 127 5.83 -7.27 -18.75
N MET A 128 5.93 -8.55 -18.47
CA MET A 128 5.93 -9.07 -17.11
C MET A 128 7.23 -8.77 -16.34
N GLY A 129 7.09 -8.41 -15.02
CA GLY A 129 8.21 -7.99 -14.13
C GLY A 129 8.37 -6.44 -14.08
N GLN A 130 7.67 -5.81 -15.04
CA GLN A 130 7.68 -4.34 -15.20
C GLN A 130 6.98 -3.66 -14.04
N GLU A 131 7.65 -2.66 -13.51
CA GLU A 131 7.12 -1.85 -12.42
C GLU A 131 6.13 -0.79 -12.96
N VAL A 132 4.92 -0.70 -12.37
CA VAL A 132 3.80 0.09 -12.92
C VAL A 132 3.18 0.93 -11.79
N PRO A 133 3.04 2.23 -11.96
CA PRO A 133 2.07 3.02 -11.11
C PRO A 133 0.59 2.47 -11.19
N VAL A 134 -0.11 2.17 -10.09
CA VAL A 134 -1.49 1.58 -10.21
C VAL A 134 -2.42 2.20 -9.15
N LYS A 135 -3.60 2.69 -9.58
CA LYS A 135 -4.68 3.17 -8.68
C LYS A 135 -5.66 2.02 -8.53
N VAL A 136 -6.16 1.88 -7.28
CA VAL A 136 -7.12 0.86 -6.82
C VAL A 136 -8.49 1.42 -7.09
N LEU A 137 -9.18 0.69 -7.99
CA LEU A 137 -10.48 1.14 -8.47
C LEU A 137 -11.58 0.38 -7.80
N GLU A 138 -11.48 -0.96 -7.72
CA GLU A 138 -12.47 -1.69 -6.96
C GLU A 138 -11.75 -2.71 -6.15
N VAL A 139 -12.34 -3.03 -5.03
CA VAL A 139 -11.86 -4.09 -4.18
C VAL A 139 -13.15 -4.87 -3.81
N ASP A 140 -13.21 -6.16 -4.15
CA ASP A 140 -14.39 -7.00 -3.85
C ASP A 140 -14.42 -7.40 -2.35
N ARG A 141 -15.60 -7.71 -1.81
CA ARG A 141 -15.78 -8.05 -0.40
C ARG A 141 -15.21 -9.41 0.02
N GLN A 142 -15.14 -10.34 -0.92
CA GLN A 142 -14.23 -11.51 -0.90
C GLN A 142 -12.71 -11.20 -0.98
N GLY A 143 -12.31 -10.13 -1.68
CA GLY A 143 -11.01 -9.49 -1.57
C GLY A 143 -10.43 -9.09 -2.95
N ARG A 144 -11.03 -9.63 -4.07
CA ARG A 144 -10.54 -9.31 -5.43
C ARG A 144 -10.44 -7.79 -5.82
N ILE A 145 -9.34 -7.47 -6.49
CA ILE A 145 -8.86 -6.08 -6.76
C ILE A 145 -8.81 -5.73 -8.28
N ARG A 146 -9.38 -4.54 -8.69
CA ARG A 146 -9.11 -3.90 -10.05
C ARG A 146 -8.28 -2.60 -9.90
N LEU A 147 -7.42 -2.44 -10.93
CA LEU A 147 -6.37 -1.41 -10.89
C LEU A 147 -6.41 -0.55 -12.19
N SER A 148 -5.97 0.73 -12.16
CA SER A 148 -5.96 1.67 -13.32
C SER A 148 -4.53 2.23 -13.49
N ILE A 149 -3.86 1.94 -14.60
CA ILE A 149 -2.58 2.59 -14.94
C ILE A 149 -2.77 4.02 -15.43
N LYS A 150 -3.83 4.25 -16.20
CA LYS A 150 -4.15 5.57 -16.79
C LYS A 150 -4.35 6.68 -15.77
N GLU A 151 -5.15 6.44 -14.71
CA GLU A 151 -5.38 7.46 -13.68
C GLU A 151 -4.10 7.75 -12.88
N ALA A 152 -3.42 6.67 -12.47
CA ALA A 152 -2.21 6.77 -11.74
C ALA A 152 -1.06 7.35 -12.55
N THR A 153 -1.16 7.35 -13.91
CA THR A 153 -0.14 8.07 -14.70
C THR A 153 -0.70 9.43 -15.07
N GLU A 154 -1.92 9.81 -14.61
CA GLU A 154 -2.34 11.20 -14.62
C GLU A 154 -2.84 11.66 -15.96
N GLN A 155 -3.30 10.65 -16.72
CA GLN A 155 -3.79 10.79 -18.10
C GLN A 155 -5.28 11.19 -18.03
N ARG A 14 16.98 1.76 23.98
CA ARG A 14 17.58 2.70 23.03
C ARG A 14 16.54 3.10 21.91
N ILE A 15 16.63 4.35 21.39
CA ILE A 15 15.63 4.89 20.49
C ILE A 15 15.52 4.14 19.19
N HIS A 16 14.23 3.91 18.83
CA HIS A 16 13.91 3.41 17.51
C HIS A 16 12.93 4.31 16.73
N THR A 17 13.24 4.45 15.46
CA THR A 17 12.49 5.38 14.61
C THR A 17 12.15 4.74 13.31
N ILE A 18 10.90 5.01 12.82
CA ILE A 18 10.57 4.78 11.45
C ILE A 18 9.82 6.00 10.90
N LYS A 19 9.79 6.10 9.60
CA LYS A 19 8.81 6.93 8.87
C LYS A 19 7.49 6.16 8.69
N ILE A 20 6.41 6.91 8.74
CA ILE A 20 5.15 6.53 8.15
C ILE A 20 4.81 7.66 7.15
N ASN A 21 4.13 7.33 6.04
CA ASN A 21 3.63 8.23 4.93
C ASN A 21 2.60 9.23 5.52
N PRO A 22 2.60 10.50 5.17
CA PRO A 22 1.74 11.51 5.87
C PRO A 22 0.29 11.52 5.40
N ASP A 23 -0.12 10.60 4.48
CA ASP A 23 -1.49 10.28 4.20
C ASP A 23 -1.97 9.09 5.08
N LYS A 24 -1.06 8.57 5.89
CA LYS A 24 -1.27 7.35 6.62
C LYS A 24 -1.35 7.67 8.13
N ILE A 25 -1.31 8.95 8.58
CA ILE A 25 -1.36 9.24 10.05
C ILE A 25 -2.75 8.90 10.67
N LYS A 26 -3.79 9.27 9.90
CA LYS A 26 -5.19 8.86 10.01
C LYS A 26 -5.48 7.35 10.05
N ASP A 27 -4.47 6.53 9.72
CA ASP A 27 -4.53 5.10 9.87
C ASP A 27 -3.75 4.59 11.10
N VAL A 28 -2.64 5.24 11.48
CA VAL A 28 -1.87 4.78 12.66
C VAL A 28 -2.50 5.36 13.95
N ILE A 29 -3.11 6.57 13.91
CA ILE A 29 -3.78 7.13 15.12
C ILE A 29 -5.26 6.71 15.01
N GLY A 30 -5.99 7.02 13.90
CA GLY A 30 -7.39 6.66 13.79
C GLY A 30 -8.33 7.39 14.75
N LYS A 31 -9.59 6.90 14.71
CA LYS A 31 -10.73 7.59 15.32
C LYS A 31 -10.70 7.44 16.81
N GLY A 32 -10.40 8.55 17.51
CA GLY A 32 -10.50 8.55 18.99
C GLY A 32 -9.19 8.23 19.58
N GLY A 33 -8.15 8.20 18.73
CA GLY A 33 -6.91 7.54 19.09
C GLY A 33 -7.08 6.02 19.24
N SER A 34 -8.02 5.47 18.48
CA SER A 34 -8.44 4.01 18.45
C SER A 34 -7.24 3.12 18.23
N VAL A 35 -6.48 3.37 17.16
CA VAL A 35 -5.60 2.33 16.64
C VAL A 35 -4.28 2.51 17.37
N ILE A 36 -3.89 3.74 17.65
CA ILE A 36 -2.63 3.99 18.39
C ILE A 36 -2.79 3.47 19.79
N ARG A 37 -4.03 3.66 20.43
CA ARG A 37 -4.37 3.16 21.75
C ARG A 37 -4.42 1.66 21.76
N ALA A 38 -5.03 1.11 20.71
CA ALA A 38 -5.09 -0.37 20.51
C ALA A 38 -3.69 -0.92 20.37
N LEU A 39 -2.92 -0.38 19.45
CA LEU A 39 -1.50 -0.76 19.26
C LEU A 39 -0.67 -0.71 20.54
N THR A 40 -0.72 0.39 21.36
CA THR A 40 0.17 0.44 22.56
C THR A 40 -0.09 -0.68 23.54
N GLU A 41 -1.34 -1.11 23.69
CA GLU A 41 -1.71 -2.18 24.63
C GLU A 41 -1.19 -3.59 24.32
N GLU A 42 -1.02 -3.94 23.04
CA GLU A 42 -0.52 -5.19 22.56
C GLU A 42 1.00 -5.13 22.26
N THR A 43 1.61 -3.93 21.89
CA THR A 43 3.09 -3.85 21.67
C THR A 43 3.82 -3.61 22.98
N GLY A 44 3.03 -3.13 23.94
CA GLY A 44 3.36 -2.96 25.37
C GLY A 44 4.31 -1.81 25.66
N THR A 45 4.35 -0.82 24.75
CA THR A 45 5.32 0.31 24.79
C THR A 45 4.60 1.59 24.37
N THR A 46 5.22 2.71 24.71
CA THR A 46 4.74 4.06 24.26
C THR A 46 5.23 4.36 22.82
N ILE A 47 4.31 4.70 21.90
CA ILE A 47 4.70 5.07 20.53
C ILE A 47 4.30 6.57 20.37
N GLU A 48 5.23 7.44 20.06
CA GLU A 48 4.96 8.91 19.83
C GLU A 48 5.33 9.21 18.35
N ILE A 49 4.58 10.19 17.79
CA ILE A 49 4.72 10.57 16.39
C ILE A 49 4.91 12.12 16.24
N GLU A 50 6.03 12.47 15.57
CA GLU A 50 6.35 13.86 15.16
C GLU A 50 5.75 14.22 13.78
N ASP A 51 5.37 15.54 13.52
CA ASP A 51 4.41 15.86 12.48
C ASP A 51 4.84 15.72 11.03
N ASP A 52 6.09 15.35 10.82
CA ASP A 52 6.63 14.96 9.45
C ASP A 52 6.49 13.45 9.15
N GLY A 53 5.97 12.69 10.08
CA GLY A 53 5.62 11.29 9.92
C GLY A 53 6.63 10.48 10.62
N THR A 54 7.54 11.12 11.42
CA THR A 54 8.52 10.41 12.17
C THR A 54 7.91 9.82 13.46
N VAL A 55 7.77 8.47 13.46
CA VAL A 55 7.48 7.71 14.71
C VAL A 55 8.72 7.33 15.61
N LYS A 56 8.59 7.72 16.89
CA LYS A 56 9.61 7.62 17.90
C LYS A 56 9.12 6.65 18.96
N ILE A 57 9.94 5.63 19.18
CA ILE A 57 9.82 4.70 20.25
C ILE A 57 11.16 4.80 20.96
N ALA A 58 11.13 4.97 22.27
CA ALA A 58 12.36 5.05 23.04
C ALA A 58 12.79 3.83 23.87
N ALA A 59 11.89 2.85 23.96
CA ALA A 59 11.99 1.51 24.63
C ALA A 59 13.35 0.93 25.00
N THR A 60 13.42 0.44 26.25
CA THR A 60 14.55 -0.36 26.68
C THR A 60 14.61 -1.72 25.97
N ASP A 61 13.44 -2.37 25.78
CA ASP A 61 13.35 -3.56 24.95
C ASP A 61 13.28 -3.32 23.41
N GLY A 62 14.21 -3.99 22.68
CA GLY A 62 14.19 -4.08 21.20
C GLY A 62 13.00 -4.85 20.65
N GLU A 63 12.67 -5.96 21.35
CA GLU A 63 11.50 -6.78 20.97
C GLU A 63 10.14 -5.96 20.98
N LYS A 64 9.99 -5.00 21.93
CA LYS A 64 8.80 -4.08 21.99
C LYS A 64 8.69 -3.12 20.86
N ALA A 65 9.79 -2.46 20.56
CA ALA A 65 9.94 -1.55 19.41
C ALA A 65 9.87 -2.27 18.05
N LYS A 66 10.56 -3.40 17.92
CA LYS A 66 10.58 -4.13 16.68
C LYS A 66 9.22 -4.71 16.39
N HIS A 67 8.54 -5.17 17.45
CA HIS A 67 7.10 -5.52 17.40
C HIS A 67 6.27 -4.28 17.03
N ALA A 68 6.49 -3.12 17.66
CA ALA A 68 5.73 -1.97 17.27
C ALA A 68 5.90 -1.56 15.84
N ILE A 69 7.14 -1.52 15.35
CA ILE A 69 7.48 -1.29 13.91
C ILE A 69 6.88 -2.34 12.96
N ARG A 70 6.94 -3.62 13.30
CA ARG A 70 6.22 -4.64 12.50
C ARG A 70 4.66 -4.57 12.50
N ARG A 71 4.00 -4.31 13.66
CA ARG A 71 2.51 -4.03 13.75
C ARG A 71 2.05 -2.71 13.10
N ILE A 72 2.84 -1.61 13.22
CA ILE A 72 2.56 -0.44 12.40
C ILE A 72 2.64 -0.76 10.91
N GLU A 73 3.61 -1.54 10.52
CA GLU A 73 3.71 -2.06 9.13
C GLU A 73 2.47 -2.86 8.59
N GLU A 74 1.96 -3.75 9.41
CA GLU A 74 0.71 -4.50 9.23
C GLU A 74 -0.52 -3.59 9.17
N ILE A 75 -0.59 -2.62 10.12
CA ILE A 75 -1.56 -1.51 10.08
C ILE A 75 -1.53 -0.60 8.85
N THR A 76 -0.38 -0.37 8.28
CA THR A 76 -0.26 0.54 7.10
C THR A 76 -0.15 -0.22 5.75
N ALA A 77 -0.34 -1.56 5.77
CA ALA A 77 -0.17 -2.36 4.54
C ALA A 77 -1.40 -2.36 3.51
N GLU A 78 -2.21 -1.28 3.62
CA GLU A 78 -3.56 -1.13 2.98
C GLU A 78 -3.61 -0.01 1.95
N ILE A 79 -4.16 -0.32 0.72
CA ILE A 79 -3.98 0.53 -0.50
C ILE A 79 -5.15 1.42 -0.83
N GLU A 80 -4.81 2.62 -1.35
CA GLU A 80 -5.75 3.73 -1.27
C GLU A 80 -6.18 4.24 -2.66
N VAL A 81 -7.46 4.57 -2.84
CA VAL A 81 -7.95 5.09 -4.11
C VAL A 81 -7.32 6.40 -4.61
N GLY A 82 -7.01 6.50 -5.91
CA GLY A 82 -6.26 7.71 -6.39
C GLY A 82 -4.78 7.77 -5.98
N ARG A 83 -4.25 6.77 -5.28
CA ARG A 83 -2.81 6.73 -5.02
C ARG A 83 -2.09 5.82 -5.98
N VAL A 84 -0.79 6.16 -6.25
CA VAL A 84 0.08 5.41 -7.17
C VAL A 84 1.12 4.60 -6.39
N TYR A 85 1.40 3.40 -6.95
CA TYR A 85 2.17 2.28 -6.35
C TYR A 85 3.07 1.74 -7.43
N THR A 86 4.18 1.05 -7.00
CA THR A 86 4.89 0.21 -7.97
C THR A 86 4.33 -1.22 -7.80
N GLY A 87 3.82 -1.78 -8.89
CA GLY A 87 3.31 -3.14 -8.85
C GLY A 87 4.04 -3.98 -9.88
N LYS A 88 3.83 -5.27 -9.83
CA LYS A 88 4.48 -6.20 -10.77
C LYS A 88 3.40 -7.02 -11.41
N VAL A 89 3.47 -7.22 -12.74
CA VAL A 89 2.50 -8.05 -13.50
C VAL A 89 2.62 -9.55 -13.13
N THR A 90 1.52 -10.17 -12.62
CA THR A 90 1.57 -11.57 -12.17
C THR A 90 0.88 -12.53 -13.19
N ARG A 91 -0.16 -12.05 -13.91
CA ARG A 91 -0.78 -12.91 -14.96
C ARG A 91 -1.64 -12.15 -15.96
N ILE A 92 -1.30 -12.30 -17.23
CA ILE A 92 -2.09 -11.68 -18.33
C ILE A 92 -3.30 -12.59 -18.67
N VAL A 93 -4.49 -11.91 -18.78
CA VAL A 93 -5.80 -12.46 -19.17
C VAL A 93 -6.33 -11.67 -20.46
N ASP A 94 -7.45 -12.07 -21.14
CA ASP A 94 -7.80 -11.55 -22.51
C ASP A 94 -8.10 -10.05 -22.54
N PHE A 95 -8.66 -9.58 -21.40
CA PHE A 95 -9.17 -8.23 -21.20
C PHE A 95 -8.41 -7.47 -20.05
N GLY A 96 -7.16 -7.89 -19.74
CA GLY A 96 -6.47 -7.33 -18.57
C GLY A 96 -5.27 -8.10 -18.11
N ALA A 97 -4.52 -7.40 -17.29
CA ALA A 97 -3.40 -7.99 -16.57
C ALA A 97 -3.52 -7.85 -15.05
N PHE A 98 -3.34 -8.98 -14.29
CA PHE A 98 -3.22 -8.91 -12.83
C PHE A 98 -1.81 -8.33 -12.48
N VAL A 99 -1.85 -7.44 -11.47
CA VAL A 99 -0.67 -6.78 -10.91
C VAL A 99 -0.76 -6.91 -9.41
N ALA A 100 0.41 -7.29 -8.83
CA ALA A 100 0.56 -7.37 -7.37
C ALA A 100 1.32 -6.15 -6.72
N ILE A 101 0.86 -5.72 -5.52
CA ILE A 101 1.39 -4.54 -4.87
C ILE A 101 1.76 -5.00 -3.47
N GLY A 102 2.82 -4.44 -2.79
CA GLY A 102 3.12 -4.88 -1.44
C GLY A 102 2.00 -4.99 -0.43
N GLY A 103 2.20 -5.92 0.55
CA GLY A 103 1.21 -6.24 1.55
C GLY A 103 0.22 -7.33 1.14
N GLY A 104 0.51 -8.12 0.12
CA GLY A 104 -0.34 -9.24 -0.37
C GLY A 104 -1.58 -8.84 -1.18
N LYS A 105 -1.61 -7.67 -1.81
CA LYS A 105 -2.81 -7.22 -2.50
C LYS A 105 -2.51 -7.15 -4.00
N GLU A 106 -3.43 -7.74 -4.78
CA GLU A 106 -3.31 -7.82 -6.24
C GLU A 106 -4.60 -7.28 -6.94
N GLY A 107 -4.44 -6.46 -7.98
CA GLY A 107 -5.53 -5.89 -8.69
C GLY A 107 -5.47 -6.16 -10.17
N LEU A 108 -6.53 -5.77 -10.91
CA LEU A 108 -6.50 -5.85 -12.37
C LEU A 108 -6.31 -4.43 -12.98
N VAL A 109 -5.48 -4.41 -14.03
CA VAL A 109 -5.49 -3.35 -15.00
C VAL A 109 -6.29 -3.79 -16.29
N HIS A 110 -7.57 -3.44 -16.42
CA HIS A 110 -8.33 -3.77 -17.66
C HIS A 110 -7.60 -3.28 -18.98
N ILE A 111 -8.03 -3.86 -20.10
CA ILE A 111 -7.52 -3.50 -21.46
C ILE A 111 -7.43 -2.01 -21.86
N SER A 112 -8.35 -1.12 -21.38
CA SER A 112 -8.40 0.32 -21.69
C SER A 112 -7.60 1.13 -20.69
N GLN A 113 -6.85 0.49 -19.74
CA GLN A 113 -6.18 1.24 -18.73
C GLN A 113 -4.62 1.05 -18.78
N ILE A 114 -4.07 0.46 -19.87
CA ILE A 114 -2.67 0.05 -19.93
C ILE A 114 -1.85 1.10 -20.71
N ALA A 115 -2.38 1.57 -21.91
CA ALA A 115 -1.73 2.57 -22.74
C ALA A 115 -2.69 3.48 -23.54
N ASP A 116 -2.09 4.57 -24.10
CA ASP A 116 -2.60 5.42 -25.15
C ASP A 116 -2.76 4.74 -26.53
N LYS A 117 -1.75 3.93 -26.89
CA LYS A 117 -1.66 2.99 -28.00
C LYS A 117 -2.91 2.14 -28.25
N ARG A 118 -3.09 1.76 -29.48
CA ARG A 118 -4.13 0.74 -29.76
C ARG A 118 -3.84 -0.67 -29.17
N VAL A 119 -4.42 -1.01 -28.00
CA VAL A 119 -4.24 -2.36 -27.38
C VAL A 119 -5.43 -3.27 -27.79
N GLU A 120 -5.21 -4.46 -28.38
CA GLU A 120 -6.30 -5.35 -28.80
C GLU A 120 -6.25 -6.56 -27.89
N LYS A 121 -5.06 -6.99 -27.44
CA LYS A 121 -4.92 -8.02 -26.43
C LYS A 121 -3.70 -7.62 -25.63
N VAL A 122 -3.66 -7.93 -24.34
CA VAL A 122 -2.75 -7.33 -23.39
C VAL A 122 -1.33 -7.87 -23.57
N THR A 123 -1.15 -9.10 -24.12
CA THR A 123 0.18 -9.80 -24.32
C THR A 123 1.08 -8.94 -25.20
N ASP A 124 0.50 -8.18 -26.12
CA ASP A 124 1.31 -7.36 -27.04
C ASP A 124 1.98 -6.07 -26.42
N TYR A 125 1.50 -5.63 -25.24
CA TYR A 125 1.89 -4.35 -24.56
C TYR A 125 2.34 -4.48 -23.06
N LEU A 126 2.25 -5.70 -22.50
CA LEU A 126 2.91 -6.06 -21.22
C LEU A 126 3.38 -7.52 -21.29
N GLN A 127 4.24 -7.95 -20.32
CA GLN A 127 4.66 -9.34 -20.14
C GLN A 127 4.68 -9.71 -18.61
N MET A 128 4.63 -11.03 -18.24
CA MET A 128 4.64 -11.40 -16.80
C MET A 128 6.05 -11.17 -16.12
N GLY A 129 5.97 -10.84 -14.79
CA GLY A 129 7.02 -10.39 -13.85
C GLY A 129 7.71 -9.11 -14.26
N GLN A 130 7.01 -8.22 -15.01
CA GLN A 130 7.55 -6.89 -15.23
C GLN A 130 6.94 -5.97 -14.20
N GLU A 131 7.73 -4.97 -13.76
CA GLU A 131 7.26 -3.94 -12.81
C GLU A 131 6.61 -2.84 -13.68
N VAL A 132 5.53 -2.31 -13.11
CA VAL A 132 4.61 -1.42 -13.72
C VAL A 132 4.24 -0.38 -12.61
N PRO A 133 4.33 0.92 -12.83
CA PRO A 133 3.49 1.91 -12.07
C PRO A 133 1.98 1.64 -12.14
N VAL A 134 1.37 1.45 -10.92
CA VAL A 134 -0.06 1.26 -10.84
C VAL A 134 -0.80 2.26 -9.96
N LYS A 135 -1.90 2.82 -10.54
CA LYS A 135 -2.71 3.84 -9.85
C LYS A 135 -4.02 3.14 -9.45
N VAL A 136 -4.52 3.20 -8.21
CA VAL A 136 -5.78 2.50 -7.86
C VAL A 136 -6.94 3.47 -8.26
N LEU A 137 -7.97 3.02 -8.93
CA LEU A 137 -9.11 3.87 -9.32
C LEU A 137 -10.39 3.51 -8.55
N GLU A 138 -10.30 2.42 -7.77
CA GLU A 138 -11.38 1.87 -6.89
C GLU A 138 -10.84 0.75 -6.00
N VAL A 139 -11.10 0.91 -4.70
CA VAL A 139 -11.15 -0.21 -3.77
C VAL A 139 -12.63 -0.49 -3.44
N ASP A 140 -13.16 -1.56 -4.02
CA ASP A 140 -14.55 -2.06 -3.75
C ASP A 140 -14.66 -3.00 -2.51
N ARG A 141 -15.81 -3.00 -1.80
CA ARG A 141 -15.99 -3.69 -0.51
C ARG A 141 -16.17 -5.22 -0.63
N GLN A 142 -16.27 -5.75 -1.85
CA GLN A 142 -16.25 -7.22 -2.04
C GLN A 142 -14.83 -7.74 -2.26
N GLY A 143 -13.79 -6.88 -2.30
CA GLY A 143 -12.36 -7.27 -2.34
C GLY A 143 -11.77 -7.10 -3.72
N ARG A 144 -12.42 -6.21 -4.52
CA ARG A 144 -12.27 -6.16 -5.97
C ARG A 144 -11.44 -4.84 -6.24
N ILE A 145 -10.17 -4.97 -6.80
CA ILE A 145 -9.15 -3.94 -6.75
C ILE A 145 -8.89 -3.45 -8.21
N ARG A 146 -9.16 -2.16 -8.43
CA ARG A 146 -9.10 -1.64 -9.78
C ARG A 146 -7.91 -0.69 -9.96
N LEU A 147 -7.01 -1.20 -10.79
CA LEU A 147 -5.69 -0.62 -11.02
C LEU A 147 -5.67 0.00 -12.43
N SER A 148 -4.76 0.93 -12.71
CA SER A 148 -4.57 1.52 -14.09
C SER A 148 -3.07 1.72 -14.18
N ILE A 149 -2.53 1.69 -15.39
CA ILE A 149 -1.13 2.04 -15.75
C ILE A 149 -1.27 3.39 -16.47
N LYS A 150 -2.26 3.50 -17.39
CA LYS A 150 -2.44 4.66 -18.27
C LYS A 150 -2.64 5.91 -17.51
N GLU A 151 -3.34 5.85 -16.38
CA GLU A 151 -3.49 6.97 -15.58
C GLU A 151 -2.27 7.34 -14.74
N ALA A 152 -1.40 6.36 -14.44
CA ALA A 152 -0.24 6.54 -13.55
C ALA A 152 0.90 7.24 -14.28
N THR A 153 0.92 7.03 -15.62
CA THR A 153 1.84 7.64 -16.59
C THR A 153 1.16 8.95 -17.15
N GLU A 154 -0.06 9.19 -16.62
CA GLU A 154 -0.96 10.34 -16.77
C GLU A 154 -1.32 10.62 -18.20
N GLN A 155 -1.66 9.55 -18.94
CA GLN A 155 -2.02 9.78 -20.32
C GLN A 155 -3.34 10.45 -20.54
N ARG A 14 19.89 4.34 22.70
CA ARG A 14 19.51 4.97 21.43
C ARG A 14 18.04 4.72 21.09
N ILE A 15 17.28 5.80 20.67
CA ILE A 15 15.82 5.75 20.36
C ILE A 15 15.45 4.76 19.25
N HIS A 16 14.28 4.01 19.38
CA HIS A 16 13.78 3.18 18.30
C HIS A 16 12.68 3.99 17.58
N THR A 17 12.78 4.07 16.22
CA THR A 17 12.02 5.06 15.44
C THR A 17 11.70 4.50 14.09
N ILE A 18 10.78 5.08 13.33
CA ILE A 18 10.66 4.66 11.96
C ILE A 18 10.10 5.90 11.23
N LYS A 19 10.46 6.16 9.93
CA LYS A 19 9.98 7.26 9.17
C LYS A 19 9.07 6.64 8.12
N ILE A 20 7.81 7.05 8.25
CA ILE A 20 6.65 6.62 7.52
C ILE A 20 6.21 7.73 6.53
N ASN A 21 5.35 7.28 5.62
CA ASN A 21 4.63 8.13 4.66
C ASN A 21 3.61 9.03 5.39
N PRO A 22 3.63 10.31 5.13
CA PRO A 22 2.63 11.27 5.74
C PRO A 22 1.15 11.00 5.53
N ASP A 23 0.82 10.22 4.49
CA ASP A 23 -0.47 9.71 4.23
C ASP A 23 -0.85 8.57 5.19
N LYS A 24 0.10 7.90 5.79
CA LYS A 24 -0.06 6.84 6.78
C LYS A 24 0.07 7.40 8.16
N ILE A 25 0.34 8.72 8.30
CA ILE A 25 0.14 9.34 9.59
C ILE A 25 -1.34 9.19 10.11
N LYS A 26 -2.34 9.43 9.29
CA LYS A 26 -3.76 9.32 9.70
C LYS A 26 -4.17 7.87 9.94
N ASP A 27 -3.54 6.92 9.23
CA ASP A 27 -3.78 5.48 9.43
C ASP A 27 -3.15 4.98 10.73
N VAL A 28 -1.89 5.39 11.03
CA VAL A 28 -1.16 4.96 12.27
C VAL A 28 -1.80 5.58 13.52
N ILE A 29 -2.23 6.88 13.45
CA ILE A 29 -3.01 7.56 14.52
C ILE A 29 -4.39 6.90 14.73
N GLY A 30 -5.08 6.76 13.59
CA GLY A 30 -6.45 6.25 13.47
C GLY A 30 -7.50 7.27 13.72
N LYS A 31 -8.76 6.85 13.61
CA LYS A 31 -9.89 7.81 13.76
C LYS A 31 -10.13 8.13 15.22
N GLY A 32 -9.91 9.41 15.49
CA GLY A 32 -10.00 9.89 16.85
C GLY A 32 -8.82 9.50 17.78
N GLY A 33 -7.61 9.15 17.24
CA GLY A 33 -6.49 8.65 18.06
C GLY A 33 -6.55 7.16 18.43
N SER A 34 -7.53 6.54 17.83
CA SER A 34 -7.92 5.14 18.11
C SER A 34 -6.76 4.14 17.93
N VAL A 35 -6.04 4.18 16.78
CA VAL A 35 -4.96 3.19 16.47
C VAL A 35 -3.73 3.51 17.34
N ILE A 36 -3.49 4.81 17.66
CA ILE A 36 -2.45 5.18 18.61
C ILE A 36 -2.67 4.47 19.95
N ARG A 37 -3.89 4.50 20.53
CA ARG A 37 -4.09 3.73 21.79
C ARG A 37 -3.90 2.21 21.59
N ALA A 38 -4.46 1.67 20.51
CA ALA A 38 -4.40 0.26 20.21
C ALA A 38 -3.00 -0.38 20.08
N LEU A 39 -2.15 0.27 19.29
CA LEU A 39 -0.73 -0.08 19.12
C LEU A 39 0.00 0.05 20.49
N THR A 40 -0.25 1.16 21.30
CA THR A 40 0.34 1.31 22.63
C THR A 40 0.00 0.19 23.64
N GLU A 41 -1.31 -0.03 23.87
CA GLU A 41 -1.87 -1.12 24.74
C GLU A 41 -1.40 -2.52 24.33
N GLU A 42 -1.49 -2.82 23.02
CA GLU A 42 -1.04 -4.04 22.38
C GLU A 42 0.44 -4.34 22.43
N THR A 43 1.29 -3.38 22.04
CA THR A 43 2.77 -3.56 22.02
C THR A 43 3.40 -3.43 23.37
N GLY A 44 2.58 -3.01 24.32
CA GLY A 44 2.95 -2.85 25.73
C GLY A 44 3.96 -1.75 25.99
N THR A 45 4.08 -0.81 25.03
CA THR A 45 5.01 0.31 25.12
C THR A 45 4.36 1.49 24.39
N THR A 46 4.73 2.68 24.81
CA THR A 46 4.22 3.93 24.22
C THR A 46 4.68 4.19 22.81
N ILE A 47 3.71 4.69 22.06
CA ILE A 47 3.85 4.95 20.64
C ILE A 47 3.63 6.42 20.53
N GLU A 48 4.55 7.17 19.88
CA GLU A 48 4.24 8.57 19.55
C GLU A 48 4.64 8.93 18.14
N ILE A 49 3.95 9.89 17.48
CA ILE A 49 4.15 10.12 16.06
C ILE A 49 4.23 11.59 15.77
N GLU A 50 5.34 12.05 15.11
CA GLU A 50 5.46 13.41 14.70
C GLU A 50 4.83 13.67 13.35
N ASP A 51 4.70 14.93 13.03
CA ASP A 51 3.87 15.22 11.82
C ASP A 51 4.52 14.98 10.43
N ASP A 52 5.82 14.83 10.43
CA ASP A 52 6.64 14.63 9.22
C ASP A 52 6.74 13.13 8.83
N GLY A 53 6.17 12.27 9.62
CA GLY A 53 6.28 10.82 9.37
C GLY A 53 7.16 10.16 10.45
N THR A 54 7.66 10.88 11.47
CA THR A 54 8.56 10.22 12.45
C THR A 54 7.84 9.56 13.63
N VAL A 55 7.81 8.26 13.61
CA VAL A 55 7.25 7.54 14.77
C VAL A 55 8.34 7.27 15.82
N LYS A 56 8.03 7.48 17.15
CA LYS A 56 8.98 7.25 18.27
C LYS A 56 8.41 6.11 19.11
N ILE A 57 9.19 5.01 19.25
CA ILE A 57 8.72 3.83 19.92
C ILE A 57 9.50 3.83 21.22
N ALA A 58 8.81 3.87 22.36
CA ALA A 58 9.43 4.06 23.69
C ALA A 58 10.37 2.89 24.14
N ALA A 59 10.01 1.60 23.97
CA ALA A 59 10.79 0.38 24.28
C ALA A 59 12.28 0.31 24.05
N THR A 60 12.92 -0.54 24.84
CA THR A 60 14.37 -0.77 24.73
C THR A 60 14.58 -2.25 24.45
N ASP A 61 13.83 -3.15 25.20
CA ASP A 61 13.95 -4.57 25.09
C ASP A 61 13.58 -4.97 23.63
N GLY A 62 14.43 -5.80 23.03
CA GLY A 62 14.44 -6.12 21.57
C GLY A 62 13.15 -6.52 20.92
N GLU A 63 12.46 -7.51 21.49
CA GLU A 63 11.18 -7.92 20.98
C GLU A 63 10.00 -6.90 21.10
N LYS A 64 9.94 -6.17 22.17
CA LYS A 64 8.86 -5.18 22.37
C LYS A 64 8.96 -4.03 21.34
N ALA A 65 10.15 -3.59 21.14
CA ALA A 65 10.42 -2.64 20.05
C ALA A 65 10.12 -3.27 18.72
N LYS A 66 10.61 -4.52 18.45
CA LYS A 66 10.45 -5.26 17.20
C LYS A 66 9.02 -5.55 16.84
N HIS A 67 8.21 -5.81 17.82
CA HIS A 67 6.71 -5.95 17.60
C HIS A 67 6.02 -4.65 17.15
N ALA A 68 6.39 -3.52 17.73
CA ALA A 68 5.77 -2.26 17.38
C ALA A 68 6.06 -1.87 15.93
N ILE A 69 7.30 -2.17 15.50
CA ILE A 69 7.72 -1.88 14.13
C ILE A 69 6.89 -2.71 13.17
N ARG A 70 6.80 -4.00 13.42
CA ARG A 70 6.00 -4.91 12.60
C ARG A 70 4.50 -4.56 12.49
N ARG A 71 3.92 -4.09 13.63
CA ARG A 71 2.56 -3.60 13.73
C ARG A 71 2.37 -2.24 13.02
N ILE A 72 3.33 -1.31 13.16
CA ILE A 72 3.40 -0.08 12.31
C ILE A 72 3.44 -0.48 10.81
N GLU A 73 4.23 -1.49 10.48
CA GLU A 73 4.35 -1.96 9.07
C GLU A 73 2.99 -2.50 8.50
N GLU A 74 2.26 -3.29 9.30
CA GLU A 74 0.86 -3.69 8.91
C GLU A 74 -0.06 -2.50 8.67
N ILE A 75 -0.09 -1.44 9.49
CA ILE A 75 -1.04 -0.35 9.36
C ILE A 75 -0.61 0.56 8.26
N THR A 76 0.72 0.61 7.94
CA THR A 76 1.19 1.44 6.82
C THR A 76 0.97 0.77 5.46
N ALA A 77 0.72 -0.57 5.33
CA ALA A 77 0.61 -1.25 4.08
C ALA A 77 -0.74 -1.01 3.34
N GLU A 78 -1.78 -0.56 4.06
CA GLU A 78 -3.16 -0.66 3.57
C GLU A 78 -3.46 0.21 2.37
N ILE A 79 -3.86 -0.42 1.21
CA ILE A 79 -4.09 0.34 -0.03
C ILE A 79 -5.37 1.21 -0.05
N GLU A 80 -5.18 2.40 -0.59
CA GLU A 80 -6.24 3.42 -0.53
C GLU A 80 -6.57 3.85 -1.95
N VAL A 81 -7.80 4.18 -2.20
CA VAL A 81 -8.15 4.78 -3.53
C VAL A 81 -7.48 6.14 -3.75
N GLY A 82 -7.29 6.51 -5.04
CA GLY A 82 -6.63 7.74 -5.40
C GLY A 82 -5.07 7.73 -5.34
N ARG A 83 -4.44 6.69 -4.79
CA ARG A 83 -2.99 6.72 -4.56
C ARG A 83 -2.24 6.02 -5.71
N VAL A 84 -0.94 6.39 -6.00
CA VAL A 84 -0.13 5.75 -7.09
C VAL A 84 1.08 4.99 -6.49
N TYR A 85 1.05 3.68 -6.72
CA TYR A 85 1.99 2.65 -6.25
C TYR A 85 2.73 2.17 -7.50
N THR A 86 3.82 1.44 -7.27
CA THR A 86 4.51 0.78 -8.36
C THR A 86 4.07 -0.68 -8.29
N GLY A 87 3.41 -1.18 -9.29
CA GLY A 87 2.84 -2.55 -9.19
C GLY A 87 3.62 -3.47 -10.02
N LYS A 88 3.56 -4.79 -9.70
CA LYS A 88 4.22 -5.75 -10.56
C LYS A 88 3.21 -6.72 -11.22
N VAL A 89 3.29 -6.86 -12.58
CA VAL A 89 2.41 -7.81 -13.32
C VAL A 89 2.46 -9.32 -12.84
N THR A 90 1.31 -9.99 -12.51
CA THR A 90 1.32 -11.38 -12.12
C THR A 90 0.86 -12.34 -13.21
N ARG A 91 -0.13 -11.87 -14.01
CA ARG A 91 -0.81 -12.64 -15.02
C ARG A 91 -1.61 -11.73 -15.97
N ILE A 92 -1.89 -12.24 -17.21
CA ILE A 92 -2.39 -11.45 -18.32
C ILE A 92 -3.43 -12.31 -19.05
N VAL A 93 -4.48 -11.66 -19.51
CA VAL A 93 -5.58 -12.39 -20.12
C VAL A 93 -6.08 -11.58 -21.31
N ASP A 94 -7.30 -11.92 -21.82
CA ASP A 94 -8.04 -11.29 -22.90
C ASP A 94 -8.56 -9.84 -22.62
N PHE A 95 -9.02 -9.55 -21.41
CA PHE A 95 -9.45 -8.15 -20.96
C PHE A 95 -8.40 -7.34 -20.20
N GLY A 96 -7.14 -7.75 -19.92
CA GLY A 96 -6.29 -7.02 -19.02
C GLY A 96 -5.16 -7.81 -18.43
N ALA A 97 -4.44 -7.13 -17.53
CA ALA A 97 -3.30 -7.69 -16.83
C ALA A 97 -3.61 -7.40 -15.37
N PHE A 98 -3.34 -8.44 -14.56
CA PHE A 98 -3.49 -8.42 -13.13
C PHE A 98 -2.11 -8.00 -12.66
N VAL A 99 -2.13 -7.22 -11.59
CA VAL A 99 -0.92 -6.57 -11.02
C VAL A 99 -1.06 -6.56 -9.47
N ALA A 100 0.03 -6.88 -8.79
CA ALA A 100 0.09 -6.88 -7.32
C ALA A 100 0.89 -5.72 -6.80
N ILE A 101 0.41 -5.23 -5.65
CA ILE A 101 0.93 -4.07 -4.95
C ILE A 101 0.90 -4.37 -3.44
N GLY A 102 1.59 -3.50 -2.62
CA GLY A 102 1.78 -3.53 -1.20
C GLY A 102 0.74 -4.19 -0.22
N GLY A 103 1.22 -5.03 0.69
CA GLY A 103 0.32 -5.81 1.56
C GLY A 103 -0.01 -7.15 0.93
N GLY A 104 0.63 -7.46 -0.17
CA GLY A 104 0.36 -8.64 -0.93
C GLY A 104 -0.94 -8.55 -1.68
N LYS A 105 -1.29 -7.41 -2.20
CA LYS A 105 -2.66 -7.23 -2.77
C LYS A 105 -2.69 -7.27 -4.33
N GLU A 106 -3.26 -8.30 -4.98
CA GLU A 106 -3.30 -8.37 -6.49
C GLU A 106 -4.60 -7.78 -7.01
N GLY A 107 -4.50 -6.81 -7.92
CA GLY A 107 -5.69 -6.16 -8.45
C GLY A 107 -5.67 -6.25 -9.98
N LEU A 108 -6.63 -5.65 -10.68
CA LEU A 108 -6.77 -5.85 -12.14
C LEU A 108 -6.67 -4.54 -12.89
N VAL A 109 -5.76 -4.54 -13.89
CA VAL A 109 -5.72 -3.50 -14.87
C VAL A 109 -6.44 -4.02 -16.11
N HIS A 110 -7.63 -3.42 -16.43
CA HIS A 110 -8.20 -3.62 -17.79
C HIS A 110 -7.41 -3.03 -18.96
N ILE A 111 -7.65 -3.72 -20.10
CA ILE A 111 -7.02 -3.49 -21.40
C ILE A 111 -7.11 -2.02 -21.89
N SER A 112 -8.25 -1.31 -21.64
CA SER A 112 -8.45 0.11 -21.99
C SER A 112 -7.69 1.01 -21.00
N GLN A 113 -7.25 0.44 -19.84
CA GLN A 113 -6.55 1.16 -18.75
C GLN A 113 -5.04 0.88 -18.84
N ILE A 114 -4.58 0.21 -19.92
CA ILE A 114 -3.16 -0.16 -20.05
C ILE A 114 -2.30 1.09 -20.51
N ALA A 115 -2.86 1.94 -21.31
CA ALA A 115 -2.07 3.03 -21.98
C ALA A 115 -2.95 4.10 -22.57
N ASP A 116 -2.23 5.07 -23.20
CA ASP A 116 -2.81 6.05 -24.12
C ASP A 116 -3.48 5.37 -25.38
N LYS A 117 -2.72 4.54 -26.11
CA LYS A 117 -3.21 3.86 -27.34
C LYS A 117 -3.79 2.46 -27.09
N ARG A 118 -4.61 1.97 -28.06
CA ARG A 118 -5.24 0.60 -28.04
C ARG A 118 -4.33 -0.50 -28.58
N VAL A 119 -4.17 -1.57 -27.77
CA VAL A 119 -3.28 -2.70 -28.14
C VAL A 119 -4.16 -3.95 -28.33
N GLU A 120 -4.04 -4.71 -29.41
CA GLU A 120 -4.93 -5.87 -29.49
C GLU A 120 -4.70 -6.87 -28.40
N LYS A 121 -3.43 -7.11 -28.06
CA LYS A 121 -2.99 -8.13 -27.07
C LYS A 121 -2.04 -7.50 -26.02
N VAL A 122 -2.47 -7.53 -24.75
CA VAL A 122 -1.70 -7.04 -23.60
C VAL A 122 -0.45 -7.86 -23.44
N THR A 123 -0.40 -9.16 -23.81
CA THR A 123 0.78 -9.99 -23.60
C THR A 123 1.97 -9.62 -24.51
N ASP A 124 1.69 -8.96 -25.66
CA ASP A 124 2.66 -8.42 -26.60
C ASP A 124 3.25 -7.13 -26.15
N TYR A 125 2.55 -6.40 -25.21
CA TYR A 125 3.08 -5.20 -24.57
C TYR A 125 3.51 -5.33 -23.09
N LEU A 126 3.22 -6.46 -22.40
CA LEU A 126 3.59 -6.68 -21.07
C LEU A 126 3.90 -8.19 -20.88
N GLN A 127 4.67 -8.40 -19.82
CA GLN A 127 5.33 -9.64 -19.51
C GLN A 127 5.30 -9.77 -18.01
N MET A 128 5.28 -11.00 -17.48
CA MET A 128 5.13 -11.25 -16.05
C MET A 128 6.41 -10.83 -15.20
N GLY A 129 6.14 -10.27 -13.99
CA GLY A 129 7.13 -9.74 -13.07
C GLY A 129 7.38 -8.29 -13.42
N GLN A 130 6.92 -7.75 -14.58
CA GLN A 130 7.24 -6.35 -14.96
C GLN A 130 6.44 -5.30 -14.24
N GLU A 131 7.15 -4.18 -13.89
CA GLU A 131 6.68 -3.23 -12.91
C GLU A 131 6.12 -2.00 -13.60
N VAL A 132 4.91 -1.62 -13.20
CA VAL A 132 4.21 -0.50 -13.83
C VAL A 132 3.57 0.48 -12.78
N PRO A 133 3.52 1.82 -12.95
CA PRO A 133 2.67 2.64 -12.02
C PRO A 133 1.23 2.20 -12.09
N VAL A 134 0.62 2.08 -10.91
CA VAL A 134 -0.83 1.82 -10.84
C VAL A 134 -1.46 2.70 -9.76
N LYS A 135 -2.72 3.04 -10.09
CA LYS A 135 -3.59 3.88 -9.27
C LYS A 135 -4.74 2.98 -8.87
N VAL A 136 -5.12 3.04 -7.58
CA VAL A 136 -6.16 2.21 -6.97
C VAL A 136 -7.47 2.95 -7.18
N LEU A 137 -8.51 2.28 -7.75
CA LEU A 137 -9.72 2.98 -8.21
C LEU A 137 -10.78 2.77 -7.13
N GLU A 138 -11.07 1.49 -6.84
CA GLU A 138 -12.12 1.10 -5.94
C GLU A 138 -11.94 -0.34 -5.53
N VAL A 139 -12.54 -0.75 -4.39
CA VAL A 139 -12.55 -2.11 -3.99
C VAL A 139 -14.04 -2.48 -4.08
N ASP A 140 -14.28 -3.49 -4.95
CA ASP A 140 -15.55 -4.18 -5.23
C ASP A 140 -15.97 -5.11 -4.05
N ARG A 141 -17.30 -5.51 -4.04
CA ARG A 141 -17.98 -6.18 -2.92
C ARG A 141 -17.32 -7.50 -2.52
N GLN A 142 -16.76 -8.24 -3.44
CA GLN A 142 -16.09 -9.54 -3.14
C GLN A 142 -14.60 -9.29 -2.86
N GLY A 143 -14.22 -8.03 -2.70
CA GLY A 143 -12.88 -7.60 -2.32
C GLY A 143 -11.90 -7.52 -3.47
N ARG A 144 -12.50 -7.50 -4.63
CA ARG A 144 -11.76 -7.37 -5.91
C ARG A 144 -11.15 -5.93 -6.15
N ILE A 145 -9.79 -5.86 -6.24
CA ILE A 145 -9.12 -4.52 -6.31
C ILE A 145 -9.01 -4.03 -7.71
N ARG A 146 -9.56 -2.81 -7.99
CA ARG A 146 -9.53 -2.26 -9.34
C ARG A 146 -8.33 -1.27 -9.48
N LEU A 147 -7.55 -1.39 -10.53
CA LEU A 147 -6.31 -0.56 -10.74
C LEU A 147 -6.33 0.05 -12.14
N SER A 148 -5.83 1.31 -12.39
CA SER A 148 -5.50 1.80 -13.74
C SER A 148 -4.04 2.21 -13.83
N ILE A 149 -3.32 1.75 -14.91
CA ILE A 149 -1.93 2.12 -15.23
C ILE A 149 -2.03 3.50 -15.88
N LYS A 150 -3.02 3.63 -16.81
CA LYS A 150 -3.02 4.76 -17.73
C LYS A 150 -2.99 6.09 -17.02
N GLU A 151 -3.81 6.13 -15.98
CA GLU A 151 -4.02 7.34 -15.25
C GLU A 151 -2.94 7.50 -14.20
N ALA A 152 -2.21 6.45 -13.77
CA ALA A 152 -1.00 6.68 -12.95
C ALA A 152 0.20 7.22 -13.76
N THR A 153 0.32 6.71 -14.99
CA THR A 153 1.31 7.15 -16.00
C THR A 153 0.88 8.46 -16.67
N GLU A 154 -0.35 8.91 -16.47
CA GLU A 154 -0.65 10.33 -16.66
C GLU A 154 -1.01 10.64 -18.05
N GLN A 155 -1.80 9.76 -18.72
CA GLN A 155 -2.11 9.94 -20.08
C GLN A 155 -3.44 10.68 -20.32
N ARG A 14 15.71 0.60 23.95
CA ARG A 14 15.91 0.06 22.59
C ARG A 14 14.88 0.64 21.56
N ILE A 15 15.34 1.37 20.51
CA ILE A 15 14.43 2.08 19.60
C ILE A 15 14.53 1.44 18.22
N HIS A 16 13.40 1.34 17.64
CA HIS A 16 13.34 0.97 16.22
C HIS A 16 12.72 2.06 15.38
N THR A 17 13.29 2.36 14.15
CA THR A 17 12.76 3.41 13.25
C THR A 17 12.25 2.81 11.97
N ILE A 18 11.03 3.22 11.52
CA ILE A 18 10.39 2.60 10.32
C ILE A 18 9.80 3.74 9.53
N LYS A 19 9.95 3.72 8.18
CA LYS A 19 9.18 4.60 7.32
C LYS A 19 7.96 3.92 6.70
N ILE A 20 6.83 4.67 6.70
CA ILE A 20 5.54 4.30 6.06
C ILE A 20 5.15 5.24 4.92
N ASN A 21 4.13 4.80 4.18
CA ASN A 21 3.39 5.63 3.21
C ASN A 21 2.78 6.94 3.86
N PRO A 22 3.03 8.13 3.40
CA PRO A 22 2.52 9.38 4.04
C PRO A 22 1.06 9.65 3.85
N ASP A 23 0.38 8.81 3.09
CA ASP A 23 -1.09 8.63 3.05
C ASP A 23 -1.71 7.93 4.26
N LYS A 24 -0.88 7.20 5.02
CA LYS A 24 -1.35 6.25 6.00
C LYS A 24 -1.29 6.85 7.42
N ILE A 25 -0.76 8.10 7.59
CA ILE A 25 -0.65 8.76 8.93
C ILE A 25 -2.00 8.82 9.63
N LYS A 26 -3.03 9.19 8.87
CA LYS A 26 -4.45 9.28 9.37
C LYS A 26 -4.94 7.92 9.95
N ASP A 27 -4.58 6.77 9.35
CA ASP A 27 -4.90 5.46 9.93
C ASP A 27 -4.00 5.09 11.13
N VAL A 28 -2.70 5.46 11.13
CA VAL A 28 -1.84 5.33 12.34
C VAL A 28 -2.32 6.14 13.52
N ILE A 29 -2.55 7.41 13.35
CA ILE A 29 -2.95 8.31 14.47
C ILE A 29 -4.43 8.19 14.87
N GLY A 30 -5.27 7.90 13.92
CA GLY A 30 -6.74 7.90 14.13
C GLY A 30 -7.45 9.13 14.70
N LYS A 31 -8.80 8.97 14.83
CA LYS A 31 -9.66 10.03 15.32
C LYS A 31 -9.26 10.55 16.69
N GLY A 32 -8.98 11.87 16.83
CA GLY A 32 -8.43 12.42 18.09
C GLY A 32 -7.22 11.70 18.69
N GLY A 33 -6.36 10.90 17.93
CA GLY A 33 -5.29 10.15 18.58
C GLY A 33 -5.72 8.81 19.05
N SER A 34 -6.97 8.37 18.76
CA SER A 34 -7.43 7.14 19.35
C SER A 34 -6.61 5.90 19.06
N VAL A 35 -6.19 5.71 17.80
CA VAL A 35 -5.53 4.50 17.37
C VAL A 35 -4.15 4.39 17.91
N ILE A 36 -3.44 5.48 17.78
CA ILE A 36 -2.10 5.52 18.43
C ILE A 36 -2.13 5.42 19.98
N ARG A 37 -3.08 6.02 20.66
CA ARG A 37 -3.32 5.74 22.11
C ARG A 37 -3.65 4.24 22.34
N ALA A 38 -4.58 3.64 21.59
CA ALA A 38 -4.83 2.21 21.76
C ALA A 38 -3.64 1.25 21.47
N LEU A 39 -2.92 1.45 20.36
CA LEU A 39 -1.66 0.66 20.12
C LEU A 39 -0.59 0.95 21.19
N THR A 40 -0.41 2.22 21.65
CA THR A 40 0.42 2.52 22.87
C THR A 40 -0.03 1.65 24.06
N GLU A 41 -1.36 1.52 24.35
CA GLU A 41 -1.92 0.71 25.43
C GLU A 41 -1.73 -0.81 25.21
N GLU A 42 -1.83 -1.29 23.98
CA GLU A 42 -1.70 -2.74 23.64
C GLU A 42 -0.27 -3.26 23.69
N THR A 43 0.69 -2.42 23.28
CA THR A 43 2.12 -2.86 23.21
C THR A 43 2.93 -2.50 24.43
N GLY A 44 2.68 -1.31 25.11
CA GLY A 44 3.50 -0.87 26.29
C GLY A 44 4.80 -0.25 25.78
N THR A 45 4.67 0.48 24.66
CA THR A 45 5.81 1.11 23.95
C THR A 45 5.61 2.61 23.92
N THR A 46 6.69 3.36 23.66
CA THR A 46 6.51 4.81 23.38
C THR A 46 6.61 5.04 21.85
N ILE A 47 5.63 5.69 21.23
CA ILE A 47 5.56 5.80 19.78
C ILE A 47 5.75 7.26 19.53
N GLU A 48 6.72 7.57 18.68
CA GLU A 48 6.89 8.98 18.25
C GLU A 48 6.82 9.02 16.71
N ILE A 49 6.08 9.99 16.16
CA ILE A 49 5.79 9.93 14.70
C ILE A 49 5.87 11.33 14.11
N GLU A 50 6.42 11.47 12.88
CA GLU A 50 6.54 12.73 12.19
C GLU A 50 5.89 12.58 10.82
N ASP A 51 5.64 13.75 10.17
CA ASP A 51 4.67 13.77 9.05
C ASP A 51 5.20 13.47 7.61
N ASP A 52 6.46 13.07 7.58
CA ASP A 52 7.03 12.50 6.37
C ASP A 52 6.94 10.97 6.48
N GLY A 53 6.11 10.46 7.44
CA GLY A 53 5.82 9.06 7.60
C GLY A 53 7.04 8.27 8.10
N THR A 54 7.85 8.91 8.98
CA THR A 54 8.85 8.24 9.80
C THR A 54 8.26 7.99 11.18
N VAL A 55 8.03 6.70 11.58
CA VAL A 55 7.53 6.38 12.91
C VAL A 55 8.71 5.72 13.70
N LYS A 56 8.77 6.13 14.96
CA LYS A 56 9.81 5.74 15.93
C LYS A 56 9.20 4.94 17.10
N ILE A 57 9.68 3.72 17.35
CA ILE A 57 9.17 2.93 18.50
C ILE A 57 10.31 2.48 19.44
N ALA A 58 10.17 2.96 20.68
CA ALA A 58 11.10 2.83 21.81
C ALA A 58 10.50 1.90 22.86
N ALA A 59 11.24 0.87 23.28
CA ALA A 59 10.71 -0.05 24.25
C ALA A 59 11.84 -0.51 25.11
N THR A 60 11.56 -1.07 26.28
CA THR A 60 12.61 -1.63 27.04
C THR A 60 12.90 -3.02 26.60
N ASP A 61 12.18 -3.56 25.61
CA ASP A 61 12.52 -4.82 25.00
C ASP A 61 12.23 -4.73 23.48
N GLY A 62 13.04 -5.29 22.54
CA GLY A 62 12.81 -5.10 21.13
C GLY A 62 11.64 -5.94 20.59
N GLU A 63 11.15 -6.97 21.31
CA GLU A 63 9.97 -7.76 20.82
C GLU A 63 8.72 -6.88 20.81
N LYS A 64 8.62 -6.13 21.88
CA LYS A 64 7.55 -5.17 22.08
C LYS A 64 7.65 -4.10 20.99
N ALA A 65 8.85 -3.53 20.71
CA ALA A 65 8.98 -2.59 19.62
C ALA A 65 8.69 -3.19 18.24
N LYS A 66 9.19 -4.40 17.95
CA LYS A 66 8.84 -5.12 16.73
C LYS A 66 7.39 -5.51 16.69
N HIS A 67 6.78 -5.85 17.83
CA HIS A 67 5.38 -6.26 17.84
C HIS A 67 4.52 -5.07 17.46
N ALA A 68 4.89 -3.89 17.90
CA ALA A 68 4.26 -2.63 17.39
C ALA A 68 4.50 -2.39 15.90
N ILE A 69 5.73 -2.62 15.37
CA ILE A 69 5.93 -2.64 13.90
C ILE A 69 5.04 -3.68 13.19
N ARG A 70 4.91 -4.93 13.67
CA ARG A 70 4.08 -5.97 13.06
C ARG A 70 2.59 -5.62 12.99
N ARG A 71 2.10 -4.91 13.99
CA ARG A 71 0.81 -4.23 14.00
C ARG A 71 0.76 -2.93 13.16
N ILE A 72 1.91 -2.23 12.98
CA ILE A 72 1.91 -0.97 12.18
C ILE A 72 1.85 -1.38 10.68
N GLU A 73 2.45 -2.54 10.33
CA GLU A 73 2.34 -3.23 9.06
C GLU A 73 0.90 -3.63 8.66
N GLU A 74 0.17 -4.20 9.65
CA GLU A 74 -1.24 -4.53 9.56
C GLU A 74 -2.01 -3.18 9.40
N ILE A 75 -1.69 -2.00 10.01
CA ILE A 75 -2.30 -0.72 9.62
C ILE A 75 -2.00 -0.37 8.13
N THR A 76 -0.76 -0.57 7.75
CA THR A 76 -0.24 0.07 6.52
C THR A 76 -0.32 -0.76 5.23
N ALA A 77 -0.70 -2.00 5.35
CA ALA A 77 -0.78 -2.92 4.22
C ALA A 77 -2.00 -2.59 3.38
N GLU A 78 -3.08 -2.22 4.04
CA GLU A 78 -4.39 -2.10 3.39
C GLU A 78 -4.39 -0.83 2.46
N ILE A 79 -4.89 -1.11 1.24
CA ILE A 79 -5.01 -0.19 0.12
C ILE A 79 -6.04 0.95 0.28
N GLU A 80 -5.68 2.13 -0.33
CA GLU A 80 -6.48 3.37 -0.40
C GLU A 80 -6.95 3.67 -1.87
N VAL A 81 -8.22 4.06 -2.00
CA VAL A 81 -8.93 4.30 -3.34
C VAL A 81 -8.53 5.68 -3.90
N GLY A 82 -8.13 5.74 -5.16
CA GLY A 82 -7.76 7.01 -5.84
C GLY A 82 -6.33 7.49 -5.64
N ARG A 83 -5.47 6.58 -5.18
CA ARG A 83 -4.09 6.88 -4.81
C ARG A 83 -3.09 6.10 -5.64
N VAL A 84 -2.06 6.82 -6.10
CA VAL A 84 -0.88 6.23 -6.79
C VAL A 84 0.10 5.46 -5.96
N TYR A 85 0.39 4.25 -6.50
CA TYR A 85 1.42 3.41 -5.99
C TYR A 85 2.32 3.02 -7.17
N THR A 86 3.59 2.70 -6.82
CA THR A 86 4.52 2.03 -7.75
C THR A 86 4.69 0.59 -7.35
N GLY A 87 4.49 -0.26 -8.35
CA GLY A 87 4.34 -1.70 -8.21
C GLY A 87 5.10 -2.39 -9.32
N LYS A 88 4.96 -3.71 -9.43
CA LYS A 88 5.43 -4.42 -10.63
C LYS A 88 4.52 -5.58 -11.01
N VAL A 89 4.51 -5.83 -12.34
CA VAL A 89 3.76 -6.90 -13.02
C VAL A 89 4.15 -8.29 -12.50
N THR A 90 3.14 -9.11 -12.21
CA THR A 90 3.40 -10.46 -11.70
C THR A 90 2.99 -11.45 -12.78
N ARG A 91 1.73 -11.40 -13.23
CA ARG A 91 1.20 -12.26 -14.31
C ARG A 91 0.39 -11.46 -15.29
N ILE A 92 0.42 -11.95 -16.52
CA ILE A 92 -0.43 -11.45 -17.62
C ILE A 92 -1.24 -12.64 -18.13
N VAL A 93 -2.51 -12.32 -18.35
CA VAL A 93 -3.60 -13.23 -18.61
C VAL A 93 -4.46 -12.66 -19.79
N ASP A 94 -5.58 -13.29 -20.20
CA ASP A 94 -6.39 -12.85 -21.38
C ASP A 94 -7.06 -11.43 -21.26
N PHE A 95 -7.28 -10.96 -20.04
CA PHE A 95 -8.16 -9.83 -19.77
C PHE A 95 -7.44 -8.76 -18.97
N GLY A 96 -6.16 -8.91 -18.60
CA GLY A 96 -5.52 -7.84 -17.88
C GLY A 96 -4.14 -8.27 -17.56
N ALA A 97 -3.55 -7.45 -16.71
CA ALA A 97 -2.34 -7.72 -16.02
C ALA A 97 -2.61 -7.66 -14.51
N PHE A 98 -1.90 -8.50 -13.75
CA PHE A 98 -1.86 -8.40 -12.30
C PHE A 98 -0.50 -7.69 -12.03
N VAL A 99 -0.58 -6.75 -11.08
CA VAL A 99 0.48 -5.90 -10.67
C VAL A 99 0.53 -6.00 -9.14
N ALA A 100 1.70 -6.26 -8.58
CA ALA A 100 1.87 -6.41 -7.14
C ALA A 100 2.34 -5.07 -6.61
N ILE A 101 1.62 -4.54 -5.62
CA ILE A 101 1.82 -3.19 -5.00
C ILE A 101 2.17 -3.42 -3.58
N GLY A 102 2.71 -2.36 -2.93
CA GLY A 102 3.12 -2.37 -1.54
C GLY A 102 2.18 -3.00 -0.50
N GLY A 103 2.73 -3.51 0.63
CA GLY A 103 1.89 -4.05 1.73
C GLY A 103 1.38 -5.47 1.45
N GLY A 104 2.14 -6.13 0.54
CA GLY A 104 1.92 -7.51 0.04
C GLY A 104 0.65 -7.76 -0.75
N LYS A 105 0.26 -6.79 -1.52
CA LYS A 105 -1.10 -6.81 -2.17
C LYS A 105 -0.94 -6.95 -3.73
N GLU A 106 -1.74 -7.82 -4.34
CA GLU A 106 -1.76 -7.99 -5.80
C GLU A 106 -3.09 -7.46 -6.27
N GLY A 107 -3.08 -6.72 -7.40
CA GLY A 107 -4.32 -6.16 -7.93
C GLY A 107 -4.43 -6.38 -9.43
N LEU A 108 -5.61 -6.17 -9.95
CA LEU A 108 -5.79 -6.46 -11.39
C LEU A 108 -5.76 -5.16 -12.19
N VAL A 109 -4.72 -4.97 -13.05
CA VAL A 109 -4.76 -4.02 -14.16
C VAL A 109 -5.61 -4.59 -15.36
N HIS A 110 -6.90 -4.20 -15.48
CA HIS A 110 -7.72 -4.56 -16.63
C HIS A 110 -7.21 -3.92 -17.96
N ILE A 111 -7.47 -4.67 -19.05
CA ILE A 111 -6.99 -4.41 -20.39
C ILE A 111 -7.55 -3.12 -21.03
N SER A 112 -8.65 -2.52 -20.48
CA SER A 112 -9.17 -1.26 -20.95
C SER A 112 -8.49 -0.07 -20.17
N GLN A 113 -7.61 -0.38 -19.22
CA GLN A 113 -7.02 0.65 -18.32
C GLN A 113 -5.47 0.74 -18.37
N ILE A 114 -4.88 0.56 -19.56
CA ILE A 114 -3.42 0.51 -19.84
C ILE A 114 -3.01 1.78 -20.65
N ALA A 115 -3.89 2.04 -21.63
CA ALA A 115 -3.79 3.09 -22.57
C ALA A 115 -5.14 3.68 -22.96
N ASP A 116 -5.13 4.86 -23.55
CA ASP A 116 -6.39 5.38 -24.11
C ASP A 116 -6.93 4.65 -25.39
N LYS A 117 -6.10 4.38 -26.38
CA LYS A 117 -6.59 3.67 -27.57
C LYS A 117 -6.73 2.15 -27.30
N ARG A 118 -7.70 1.48 -27.99
CA ARG A 118 -7.82 -0.01 -27.87
C ARG A 118 -6.49 -0.80 -28.00
N VAL A 119 -6.30 -1.74 -27.02
CA VAL A 119 -5.12 -2.55 -26.87
C VAL A 119 -5.53 -3.91 -27.30
N GLU A 120 -4.92 -4.37 -28.37
CA GLU A 120 -5.28 -5.68 -28.83
C GLU A 120 -4.85 -6.80 -27.87
N LYS A 121 -3.67 -6.75 -27.26
CA LYS A 121 -3.16 -7.75 -26.32
C LYS A 121 -2.31 -7.07 -25.28
N VAL A 122 -2.33 -7.56 -24.02
CA VAL A 122 -1.67 -6.87 -22.91
C VAL A 122 -0.15 -6.80 -23.13
N THR A 123 0.45 -7.86 -23.75
CA THR A 123 1.88 -8.10 -23.81
C THR A 123 2.64 -7.07 -24.68
N ASP A 124 1.95 -6.48 -25.65
CA ASP A 124 2.48 -5.41 -26.50
C ASP A 124 2.94 -4.17 -25.72
N TYR A 125 2.23 -3.86 -24.62
CA TYR A 125 2.52 -2.83 -23.59
C TYR A 125 3.42 -3.35 -22.49
N LEU A 126 2.93 -4.36 -21.77
CA LEU A 126 3.45 -4.77 -20.46
C LEU A 126 4.16 -6.08 -20.54
N GLN A 127 5.06 -6.30 -19.56
CA GLN A 127 5.75 -7.59 -19.38
C GLN A 127 5.86 -7.79 -17.86
N MET A 128 5.99 -9.08 -17.44
CA MET A 128 6.14 -9.55 -16.02
C MET A 128 7.45 -9.12 -15.38
N GLY A 129 7.35 -8.76 -14.06
CA GLY A 129 8.49 -8.35 -13.31
C GLY A 129 8.82 -6.89 -13.47
N GLN A 130 8.12 -6.19 -14.38
CA GLN A 130 8.38 -4.75 -14.65
C GLN A 130 7.77 -3.80 -13.60
N GLU A 131 8.57 -2.90 -12.98
CA GLU A 131 8.01 -1.81 -12.21
C GLU A 131 7.26 -0.79 -13.08
N VAL A 132 6.08 -0.38 -12.57
CA VAL A 132 5.24 0.61 -13.26
C VAL A 132 4.39 1.35 -12.18
N PRO A 133 4.13 2.59 -12.26
CA PRO A 133 3.00 3.26 -11.50
C PRO A 133 1.58 2.90 -11.83
N VAL A 134 0.85 2.46 -10.81
CA VAL A 134 -0.54 2.08 -10.98
C VAL A 134 -1.35 2.91 -10.00
N LYS A 135 -2.44 3.36 -10.49
CA LYS A 135 -3.44 4.10 -9.66
C LYS A 135 -4.58 3.20 -9.27
N VAL A 136 -4.89 3.27 -7.97
CA VAL A 136 -6.01 2.45 -7.43
C VAL A 136 -7.35 3.15 -7.74
N LEU A 137 -8.28 2.45 -8.41
CA LEU A 137 -9.54 3.09 -8.83
C LEU A 137 -10.77 2.54 -8.07
N GLU A 138 -10.68 1.27 -7.63
CA GLU A 138 -11.70 0.61 -6.80
C GLU A 138 -11.14 -0.63 -6.06
N VAL A 139 -11.64 -0.82 -4.79
CA VAL A 139 -11.46 -2.03 -4.05
C VAL A 139 -12.87 -2.60 -3.90
N ASP A 140 -13.10 -3.78 -4.52
CA ASP A 140 -14.42 -4.38 -4.56
C ASP A 140 -14.57 -5.10 -3.23
N ARG A 141 -15.80 -5.44 -2.80
CA ARG A 141 -16.01 -5.91 -1.43
C ARG A 141 -15.88 -7.42 -1.29
N GLN A 142 -15.63 -8.05 -2.46
CA GLN A 142 -15.16 -9.46 -2.52
C GLN A 142 -13.64 -9.52 -2.37
N GLY A 143 -13.11 -8.30 -2.20
CA GLY A 143 -11.68 -8.05 -2.04
C GLY A 143 -10.91 -7.71 -3.29
N ARG A 144 -11.54 -7.55 -4.45
CA ARG A 144 -10.80 -7.31 -5.72
C ARG A 144 -10.28 -5.85 -5.81
N ILE A 145 -8.97 -5.70 -5.61
CA ILE A 145 -8.26 -4.41 -5.82
C ILE A 145 -8.07 -4.23 -7.34
N ARG A 146 -8.44 -3.01 -7.80
CA ARG A 146 -8.52 -2.77 -9.26
C ARG A 146 -7.62 -1.56 -9.61
N LEU A 147 -6.79 -1.76 -10.65
CA LEU A 147 -5.63 -0.91 -10.94
C LEU A 147 -5.61 -0.39 -12.36
N SER A 148 -5.21 0.89 -12.55
CA SER A 148 -5.19 1.56 -13.86
C SER A 148 -3.78 2.12 -14.05
N ILE A 149 -3.10 1.69 -15.12
CA ILE A 149 -1.89 2.31 -15.59
C ILE A 149 -2.23 3.55 -16.37
N LYS A 150 -3.42 3.61 -17.02
CA LYS A 150 -3.95 4.76 -17.72
C LYS A 150 -4.20 6.05 -16.87
N GLU A 151 -4.92 5.93 -15.78
CA GLU A 151 -5.20 7.13 -14.96
C GLU A 151 -3.96 7.60 -14.14
N ALA A 152 -2.92 6.77 -13.89
CA ALA A 152 -1.66 7.28 -13.31
C ALA A 152 -0.74 7.80 -14.38
N THR A 153 -0.85 7.29 -15.63
CA THR A 153 -0.02 7.87 -16.68
C THR A 153 -0.70 9.08 -17.31
N GLU A 154 -2.00 9.33 -17.02
CA GLU A 154 -2.62 10.58 -17.46
C GLU A 154 -2.94 10.51 -18.96
N GLN A 155 -3.29 9.34 -19.42
CA GLN A 155 -3.84 9.23 -20.80
C GLN A 155 -5.39 9.27 -20.91
N ARG A 14 17.83 0.79 22.99
CA ARG A 14 17.76 1.11 21.57
C ARG A 14 16.36 0.95 20.85
N ILE A 15 16.23 1.65 19.70
CA ILE A 15 15.04 1.68 18.85
C ILE A 15 14.78 0.44 18.01
N HIS A 16 13.47 0.03 18.04
CA HIS A 16 12.97 -0.98 17.11
C HIS A 16 12.49 -0.24 15.87
N THR A 17 12.69 -0.81 14.64
CA THR A 17 12.22 -0.19 13.41
C THR A 17 11.63 -1.16 12.38
N ILE A 18 10.70 -0.56 11.64
CA ILE A 18 10.12 -1.18 10.51
C ILE A 18 10.04 -0.10 9.43
N LYS A 19 10.44 -0.46 8.21
CA LYS A 19 10.33 0.40 7.03
C LYS A 19 9.01 0.26 6.38
N ILE A 20 8.24 1.36 6.31
CA ILE A 20 6.93 1.28 5.73
C ILE A 20 6.92 2.05 4.42
N ASN A 21 6.03 1.65 3.49
CA ASN A 21 5.64 2.47 2.34
C ASN A 21 5.29 3.93 2.68
N PRO A 22 6.01 4.98 2.26
CA PRO A 22 5.73 6.31 2.88
C PRO A 22 4.51 7.03 2.38
N ASP A 23 3.79 6.42 1.44
CA ASP A 23 2.46 6.84 1.07
C ASP A 23 1.42 6.66 2.14
N LYS A 24 1.61 5.68 2.99
CA LYS A 24 0.60 5.35 3.98
C LYS A 24 0.76 6.10 5.31
N ILE A 25 1.68 7.11 5.41
CA ILE A 25 2.06 7.79 6.69
C ILE A 25 0.89 8.59 7.29
N LYS A 26 0.13 9.22 6.39
CA LYS A 26 -1.12 9.91 6.69
C LYS A 26 -2.21 9.06 7.29
N ASP A 27 -2.41 7.85 6.73
CA ASP A 27 -3.32 6.84 7.31
C ASP A 27 -2.90 6.43 8.70
N VAL A 28 -1.60 6.10 8.79
CA VAL A 28 -0.99 5.70 10.04
C VAL A 28 -1.15 6.69 11.23
N ILE A 29 -0.85 7.98 11.04
CA ILE A 29 -0.93 9.00 12.12
C ILE A 29 -2.36 9.44 12.47
N GLY A 30 -3.37 9.32 11.57
CA GLY A 30 -4.77 9.75 11.81
C GLY A 30 -4.98 11.21 11.57
N LYS A 31 -6.28 11.56 11.30
CA LYS A 31 -6.60 12.94 11.13
C LYS A 31 -6.39 13.66 12.49
N GLY A 32 -5.78 14.86 12.36
CA GLY A 32 -5.05 15.58 13.41
C GLY A 32 -4.08 14.74 14.30
N GLY A 33 -3.49 13.65 13.82
CA GLY A 33 -2.49 12.88 14.57
C GLY A 33 -2.96 12.23 15.86
N SER A 34 -4.26 12.06 15.90
CA SER A 34 -5.02 11.40 16.93
C SER A 34 -4.70 9.93 17.07
N VAL A 35 -4.46 9.26 15.94
CA VAL A 35 -4.18 7.81 15.96
C VAL A 35 -2.77 7.53 16.45
N ILE A 36 -1.82 8.39 16.12
CA ILE A 36 -0.51 8.18 16.74
C ILE A 36 -0.53 8.44 18.27
N ARG A 37 -1.30 9.45 18.80
CA ARG A 37 -1.50 9.60 20.26
C ARG A 37 -2.18 8.36 20.97
N ALA A 38 -3.23 7.84 20.32
CA ALA A 38 -3.97 6.60 20.65
C ALA A 38 -3.10 5.32 20.60
N LEU A 39 -2.34 5.19 19.50
CA LEU A 39 -1.27 4.14 19.32
C LEU A 39 -0.20 4.32 20.44
N THR A 40 0.27 5.54 20.75
CA THR A 40 1.22 5.82 21.87
C THR A 40 0.58 5.28 23.16
N GLU A 41 -0.65 5.72 23.46
CA GLU A 41 -1.44 5.24 24.65
C GLU A 41 -1.81 3.75 24.76
N GLU A 42 -2.24 3.11 23.70
CA GLU A 42 -2.61 1.67 23.79
C GLU A 42 -1.45 0.69 23.67
N THR A 43 -0.33 1.03 23.01
CA THR A 43 0.83 0.15 23.09
C THR A 43 1.51 0.36 24.42
N GLY A 44 1.74 1.63 24.72
CA GLY A 44 2.51 1.99 25.88
C GLY A 44 3.96 2.20 25.48
N THR A 45 4.20 2.75 24.23
CA THR A 45 5.53 2.99 23.71
C THR A 45 5.62 4.38 23.17
N THR A 46 6.85 4.76 22.81
CA THR A 46 7.17 6.07 22.14
C THR A 46 7.57 5.86 20.66
N ILE A 47 7.04 6.77 19.76
CA ILE A 47 7.05 6.59 18.31
C ILE A 47 7.49 7.90 17.59
N GLU A 48 8.49 7.84 16.71
CA GLU A 48 8.69 8.98 15.77
C GLU A 48 8.77 8.39 14.39
N ILE A 49 7.95 8.99 13.49
CA ILE A 49 7.92 8.58 12.09
C ILE A 49 8.75 9.59 11.25
N GLU A 50 9.76 9.03 10.58
CA GLU A 50 10.61 9.75 9.63
C GLU A 50 9.98 9.72 8.20
N ASP A 51 10.29 10.78 7.49
CA ASP A 51 9.64 11.12 6.21
C ASP A 51 9.63 10.05 5.12
N ASP A 52 10.69 9.20 5.14
CA ASP A 52 10.92 8.08 4.25
C ASP A 52 10.14 6.80 4.70
N GLY A 53 9.39 6.89 5.79
CA GLY A 53 8.73 5.63 6.28
C GLY A 53 9.67 4.85 7.23
N THR A 54 10.71 5.53 7.77
CA THR A 54 11.53 4.94 8.85
C THR A 54 10.82 5.19 10.18
N VAL A 55 10.17 4.16 10.68
CA VAL A 55 9.51 4.22 12.02
C VAL A 55 10.48 3.89 13.16
N LYS A 56 10.50 4.71 14.23
CA LYS A 56 11.40 4.48 15.35
C LYS A 56 10.49 4.22 16.62
N ILE A 57 10.51 2.97 17.15
CA ILE A 57 9.75 2.49 18.33
C ILE A 57 10.71 2.39 19.54
N ALA A 58 10.34 3.01 20.70
CA ALA A 58 11.15 2.99 21.88
C ALA A 58 10.27 2.58 23.05
N ALA A 59 10.73 1.60 23.87
CA ALA A 59 9.84 0.82 24.72
C ALA A 59 10.68 0.13 25.81
N THR A 60 10.04 -0.53 26.75
CA THR A 60 10.73 -1.28 27.84
C THR A 60 10.10 -2.62 27.96
N ASP A 61 9.30 -3.09 26.96
CA ASP A 61 8.85 -4.43 26.96
C ASP A 61 8.65 -4.83 25.46
N GLY A 62 8.82 -6.13 25.09
CA GLY A 62 9.01 -6.66 23.68
C GLY A 62 7.71 -6.91 22.96
N GLU A 63 6.74 -7.54 23.63
CA GLU A 63 5.37 -7.50 23.15
C GLU A 63 4.77 -6.11 22.80
N LYS A 64 5.02 -5.14 23.67
CA LYS A 64 4.56 -3.77 23.46
C LYS A 64 5.21 -3.17 22.17
N ALA A 65 6.54 -3.37 22.00
CA ALA A 65 7.28 -2.99 20.80
C ALA A 65 6.84 -3.85 19.58
N LYS A 66 6.58 -5.12 19.80
CA LYS A 66 5.92 -5.96 18.74
C LYS A 66 4.51 -5.48 18.24
N HIS A 67 3.69 -5.13 19.21
CA HIS A 67 2.32 -4.55 19.03
C HIS A 67 2.30 -3.27 18.22
N ALA A 68 3.27 -2.41 18.51
CA ALA A 68 3.43 -1.16 17.78
C ALA A 68 3.79 -1.29 16.27
N ILE A 69 4.82 -2.11 16.11
CA ILE A 69 5.42 -2.39 14.79
C ILE A 69 4.41 -3.06 13.95
N ARG A 70 3.74 -4.03 14.54
CA ARG A 70 2.72 -4.80 13.86
C ARG A 70 1.47 -3.97 13.43
N ARG A 71 0.94 -3.20 14.39
CA ARG A 71 -0.26 -2.35 14.21
C ARG A 71 -0.12 -1.32 13.11
N ILE A 72 1.07 -0.73 12.99
CA ILE A 72 1.42 0.08 11.82
C ILE A 72 1.44 -0.71 10.48
N GLU A 73 2.12 -1.84 10.48
CA GLU A 73 2.22 -2.71 9.29
C GLU A 73 0.85 -3.17 8.68
N GLU A 74 -0.08 -3.53 9.56
CA GLU A 74 -1.45 -4.03 9.28
C GLU A 74 -2.34 -3.02 8.51
N ILE A 75 -2.39 -1.75 8.95
CA ILE A 75 -3.08 -0.62 8.22
C ILE A 75 -2.31 -0.21 6.95
N THR A 76 -0.95 -0.26 6.97
CA THR A 76 -0.13 -0.14 5.78
C THR A 76 -0.45 -1.26 4.81
N ALA A 77 -0.67 -2.56 5.22
CA ALA A 77 -1.02 -3.56 4.28
C ALA A 77 -2.48 -3.73 3.90
N GLU A 78 -3.47 -3.14 4.57
CA GLU A 78 -4.86 -3.16 4.12
C GLU A 78 -5.12 -2.53 2.73
N ILE A 79 -5.78 -3.34 1.95
CA ILE A 79 -6.16 -3.00 0.60
C ILE A 79 -7.72 -2.78 0.67
N GLU A 80 -8.10 -1.53 0.37
CA GLU A 80 -9.47 -0.97 0.48
C GLU A 80 -10.02 -0.52 -0.88
N VAL A 81 -11.31 -0.78 -1.10
CA VAL A 81 -11.94 -0.27 -2.35
C VAL A 81 -12.01 1.24 -2.41
N GLY A 82 -11.93 1.80 -3.64
CA GLY A 82 -11.81 3.24 -3.78
C GLY A 82 -10.42 3.82 -3.71
N ARG A 83 -9.43 3.12 -3.15
CA ARG A 83 -8.16 3.70 -2.77
C ARG A 83 -7.09 3.47 -3.86
N VAL A 84 -6.05 4.32 -3.82
CA VAL A 84 -4.98 4.34 -4.83
C VAL A 84 -3.68 4.05 -4.08
N TYR A 85 -2.90 3.06 -4.57
CA TYR A 85 -1.72 2.51 -3.93
C TYR A 85 -0.52 2.68 -4.89
N THR A 86 0.67 2.62 -4.30
CA THR A 86 1.94 2.48 -5.06
C THR A 86 2.29 0.99 -5.00
N GLY A 87 2.36 0.31 -6.19
CA GLY A 87 2.80 -1.11 -6.33
C GLY A 87 3.57 -1.44 -7.66
N LYS A 88 4.06 -2.70 -7.79
CA LYS A 88 5.00 -3.09 -8.86
C LYS A 88 4.38 -4.15 -9.79
N VAL A 89 4.53 -3.92 -11.12
CA VAL A 89 4.11 -4.84 -12.17
C VAL A 89 5.03 -6.07 -12.07
N THR A 90 4.39 -7.22 -11.86
CA THR A 90 5.06 -8.53 -11.59
C THR A 90 5.03 -9.41 -12.83
N ARG A 91 3.90 -9.34 -13.59
CA ARG A 91 3.71 -10.15 -14.79
C ARG A 91 2.90 -9.30 -15.75
N ILE A 92 3.04 -9.57 -17.06
CA ILE A 92 2.20 -8.98 -18.07
C ILE A 92 1.53 -10.08 -18.96
N VAL A 93 0.23 -9.94 -19.12
CA VAL A 93 -0.60 -10.94 -19.82
C VAL A 93 -1.26 -10.22 -20.96
N ASP A 94 -1.96 -11.00 -21.80
CA ASP A 94 -2.72 -10.44 -22.92
C ASP A 94 -3.91 -9.54 -22.46
N PHE A 95 -4.41 -9.83 -21.28
CA PHE A 95 -5.73 -9.28 -20.80
C PHE A 95 -5.45 -8.35 -19.61
N GLY A 96 -4.20 -7.82 -19.48
CA GLY A 96 -3.91 -6.94 -18.36
C GLY A 96 -2.46 -7.06 -17.92
N ALA A 97 -2.16 -6.79 -16.68
CA ALA A 97 -0.89 -7.09 -16.02
C ALA A 97 -1.31 -7.32 -14.58
N PHE A 98 -0.29 -7.73 -13.81
CA PHE A 98 -0.38 -7.99 -12.39
C PHE A 98 0.46 -7.02 -11.61
N VAL A 99 -0.19 -6.43 -10.63
CA VAL A 99 0.47 -5.42 -9.82
C VAL A 99 0.35 -5.84 -8.39
N ALA A 100 1.56 -5.92 -7.79
CA ALA A 100 1.81 -6.24 -6.38
C ALA A 100 1.51 -5.10 -5.40
N ILE A 101 0.56 -5.39 -4.52
CA ILE A 101 -0.05 -4.35 -3.68
C ILE A 101 -0.30 -4.76 -2.22
N GLY A 102 -0.41 -3.75 -1.32
CA GLY A 102 -0.57 -3.95 0.10
C GLY A 102 0.63 -4.68 0.69
N GLY A 103 0.52 -5.92 1.14
CA GLY A 103 1.67 -6.60 1.64
C GLY A 103 2.50 -7.20 0.55
N GLY A 104 1.94 -7.35 -0.67
CA GLY A 104 2.68 -8.09 -1.63
C GLY A 104 1.78 -8.84 -2.60
N LYS A 105 0.57 -9.17 -2.14
CA LYS A 105 -0.44 -9.72 -3.05
C LYS A 105 -0.75 -9.03 -4.40
N GLU A 106 -0.81 -9.85 -5.51
CA GLU A 106 -1.12 -9.32 -6.82
C GLU A 106 -2.63 -8.94 -6.92
N GLY A 107 -2.83 -7.87 -7.63
CA GLY A 107 -4.13 -7.40 -8.09
C GLY A 107 -4.08 -7.34 -9.63
N LEU A 108 -5.22 -7.38 -10.32
CA LEU A 108 -5.24 -7.44 -11.81
C LEU A 108 -5.81 -6.16 -12.39
N VAL A 109 -4.97 -5.42 -13.15
CA VAL A 109 -5.47 -4.28 -13.90
C VAL A 109 -5.58 -4.79 -15.32
N HIS A 110 -6.82 -4.78 -15.82
CA HIS A 110 -7.09 -5.28 -17.18
C HIS A 110 -6.75 -4.29 -18.28
N ILE A 111 -6.66 -4.85 -19.51
CA ILE A 111 -6.15 -4.17 -20.75
C ILE A 111 -6.87 -2.89 -21.12
N SER A 112 -8.20 -2.86 -20.95
CA SER A 112 -9.05 -1.63 -21.08
C SER A 112 -9.02 -0.69 -19.89
N GLN A 113 -8.32 -1.09 -18.83
CA GLN A 113 -8.09 -0.18 -17.66
C GLN A 113 -6.70 0.49 -17.60
N ILE A 114 -5.82 0.27 -18.62
CA ILE A 114 -4.55 1.04 -18.76
C ILE A 114 -4.75 2.51 -19.26
N ALA A 115 -5.67 2.64 -20.18
CA ALA A 115 -5.85 3.90 -20.91
C ALA A 115 -7.29 4.04 -21.27
N ASP A 116 -7.80 5.27 -21.40
CA ASP A 116 -9.02 5.45 -22.14
C ASP A 116 -8.74 5.76 -23.60
N LYS A 117 -7.47 5.84 -23.97
CA LYS A 117 -6.99 5.69 -25.36
C LYS A 117 -6.74 4.15 -25.62
N ARG A 118 -6.49 3.81 -26.89
CA ARG A 118 -6.38 2.38 -27.28
C ARG A 118 -5.25 1.55 -26.66
N VAL A 119 -5.56 0.25 -26.47
CA VAL A 119 -4.56 -0.71 -26.01
C VAL A 119 -4.77 -2.00 -26.80
N GLU A 120 -3.68 -2.43 -27.44
CA GLU A 120 -3.56 -3.68 -28.12
C GLU A 120 -2.87 -4.69 -27.17
N LYS A 121 -1.77 -4.24 -26.56
CA LYS A 121 -0.93 -5.05 -25.70
C LYS A 121 -0.52 -4.13 -24.51
N VAL A 122 -0.34 -4.64 -23.26
CA VAL A 122 0.00 -3.81 -22.08
C VAL A 122 1.53 -3.76 -21.88
N THR A 123 2.25 -4.53 -22.74
CA THR A 123 3.71 -4.43 -22.97
C THR A 123 4.14 -3.17 -23.65
N ASP A 124 3.20 -2.53 -24.40
CA ASP A 124 3.38 -1.19 -24.99
C ASP A 124 3.26 -0.09 -23.92
N TYR A 125 2.86 -0.45 -22.68
CA TYR A 125 2.66 0.47 -21.58
C TYR A 125 3.58 0.13 -20.39
N LEU A 126 3.31 -1.01 -19.72
CA LEU A 126 4.04 -1.35 -18.48
C LEU A 126 5.29 -2.18 -18.87
N GLN A 127 6.34 -2.08 -17.99
CA GLN A 127 7.57 -2.87 -17.97
C GLN A 127 7.63 -3.46 -16.57
N MET A 128 7.94 -4.74 -16.46
CA MET A 128 7.94 -5.41 -15.15
C MET A 128 9.03 -4.87 -14.20
N GLY A 129 8.64 -4.81 -12.92
CA GLY A 129 9.41 -4.30 -11.78
C GLY A 129 9.30 -2.81 -11.51
N GLN A 130 8.50 -2.02 -12.26
CA GLN A 130 8.42 -0.57 -12.13
C GLN A 130 7.20 -0.23 -11.26
N GLU A 131 7.38 0.82 -10.43
CA GLU A 131 6.42 1.35 -9.48
C GLU A 131 5.26 2.06 -10.19
N VAL A 132 4.04 1.55 -10.02
CA VAL A 132 2.82 2.09 -10.69
C VAL A 132 1.75 2.55 -9.60
N PRO A 133 1.24 3.76 -9.68
CA PRO A 133 -0.13 4.15 -9.13
C PRO A 133 -1.24 3.34 -9.71
N VAL A 134 -2.11 2.74 -8.83
CA VAL A 134 -3.22 1.86 -9.23
C VAL A 134 -4.42 2.14 -8.35
N LYS A 135 -5.63 2.25 -8.92
CA LYS A 135 -6.85 2.50 -8.08
C LYS A 135 -7.62 1.14 -7.92
N VAL A 136 -8.17 0.93 -6.70
CA VAL A 136 -8.86 -0.36 -6.43
C VAL A 136 -10.37 -0.22 -6.70
N LEU A 137 -10.86 -1.16 -7.54
CA LEU A 137 -12.22 -1.11 -8.03
C LEU A 137 -13.10 -2.01 -7.20
N GLU A 138 -13.05 -3.33 -7.41
CA GLU A 138 -13.84 -4.24 -6.66
C GLU A 138 -12.95 -5.44 -6.46
N VAL A 139 -13.15 -6.11 -5.32
CA VAL A 139 -12.69 -7.51 -5.13
C VAL A 139 -13.74 -8.49 -5.65
N ASP A 140 -13.36 -9.57 -6.41
CA ASP A 140 -14.39 -10.44 -6.94
C ASP A 140 -14.72 -11.46 -5.81
N ARG A 141 -15.82 -12.21 -6.02
CA ARG A 141 -16.40 -13.08 -4.97
C ARG A 141 -15.51 -14.26 -4.62
N GLN A 142 -14.81 -14.89 -5.61
CA GLN A 142 -13.81 -15.97 -5.29
C GLN A 142 -12.41 -15.54 -4.73
N GLY A 143 -12.08 -14.25 -4.70
CA GLY A 143 -10.96 -13.70 -3.94
C GLY A 143 -10.05 -12.76 -4.66
N ARG A 144 -10.28 -12.43 -5.90
CA ARG A 144 -9.27 -11.64 -6.67
C ARG A 144 -9.48 -10.11 -6.61
N ILE A 145 -8.39 -9.26 -6.65
CA ILE A 145 -8.66 -7.85 -6.67
C ILE A 145 -8.56 -7.29 -8.08
N ARG A 146 -9.50 -6.33 -8.39
CA ARG A 146 -9.57 -5.78 -9.71
C ARG A 146 -9.19 -4.28 -9.69
N LEU A 147 -8.31 -3.85 -10.62
CA LEU A 147 -7.64 -2.55 -10.52
C LEU A 147 -7.82 -1.63 -11.76
N SER A 148 -7.48 -0.37 -11.55
CA SER A 148 -7.35 0.60 -12.72
C SER A 148 -6.11 1.49 -12.62
N ILE A 149 -5.43 1.62 -13.78
CA ILE A 149 -4.25 2.47 -13.96
C ILE A 149 -4.71 3.89 -14.37
N LYS A 150 -5.66 4.01 -15.26
CA LYS A 150 -6.01 5.28 -15.88
C LYS A 150 -6.57 6.37 -14.91
N GLU A 151 -7.28 6.00 -13.88
CA GLU A 151 -7.87 7.04 -12.99
C GLU A 151 -6.89 7.44 -11.90
N ALA A 152 -5.74 6.78 -11.83
CA ALA A 152 -4.79 6.99 -10.78
C ALA A 152 -3.62 7.93 -11.17
N THR A 153 -3.78 8.72 -12.25
CA THR A 153 -2.87 9.84 -12.63
C THR A 153 -3.69 11.03 -13.15
N GLU A 154 -3.34 12.28 -12.73
CA GLU A 154 -4.05 13.56 -13.01
C GLU A 154 -4.14 13.84 -14.54
N GLN A 155 -5.05 14.78 -14.88
CA GLN A 155 -5.28 15.09 -16.30
C GLN A 155 -4.36 16.22 -16.74
N ARG A 14 14.84 2.69 26.07
CA ARG A 14 15.51 3.41 24.96
C ARG A 14 14.46 3.78 23.92
N ILE A 15 14.74 4.85 23.15
CA ILE A 15 13.80 5.41 22.14
C ILE A 15 14.30 5.01 20.77
N HIS A 16 13.37 4.56 19.89
CA HIS A 16 13.61 4.34 18.45
C HIS A 16 12.75 5.36 17.67
N THR A 17 13.37 6.05 16.71
CA THR A 17 12.69 7.06 15.86
C THR A 17 12.55 6.55 14.41
N ILE A 18 11.32 6.22 14.08
CA ILE A 18 10.98 5.50 12.84
C ILE A 18 10.06 6.32 11.95
N LYS A 19 10.47 6.51 10.69
CA LYS A 19 9.74 7.28 9.68
C LYS A 19 8.83 6.46 8.74
N ILE A 20 7.55 6.94 8.64
CA ILE A 20 6.54 6.30 7.79
C ILE A 20 5.87 7.32 6.84
N ASN A 21 5.21 6.77 5.79
CA ASN A 21 4.48 7.51 4.74
C ASN A 21 3.56 8.62 5.31
N PRO A 22 3.74 9.89 5.04
CA PRO A 22 2.77 10.89 5.61
C PRO A 22 1.34 10.79 5.04
N ASP A 23 1.00 9.78 4.24
CA ASP A 23 -0.40 9.47 3.83
C ASP A 23 -1.07 8.56 4.83
N LYS A 24 -0.26 7.92 5.70
CA LYS A 24 -0.70 6.87 6.61
C LYS A 24 -0.50 7.18 8.12
N ILE A 25 -0.41 8.47 8.47
CA ILE A 25 -0.40 8.96 9.86
C ILE A 25 -1.84 8.78 10.50
N LYS A 26 -2.89 9.06 9.73
CA LYS A 26 -4.32 8.82 10.06
C LYS A 26 -4.71 7.39 10.36
N ASP A 27 -4.11 6.51 9.60
CA ASP A 27 -4.27 5.07 9.78
C ASP A 27 -3.50 4.53 10.98
N VAL A 28 -2.35 5.07 11.26
CA VAL A 28 -1.62 4.75 12.54
C VAL A 28 -2.34 5.36 13.77
N ILE A 29 -2.80 6.59 13.61
CA ILE A 29 -3.60 7.26 14.63
C ILE A 29 -4.93 6.54 14.84
N GLY A 30 -5.75 6.34 13.82
CA GLY A 30 -7.11 5.81 13.97
C GLY A 30 -8.06 6.98 14.17
N LYS A 31 -9.38 6.78 14.38
CA LYS A 31 -10.31 7.88 14.54
C LYS A 31 -10.20 8.46 15.98
N GLY A 32 -9.91 9.76 16.11
CA GLY A 32 -9.77 10.32 17.51
C GLY A 32 -8.61 9.67 18.31
N GLY A 33 -7.63 9.11 17.61
CA GLY A 33 -6.47 8.47 18.25
C GLY A 33 -6.66 7.01 18.55
N SER A 34 -7.81 6.40 18.10
CA SER A 34 -8.23 4.98 18.39
C SER A 34 -7.24 3.88 18.02
N VAL A 35 -6.68 3.93 16.83
CA VAL A 35 -5.72 2.89 16.40
C VAL A 35 -4.45 2.99 17.29
N ILE A 36 -3.90 4.22 17.54
CA ILE A 36 -2.67 4.31 18.29
C ILE A 36 -2.90 3.94 19.73
N ARG A 37 -4.11 4.26 20.29
CA ARG A 37 -4.58 3.70 21.55
C ARG A 37 -4.47 2.18 21.62
N ALA A 38 -5.04 1.45 20.66
CA ALA A 38 -4.94 -0.03 20.64
C ALA A 38 -3.50 -0.57 20.46
N LEU A 39 -2.74 0.15 19.63
CA LEU A 39 -1.38 -0.21 19.22
C LEU A 39 -0.38 -0.31 20.38
N THR A 40 -0.39 0.71 21.27
CA THR A 40 0.46 0.73 22.47
C THR A 40 0.03 -0.25 23.53
N GLU A 41 -1.27 -0.63 23.54
CA GLU A 41 -1.63 -1.77 24.35
C GLU A 41 -1.15 -3.11 23.76
N GLU A 42 -1.36 -3.31 22.46
CA GLU A 42 -1.22 -4.62 21.84
C GLU A 42 0.25 -4.95 21.74
N THR A 43 1.11 -3.90 21.55
CA THR A 43 2.57 -4.09 21.56
C THR A 43 3.14 -4.11 22.97
N GLY A 44 2.36 -3.51 23.94
CA GLY A 44 2.64 -3.34 25.39
C GLY A 44 3.81 -2.37 25.65
N THR A 45 3.99 -1.34 24.84
CA THR A 45 5.13 -0.42 25.09
C THR A 45 4.75 0.96 24.69
N THR A 46 5.43 1.99 25.23
CA THR A 46 5.02 3.39 25.03
C THR A 46 5.32 3.90 23.64
N ILE A 47 4.31 4.50 22.93
CA ILE A 47 4.41 4.85 21.51
C ILE A 47 3.82 6.28 21.32
N GLU A 48 4.52 7.09 20.50
CA GLU A 48 4.31 8.54 20.32
C GLU A 48 4.38 8.89 18.83
N ILE A 49 3.66 9.93 18.36
CA ILE A 49 3.65 10.17 16.89
C ILE A 49 3.67 11.68 16.55
N GLU A 50 4.19 11.96 15.32
CA GLU A 50 4.31 13.30 14.76
C GLU A 50 3.65 13.29 13.39
N ASP A 51 3.21 14.49 12.96
CA ASP A 51 2.43 14.68 11.70
C ASP A 51 3.33 14.87 10.45
N ASP A 52 4.57 14.43 10.55
CA ASP A 52 5.58 14.43 9.44
C ASP A 52 5.87 12.98 9.18
N GLY A 53 5.05 12.04 9.72
CA GLY A 53 5.32 10.65 9.46
C GLY A 53 6.39 10.12 10.43
N THR A 54 6.81 10.93 11.40
CA THR A 54 7.80 10.40 12.40
C THR A 54 7.05 9.74 13.56
N VAL A 55 7.19 8.39 13.74
CA VAL A 55 6.56 7.63 14.83
C VAL A 55 7.69 7.08 15.70
N LYS A 56 7.44 7.18 17.01
CA LYS A 56 8.50 6.94 18.00
C LYS A 56 8.09 5.84 18.99
N ILE A 57 9.04 4.87 19.18
CA ILE A 57 8.82 3.72 20.04
C ILE A 57 9.86 3.70 21.16
N ALA A 58 9.34 4.03 22.37
CA ALA A 58 10.07 4.03 23.63
C ALA A 58 9.89 2.63 24.24
N ALA A 59 11.04 1.97 24.48
CA ALA A 59 11.05 0.49 24.77
C ALA A 59 12.22 -0.05 25.57
N THR A 60 11.93 -1.17 26.31
CA THR A 60 12.87 -1.89 27.16
C THR A 60 12.96 -3.35 26.78
N ASP A 61 12.07 -3.89 25.89
CA ASP A 61 12.21 -5.26 25.32
C ASP A 61 12.32 -5.20 23.80
N GLY A 62 13.42 -5.77 23.24
CA GLY A 62 13.61 -5.84 21.80
C GLY A 62 12.44 -6.47 21.03
N GLU A 63 11.83 -7.46 21.62
CA GLU A 63 10.69 -8.06 20.99
C GLU A 63 9.46 -7.10 20.92
N LYS A 64 9.16 -6.33 21.97
CA LYS A 64 8.03 -5.36 21.98
C LYS A 64 8.26 -4.18 21.01
N ALA A 65 9.51 -3.66 21.00
CA ALA A 65 10.00 -2.68 20.07
C ALA A 65 9.93 -3.15 18.62
N LYS A 66 10.40 -4.39 18.33
CA LYS A 66 10.26 -5.01 16.99
C LYS A 66 8.83 -5.22 16.58
N HIS A 67 8.04 -5.70 17.57
CA HIS A 67 6.61 -5.94 17.43
C HIS A 67 5.77 -4.69 17.17
N ALA A 68 6.11 -3.58 17.79
CA ALA A 68 5.48 -2.32 17.42
C ALA A 68 5.90 -1.93 16.00
N ILE A 69 7.19 -2.05 15.63
CA ILE A 69 7.63 -1.70 14.26
C ILE A 69 6.89 -2.61 13.23
N ARG A 70 6.74 -3.90 13.52
CA ARG A 70 6.04 -4.84 12.58
C ARG A 70 4.57 -4.44 12.30
N ARG A 71 3.79 -4.11 13.36
CA ARG A 71 2.37 -3.59 13.33
C ARG A 71 2.30 -2.28 12.55
N ILE A 72 3.25 -1.41 12.76
CA ILE A 72 3.30 -0.14 12.05
C ILE A 72 3.44 -0.40 10.52
N GLU A 73 4.30 -1.31 10.16
CA GLU A 73 4.49 -1.67 8.72
C GLU A 73 3.18 -2.26 8.11
N GLU A 74 2.50 -3.09 8.88
CA GLU A 74 1.15 -3.65 8.55
C GLU A 74 0.09 -2.56 8.20
N ILE A 75 -0.05 -1.69 9.16
CA ILE A 75 -0.98 -0.55 9.11
C ILE A 75 -0.57 0.42 7.95
N THR A 76 0.71 0.77 7.78
CA THR A 76 1.10 1.76 6.73
C THR A 76 1.18 1.21 5.34
N ALA A 77 1.37 -0.10 5.14
CA ALA A 77 1.45 -0.62 3.75
C ALA A 77 0.06 -0.72 3.06
N GLU A 78 -0.98 -0.81 3.90
CA GLU A 78 -2.36 -0.97 3.37
C GLU A 78 -2.80 0.15 2.35
N ILE A 79 -3.57 -0.25 1.36
CA ILE A 79 -3.64 0.56 0.10
C ILE A 79 -4.41 1.88 0.22
N GLU A 80 -4.03 2.94 -0.55
CA GLU A 80 -4.83 4.15 -0.58
C GLU A 80 -5.39 4.33 -2.01
N VAL A 81 -6.54 5.05 -2.11
CA VAL A 81 -7.07 5.45 -3.43
C VAL A 81 -6.45 6.80 -3.98
N GLY A 82 -6.25 6.85 -5.30
CA GLY A 82 -5.69 8.06 -5.97
C GLY A 82 -4.17 8.15 -5.91
N ARG A 83 -3.52 7.09 -5.43
CA ARG A 83 -2.02 7.02 -5.28
C ARG A 83 -1.42 6.02 -6.28
N VAL A 84 -0.14 6.33 -6.64
CA VAL A 84 0.70 5.55 -7.59
C VAL A 84 1.61 4.61 -6.82
N TYR A 85 1.75 3.44 -7.36
CA TYR A 85 2.74 2.44 -6.89
C TYR A 85 3.52 1.97 -8.14
N THR A 86 4.71 1.39 -7.90
CA THR A 86 5.52 0.78 -8.97
C THR A 86 5.45 -0.76 -8.84
N GLY A 87 4.74 -1.41 -9.82
CA GLY A 87 4.40 -2.85 -9.72
C GLY A 87 4.88 -3.62 -10.93
N LYS A 88 4.84 -4.93 -10.74
CA LYS A 88 5.16 -5.94 -11.80
C LYS A 88 3.98 -6.89 -12.11
N VAL A 89 3.95 -7.33 -13.40
CA VAL A 89 2.91 -8.25 -13.88
C VAL A 89 3.14 -9.69 -13.38
N THR A 90 2.07 -10.23 -12.78
CA THR A 90 2.07 -11.60 -12.31
C THR A 90 1.45 -12.57 -13.25
N ARG A 91 0.47 -12.18 -14.05
CA ARG A 91 -0.26 -13.14 -14.89
C ARG A 91 -1.12 -12.34 -15.80
N ILE A 92 -1.41 -12.90 -17.01
CA ILE A 92 -2.12 -12.19 -18.06
C ILE A 92 -3.38 -13.00 -18.47
N VAL A 93 -4.49 -12.26 -18.72
CA VAL A 93 -5.91 -12.78 -19.00
C VAL A 93 -6.68 -11.93 -20.07
N ASP A 94 -7.88 -12.37 -20.55
CA ASP A 94 -8.51 -11.80 -21.77
C ASP A 94 -8.92 -10.32 -21.62
N PHE A 95 -9.36 -9.97 -20.40
CA PHE A 95 -9.90 -8.60 -20.15
C PHE A 95 -9.00 -7.74 -19.27
N GLY A 96 -7.71 -8.13 -19.16
CA GLY A 96 -6.79 -7.39 -18.30
C GLY A 96 -5.50 -8.11 -17.82
N ALA A 97 -4.87 -7.57 -16.76
CA ALA A 97 -3.58 -8.06 -16.32
C ALA A 97 -3.45 -7.92 -14.81
N PHE A 98 -2.81 -8.90 -14.11
CA PHE A 98 -2.61 -8.90 -12.67
C PHE A 98 -1.20 -8.41 -12.35
N VAL A 99 -1.18 -7.49 -11.34
CA VAL A 99 0.02 -6.77 -11.02
C VAL A 99 0.23 -6.72 -9.54
N ALA A 100 1.40 -7.22 -9.13
CA ALA A 100 1.77 -7.23 -7.70
C ALA A 100 2.52 -6.00 -7.26
N ILE A 101 2.33 -5.56 -5.98
CA ILE A 101 2.97 -4.40 -5.39
C ILE A 101 3.26 -4.65 -3.90
N GLY A 102 4.12 -3.83 -3.26
CA GLY A 102 4.43 -3.89 -1.85
C GLY A 102 3.34 -4.15 -0.80
N GLY A 103 3.76 -4.94 0.19
CA GLY A 103 2.84 -5.38 1.20
C GLY A 103 2.00 -6.57 0.86
N GLY A 104 2.46 -7.42 -0.07
CA GLY A 104 1.70 -8.63 -0.41
C GLY A 104 0.25 -8.45 -0.97
N LYS A 105 0.04 -7.48 -1.89
CA LYS A 105 -1.21 -7.34 -2.61
C LYS A 105 -1.04 -7.42 -4.13
N GLU A 106 -2.05 -7.93 -4.86
CA GLU A 106 -2.08 -7.99 -6.33
C GLU A 106 -3.39 -7.43 -6.79
N GLY A 107 -3.27 -6.32 -7.60
CA GLY A 107 -4.33 -5.59 -8.16
C GLY A 107 -4.51 -5.97 -9.61
N LEU A 108 -5.61 -5.49 -10.27
CA LEU A 108 -5.96 -5.86 -11.66
C LEU A 108 -5.89 -4.63 -12.56
N VAL A 109 -5.32 -4.66 -13.79
CA VAL A 109 -5.51 -3.52 -14.77
C VAL A 109 -6.57 -3.93 -15.81
N HIS A 110 -7.71 -3.20 -15.80
CA HIS A 110 -8.79 -3.41 -16.76
C HIS A 110 -8.31 -3.10 -18.21
N ILE A 111 -8.85 -3.78 -19.24
CA ILE A 111 -8.35 -3.60 -20.63
C ILE A 111 -8.34 -2.19 -21.23
N SER A 112 -9.36 -1.44 -20.92
CA SER A 112 -9.53 -0.04 -21.34
C SER A 112 -8.62 0.86 -20.57
N GLN A 113 -8.00 0.34 -19.55
CA GLN A 113 -7.13 1.09 -18.61
C GLN A 113 -5.66 0.62 -18.63
N ILE A 114 -5.33 -0.07 -19.68
CA ILE A 114 -3.93 -0.41 -20.06
C ILE A 114 -3.26 0.74 -20.81
N ALA A 115 -3.88 1.25 -21.88
CA ALA A 115 -3.21 2.25 -22.77
C ALA A 115 -4.23 3.21 -23.39
N ASP A 116 -3.74 4.32 -23.99
CA ASP A 116 -4.55 5.12 -24.94
C ASP A 116 -4.81 4.38 -26.25
N LYS A 117 -3.79 3.73 -26.82
CA LYS A 117 -3.93 2.68 -27.86
C LYS A 117 -4.98 1.57 -27.53
N ARG A 118 -5.61 1.10 -28.57
CA ARG A 118 -6.59 -0.04 -28.39
C ARG A 118 -5.92 -1.35 -27.97
N VAL A 119 -6.52 -1.95 -26.95
CA VAL A 119 -6.15 -3.30 -26.52
C VAL A 119 -7.36 -4.17 -26.88
N GLU A 120 -7.23 -4.92 -27.99
CA GLU A 120 -8.12 -6.05 -28.23
C GLU A 120 -7.61 -7.28 -27.40
N LYS A 121 -6.28 -7.56 -27.38
CA LYS A 121 -5.71 -8.59 -26.45
C LYS A 121 -4.48 -8.00 -25.76
N VAL A 122 -4.23 -8.42 -24.50
CA VAL A 122 -3.14 -7.99 -23.64
C VAL A 122 -1.74 -8.48 -24.06
N THR A 123 -1.67 -9.66 -24.63
CA THR A 123 -0.40 -10.21 -25.13
C THR A 123 0.28 -9.41 -26.24
N ASP A 124 -0.32 -8.37 -26.89
CA ASP A 124 0.45 -7.51 -27.78
C ASP A 124 1.43 -6.65 -26.96
N TYR A 125 0.98 -6.13 -25.83
CA TYR A 125 1.66 -5.03 -25.13
C TYR A 125 2.31 -5.39 -23.83
N LEU A 126 1.70 -6.33 -23.08
CA LEU A 126 2.11 -6.59 -21.70
C LEU A 126 2.81 -7.95 -21.64
N GLN A 127 3.88 -8.07 -20.81
CA GLN A 127 4.55 -9.33 -20.62
C GLN A 127 4.59 -9.63 -19.10
N MET A 128 4.59 -10.93 -18.78
CA MET A 128 4.88 -11.36 -17.37
C MET A 128 6.20 -10.84 -16.83
N GLY A 129 6.11 -10.36 -15.53
CA GLY A 129 7.21 -9.79 -14.79
C GLY A 129 7.53 -8.33 -15.15
N GLN A 130 6.71 -7.71 -16.04
CA GLN A 130 6.96 -6.35 -16.46
C GLN A 130 6.51 -5.22 -15.51
N GLU A 131 7.57 -4.44 -15.19
CA GLU A 131 7.51 -3.16 -14.43
C GLU A 131 6.75 -2.04 -15.15
N VAL A 132 5.56 -1.81 -14.57
CA VAL A 132 4.53 -0.87 -15.01
C VAL A 132 4.37 0.13 -13.85
N PRO A 133 4.07 1.32 -14.11
CA PRO A 133 3.68 2.30 -13.08
C PRO A 133 2.20 2.18 -12.97
N VAL A 134 1.64 2.12 -11.76
CA VAL A 134 0.21 1.82 -11.69
C VAL A 134 -0.41 2.66 -10.64
N LYS A 135 -1.59 3.23 -10.90
CA LYS A 135 -2.34 4.01 -9.97
C LYS A 135 -3.59 3.28 -9.62
N VAL A 136 -3.85 3.27 -8.31
CA VAL A 136 -5.10 2.71 -7.82
C VAL A 136 -6.21 3.74 -8.00
N LEU A 137 -7.20 3.34 -8.73
CA LEU A 137 -8.38 4.21 -8.93
C LEU A 137 -9.55 3.68 -8.09
N GLU A 138 -9.45 2.54 -7.44
CA GLU A 138 -10.62 2.03 -6.59
C GLU A 138 -10.29 0.89 -5.71
N VAL A 139 -10.93 0.89 -4.51
CA VAL A 139 -10.85 -0.18 -3.57
C VAL A 139 -12.30 -0.57 -3.23
N ASP A 140 -12.77 -1.72 -3.83
CA ASP A 140 -14.12 -2.21 -3.66
C ASP A 140 -14.49 -2.86 -2.27
N ARG A 141 -15.78 -3.07 -1.98
CA ARG A 141 -16.19 -3.60 -0.64
C ARG A 141 -15.87 -5.08 -0.36
N GLN A 142 -15.39 -5.83 -1.39
CA GLN A 142 -14.92 -7.20 -1.28
C GLN A 142 -13.39 -7.21 -1.44
N GLY A 143 -12.78 -6.05 -1.32
CA GLY A 143 -11.37 -5.92 -1.48
C GLY A 143 -10.84 -6.17 -2.89
N ARG A 144 -11.67 -5.83 -3.90
CA ARG A 144 -11.13 -5.80 -5.27
C ARG A 144 -10.37 -4.44 -5.51
N ILE A 145 -9.07 -4.52 -5.78
CA ILE A 145 -8.24 -3.32 -5.99
C ILE A 145 -8.01 -3.16 -7.52
N ARG A 146 -8.44 -1.98 -8.06
CA ARG A 146 -8.42 -1.66 -9.52
C ARG A 146 -7.37 -0.59 -9.92
N LEU A 147 -6.24 -1.05 -10.59
CA LEU A 147 -5.16 -0.22 -11.13
C LEU A 147 -5.48 0.25 -12.55
N SER A 148 -4.91 1.42 -12.79
CA SER A 148 -4.74 2.02 -14.10
C SER A 148 -3.21 2.25 -14.42
N ILE A 149 -2.79 1.76 -15.61
CA ILE A 149 -1.46 2.18 -16.10
C ILE A 149 -1.69 3.53 -16.86
N LYS A 150 -2.88 3.70 -17.45
CA LYS A 150 -3.18 4.85 -18.29
C LYS A 150 -3.13 6.22 -17.56
N GLU A 151 -3.75 6.28 -16.36
CA GLU A 151 -3.63 7.42 -15.45
C GLU A 151 -2.26 7.65 -14.75
N ALA A 152 -1.47 6.56 -14.61
CA ALA A 152 -0.09 6.62 -14.03
C ALA A 152 0.93 7.17 -15.06
N THR A 153 0.75 6.84 -16.32
CA THR A 153 1.52 7.36 -17.43
C THR A 153 0.95 8.67 -18.06
N GLU A 154 0.20 9.42 -17.27
CA GLU A 154 -0.19 10.83 -17.59
C GLU A 154 -1.27 10.94 -18.75
N GLN A 155 -1.97 9.83 -19.07
CA GLN A 155 -2.99 9.80 -20.17
C GLN A 155 -4.47 9.99 -19.64
N ARG A 14 9.03 2.37 30.20
CA ARG A 14 10.02 2.92 29.26
C ARG A 14 9.52 3.75 28.04
N ILE A 15 10.37 4.68 27.51
CA ILE A 15 10.02 5.44 26.27
C ILE A 15 10.94 4.90 25.16
N HIS A 16 10.34 4.36 24.11
CA HIS A 16 11.06 3.76 22.99
C HIS A 16 10.71 4.68 21.84
N THR A 17 11.63 4.79 20.82
CA THR A 17 11.41 5.68 19.67
C THR A 17 12.07 5.13 18.35
N ILE A 18 11.47 5.49 17.18
CA ILE A 18 12.03 5.24 15.88
C ILE A 18 11.61 6.41 15.04
N LYS A 19 12.35 6.73 13.96
CA LYS A 19 12.08 7.92 13.15
C LYS A 19 11.46 7.51 11.79
N ILE A 20 10.23 8.01 11.53
CA ILE A 20 9.41 7.71 10.35
C ILE A 20 9.23 8.98 9.54
N ASN A 21 9.26 8.79 8.20
CA ASN A 21 9.19 9.90 7.25
C ASN A 21 7.79 10.53 7.14
N PRO A 22 7.66 11.83 6.92
CA PRO A 22 6.36 12.48 7.27
C PRO A 22 5.22 12.01 6.40
N ASP A 23 5.51 11.43 5.21
CA ASP A 23 4.55 10.70 4.41
C ASP A 23 3.95 9.52 5.20
N LYS A 24 4.75 8.75 5.93
CA LYS A 24 4.25 7.47 6.47
C LYS A 24 3.71 7.69 7.86
N ILE A 25 4.14 8.83 8.45
CA ILE A 25 3.50 9.35 9.65
C ILE A 25 2.06 9.61 9.34
N LYS A 26 1.73 10.05 8.09
CA LYS A 26 0.37 10.23 7.73
C LYS A 26 -0.44 8.88 7.79
N ASP A 27 0.20 7.81 7.28
CA ASP A 27 -0.36 6.46 7.22
C ASP A 27 -0.48 5.83 8.58
N VAL A 28 0.42 6.18 9.55
CA VAL A 28 0.41 5.70 10.93
C VAL A 28 -0.77 6.31 11.65
N ILE A 29 -1.01 7.61 11.44
CA ILE A 29 -2.19 8.31 12.01
C ILE A 29 -3.49 7.82 11.37
N GLY A 30 -3.40 7.80 10.08
CA GLY A 30 -4.46 7.29 9.26
C GLY A 30 -5.68 8.20 9.13
N LYS A 31 -6.70 7.69 8.42
CA LYS A 31 -7.88 8.54 8.27
C LYS A 31 -8.63 8.70 9.62
N GLY A 32 -9.15 9.90 9.85
CA GLY A 32 -9.92 10.27 11.10
C GLY A 32 -9.15 10.04 12.40
N GLY A 33 -7.85 10.02 12.30
CA GLY A 33 -6.92 9.61 13.33
C GLY A 33 -7.19 8.26 13.89
N SER A 34 -7.51 7.27 13.00
CA SER A 34 -7.99 6.02 13.56
C SER A 34 -6.94 4.94 13.68
N VAL A 35 -5.98 4.93 12.74
CA VAL A 35 -4.94 3.89 12.72
C VAL A 35 -3.99 3.99 13.94
N ILE A 36 -3.67 5.16 14.42
CA ILE A 36 -3.01 5.26 15.73
C ILE A 36 -3.88 4.77 16.91
N ARG A 37 -5.17 5.11 16.94
CA ARG A 37 -6.06 4.53 17.93
C ARG A 37 -6.27 2.98 17.86
N ALA A 38 -6.32 2.44 16.63
CA ALA A 38 -6.31 0.98 16.41
C ALA A 38 -4.96 0.37 16.82
N LEU A 39 -3.79 0.95 16.39
CA LEU A 39 -2.45 0.45 16.70
C LEU A 39 -2.31 0.35 18.20
N THR A 40 -2.81 1.37 18.88
CA THR A 40 -2.68 1.45 20.32
C THR A 40 -3.39 0.26 21.05
N GLU A 41 -4.61 0.05 20.61
CA GLU A 41 -5.42 -1.10 21.00
C GLU A 41 -4.78 -2.44 20.60
N GLU A 42 -4.29 -2.55 19.38
CA GLU A 42 -3.70 -3.79 18.92
C GLU A 42 -2.42 -4.17 19.62
N THR A 43 -1.43 -3.27 19.70
CA THR A 43 -0.07 -3.59 20.19
C THR A 43 -0.03 -3.87 21.66
N GLY A 44 -1.05 -3.35 22.37
CA GLY A 44 -1.15 -3.43 23.80
C GLY A 44 -0.62 -2.27 24.61
N THR A 45 -0.32 -1.10 24.02
CA THR A 45 0.53 -0.13 24.71
C THR A 45 0.31 1.24 24.09
N THR A 46 0.70 2.33 24.80
CA THR A 46 0.61 3.69 24.28
C THR A 46 1.53 4.03 23.09
N ILE A 47 0.91 4.49 21.97
CA ILE A 47 1.65 4.92 20.86
C ILE A 47 1.31 6.41 20.70
N GLU A 48 2.30 7.26 20.48
CA GLU A 48 2.07 8.69 20.10
C GLU A 48 3.11 9.10 19.04
N ILE A 49 2.87 10.23 18.44
CA ILE A 49 3.75 10.84 17.45
C ILE A 49 4.26 12.11 18.13
N GLU A 50 5.56 12.26 18.07
CA GLU A 50 6.27 13.34 18.72
C GLU A 50 6.95 14.10 17.56
N ASP A 51 7.40 15.33 17.81
CA ASP A 51 8.09 16.16 16.84
C ASP A 51 9.18 15.49 16.01
N ASP A 52 9.54 16.12 14.85
CA ASP A 52 10.67 15.71 14.06
C ASP A 52 10.52 14.36 13.35
N GLY A 53 9.29 14.07 12.99
CA GLY A 53 8.90 12.72 12.53
C GLY A 53 9.30 11.57 13.44
N THR A 54 8.92 11.67 14.70
CA THR A 54 9.17 10.64 15.67
C THR A 54 7.91 9.82 15.94
N VAL A 55 7.97 8.45 15.95
CA VAL A 55 6.93 7.69 16.65
C VAL A 55 7.43 7.38 18.07
N LYS A 56 6.56 7.59 19.06
CA LYS A 56 6.90 7.25 20.42
C LYS A 56 6.10 6.01 20.80
N ILE A 57 6.80 4.98 21.35
CA ILE A 57 6.11 3.89 21.99
C ILE A 57 6.41 3.97 23.47
N ALA A 58 5.33 4.02 24.27
CA ALA A 58 5.50 4.19 25.66
C ALA A 58 5.04 2.90 26.24
N ALA A 59 5.97 2.17 26.87
CA ALA A 59 5.72 0.76 27.18
C ALA A 59 6.44 0.27 28.45
N THR A 60 5.71 -0.59 29.23
CA THR A 60 6.12 -1.19 30.49
C THR A 60 6.34 -2.66 30.36
N ASP A 61 6.23 -3.17 29.14
CA ASP A 61 6.60 -4.48 28.75
C ASP A 61 7.56 -4.23 27.54
N GLY A 62 8.65 -5.02 27.46
CA GLY A 62 9.76 -4.89 26.47
C GLY A 62 9.51 -5.67 25.18
N GLU A 63 8.72 -6.77 25.26
CA GLU A 63 8.20 -7.48 24.12
C GLU A 63 7.27 -6.65 23.25
N LYS A 64 6.40 -5.80 23.86
CA LYS A 64 5.49 -4.99 23.14
C LYS A 64 6.18 -3.95 22.31
N ALA A 65 7.29 -3.39 22.86
CA ALA A 65 8.13 -2.45 22.10
C ALA A 65 8.73 -3.04 20.78
N LYS A 66 9.19 -4.25 20.90
CA LYS A 66 9.67 -5.02 19.72
C LYS A 66 8.53 -5.39 18.73
N HIS A 67 7.33 -5.85 19.25
CA HIS A 67 6.09 -6.02 18.43
C HIS A 67 5.62 -4.69 17.85
N ALA A 68 5.66 -3.59 18.62
CA ALA A 68 5.22 -2.26 18.15
C ALA A 68 6.10 -1.62 17.01
N ILE A 69 7.45 -1.62 17.18
CA ILE A 69 8.45 -1.21 16.16
C ILE A 69 8.30 -2.10 14.91
N ARG A 70 8.01 -3.42 15.15
CA ARG A 70 7.68 -4.34 14.09
C ARG A 70 6.32 -4.05 13.40
N ARG A 71 5.29 -3.72 14.14
CA ARG A 71 3.99 -3.46 13.48
C ARG A 71 4.03 -2.28 12.50
N ILE A 72 4.77 -1.19 12.90
CA ILE A 72 4.99 -0.01 12.07
C ILE A 72 5.59 -0.45 10.73
N GLU A 73 6.39 -1.50 10.68
CA GLU A 73 6.99 -1.82 9.38
C GLU A 73 5.92 -2.40 8.45
N GLU A 74 4.93 -3.05 9.05
CA GLU A 74 3.85 -3.70 8.27
C GLU A 74 3.00 -2.63 7.62
N ILE A 75 2.76 -1.59 8.42
CA ILE A 75 2.24 -0.33 7.85
C ILE A 75 3.01 0.27 6.69
N THR A 76 4.34 0.25 6.64
CA THR A 76 5.09 0.81 5.50
C THR A 76 5.35 -0.13 4.33
N ALA A 77 5.20 -1.46 4.57
CA ALA A 77 5.35 -2.48 3.60
C ALA A 77 4.10 -2.81 2.78
N GLU A 78 2.93 -2.55 3.36
CA GLU A 78 1.65 -2.67 2.63
C GLU A 78 1.45 -1.56 1.60
N ILE A 79 0.75 -1.94 0.50
CA ILE A 79 0.63 -1.09 -0.68
C ILE A 79 -0.42 0.02 -0.50
N GLU A 80 -0.02 1.18 -0.91
CA GLU A 80 -0.73 2.47 -0.61
C GLU A 80 -1.84 2.81 -1.63
N VAL A 81 -3.00 3.22 -1.10
CA VAL A 81 -4.08 3.77 -1.91
C VAL A 81 -3.65 5.06 -2.69
N GLY A 82 -3.95 5.01 -4.02
CA GLY A 82 -3.96 6.18 -4.97
C GLY A 82 -2.62 6.71 -5.48
N ARG A 83 -1.54 5.93 -5.34
CA ARG A 83 -0.23 6.38 -5.63
C ARG A 83 0.26 5.45 -6.72
N VAL A 84 1.29 5.94 -7.39
CA VAL A 84 1.69 5.35 -8.64
C VAL A 84 2.94 4.53 -8.44
N TYR A 85 2.73 3.18 -8.62
CA TYR A 85 3.82 2.19 -8.70
C TYR A 85 4.27 1.87 -10.18
N THR A 86 5.47 1.26 -10.39
CA THR A 86 5.81 0.62 -11.69
C THR A 86 5.70 -0.90 -11.39
N GLY A 87 4.94 -1.63 -12.20
CA GLY A 87 4.67 -3.04 -12.09
C GLY A 87 5.02 -3.68 -13.40
N LYS A 88 4.56 -4.90 -13.58
CA LYS A 88 4.72 -5.54 -14.90
C LYS A 88 3.55 -6.49 -15.15
N VAL A 89 3.20 -6.71 -16.43
CA VAL A 89 2.07 -7.55 -16.92
C VAL A 89 2.38 -9.07 -16.81
N THR A 90 1.70 -9.73 -15.87
CA THR A 90 1.99 -11.17 -15.54
C THR A 90 1.09 -12.13 -16.30
N ARG A 91 -0.25 -11.95 -16.17
CA ARG A 91 -1.20 -12.84 -16.77
C ARG A 91 -2.28 -11.98 -17.51
N ILE A 92 -2.49 -12.22 -18.82
CA ILE A 92 -3.53 -11.49 -19.54
C ILE A 92 -4.78 -12.44 -19.62
N VAL A 93 -5.95 -11.91 -19.22
CA VAL A 93 -7.16 -12.70 -18.99
C VAL A 93 -8.31 -12.12 -19.81
N ASP A 94 -9.52 -12.75 -19.85
CA ASP A 94 -10.66 -12.27 -20.61
C ASP A 94 -11.18 -10.87 -20.24
N PHE A 95 -10.97 -10.41 -18.99
CA PHE A 95 -11.57 -9.13 -18.46
C PHE A 95 -10.52 -8.17 -17.92
N GLY A 96 -9.22 -8.36 -18.20
CA GLY A 96 -8.22 -7.46 -17.65
C GLY A 96 -6.86 -7.98 -17.91
N ALA A 97 -5.92 -7.51 -17.10
CA ALA A 97 -4.68 -8.21 -16.92
C ALA A 97 -4.27 -8.13 -15.50
N PHE A 98 -3.47 -9.11 -15.07
CA PHE A 98 -2.81 -9.03 -13.80
C PHE A 98 -1.48 -8.30 -13.93
N VAL A 99 -1.14 -7.57 -12.85
CA VAL A 99 0.13 -6.85 -12.71
C VAL A 99 0.67 -7.06 -11.35
N ALA A 100 1.98 -7.42 -11.30
CA ALA A 100 2.62 -7.78 -10.10
C ALA A 100 3.43 -6.62 -9.71
N ILE A 101 3.38 -6.39 -8.40
CA ILE A 101 4.14 -5.30 -7.80
C ILE A 101 5.15 -5.81 -6.74
N GLY A 102 6.39 -5.22 -6.79
CA GLY A 102 7.47 -5.45 -5.76
C GLY A 102 7.12 -5.58 -4.27
N GLY A 103 7.65 -6.67 -3.64
CA GLY A 103 7.21 -7.20 -2.38
C GLY A 103 6.22 -8.36 -2.50
N GLY A 104 6.21 -8.98 -3.69
CA GLY A 104 5.43 -10.18 -4.03
C GLY A 104 3.91 -9.94 -4.08
N LYS A 105 3.43 -8.69 -4.38
CA LYS A 105 1.99 -8.32 -4.41
C LYS A 105 1.44 -8.31 -5.79
N GLU A 106 0.14 -8.61 -6.00
CA GLU A 106 -0.44 -8.56 -7.35
C GLU A 106 -1.94 -8.12 -7.41
N GLY A 107 -2.28 -7.31 -8.41
CA GLY A 107 -3.59 -6.73 -8.55
C GLY A 107 -4.16 -7.06 -9.90
N LEU A 108 -5.43 -6.81 -10.02
CA LEU A 108 -6.06 -6.97 -11.38
C LEU A 108 -6.28 -5.56 -12.00
N VAL A 109 -5.85 -5.37 -13.24
CA VAL A 109 -6.27 -4.25 -14.04
C VAL A 109 -7.41 -4.73 -14.98
N HIS A 110 -8.60 -4.24 -14.68
CA HIS A 110 -9.80 -4.54 -15.47
C HIS A 110 -9.82 -3.88 -16.85
N ILE A 111 -10.50 -4.57 -17.76
CA ILE A 111 -10.67 -4.12 -19.19
C ILE A 111 -11.13 -2.66 -19.46
N SER A 112 -11.81 -1.96 -18.48
CA SER A 112 -12.22 -0.57 -18.63
C SER A 112 -11.34 0.36 -17.81
N GLN A 113 -10.21 -0.15 -17.34
CA GLN A 113 -9.20 0.63 -16.61
C GLN A 113 -7.80 0.52 -17.28
N ILE A 114 -7.63 0.20 -18.62
CA ILE A 114 -6.31 0.21 -19.24
C ILE A 114 -6.12 1.51 -20.02
N ALA A 115 -7.15 1.97 -20.68
CA ALA A 115 -6.92 3.09 -21.58
C ALA A 115 -8.21 3.89 -21.93
N ASP A 116 -8.13 5.20 -22.20
CA ASP A 116 -9.17 5.96 -22.84
C ASP A 116 -9.18 5.61 -24.31
N LYS A 117 -8.05 5.16 -24.93
CA LYS A 117 -8.05 4.49 -26.16
C LYS A 117 -8.91 3.20 -26.22
N ARG A 118 -9.42 2.88 -27.41
CA ARG A 118 -10.30 1.71 -27.63
C ARG A 118 -9.48 0.44 -27.40
N VAL A 119 -10.15 -0.55 -26.81
CA VAL A 119 -9.54 -1.85 -26.52
C VAL A 119 -10.48 -2.93 -27.08
N GLU A 120 -9.88 -3.92 -27.71
CA GLU A 120 -10.64 -5.02 -28.31
C GLU A 120 -10.34 -6.16 -27.37
N LYS A 121 -9.17 -6.75 -27.41
CA LYS A 121 -8.84 -7.78 -26.38
C LYS A 121 -7.70 -7.19 -25.57
N VAL A 122 -7.46 -7.56 -24.32
CA VAL A 122 -6.27 -7.02 -23.61
C VAL A 122 -4.93 -7.45 -24.21
N THR A 123 -4.86 -8.61 -24.90
CA THR A 123 -3.65 -9.11 -25.59
C THR A 123 -3.23 -8.22 -26.77
N ASP A 124 -4.21 -7.45 -27.21
CA ASP A 124 -4.14 -6.60 -28.42
C ASP A 124 -3.93 -5.17 -27.95
N TYR A 125 -3.22 -5.05 -26.83
CA TYR A 125 -2.86 -3.76 -26.32
C TYR A 125 -1.59 -4.00 -25.53
N LEU A 126 -1.63 -4.94 -24.53
CA LEU A 126 -0.52 -5.28 -23.67
C LEU A 126 0.18 -6.49 -24.15
N GLN A 127 1.43 -6.58 -23.72
CA GLN A 127 2.34 -7.73 -23.98
C GLN A 127 2.69 -8.31 -22.59
N MET A 128 2.92 -9.61 -22.47
CA MET A 128 3.36 -10.21 -21.21
C MET A 128 4.78 -9.77 -20.91
N GLY A 129 4.98 -9.57 -19.61
CA GLY A 129 6.24 -9.13 -19.08
C GLY A 129 6.48 -7.65 -19.14
N GLN A 130 5.71 -6.95 -19.97
CA GLN A 130 5.85 -5.56 -20.27
C GLN A 130 5.75 -4.70 -19.00
N GLU A 131 6.52 -3.57 -18.85
CA GLU A 131 6.72 -2.85 -17.53
C GLU A 131 6.05 -1.46 -17.48
N VAL A 132 4.85 -1.46 -16.83
CA VAL A 132 3.88 -0.48 -16.97
C VAL A 132 3.82 0.33 -15.68
N PRO A 133 3.78 1.63 -15.81
CA PRO A 133 3.29 2.47 -14.68
C PRO A 133 1.87 2.12 -14.27
N VAL A 134 1.61 2.13 -12.94
CA VAL A 134 0.31 1.68 -12.45
C VAL A 134 -0.10 2.41 -11.15
N LYS A 135 -1.35 2.90 -11.21
CA LYS A 135 -2.00 3.48 -10.03
C LYS A 135 -2.84 2.45 -9.32
N VAL A 136 -2.64 2.40 -8.02
CA VAL A 136 -3.50 1.61 -7.12
C VAL A 136 -4.88 2.27 -6.93
N LEU A 137 -5.94 1.46 -7.07
CA LEU A 137 -7.30 1.89 -6.79
C LEU A 137 -7.83 1.46 -5.44
N GLU A 138 -7.75 0.16 -5.10
CA GLU A 138 -8.32 -0.32 -3.90
C GLU A 138 -7.34 -1.31 -3.29
N VAL A 139 -7.22 -1.31 -1.96
CA VAL A 139 -6.61 -2.43 -1.22
C VAL A 139 -7.66 -2.93 -0.28
N ASP A 140 -7.95 -4.26 -0.33
CA ASP A 140 -8.76 -4.92 0.69
C ASP A 140 -7.81 -5.46 1.80
N ARG A 141 -8.38 -5.63 2.97
CA ARG A 141 -7.69 -6.14 4.15
C ARG A 141 -7.33 -7.65 4.10
N GLN A 142 -8.04 -8.43 3.29
CA GLN A 142 -7.65 -9.82 2.96
C GLN A 142 -6.83 -9.89 1.69
N GLY A 143 -6.12 -8.79 1.43
CA GLY A 143 -4.99 -8.69 0.53
C GLY A 143 -5.14 -8.47 -0.98
N ARG A 144 -6.34 -8.22 -1.38
CA ARG A 144 -6.69 -8.03 -2.80
C ARG A 144 -6.46 -6.58 -3.23
N ILE A 145 -6.02 -6.37 -4.49
CA ILE A 145 -5.69 -5.03 -4.97
C ILE A 145 -6.44 -4.77 -6.29
N ARG A 146 -7.10 -3.64 -6.43
CA ARG A 146 -7.50 -3.18 -7.78
C ARG A 146 -6.60 -2.07 -8.28
N LEU A 147 -6.18 -2.27 -9.56
CA LEU A 147 -5.16 -1.48 -10.19
C LEU A 147 -5.77 -0.82 -11.48
N SER A 148 -5.18 0.32 -11.81
CA SER A 148 -5.47 1.14 -13.05
C SER A 148 -4.18 1.40 -13.84
N ILE A 149 -4.16 1.03 -15.10
CA ILE A 149 -3.06 1.47 -16.01
C ILE A 149 -3.42 2.85 -16.63
N LYS A 150 -4.74 3.10 -16.83
CA LYS A 150 -5.40 4.32 -17.25
C LYS A 150 -5.22 5.55 -16.38
N GLU A 151 -5.46 5.42 -15.06
CA GLU A 151 -5.37 6.63 -14.21
C GLU A 151 -3.96 6.87 -13.70
N ALA A 152 -3.05 5.92 -13.95
CA ALA A 152 -1.59 6.04 -13.62
C ALA A 152 -0.88 7.10 -14.48
N THR A 153 -1.26 7.21 -15.75
CA THR A 153 -0.83 8.26 -16.64
C THR A 153 -1.98 9.28 -16.81
N GLU A 154 -3.10 9.23 -16.03
CA GLU A 154 -4.19 10.24 -16.11
C GLU A 154 -4.93 10.36 -17.45
N GLN A 155 -5.38 9.24 -18.05
CA GLN A 155 -6.08 9.19 -19.35
C GLN A 155 -7.62 9.44 -19.27
N ARG A 14 15.57 1.32 27.55
CA ARG A 14 15.64 0.63 26.28
C ARG A 14 14.34 0.91 25.49
N ILE A 15 14.47 1.70 24.39
CA ILE A 15 13.37 1.98 23.41
C ILE A 15 13.56 1.11 22.19
N HIS A 16 12.43 0.38 21.92
CA HIS A 16 12.15 -0.33 20.65
C HIS A 16 11.65 0.54 19.53
N THR A 17 12.53 0.68 18.51
CA THR A 17 12.44 1.60 17.37
C THR A 17 12.17 0.75 16.13
N ILE A 18 11.29 1.25 15.25
CA ILE A 18 11.04 0.64 13.93
C ILE A 18 11.11 1.86 12.98
N LYS A 19 11.91 1.74 11.94
CA LYS A 19 12.13 2.89 11.02
C LYS A 19 11.51 2.67 9.66
N ILE A 20 10.72 3.69 9.23
CA ILE A 20 9.76 3.55 8.17
C ILE A 20 9.87 4.62 7.07
N ASN A 21 9.44 4.32 5.85
CA ASN A 21 9.55 5.29 4.74
C ASN A 21 8.85 6.65 4.97
N PRO A 22 9.35 7.74 4.43
CA PRO A 22 8.80 9.09 4.76
C PRO A 22 7.36 9.35 4.31
N ASP A 23 6.95 8.74 3.20
CA ASP A 23 5.56 8.76 2.84
C ASP A 23 4.64 8.00 3.85
N LYS A 24 5.16 6.85 4.30
CA LYS A 24 4.42 5.93 5.22
C LYS A 24 3.96 6.55 6.54
N ILE A 25 4.68 7.53 6.99
CA ILE A 25 4.33 8.18 8.27
C ILE A 25 2.88 8.77 8.28
N LYS A 26 2.40 9.32 7.16
CA LYS A 26 1.06 9.90 6.93
C LYS A 26 -0.10 8.93 6.99
N ASP A 27 0.22 7.64 6.85
CA ASP A 27 -0.75 6.60 7.16
C ASP A 27 -0.62 6.11 8.61
N VAL A 28 0.50 6.30 9.28
CA VAL A 28 0.73 5.91 10.67
C VAL A 28 0.39 6.97 11.67
N ILE A 29 0.36 8.22 11.31
CA ILE A 29 -0.24 9.26 12.15
C ILE A 29 -1.69 9.45 11.76
N GLY A 30 -1.93 9.72 10.44
CA GLY A 30 -3.25 9.85 9.85
C GLY A 30 -3.86 11.25 9.91
N LYS A 31 -5.00 11.34 9.23
CA LYS A 31 -5.85 12.54 9.18
C LYS A 31 -6.47 12.86 10.60
N GLY A 32 -6.16 14.07 11.11
CA GLY A 32 -6.50 14.44 12.49
C GLY A 32 -5.77 13.62 13.53
N GLY A 33 -4.79 12.83 13.09
CA GLY A 33 -3.94 12.04 14.00
C GLY A 33 -4.67 10.80 14.54
N SER A 34 -5.68 10.41 13.80
CA SER A 34 -6.58 9.32 14.12
C SER A 34 -5.91 7.97 14.26
N VAL A 35 -4.96 7.59 13.39
CA VAL A 35 -4.31 6.27 13.42
C VAL A 35 -3.31 6.09 14.61
N ILE A 36 -2.45 7.10 14.87
CA ILE A 36 -1.56 7.05 16.08
C ILE A 36 -2.39 6.98 17.36
N ARG A 37 -3.48 7.76 17.40
CA ARG A 37 -4.38 7.74 18.54
C ARG A 37 -5.00 6.36 18.78
N ALA A 38 -5.51 5.82 17.74
CA ALA A 38 -6.11 4.45 17.82
C ALA A 38 -5.10 3.38 18.23
N LEU A 39 -3.93 3.48 17.59
CA LEU A 39 -2.75 2.65 17.92
C LEU A 39 -2.32 2.76 19.39
N THR A 40 -2.42 3.97 19.96
CA THR A 40 -2.13 4.21 21.37
C THR A 40 -2.95 3.37 22.39
N GLU A 41 -4.29 3.51 22.38
CA GLU A 41 -5.18 2.70 23.22
C GLU A 41 -5.10 1.19 22.95
N GLU A 42 -5.01 0.77 21.68
CA GLU A 42 -4.94 -0.66 21.22
C GLU A 42 -3.71 -1.39 21.78
N THR A 43 -2.56 -0.76 21.68
CA THR A 43 -1.32 -1.40 22.09
C THR A 43 -1.08 -1.14 23.57
N GLY A 44 -1.62 -0.07 24.15
CA GLY A 44 -1.15 0.33 25.50
C GLY A 44 0.28 0.82 25.61
N THR A 45 0.80 1.59 24.66
CA THR A 45 2.20 1.97 24.59
C THR A 45 2.28 3.42 24.15
N THR A 46 3.49 3.99 24.09
CA THR A 46 3.62 5.45 23.79
C THR A 46 4.40 5.59 22.50
N ILE A 47 3.85 6.23 21.47
CA ILE A 47 4.53 6.17 20.16
C ILE A 47 4.92 7.59 19.75
N GLU A 48 6.20 7.74 19.46
CA GLU A 48 6.82 9.07 19.14
C GLU A 48 7.40 8.82 17.80
N ILE A 49 7.40 9.89 16.98
CA ILE A 49 7.81 9.76 15.60
C ILE A 49 8.91 10.78 15.24
N GLU A 50 10.15 10.37 14.90
CA GLU A 50 11.30 11.30 14.50
C GLU A 50 11.25 11.89 13.06
N ASP A 51 12.11 12.93 12.77
CA ASP A 51 12.03 13.69 11.53
C ASP A 51 12.63 12.89 10.36
N ASP A 52 13.46 11.86 10.66
CA ASP A 52 14.03 11.01 9.62
C ASP A 52 13.05 9.87 9.26
N GLY A 53 11.99 9.64 10.07
CA GLY A 53 11.16 8.42 9.96
C GLY A 53 11.49 7.28 10.88
N THR A 54 12.26 7.48 12.01
CA THR A 54 12.32 6.50 13.03
C THR A 54 11.04 6.60 13.89
N VAL A 55 10.24 5.51 14.02
CA VAL A 55 9.18 5.49 14.99
C VAL A 55 9.78 4.82 16.22
N LYS A 56 9.69 5.49 17.39
CA LYS A 56 10.26 5.03 18.66
C LYS A 56 9.05 4.59 19.52
N ILE A 57 8.99 3.35 20.08
CA ILE A 57 7.84 2.98 20.92
C ILE A 57 8.23 2.69 22.42
N ALA A 58 7.79 3.50 23.38
CA ALA A 58 8.14 3.20 24.78
C ALA A 58 7.04 2.36 25.37
N ALA A 59 7.47 1.37 26.10
CA ALA A 59 6.52 0.41 26.68
C ALA A 59 6.82 0.08 28.18
N THR A 60 5.79 -0.08 29.06
CA THR A 60 6.01 -0.60 30.44
C THR A 60 6.42 -2.06 30.36
N ASP A 61 5.83 -2.78 29.41
CA ASP A 61 6.19 -4.17 29.15
C ASP A 61 6.69 -4.24 27.67
N GLY A 62 7.86 -4.86 27.47
CA GLY A 62 8.44 -5.07 26.14
C GLY A 62 7.63 -5.91 25.17
N GLU A 63 6.82 -6.87 25.63
CA GLU A 63 5.97 -7.64 24.70
C GLU A 63 4.89 -6.76 24.11
N LYS A 64 4.48 -5.72 24.85
CA LYS A 64 3.61 -4.70 24.32
C LYS A 64 4.33 -3.88 23.24
N ALA A 65 5.63 -3.58 23.42
CA ALA A 65 6.42 -2.91 22.30
C ALA A 65 6.60 -3.83 21.07
N LYS A 66 6.76 -5.16 21.29
CA LYS A 66 6.82 -6.15 20.17
C LYS A 66 5.49 -6.17 19.42
N HIS A 67 4.36 -6.20 20.16
CA HIS A 67 3.03 -6.12 19.62
C HIS A 67 2.75 -4.83 18.92
N ALA A 68 3.24 -3.72 19.45
CA ALA A 68 3.11 -2.42 18.74
C ALA A 68 3.89 -2.26 17.42
N ILE A 69 5.17 -2.73 17.39
CA ILE A 69 5.99 -2.84 16.18
C ILE A 69 5.24 -3.60 15.11
N ARG A 70 4.63 -4.68 15.51
CA ARG A 70 3.74 -5.43 14.58
C ARG A 70 2.53 -4.66 14.01
N ARG A 71 1.77 -3.94 14.80
CA ARG A 71 0.68 -3.11 14.23
C ARG A 71 1.23 -2.03 13.26
N ILE A 72 2.37 -1.45 13.58
CA ILE A 72 3.06 -0.49 12.71
C ILE A 72 3.46 -1.09 11.33
N GLU A 73 3.96 -2.32 11.36
CA GLU A 73 4.06 -3.11 10.14
C GLU A 73 2.68 -3.41 9.47
N GLU A 74 1.62 -3.75 10.24
CA GLU A 74 0.28 -3.93 9.63
C GLU A 74 -0.37 -2.67 9.06
N ILE A 75 -0.23 -1.49 9.76
CA ILE A 75 -0.63 -0.17 9.30
C ILE A 75 0.05 0.15 7.97
N THR A 76 1.35 -0.05 7.79
CA THR A 76 2.08 0.47 6.63
C THR A 76 2.10 -0.49 5.46
N ALA A 77 1.55 -1.67 5.64
CA ALA A 77 1.40 -2.62 4.54
C ALA A 77 0.10 -2.42 3.76
N GLU A 78 -0.96 -2.14 4.56
CA GLU A 78 -2.35 -2.20 4.14
C GLU A 78 -2.67 -1.29 2.94
N ILE A 79 -3.06 -1.96 1.86
CA ILE A 79 -3.51 -1.24 0.63
C ILE A 79 -4.71 -0.30 0.93
N GLU A 80 -4.73 0.89 0.29
CA GLU A 80 -5.85 1.86 0.34
C GLU A 80 -6.53 1.72 -1.03
N VAL A 81 -7.86 1.38 -1.10
CA VAL A 81 -8.71 1.63 -2.24
C VAL A 81 -8.81 3.12 -2.52
N GLY A 82 -8.58 3.45 -3.78
CA GLY A 82 -8.76 4.86 -4.18
C GLY A 82 -7.48 5.61 -4.11
N ARG A 83 -6.40 4.92 -3.75
CA ARG A 83 -5.05 5.44 -3.89
C ARG A 83 -4.44 5.02 -5.22
N VAL A 84 -3.59 5.89 -5.78
CA VAL A 84 -2.87 5.57 -7.04
C VAL A 84 -1.45 5.16 -6.68
N TYR A 85 -1.03 4.07 -7.33
CA TYR A 85 0.28 3.42 -7.21
C TYR A 85 0.93 3.32 -8.61
N THR A 86 2.23 3.16 -8.66
CA THR A 86 2.93 2.84 -9.91
C THR A 86 3.38 1.41 -9.84
N GLY A 87 2.81 0.56 -10.68
CA GLY A 87 3.12 -0.86 -10.57
C GLY A 87 3.62 -1.46 -11.81
N LYS A 88 4.16 -2.70 -11.78
CA LYS A 88 4.76 -3.24 -13.02
C LYS A 88 4.04 -4.49 -13.38
N VAL A 89 4.02 -4.84 -14.69
CA VAL A 89 3.40 -6.06 -15.19
C VAL A 89 4.12 -7.29 -14.64
N THR A 90 3.37 -8.28 -14.09
CA THR A 90 3.97 -9.57 -13.74
C THR A 90 3.74 -10.71 -14.74
N ARG A 91 2.84 -10.54 -15.69
CA ARG A 91 2.43 -11.57 -16.71
C ARG A 91 1.10 -11.05 -17.39
N ILE A 92 0.72 -11.52 -18.60
CA ILE A 92 -0.55 -11.09 -19.30
C ILE A 92 -1.44 -12.31 -19.56
N VAL A 93 -2.80 -12.18 -19.53
CA VAL A 93 -3.72 -13.25 -19.69
C VAL A 93 -4.85 -12.79 -20.49
N ASP A 94 -5.79 -13.66 -20.77
CA ASP A 94 -6.93 -13.32 -21.59
C ASP A 94 -7.91 -12.30 -21.01
N PHE A 95 -8.26 -12.41 -19.76
CA PHE A 95 -9.21 -11.47 -19.12
C PHE A 95 -8.54 -10.16 -18.74
N GLY A 96 -7.23 -9.96 -19.00
CA GLY A 96 -6.54 -8.76 -18.59
C GLY A 96 -5.01 -8.91 -18.33
N ALA A 97 -4.33 -8.06 -17.50
CA ALA A 97 -2.92 -8.40 -17.10
C ALA A 97 -2.74 -8.24 -15.53
N PHE A 98 -1.73 -8.97 -15.01
CA PHE A 98 -1.26 -8.84 -13.62
C PHE A 98 -0.23 -7.76 -13.44
N VAL A 99 -0.54 -6.91 -12.42
CA VAL A 99 0.27 -5.74 -12.05
C VAL A 99 0.66 -5.70 -10.53
N ALA A 100 1.97 -5.64 -10.29
CA ALA A 100 2.59 -5.64 -8.94
C ALA A 100 2.73 -4.23 -8.43
N ILE A 101 1.94 -3.92 -7.39
CA ILE A 101 1.90 -2.60 -6.76
C ILE A 101 2.69 -2.76 -5.47
N GLY A 102 3.33 -1.62 -5.10
CA GLY A 102 4.25 -1.50 -4.03
C GLY A 102 3.71 -2.06 -2.72
N GLY A 103 4.50 -2.77 -1.94
CA GLY A 103 4.05 -3.29 -0.66
C GLY A 103 3.86 -4.80 -0.73
N GLY A 104 4.37 -5.50 -1.71
CA GLY A 104 4.23 -6.95 -1.78
C GLY A 104 2.92 -7.49 -2.33
N LYS A 105 2.16 -6.67 -3.10
CA LYS A 105 0.79 -7.04 -3.55
C LYS A 105 0.57 -6.97 -5.06
N GLU A 106 0.22 -8.14 -5.58
CA GLU A 106 -0.05 -8.32 -7.01
C GLU A 106 -1.54 -8.05 -7.27
N GLY A 107 -1.78 -7.27 -8.30
CA GLY A 107 -3.13 -6.95 -8.70
C GLY A 107 -3.44 -7.53 -10.05
N LEU A 108 -4.66 -7.19 -10.44
CA LEU A 108 -5.34 -7.62 -11.65
C LEU A 108 -6.05 -6.41 -12.24
N VAL A 109 -5.56 -6.04 -13.47
CA VAL A 109 -6.15 -5.03 -14.33
C VAL A 109 -6.97 -5.73 -15.41
N HIS A 110 -8.29 -5.67 -15.23
CA HIS A 110 -9.22 -6.14 -16.27
C HIS A 110 -9.10 -5.43 -17.62
N ILE A 111 -9.56 -6.06 -18.67
CA ILE A 111 -9.36 -5.59 -20.03
C ILE A 111 -9.96 -4.23 -20.39
N SER A 112 -11.06 -3.92 -19.74
CA SER A 112 -11.84 -2.65 -19.80
C SER A 112 -11.24 -1.60 -18.90
N GLN A 113 -10.41 -2.06 -17.92
CA GLN A 113 -9.78 -1.19 -16.98
C GLN A 113 -8.30 -0.92 -17.40
N ILE A 114 -7.84 -1.55 -18.47
CA ILE A 114 -6.58 -1.13 -19.12
C ILE A 114 -6.69 0.23 -19.94
N ALA A 115 -7.76 0.59 -20.69
CA ALA A 115 -7.77 1.88 -21.42
C ALA A 115 -9.22 2.25 -21.64
N ASP A 116 -9.45 3.56 -21.64
CA ASP A 116 -10.76 4.15 -21.70
C ASP A 116 -11.37 3.90 -23.08
N LYS A 117 -10.65 4.23 -24.16
CA LYS A 117 -11.20 4.05 -25.57
C LYS A 117 -10.91 2.63 -26.12
N ARG A 118 -10.41 1.72 -25.22
CA ARG A 118 -10.07 0.32 -25.48
C ARG A 118 -8.80 0.15 -26.39
N VAL A 119 -7.71 -0.40 -25.88
CA VAL A 119 -6.58 -0.81 -26.75
C VAL A 119 -6.85 -2.09 -27.59
N GLU A 120 -6.11 -2.17 -28.68
CA GLU A 120 -6.15 -3.26 -29.64
C GLU A 120 -5.78 -4.60 -29.03
N LYS A 121 -4.65 -4.70 -28.27
CA LYS A 121 -4.40 -5.88 -27.47
C LYS A 121 -3.40 -5.47 -26.40
N VAL A 122 -3.45 -6.17 -25.26
CA VAL A 122 -2.72 -5.82 -24.02
C VAL A 122 -1.25 -5.76 -24.24
N THR A 123 -0.80 -6.76 -25.02
CA THR A 123 0.58 -6.86 -25.38
C THR A 123 1.12 -5.75 -26.33
N ASP A 124 0.23 -5.07 -27.07
CA ASP A 124 0.54 -3.92 -27.94
C ASP A 124 0.45 -2.54 -27.23
N TYR A 125 0.12 -2.56 -25.93
CA TYR A 125 0.20 -1.36 -25.05
C TYR A 125 1.15 -1.49 -23.83
N LEU A 126 1.46 -2.68 -23.41
CA LEU A 126 2.28 -2.89 -22.20
C LEU A 126 3.71 -3.32 -22.52
N GLN A 127 4.62 -2.92 -21.59
CA GLN A 127 6.06 -3.22 -21.70
C GLN A 127 6.56 -3.68 -20.32
N MET A 128 7.52 -4.62 -20.34
CA MET A 128 8.11 -5.13 -19.11
C MET A 128 9.25 -4.27 -18.63
N GLY A 129 9.26 -4.21 -17.30
CA GLY A 129 10.12 -3.31 -16.53
C GLY A 129 9.58 -1.87 -16.44
N GLN A 130 8.44 -1.60 -17.05
CA GLN A 130 7.89 -0.23 -17.13
C GLN A 130 6.81 -0.05 -16.11
N GLU A 131 6.73 1.16 -15.52
CA GLU A 131 5.71 1.41 -14.52
C GLU A 131 4.34 1.76 -15.12
N VAL A 132 3.26 0.99 -14.77
CA VAL A 132 1.91 1.43 -15.17
C VAL A 132 1.36 2.22 -13.97
N PRO A 133 0.92 3.42 -14.13
CA PRO A 133 0.07 4.08 -13.08
C PRO A 133 -1.26 3.33 -12.86
N VAL A 134 -1.59 2.87 -11.62
CA VAL A 134 -2.77 2.04 -11.44
C VAL A 134 -3.54 2.48 -10.23
N LYS A 135 -4.82 2.70 -10.38
CA LYS A 135 -5.58 3.11 -9.16
C LYS A 135 -6.22 1.89 -8.49
N VAL A 136 -6.27 1.93 -7.13
CA VAL A 136 -6.90 0.75 -6.45
C VAL A 136 -8.48 0.83 -6.34
N LEU A 137 -9.16 -0.29 -6.73
CA LEU A 137 -10.60 -0.45 -6.76
C LEU A 137 -11.16 -1.24 -5.60
N GLU A 138 -10.51 -2.37 -5.25
CA GLU A 138 -11.01 -3.28 -4.22
C GLU A 138 -9.79 -4.00 -3.67
N VAL A 139 -9.73 -4.20 -2.32
CA VAL A 139 -8.74 -5.10 -1.70
C VAL A 139 -9.37 -6.49 -1.55
N ASP A 140 -8.58 -7.54 -1.85
CA ASP A 140 -9.10 -8.91 -1.73
C ASP A 140 -8.08 -9.69 -0.88
N ARG A 141 -8.60 -10.56 -0.03
CA ARG A 141 -7.76 -11.24 0.97
C ARG A 141 -7.48 -12.69 0.53
N GLN A 142 -8.11 -13.08 -0.58
CA GLN A 142 -7.84 -14.31 -1.31
C GLN A 142 -7.43 -14.05 -2.81
N GLY A 143 -8.12 -13.08 -3.46
CA GLY A 143 -7.95 -12.59 -4.86
C GLY A 143 -6.70 -11.72 -4.93
N ARG A 144 -6.55 -11.17 -6.07
CA ARG A 144 -5.57 -10.12 -6.34
C ARG A 144 -6.21 -8.78 -6.05
N ILE A 145 -5.41 -7.73 -5.81
CA ILE A 145 -5.93 -6.37 -5.62
C ILE A 145 -6.57 -5.83 -6.90
N ARG A 146 -7.71 -5.17 -6.82
CA ARG A 146 -8.39 -4.84 -8.10
C ARG A 146 -7.95 -3.45 -8.50
N LEU A 147 -7.52 -3.24 -9.80
CA LEU A 147 -6.94 -1.97 -10.25
C LEU A 147 -7.35 -1.45 -11.65
N SER A 148 -7.31 -0.11 -11.83
CA SER A 148 -7.73 0.59 -13.06
C SER A 148 -6.56 1.38 -13.58
N ILE A 149 -6.11 1.11 -14.82
CA ILE A 149 -5.05 1.91 -15.42
C ILE A 149 -5.68 3.18 -15.95
N LYS A 150 -6.93 3.12 -16.45
CA LYS A 150 -7.46 4.29 -17.10
C LYS A 150 -7.81 5.49 -16.16
N GLU A 151 -7.98 5.17 -14.89
CA GLU A 151 -8.41 6.16 -13.86
C GLU A 151 -7.17 6.77 -13.21
N ALA A 152 -5.95 6.40 -13.72
CA ALA A 152 -4.69 6.69 -13.12
C ALA A 152 -3.77 7.25 -14.20
N THR A 153 -3.74 6.72 -15.45
CA THR A 153 -2.79 7.20 -16.50
C THR A 153 -3.23 8.59 -16.94
N GLU A 154 -2.24 9.47 -17.08
CA GLU A 154 -2.43 10.86 -17.51
C GLU A 154 -2.96 11.78 -16.39
N GLN A 155 -3.10 11.24 -15.15
CA GLN A 155 -3.69 12.01 -14.10
C GLN A 155 -2.51 12.54 -13.24
N ARG A 14 11.10 2.33 27.26
CA ARG A 14 12.12 2.37 26.18
C ARG A 14 11.60 2.58 24.74
N ILE A 15 12.32 3.40 23.91
CA ILE A 15 11.83 3.80 22.58
C ILE A 15 12.49 3.08 21.43
N HIS A 16 11.63 2.34 20.76
CA HIS A 16 11.98 1.65 19.54
C HIS A 16 11.42 2.46 18.35
N THR A 17 12.13 2.39 17.20
CA THR A 17 11.85 3.26 16.04
C THR A 17 11.68 2.50 14.70
N ILE A 18 10.80 2.99 13.79
CA ILE A 18 10.72 2.42 12.46
C ILE A 18 10.85 3.59 11.41
N LYS A 19 11.55 3.37 10.28
CA LYS A 19 11.97 4.44 9.31
C LYS A 19 11.17 4.29 8.01
N ILE A 20 10.30 5.30 7.68
CA ILE A 20 9.14 5.12 6.78
C ILE A 20 8.92 6.37 5.87
N ASN A 21 8.33 6.11 4.69
CA ASN A 21 8.14 7.13 3.67
C ASN A 21 6.86 7.92 3.98
N PRO A 22 6.70 9.20 3.67
CA PRO A 22 5.55 10.01 4.19
C PRO A 22 4.12 9.48 3.98
N ASP A 23 3.70 9.04 2.78
CA ASP A 23 2.32 8.73 2.58
C ASP A 23 1.79 7.51 3.38
N LYS A 24 2.69 6.72 4.03
CA LYS A 24 2.25 5.70 4.97
C LYS A 24 2.49 6.03 6.44
N ILE A 25 3.08 7.17 6.72
CA ILE A 25 2.96 7.69 8.10
C ILE A 25 1.54 8.14 8.40
N LYS A 26 0.89 8.83 7.46
CA LYS A 26 -0.41 9.43 7.76
C LYS A 26 -1.46 8.45 8.21
N ASP A 27 -1.47 7.29 7.54
CA ASP A 27 -2.27 6.08 7.92
C ASP A 27 -2.08 5.66 9.40
N VAL A 28 -0.89 5.88 9.93
CA VAL A 28 -0.60 5.63 11.39
C VAL A 28 -1.30 6.72 12.28
N ILE A 29 -1.24 8.03 11.92
CA ILE A 29 -1.98 9.06 12.59
C ILE A 29 -3.50 8.92 12.29
N GLY A 30 -3.88 8.01 11.41
CA GLY A 30 -5.24 7.70 10.96
C GLY A 30 -6.55 8.09 11.65
N LYS A 31 -7.51 8.62 10.90
CA LYS A 31 -8.86 9.03 11.42
C LYS A 31 -8.79 10.08 12.54
N GLY A 32 -7.97 11.12 12.36
CA GLY A 32 -7.92 12.26 13.23
C GLY A 32 -7.28 11.94 14.60
N GLY A 33 -6.32 10.95 14.63
CA GLY A 33 -5.60 10.42 15.78
C GLY A 33 -6.34 9.25 16.45
N SER A 34 -7.53 8.89 15.94
CA SER A 34 -8.38 7.84 16.50
C SER A 34 -7.66 6.49 16.55
N VAL A 35 -6.87 6.19 15.51
CA VAL A 35 -6.02 4.99 15.49
C VAL A 35 -4.96 5.09 16.53
N ILE A 36 -4.26 6.22 16.61
CA ILE A 36 -3.20 6.24 17.58
C ILE A 36 -3.73 5.91 19.01
N ARG A 37 -4.77 6.59 19.45
CA ARG A 37 -5.34 6.35 20.79
C ARG A 37 -5.81 4.89 20.96
N ALA A 38 -6.47 4.29 19.99
CA ALA A 38 -6.90 2.89 20.05
C ALA A 38 -5.75 1.89 20.07
N LEU A 39 -4.78 2.16 19.19
CA LEU A 39 -3.59 1.32 19.03
C LEU A 39 -2.78 1.36 20.34
N THR A 40 -2.65 2.56 20.87
CA THR A 40 -1.94 2.77 22.19
C THR A 40 -2.57 2.11 23.38
N GLU A 41 -3.88 2.12 23.58
CA GLU A 41 -4.47 1.18 24.61
C GLU A 41 -4.28 -0.30 24.26
N GLU A 42 -4.46 -0.65 23.01
CA GLU A 42 -4.49 -2.09 22.62
C GLU A 42 -3.11 -2.71 22.68
N THR A 43 -2.10 -2.03 22.10
CA THR A 43 -0.72 -2.47 22.16
C THR A 43 0.02 -2.18 23.48
N GLY A 44 -0.41 -1.18 24.32
CA GLY A 44 0.19 -0.91 25.63
C GLY A 44 1.45 -0.10 25.49
N THR A 45 1.44 0.74 24.46
CA THR A 45 2.55 1.62 24.04
C THR A 45 2.04 3.04 23.77
N THR A 46 2.98 3.93 23.56
CA THR A 46 2.73 5.36 23.47
C THR A 46 3.41 5.69 22.16
N ILE A 47 2.81 6.49 21.26
CA ILE A 47 3.42 6.66 19.86
C ILE A 47 3.83 8.13 19.54
N GLU A 48 5.02 8.34 18.97
CA GLU A 48 5.55 9.72 18.71
C GLU A 48 6.01 9.85 17.26
N ILE A 49 5.60 10.96 16.60
CA ILE A 49 6.05 11.23 15.26
C ILE A 49 7.30 12.14 15.31
N GLU A 50 8.41 11.83 14.58
CA GLU A 50 9.57 12.71 14.53
C GLU A 50 10.04 12.87 13.10
N ASP A 51 10.74 13.99 12.88
CA ASP A 51 11.43 14.31 11.67
C ASP A 51 12.19 13.16 10.97
N ASP A 52 12.26 13.36 9.63
CA ASP A 52 12.76 12.45 8.64
C ASP A 52 11.96 11.12 8.42
N GLY A 53 10.70 11.00 8.82
CA GLY A 53 9.97 9.75 8.73
C GLY A 53 10.46 8.86 9.86
N THR A 54 10.55 9.35 11.06
CA THR A 54 10.88 8.42 12.15
C THR A 54 9.59 8.17 12.93
N VAL A 55 8.99 6.96 12.90
CA VAL A 55 7.78 6.68 13.69
C VAL A 55 8.26 5.99 15.01
N LYS A 56 8.00 6.61 16.21
CA LYS A 56 8.62 6.20 17.49
C LYS A 56 7.60 5.50 18.42
N ILE A 57 8.04 4.30 18.85
CA ILE A 57 7.23 3.40 19.65
C ILE A 57 7.75 3.37 21.08
N ALA A 58 7.10 4.01 22.10
CA ALA A 58 7.64 4.01 23.44
C ALA A 58 6.93 2.86 24.16
N ALA A 59 7.60 1.96 24.93
CA ALA A 59 6.82 1.15 25.85
C ALA A 59 7.64 0.83 27.05
N THR A 60 6.98 0.49 28.18
CA THR A 60 7.71 0.07 29.36
C THR A 60 8.47 -1.22 29.21
N ASP A 61 7.89 -2.11 28.51
CA ASP A 61 8.50 -3.42 28.26
C ASP A 61 9.10 -3.48 26.85
N GLY A 62 10.13 -4.35 26.67
CA GLY A 62 10.72 -4.69 25.37
C GLY A 62 9.74 -5.44 24.45
N GLU A 63 9.10 -6.48 24.99
CA GLU A 63 8.20 -7.34 24.17
C GLU A 63 7.01 -6.54 23.58
N LYS A 64 6.52 -5.74 24.45
CA LYS A 64 5.50 -4.69 24.08
C LYS A 64 5.92 -3.70 22.97
N ALA A 65 7.14 -3.18 23.05
CA ALA A 65 7.67 -2.34 21.96
C ALA A 65 7.79 -3.07 20.61
N LYS A 66 8.34 -4.32 20.64
CA LYS A 66 8.58 -5.14 19.43
C LYS A 66 7.25 -5.64 18.72
N HIS A 67 6.24 -5.91 19.53
CA HIS A 67 4.85 -6.15 19.16
C HIS A 67 4.17 -4.87 18.59
N ALA A 68 4.38 -3.73 19.21
CA ALA A 68 3.95 -2.48 18.58
C ALA A 68 4.66 -2.22 17.23
N ILE A 69 5.98 -2.38 17.13
CA ILE A 69 6.69 -2.43 15.79
C ILE A 69 6.12 -3.38 14.72
N ARG A 70 5.76 -4.54 15.14
CA ARG A 70 5.15 -5.54 14.18
C ARG A 70 3.72 -5.18 13.79
N ARG A 71 2.89 -4.70 14.75
CA ARG A 71 1.53 -4.17 14.48
C ARG A 71 1.50 -2.95 13.48
N ILE A 72 2.44 -2.02 13.71
CA ILE A 72 2.83 -0.90 12.83
C ILE A 72 3.36 -1.33 11.40
N GLU A 73 4.28 -2.27 11.35
CA GLU A 73 4.69 -2.88 10.06
C GLU A 73 3.42 -3.47 9.39
N GLU A 74 2.50 -4.19 10.11
CA GLU A 74 1.24 -4.77 9.54
C GLU A 74 0.27 -3.68 9.07
N ILE A 75 0.15 -2.55 9.83
CA ILE A 75 -0.56 -1.38 9.36
C ILE A 75 0.10 -0.74 8.10
N THR A 76 1.40 -0.45 8.13
CA THR A 76 2.00 0.35 7.02
C THR A 76 2.01 -0.39 5.67
N ALA A 77 1.96 -1.70 5.80
CA ALA A 77 1.87 -2.65 4.70
C ALA A 77 0.64 -2.46 3.83
N GLU A 78 -0.51 -2.17 4.44
CA GLU A 78 -1.81 -2.24 3.75
C GLU A 78 -1.95 -1.36 2.53
N ILE A 79 -2.68 -1.99 1.60
CA ILE A 79 -3.09 -1.44 0.33
C ILE A 79 -4.36 -0.61 0.49
N GLU A 80 -4.17 0.65 0.27
CA GLU A 80 -5.26 1.65 0.34
C GLU A 80 -5.66 2.13 -1.05
N VAL A 81 -6.96 2.44 -1.26
CA VAL A 81 -7.45 2.86 -2.54
C VAL A 81 -7.16 4.35 -2.75
N GLY A 82 -6.99 4.65 -3.98
CA GLY A 82 -6.62 5.98 -4.48
C GLY A 82 -5.15 6.38 -4.34
N ARG A 83 -4.29 5.41 -4.08
CA ARG A 83 -2.88 5.68 -3.94
C ARG A 83 -2.22 5.13 -5.22
N VAL A 84 -1.18 5.83 -5.70
CA VAL A 84 -0.40 5.26 -6.81
C VAL A 84 0.79 4.41 -6.25
N TYR A 85 1.10 3.27 -7.00
CA TYR A 85 2.27 2.43 -6.85
C TYR A 85 2.88 2.17 -8.23
N THR A 86 4.11 1.64 -8.32
CA THR A 86 4.69 1.24 -9.60
C THR A 86 4.88 -0.23 -9.47
N GLY A 87 4.46 -0.93 -10.49
CA GLY A 87 4.49 -2.34 -10.49
C GLY A 87 4.90 -2.90 -11.86
N LYS A 88 5.01 -4.23 -11.91
CA LYS A 88 5.43 -4.93 -13.18
C LYS A 88 4.36 -5.88 -13.72
N VAL A 89 4.15 -5.83 -15.04
CA VAL A 89 3.18 -6.78 -15.61
C VAL A 89 3.87 -8.14 -15.49
N THR A 90 3.20 -9.18 -15.09
CA THR A 90 3.86 -10.53 -15.02
C THR A 90 2.98 -11.58 -15.70
N ARG A 91 1.72 -11.25 -15.86
CA ARG A 91 0.78 -12.13 -16.65
C ARG A 91 -0.20 -11.21 -17.48
N ILE A 92 -0.69 -11.70 -18.69
CA ILE A 92 -1.64 -10.99 -19.50
C ILE A 92 -2.64 -12.05 -19.96
N VAL A 93 -3.91 -11.64 -19.90
CA VAL A 93 -5.06 -12.55 -19.91
C VAL A 93 -6.16 -11.87 -20.71
N ASP A 94 -7.22 -12.59 -21.03
CA ASP A 94 -8.35 -11.99 -21.79
C ASP A 94 -9.01 -10.70 -21.19
N PHE A 95 -9.15 -10.54 -19.90
CA PHE A 95 -9.83 -9.29 -19.32
C PHE A 95 -8.74 -8.34 -18.83
N GLY A 96 -7.43 -8.47 -19.16
CA GLY A 96 -6.49 -7.54 -18.59
C GLY A 96 -5.12 -8.06 -18.40
N ALA A 97 -4.36 -7.41 -17.52
CA ALA A 97 -2.96 -7.80 -17.23
C ALA A 97 -2.79 -7.81 -15.72
N PHE A 98 -2.14 -8.84 -15.20
CA PHE A 98 -1.89 -8.86 -13.72
C PHE A 98 -0.52 -8.19 -13.43
N VAL A 99 -0.60 -7.29 -12.44
CA VAL A 99 0.51 -6.49 -11.96
C VAL A 99 0.92 -6.84 -10.56
N ALA A 100 2.22 -6.89 -10.36
CA ALA A 100 2.78 -7.06 -8.97
C ALA A 100 3.18 -5.67 -8.51
N ILE A 101 3.06 -5.41 -7.17
CA ILE A 101 3.50 -4.15 -6.50
C ILE A 101 4.07 -4.53 -5.13
N GLY A 102 4.89 -3.66 -4.52
CA GLY A 102 5.59 -4.02 -3.25
C GLY A 102 4.83 -4.75 -2.11
N GLY A 103 5.51 -5.68 -1.43
CA GLY A 103 4.95 -6.42 -0.29
C GLY A 103 4.38 -7.82 -0.65
N GLY A 104 4.73 -8.28 -1.85
CA GLY A 104 4.25 -9.49 -2.43
C GLY A 104 2.83 -9.33 -2.91
N LYS A 105 2.44 -8.07 -3.14
CA LYS A 105 1.04 -7.82 -3.48
C LYS A 105 0.84 -7.88 -4.99
N GLU A 106 -0.25 -8.52 -5.50
CA GLU A 106 -0.52 -8.62 -6.94
C GLU A 106 -1.98 -8.21 -7.14
N GLY A 107 -2.21 -7.37 -8.13
CA GLY A 107 -3.53 -6.81 -8.51
C GLY A 107 -3.83 -6.82 -9.98
N LEU A 108 -5.13 -6.67 -10.30
CA LEU A 108 -5.57 -6.80 -11.69
C LEU A 108 -5.68 -5.45 -12.38
N VAL A 109 -5.00 -5.26 -13.53
CA VAL A 109 -5.38 -4.10 -14.36
C VAL A 109 -6.36 -4.65 -15.38
N HIS A 110 -7.66 -4.30 -15.37
CA HIS A 110 -8.54 -4.69 -16.50
C HIS A 110 -8.17 -4.15 -17.92
N ILE A 111 -8.58 -4.88 -18.94
CA ILE A 111 -8.42 -4.49 -20.36
C ILE A 111 -8.96 -3.08 -20.72
N SER A 112 -10.03 -2.61 -20.03
CA SER A 112 -10.51 -1.24 -20.14
C SER A 112 -9.79 -0.22 -19.28
N GLN A 113 -9.00 -0.64 -18.28
CA GLN A 113 -8.32 0.33 -17.37
C GLN A 113 -6.91 0.72 -17.75
N ILE A 114 -6.54 0.49 -19.04
CA ILE A 114 -5.17 0.68 -19.50
C ILE A 114 -4.94 2.12 -20.06
N ALA A 115 -5.86 2.58 -20.91
CA ALA A 115 -5.81 3.93 -21.56
C ALA A 115 -7.18 4.51 -21.80
N ASP A 116 -7.32 5.83 -22.03
CA ASP A 116 -8.70 6.40 -22.23
C ASP A 116 -9.33 5.85 -23.49
N LYS A 117 -8.44 5.71 -24.49
CA LYS A 117 -8.71 5.13 -25.77
C LYS A 117 -9.28 3.71 -25.64
N ARG A 118 -10.06 3.29 -26.64
CA ARG A 118 -10.57 1.92 -26.74
C ARG A 118 -9.41 0.91 -27.05
N VAL A 119 -9.52 -0.26 -26.43
CA VAL A 119 -8.52 -1.32 -26.50
C VAL A 119 -9.22 -2.68 -26.78
N GLU A 120 -8.50 -3.51 -27.61
CA GLU A 120 -9.01 -4.80 -28.14
C GLU A 120 -8.29 -6.02 -27.62
N LYS A 121 -6.99 -5.92 -27.45
CA LYS A 121 -6.29 -6.98 -26.73
C LYS A 121 -5.20 -6.27 -25.92
N VAL A 122 -4.85 -6.79 -24.70
CA VAL A 122 -4.08 -6.00 -23.72
C VAL A 122 -2.61 -5.89 -24.14
N THR A 123 -2.24 -6.77 -25.07
CA THR A 123 -0.87 -6.93 -25.50
C THR A 123 -0.42 -5.98 -26.60
N ASP A 124 -1.34 -5.14 -27.14
CA ASP A 124 -1.03 -4.00 -28.00
C ASP A 124 -0.14 -3.00 -27.25
N TYR A 125 -0.42 -2.77 -25.98
CA TYR A 125 0.41 -1.84 -25.19
C TYR A 125 1.29 -2.58 -24.14
N LEU A 126 0.96 -3.76 -23.64
CA LEU A 126 1.68 -4.30 -22.43
C LEU A 126 2.41 -5.59 -22.69
N GLN A 127 3.73 -5.65 -22.37
CA GLN A 127 4.34 -6.95 -22.33
C GLN A 127 4.83 -7.27 -20.91
N MET A 128 5.19 -8.52 -20.56
CA MET A 128 5.67 -8.88 -19.23
C MET A 128 6.98 -8.16 -18.78
N GLY A 129 6.99 -7.89 -17.48
CA GLY A 129 8.08 -7.23 -16.76
C GLY A 129 8.10 -5.73 -17.07
N GLN A 130 7.27 -5.21 -18.01
CA GLN A 130 7.20 -3.75 -18.24
C GLN A 130 6.60 -2.91 -17.09
N GLU A 131 7.27 -1.75 -16.84
CA GLU A 131 7.06 -0.99 -15.59
C GLU A 131 5.91 0.02 -15.74
N VAL A 132 4.78 -0.34 -15.12
CA VAL A 132 3.51 0.35 -15.20
C VAL A 132 3.19 1.06 -13.85
N PRO A 133 3.09 2.38 -13.89
CA PRO A 133 2.34 3.13 -12.82
C PRO A 133 0.91 2.68 -12.70
N VAL A 134 0.48 2.38 -11.47
CA VAL A 134 -0.91 1.99 -11.23
C VAL A 134 -1.56 2.73 -10.09
N LYS A 135 -2.89 3.01 -10.17
CA LYS A 135 -3.60 3.53 -9.04
C LYS A 135 -4.60 2.49 -8.55
N VAL A 136 -4.78 2.27 -7.28
CA VAL A 136 -5.78 1.27 -6.79
C VAL A 136 -7.24 1.76 -6.98
N LEU A 137 -8.07 0.79 -7.38
CA LEU A 137 -9.51 0.95 -7.50
C LEU A 137 -10.19 0.24 -6.39
N GLU A 138 -9.67 -0.94 -5.97
CA GLU A 138 -10.42 -1.84 -5.11
C GLU A 138 -9.43 -2.70 -4.44
N VAL A 139 -9.87 -3.38 -3.36
CA VAL A 139 -8.99 -4.26 -2.55
C VAL A 139 -9.84 -5.13 -1.57
N ASP A 140 -10.10 -6.36 -2.01
CA ASP A 140 -10.93 -7.31 -1.19
C ASP A 140 -10.19 -7.81 0.06
N ARG A 141 -10.95 -8.42 1.02
CA ARG A 141 -10.38 -8.92 2.28
C ARG A 141 -9.32 -9.99 2.11
N GLN A 142 -9.37 -10.72 1.01
CA GLN A 142 -8.60 -11.90 0.81
C GLN A 142 -7.28 -11.55 0.05
N GLY A 143 -6.97 -10.29 -0.26
CA GLY A 143 -5.73 -9.96 -0.99
C GLY A 143 -5.94 -9.75 -2.52
N ARG A 144 -7.22 -9.82 -2.97
CA ARG A 144 -7.62 -9.61 -4.36
C ARG A 144 -7.79 -8.08 -4.61
N ILE A 145 -6.97 -7.50 -5.54
CA ILE A 145 -6.77 -6.02 -5.70
C ILE A 145 -7.09 -5.63 -7.17
N ARG A 146 -7.92 -4.56 -7.45
CA ARG A 146 -8.12 -4.08 -8.87
C ARG A 146 -7.40 -2.70 -8.98
N LEU A 147 -6.86 -2.45 -10.20
CA LEU A 147 -5.96 -1.36 -10.52
C LEU A 147 -6.39 -0.55 -11.76
N SER A 148 -5.88 0.74 -11.82
CA SER A 148 -5.93 1.54 -13.03
C SER A 148 -4.59 2.17 -13.30
N ILE A 149 -3.89 1.74 -14.37
CA ILE A 149 -2.84 2.56 -14.98
C ILE A 149 -3.29 3.93 -15.60
N LYS A 150 -4.44 4.05 -16.35
CA LYS A 150 -4.79 5.21 -17.09
C LYS A 150 -5.07 6.39 -16.19
N GLU A 151 -5.60 6.10 -14.96
CA GLU A 151 -5.71 7.06 -13.88
C GLU A 151 -4.33 7.52 -13.36
N ALA A 152 -3.48 6.54 -13.11
CA ALA A 152 -2.11 6.79 -12.63
C ALA A 152 -1.38 7.68 -13.61
N THR A 153 -1.57 7.39 -14.89
CA THR A 153 -0.85 8.13 -15.95
C THR A 153 -1.61 9.38 -16.44
N GLU A 154 -2.80 9.55 -15.82
CA GLU A 154 -3.68 10.72 -15.83
C GLU A 154 -4.24 11.06 -17.23
N GLN A 155 -4.90 10.04 -17.81
CA GLN A 155 -5.45 10.07 -19.15
C GLN A 155 -6.88 10.65 -19.15
N ARG A 14 12.76 3.07 27.52
CA ARG A 14 13.67 3.01 26.36
C ARG A 14 12.97 3.59 25.08
N ILE A 15 13.76 4.15 24.09
CA ILE A 15 13.20 4.69 22.82
C ILE A 15 13.70 3.89 21.65
N HIS A 16 12.75 3.41 20.79
CA HIS A 16 13.04 2.55 19.63
C HIS A 16 12.40 3.14 18.42
N THR A 17 13.12 3.21 17.25
CA THR A 17 12.50 3.77 16.09
C THR A 17 12.33 2.79 14.95
N ILE A 18 11.34 3.06 14.14
CA ILE A 18 11.22 2.40 12.85
C ILE A 18 10.96 3.48 11.86
N LYS A 19 11.40 3.32 10.64
CA LYS A 19 11.29 4.41 9.64
C LYS A 19 10.39 3.90 8.53
N ILE A 20 9.33 4.62 8.07
CA ILE A 20 8.38 4.01 7.09
C ILE A 20 7.72 5.05 6.12
N ASN A 21 7.02 4.56 5.09
CA ASN A 21 6.50 5.43 4.03
C ASN A 21 5.46 6.43 4.61
N PRO A 22 5.62 7.73 4.41
CA PRO A 22 4.88 8.79 5.18
C PRO A 22 3.42 8.97 4.85
N ASP A 23 3.03 8.49 3.66
CA ASP A 23 1.60 8.34 3.25
C ASP A 23 0.83 7.42 4.24
N LYS A 24 1.41 6.26 4.63
CA LYS A 24 0.69 5.35 5.47
C LYS A 24 0.73 5.82 6.95
N ILE A 25 1.46 6.86 7.22
CA ILE A 25 1.56 7.40 8.57
C ILE A 25 0.34 8.30 8.75
N LYS A 26 -0.32 8.84 7.69
CA LYS A 26 -1.56 9.59 7.93
C LYS A 26 -2.70 8.56 8.17
N ASP A 27 -2.52 7.40 7.54
CA ASP A 27 -3.27 6.17 7.93
C ASP A 27 -3.06 5.78 9.40
N VAL A 28 -1.83 5.90 9.87
CA VAL A 28 -1.47 5.66 11.32
C VAL A 28 -2.03 6.69 12.32
N ILE A 29 -2.06 8.00 11.97
CA ILE A 29 -2.66 9.02 12.85
C ILE A 29 -4.19 8.87 12.82
N GLY A 30 -4.74 8.71 11.58
CA GLY A 30 -6.21 8.74 11.36
C GLY A 30 -6.75 10.18 11.52
N LYS A 31 -8.05 10.40 11.24
CA LYS A 31 -8.54 11.76 11.07
C LYS A 31 -8.72 12.38 12.48
N GLY A 32 -8.06 13.48 12.74
CA GLY A 32 -8.16 14.15 14.07
C GLY A 32 -7.44 13.30 15.15
N GLY A 33 -6.54 12.40 14.72
CA GLY A 33 -5.82 11.54 15.62
C GLY A 33 -6.51 10.27 16.08
N SER A 34 -7.55 9.89 15.37
CA SER A 34 -8.41 8.73 15.78
C SER A 34 -7.74 7.36 15.89
N VAL A 35 -6.85 6.93 14.96
CA VAL A 35 -6.26 5.63 14.93
C VAL A 35 -5.07 5.59 15.93
N ILE A 36 -4.31 6.71 16.17
CA ILE A 36 -3.22 6.67 17.10
C ILE A 36 -3.74 6.68 18.57
N ARG A 37 -4.86 7.31 18.80
CA ARG A 37 -5.57 7.09 20.04
C ARG A 37 -6.01 5.61 20.28
N ALA A 38 -6.58 4.90 19.31
CA ALA A 38 -6.81 3.42 19.45
C ALA A 38 -5.53 2.50 19.54
N LEU A 39 -4.59 2.83 18.63
CA LEU A 39 -3.29 2.16 18.50
C LEU A 39 -2.39 2.25 19.75
N THR A 40 -2.37 3.34 20.56
CA THR A 40 -1.54 3.28 21.78
C THR A 40 -2.03 2.27 22.84
N GLU A 41 -3.36 2.26 23.04
CA GLU A 41 -4.07 1.29 23.94
C GLU A 41 -3.93 -0.17 23.51
N GLU A 42 -4.12 -0.43 22.23
CA GLU A 42 -3.93 -1.74 21.65
C GLU A 42 -2.59 -2.33 21.92
N THR A 43 -1.52 -1.53 21.74
CA THR A 43 -0.11 -1.99 21.78
C THR A 43 0.53 -1.96 23.19
N GLY A 44 -0.02 -1.12 24.11
CA GLY A 44 0.44 -0.95 25.49
C GLY A 44 1.70 -0.04 25.54
N THR A 45 1.85 0.88 24.54
CA THR A 45 3.02 1.70 24.38
C THR A 45 2.58 3.12 24.10
N THR A 46 3.60 3.98 24.22
CA THR A 46 3.43 5.36 23.81
C THR A 46 4.10 5.50 22.48
N ILE A 47 3.36 6.00 21.49
CA ILE A 47 3.86 6.00 20.17
C ILE A 47 3.91 7.44 19.85
N GLU A 48 4.95 7.86 19.11
CA GLU A 48 5.03 9.22 18.81
C GLU A 48 5.64 9.37 17.39
N ILE A 49 5.07 10.32 16.65
CA ILE A 49 5.36 10.45 15.21
C ILE A 49 6.39 11.60 14.99
N GLU A 50 7.35 11.42 14.11
CA GLU A 50 8.35 12.48 13.81
C GLU A 50 8.60 12.53 12.33
N ASP A 51 9.19 13.66 11.94
CA ASP A 51 9.50 13.95 10.52
C ASP A 51 10.35 12.89 9.82
N ASP A 52 9.93 12.71 8.52
CA ASP A 52 10.58 11.91 7.53
C ASP A 52 10.04 10.49 7.53
N GLY A 53 8.74 10.37 7.89
CA GLY A 53 8.04 9.11 8.18
C GLY A 53 8.61 8.42 9.41
N THR A 54 8.85 9.14 10.54
CA THR A 54 9.58 8.51 11.66
C THR A 54 8.62 8.13 12.76
N VAL A 55 8.60 6.84 13.10
CA VAL A 55 7.74 6.37 14.20
C VAL A 55 8.66 5.94 15.32
N LYS A 56 8.44 6.60 16.47
CA LYS A 56 9.16 6.41 17.71
C LYS A 56 8.18 5.67 18.59
N ILE A 57 8.68 4.70 19.33
CA ILE A 57 7.94 3.94 20.28
C ILE A 57 8.64 4.01 21.63
N ALA A 58 7.96 4.55 22.71
CA ALA A 58 8.56 4.61 24.01
C ALA A 58 7.94 3.40 24.83
N ALA A 59 8.79 2.62 25.61
CA ALA A 59 8.39 1.43 26.41
C ALA A 59 9.48 1.05 27.39
N THR A 60 9.06 0.33 28.47
CA THR A 60 10.03 -0.26 29.34
C THR A 60 10.38 -1.69 28.96
N ASP A 61 9.57 -2.38 28.15
CA ASP A 61 9.73 -3.82 27.96
C ASP A 61 9.92 -4.13 26.50
N GLY A 62 10.82 -5.11 26.29
CA GLY A 62 11.20 -5.57 24.97
C GLY A 62 10.05 -6.19 24.17
N GLU A 63 9.25 -7.12 24.75
CA GLU A 63 8.15 -7.72 24.01
C GLU A 63 6.98 -6.72 23.59
N LYS A 64 6.65 -5.74 24.45
CA LYS A 64 5.73 -4.67 24.11
C LYS A 64 6.34 -3.81 23.01
N ALA A 65 7.66 -3.52 23.08
CA ALA A 65 8.33 -2.71 22.07
C ALA A 65 8.35 -3.37 20.71
N LYS A 66 8.49 -4.69 20.64
CA LYS A 66 8.49 -5.36 19.33
C LYS A 66 7.13 -5.48 18.66
N HIS A 67 6.12 -5.63 19.54
CA HIS A 67 4.71 -5.64 19.20
C HIS A 67 4.20 -4.30 18.65
N ALA A 68 4.60 -3.27 19.34
CA ALA A 68 4.37 -1.84 18.96
C ALA A 68 4.98 -1.54 17.56
N ILE A 69 6.21 -1.99 17.30
CA ILE A 69 6.82 -1.92 15.96
C ILE A 69 6.04 -2.72 14.90
N ARG A 70 5.73 -3.99 15.16
CA ARG A 70 4.99 -4.92 14.26
C ARG A 70 3.60 -4.43 13.95
N ARG A 71 2.89 -3.78 14.90
CA ARG A 71 1.59 -3.19 14.60
C ARG A 71 1.72 -2.02 13.61
N ILE A 72 2.77 -1.15 13.69
CA ILE A 72 2.95 -0.09 12.68
C ILE A 72 3.18 -0.77 11.31
N GLU A 73 4.12 -1.76 11.31
CA GLU A 73 4.43 -2.66 10.19
C GLU A 73 3.21 -3.24 9.49
N GLU A 74 2.33 -3.94 10.21
CA GLU A 74 1.01 -4.45 9.69
C GLU A 74 0.07 -3.35 9.17
N ILE A 75 -0.13 -2.26 9.94
CA ILE A 75 -1.03 -1.19 9.51
C ILE A 75 -0.58 -0.41 8.26
N THR A 76 0.75 -0.21 8.12
CA THR A 76 1.39 0.49 6.94
C THR A 76 1.54 -0.44 5.74
N ALA A 77 1.26 -1.72 5.92
CA ALA A 77 1.32 -2.65 4.80
C ALA A 77 -0.06 -2.96 4.27
N GLU A 78 -1.13 -2.67 5.02
CA GLU A 78 -2.48 -2.87 4.46
C GLU A 78 -2.77 -1.94 3.27
N ILE A 79 -3.42 -2.54 2.25
CA ILE A 79 -3.69 -1.86 0.96
C ILE A 79 -4.97 -1.00 1.07
N GLU A 80 -4.81 0.34 0.85
CA GLU A 80 -5.91 1.27 0.73
C GLU A 80 -6.21 1.65 -0.73
N VAL A 81 -7.51 1.88 -0.96
CA VAL A 81 -8.05 2.28 -2.29
C VAL A 81 -7.56 3.70 -2.64
N GLY A 82 -7.26 4.01 -3.92
CA GLY A 82 -6.86 5.41 -4.36
C GLY A 82 -5.42 5.81 -4.10
N ARG A 83 -4.59 4.80 -4.04
CA ARG A 83 -3.19 5.04 -3.79
C ARG A 83 -2.31 4.55 -4.92
N VAL A 84 -1.16 5.19 -5.14
CA VAL A 84 -0.22 4.74 -6.18
C VAL A 84 0.93 3.95 -5.62
N TYR A 85 1.02 2.77 -6.28
CA TYR A 85 1.98 1.73 -5.94
C TYR A 85 2.69 1.42 -7.25
N THR A 86 3.88 0.78 -7.29
CA THR A 86 4.56 0.51 -8.55
C THR A 86 4.65 -1.02 -8.56
N GLY A 87 4.43 -1.65 -9.72
CA GLY A 87 4.61 -3.10 -9.89
C GLY A 87 5.15 -3.46 -11.33
N LYS A 88 5.20 -4.78 -11.58
CA LYS A 88 5.61 -5.39 -12.86
C LYS A 88 4.58 -6.39 -13.36
N VAL A 89 4.36 -6.32 -14.66
CA VAL A 89 3.37 -7.19 -15.27
C VAL A 89 4.02 -8.55 -15.44
N THR A 90 3.23 -9.57 -15.13
CA THR A 90 3.75 -10.93 -15.09
C THR A 90 2.88 -11.73 -15.99
N ARG A 91 1.58 -11.43 -16.22
CA ARG A 91 0.88 -12.30 -17.08
C ARG A 91 -0.09 -11.49 -17.90
N ILE A 92 -0.36 -11.87 -19.17
CA ILE A 92 -1.52 -11.19 -19.89
C ILE A 92 -2.69 -12.14 -20.19
N VAL A 93 -4.00 -11.67 -20.01
CA VAL A 93 -5.21 -12.47 -20.28
C VAL A 93 -6.08 -11.57 -21.19
N ASP A 94 -7.18 -12.07 -21.70
CA ASP A 94 -8.07 -11.33 -22.60
C ASP A 94 -8.83 -10.11 -22.04
N PHE A 95 -8.93 -10.03 -20.71
CA PHE A 95 -9.62 -8.92 -20.02
C PHE A 95 -8.61 -7.90 -19.41
N GLY A 96 -7.28 -8.08 -19.57
CA GLY A 96 -6.39 -7.34 -18.68
C GLY A 96 -5.06 -8.05 -18.45
N ALA A 97 -4.29 -7.48 -17.52
CA ALA A 97 -2.95 -8.01 -17.16
C ALA A 97 -2.65 -8.05 -15.68
N PHE A 98 -2.12 -9.24 -15.27
CA PHE A 98 -1.72 -9.51 -13.87
C PHE A 98 -0.35 -8.91 -13.61
N VAL A 99 -0.32 -8.22 -12.48
CA VAL A 99 0.76 -7.38 -12.03
C VAL A 99 1.12 -7.90 -10.65
N ALA A 100 2.41 -8.12 -10.48
CA ALA A 100 3.00 -8.43 -9.17
C ALA A 100 3.54 -7.08 -8.56
N ILE A 101 3.10 -6.72 -7.37
CA ILE A 101 3.43 -5.46 -6.65
C ILE A 101 4.26 -5.85 -5.45
N GLY A 102 5.23 -5.00 -5.09
CA GLY A 102 6.14 -5.28 -3.98
C GLY A 102 5.48 -5.65 -2.66
N GLY A 103 6.06 -6.70 -2.06
CA GLY A 103 5.63 -7.35 -0.83
C GLY A 103 4.81 -8.62 -1.07
N GLY A 104 4.66 -9.06 -2.31
CA GLY A 104 4.05 -10.36 -2.58
C GLY A 104 2.65 -10.26 -3.01
N LYS A 105 2.34 -9.17 -3.69
CA LYS A 105 0.95 -8.75 -3.95
C LYS A 105 0.50 -8.61 -5.43
N GLU A 106 -0.49 -9.43 -5.80
CA GLU A 106 -0.90 -9.61 -7.18
C GLU A 106 -2.22 -8.88 -7.43
N GLY A 107 -2.26 -8.21 -8.55
CA GLY A 107 -3.42 -7.45 -9.00
C GLY A 107 -3.64 -7.59 -10.50
N LEU A 108 -4.82 -7.18 -10.93
CA LEU A 108 -5.21 -7.14 -12.30
C LEU A 108 -5.37 -5.68 -12.70
N VAL A 109 -4.84 -5.39 -13.86
CA VAL A 109 -5.24 -4.16 -14.54
C VAL A 109 -6.20 -4.62 -15.63
N HIS A 110 -7.43 -4.17 -15.50
CA HIS A 110 -8.45 -4.40 -16.55
C HIS A 110 -8.18 -3.64 -17.90
N ILE A 111 -8.94 -4.10 -18.90
CA ILE A 111 -8.85 -3.64 -20.29
C ILE A 111 -9.15 -2.20 -20.54
N SER A 112 -10.03 -1.62 -19.77
CA SER A 112 -10.27 -0.15 -19.90
C SER A 112 -9.26 0.68 -19.09
N GLN A 113 -8.37 0.04 -18.27
CA GLN A 113 -7.57 0.80 -17.33
C GLN A 113 -6.10 0.97 -17.66
N ILE A 114 -5.77 0.69 -18.91
CA ILE A 114 -4.44 0.84 -19.52
C ILE A 114 -4.18 2.22 -20.06
N ALA A 115 -5.12 2.77 -20.85
CA ALA A 115 -5.04 4.08 -21.45
C ALA A 115 -6.39 4.77 -21.40
N ASP A 116 -6.35 6.08 -21.64
CA ASP A 116 -7.55 6.89 -21.91
C ASP A 116 -8.28 6.51 -23.19
N LYS A 117 -7.52 6.08 -24.20
CA LYS A 117 -8.17 5.44 -25.33
C LYS A 117 -8.65 4.01 -25.05
N ARG A 118 -9.73 3.68 -25.73
CA ARG A 118 -10.26 2.32 -25.55
C ARG A 118 -9.36 1.28 -26.18
N VAL A 119 -9.29 0.12 -25.52
CA VAL A 119 -8.45 -0.98 -25.97
C VAL A 119 -9.29 -2.18 -26.45
N GLU A 120 -8.94 -2.77 -27.64
CA GLU A 120 -9.65 -3.91 -28.23
C GLU A 120 -8.96 -5.22 -27.77
N LYS A 121 -7.58 -5.23 -27.76
CA LYS A 121 -6.77 -6.34 -27.09
C LYS A 121 -5.61 -5.71 -26.25
N VAL A 122 -5.30 -6.38 -25.14
CA VAL A 122 -4.32 -5.83 -24.17
C VAL A 122 -2.89 -5.76 -24.71
N THR A 123 -2.58 -6.70 -25.61
CA THR A 123 -1.25 -6.78 -26.17
C THR A 123 -1.20 -5.84 -27.39
N ASP A 124 -2.12 -4.83 -27.53
CA ASP A 124 -1.84 -3.71 -28.45
C ASP A 124 -1.00 -2.58 -27.75
N TYR A 125 -0.93 -2.61 -26.44
CA TYR A 125 -0.22 -1.68 -25.58
C TYR A 125 0.73 -2.42 -24.66
N LEU A 126 0.31 -3.02 -23.55
CA LEU A 126 1.22 -3.63 -22.51
C LEU A 126 1.92 -4.90 -23.03
N GLN A 127 3.13 -5.23 -22.51
CA GLN A 127 3.70 -6.55 -22.69
C GLN A 127 4.18 -7.02 -21.33
N MET A 128 4.18 -8.34 -21.17
CA MET A 128 4.63 -8.96 -19.88
C MET A 128 6.11 -8.64 -19.60
N GLY A 129 6.42 -8.19 -18.35
CA GLY A 129 7.76 -7.69 -18.02
C GLY A 129 7.86 -6.14 -17.95
N GLN A 130 6.77 -5.42 -18.19
CA GLN A 130 6.78 -3.95 -18.01
C GLN A 130 6.54 -3.51 -16.56
N GLU A 131 7.15 -2.40 -16.27
CA GLU A 131 7.02 -1.75 -14.96
C GLU A 131 6.03 -0.60 -15.07
N VAL A 132 5.04 -0.66 -14.18
CA VAL A 132 3.87 0.20 -14.30
C VAL A 132 3.48 0.77 -12.94
N PRO A 133 3.46 2.07 -12.78
CA PRO A 133 2.82 2.65 -11.58
C PRO A 133 1.33 2.50 -11.76
N VAL A 134 0.68 2.17 -10.65
CA VAL A 134 -0.69 1.64 -10.66
C VAL A 134 -1.44 2.33 -9.51
N LYS A 135 -2.58 2.96 -9.79
CA LYS A 135 -3.41 3.56 -8.74
C LYS A 135 -4.34 2.44 -8.40
N VAL A 136 -4.59 2.18 -7.08
CA VAL A 136 -5.52 1.15 -6.69
C VAL A 136 -6.98 1.65 -6.80
N LEU A 137 -7.85 0.80 -7.35
CA LEU A 137 -9.29 1.12 -7.46
C LEU A 137 -10.13 0.18 -6.58
N GLU A 138 -9.73 -1.04 -6.43
CA GLU A 138 -10.44 -1.92 -5.46
C GLU A 138 -9.37 -2.83 -4.87
N VAL A 139 -9.61 -3.35 -3.62
CA VAL A 139 -8.80 -4.38 -3.00
C VAL A 139 -9.77 -5.23 -2.11
N ASP A 140 -9.87 -6.53 -2.45
CA ASP A 140 -10.74 -7.54 -1.78
C ASP A 140 -10.29 -7.92 -0.35
N ARG A 141 -11.22 -8.67 0.30
CA ARG A 141 -11.00 -9.36 1.58
C ARG A 141 -9.97 -10.50 1.40
N GLN A 142 -9.89 -11.11 0.18
CA GLN A 142 -9.02 -12.25 -0.12
C GLN A 142 -7.68 -11.80 -0.70
N GLY A 143 -7.34 -10.48 -0.60
CA GLY A 143 -6.05 -9.97 -1.02
C GLY A 143 -5.76 -9.99 -2.51
N ARG A 144 -6.69 -9.41 -3.23
CA ARG A 144 -6.67 -9.33 -4.70
C ARG A 144 -7.00 -7.90 -5.10
N ILE A 145 -6.25 -7.36 -6.04
CA ILE A 145 -6.21 -5.92 -6.25
C ILE A 145 -6.56 -5.58 -7.73
N ARG A 146 -7.45 -4.56 -7.86
CA ARG A 146 -7.79 -3.94 -9.13
C ARG A 146 -7.03 -2.60 -9.22
N LEU A 147 -6.41 -2.38 -10.40
CA LEU A 147 -5.37 -1.35 -10.56
C LEU A 147 -5.60 -0.53 -11.83
N SER A 148 -5.08 0.73 -11.88
CA SER A 148 -5.17 1.64 -13.10
C SER A 148 -3.80 2.33 -13.39
N ILE A 149 -3.22 2.11 -14.56
CA ILE A 149 -1.93 2.66 -14.94
C ILE A 149 -2.16 4.14 -15.43
N LYS A 150 -3.37 4.40 -15.87
CA LYS A 150 -3.75 5.64 -16.55
C LYS A 150 -4.15 6.70 -15.52
N GLU A 151 -4.74 6.26 -14.40
CA GLU A 151 -4.96 7.22 -13.26
C GLU A 151 -3.58 7.55 -12.64
N ALA A 152 -2.68 6.57 -12.44
CA ALA A 152 -1.40 6.90 -11.74
C ALA A 152 -0.44 7.68 -12.62
N THR A 153 -0.65 7.63 -13.96
CA THR A 153 0.03 8.54 -14.91
C THR A 153 -0.89 9.75 -15.28
N GLU A 154 -2.07 9.92 -14.62
CA GLU A 154 -2.99 11.12 -14.79
C GLU A 154 -3.55 11.60 -16.13
N GLN A 155 -4.26 10.73 -16.88
CA GLN A 155 -4.77 11.04 -18.17
C GLN A 155 -6.26 11.36 -18.13
#